data_6GK9
#
_entry.id   6GK9
#
_cell.length_a   115.640
_cell.length_b   196.958
_cell.length_c   123.628
_cell.angle_alpha   90.000
_cell.angle_beta   113.990
_cell.angle_gamma   90.000
#
_symmetry.space_group_name_H-M   'P 1 21 1'
#
loop_
_entity.id
_entity.type
_entity.pdbx_description
1 polymer "Inosine-5'-monophosphate dehydrogenase"
2 non-polymer (5~{S})-7-azanyl-5-(4-chlorophenyl)-2,4-bis(oxidanylidene)-1,5-dihydropyrano[2,3-d]pyrimidine-6-carbonitrile
3 non-polymer 'SULFATE ION'
4 water water
#
_entity_poly.entity_id   1
_entity_poly.type   'polypeptide(L)'
_entity_poly.pdbx_seq_one_letter_code
;MGSSHHHHHHSSGLVPRGSHMLRISQEALTFDDVLLIPGYSEVLPKDVSLKTRLTRGIELNIPLVSAAMDTVTEARLAIA
MAQEGGIGIIHKNMGIEQQAAEVRKVKKHETAIVRDPVTVTPSTKIIELLQMAREYGFSGFPVVEQGELVGIVTGRDLRV
KPNAGDTVAAIMTPKDKLVTAREGTPLEEMKAKLYENRIEKMLVVDENFYLRGLVTFRDIEKAKTYPLASKDEQGRLRVG
AAVGTGADTGERVAALVAAGVDVVVVDTAHGHSKGVIERVRWVKQTFPDVQVIGGNIATAEAAKALAEAGADAVKVGIGP
GSICTTRIVAGVGVPQISAIANVAAALEGTGVPLIADGGIRFSGDLAKAMVAGAYCVMMGSMFAGTEEAPGEIELFQGRS
YKSYRGMGSLGAMSGSQGSSDRYFQDASAGAEKLVPEGIEGRVPYKGALSAIVHQLMGGLRAAMGYTGSADIQQMRTQPQ
FVRITGAGMAESHVHDVQITKEAPNYRVG
;
_entity_poly.pdbx_strand_id   A,B,C,D,E,F,G,H
#
# COMPACT_ATOMS: atom_id res chain seq x y z
N HIS A 20 -1.85 -33.91 35.80
CA HIS A 20 -2.42 -32.90 34.90
C HIS A 20 -1.53 -32.70 33.68
N MET A 21 -2.15 -32.30 32.59
CA MET A 21 -1.45 -32.08 31.32
C MET A 21 -2.36 -31.23 30.45
N LEU A 22 -1.82 -30.83 29.29
CA LEU A 22 -2.60 -30.03 28.35
C LEU A 22 -3.69 -30.88 27.70
N ARG A 23 -4.95 -30.51 27.91
CA ARG A 23 -6.10 -31.35 27.54
C ARG A 23 -6.45 -31.09 26.08
N ILE A 24 -5.73 -31.78 25.20
CA ILE A 24 -5.95 -31.71 23.77
C ILE A 24 -6.70 -32.98 23.36
N SER A 25 -7.84 -32.80 22.71
CA SER A 25 -8.72 -33.90 22.38
C SER A 25 -8.36 -34.59 21.08
N GLN A 26 -7.85 -33.86 20.09
CA GLN A 26 -7.59 -34.42 18.76
C GLN A 26 -7.06 -33.32 17.87
N GLU A 27 -6.54 -33.72 16.72
CA GLU A 27 -6.22 -32.78 15.66
C GLU A 27 -7.45 -32.68 14.75
N ALA A 28 -7.87 -31.44 14.45
CA ALA A 28 -9.09 -31.22 13.67
C ALA A 28 -8.75 -30.59 12.33
N LEU A 29 -9.38 -31.09 11.28
CA LEU A 29 -9.08 -30.68 9.93
C LEU A 29 -10.14 -29.75 9.38
N THR A 30 -9.70 -28.72 8.64
CA THR A 30 -10.60 -27.87 7.88
C THR A 30 -10.54 -28.23 6.39
N PHE A 31 -11.30 -27.51 5.57
CA PHE A 31 -11.44 -27.83 4.15
C PHE A 31 -10.07 -27.87 3.44
N ASP A 32 -9.21 -26.89 3.71
CA ASP A 32 -7.93 -26.82 2.99
C ASP A 32 -6.94 -27.91 3.40
N ASP A 33 -7.21 -28.70 4.43
CA ASP A 33 -6.32 -29.80 4.82
C ASP A 33 -6.52 -31.05 3.98
N VAL A 34 -7.57 -31.12 3.15
CA VAL A 34 -7.95 -32.39 2.55
C VAL A 34 -8.30 -32.20 1.08
N LEU A 35 -8.15 -33.27 0.31
CA LEU A 35 -8.54 -33.29 -1.09
C LEU A 35 -9.23 -34.61 -1.37
N LEU A 36 -10.20 -34.59 -2.29
CA LEU A 36 -10.85 -35.82 -2.70
C LEU A 36 -9.94 -36.58 -3.67
N ILE A 37 -9.82 -37.87 -3.45
CA ILE A 37 -9.09 -38.78 -4.35
C ILE A 37 -10.02 -39.16 -5.49
N PRO A 38 -9.60 -39.03 -6.74
CA PRO A 38 -10.42 -39.55 -7.86
C PRO A 38 -10.57 -41.06 -7.78
N GLY A 39 -11.76 -41.55 -8.17
CA GLY A 39 -12.02 -42.97 -8.25
C GLY A 39 -12.62 -43.34 -9.58
N TYR A 40 -12.74 -44.65 -9.81
CA TYR A 40 -13.35 -45.11 -11.06
C TYR A 40 -14.74 -44.52 -11.24
N SER A 41 -15.02 -44.06 -12.45
CA SER A 41 -16.24 -43.32 -12.77
C SER A 41 -16.86 -43.84 -14.06
N GLU A 42 -18.17 -44.09 -14.05
CA GLU A 42 -18.86 -44.31 -15.32
C GLU A 42 -20.19 -43.57 -15.38
N VAL A 43 -20.39 -42.56 -14.53
CA VAL A 43 -21.57 -41.70 -14.61
C VAL A 43 -21.11 -40.28 -14.91
N LEU A 44 -21.71 -39.67 -15.92
CA LEU A 44 -21.43 -38.28 -16.23
C LEU A 44 -22.00 -37.37 -15.15
N PRO A 45 -21.29 -36.26 -14.84
CA PRO A 45 -21.85 -35.25 -13.93
C PRO A 45 -23.31 -34.87 -14.17
N LYS A 46 -23.74 -34.69 -15.43
CA LYS A 46 -25.12 -34.26 -15.67
C LYS A 46 -26.14 -35.30 -15.23
N ASP A 47 -25.72 -36.56 -15.05
CA ASP A 47 -26.62 -37.67 -14.77
C ASP A 47 -26.63 -38.11 -13.30
N VAL A 48 -25.78 -37.57 -12.43
CA VAL A 48 -25.87 -37.99 -11.03
C VAL A 48 -27.11 -37.40 -10.38
N SER A 49 -27.58 -38.07 -9.33
CA SER A 49 -28.72 -37.60 -8.54
C SER A 49 -28.23 -36.73 -7.38
N LEU A 50 -28.84 -35.57 -7.17
CA LEU A 50 -28.50 -34.70 -6.05
C LEU A 50 -29.52 -34.79 -4.91
N LYS A 51 -30.49 -35.71 -5.02
CA LYS A 51 -31.55 -35.82 -4.00
C LYS A 51 -30.97 -36.13 -2.63
N THR A 52 -31.50 -35.48 -1.59
CA THR A 52 -31.03 -35.72 -0.23
C THR A 52 -32.18 -35.47 0.75
N ARG A 53 -31.85 -35.38 2.05
CA ARG A 53 -32.81 -35.11 3.12
C ARG A 53 -32.35 -33.94 3.96
N LEU A 54 -33.28 -33.02 4.25
CA LEU A 54 -33.01 -31.96 5.21
C LEU A 54 -33.27 -32.41 6.65
N THR A 55 -34.31 -33.23 6.85
CA THR A 55 -34.72 -33.65 8.20
C THR A 55 -35.26 -35.07 8.09
N ARG A 56 -35.62 -35.65 9.23
CA ARG A 56 -36.26 -36.97 9.19
C ARG A 56 -37.34 -37.03 8.12
N GLY A 57 -38.12 -35.96 7.97
CA GLY A 57 -39.29 -36.00 7.12
C GLY A 57 -39.33 -35.08 5.91
N ILE A 58 -38.27 -34.33 5.62
CA ILE A 58 -38.27 -33.44 4.45
C ILE A 58 -37.14 -33.86 3.50
N GLU A 59 -37.51 -34.17 2.26
CA GLU A 59 -36.54 -34.49 1.22
C GLU A 59 -36.29 -33.24 0.38
N LEU A 60 -35.06 -33.11 -0.12
CA LEU A 60 -34.70 -32.00 -1.00
C LEU A 60 -34.10 -32.55 -2.29
N ASN A 61 -34.32 -31.84 -3.39
CA ASN A 61 -33.75 -32.28 -4.67
C ASN A 61 -32.32 -31.80 -4.88
N ILE A 62 -31.89 -30.78 -4.14
CA ILE A 62 -30.48 -30.37 -4.09
C ILE A 62 -30.10 -30.08 -2.64
N PRO A 63 -28.85 -30.36 -2.27
CA PRO A 63 -28.46 -30.19 -0.86
C PRO A 63 -28.02 -28.77 -0.54
N LEU A 64 -28.89 -27.80 -0.83
CA LEU A 64 -28.66 -26.39 -0.57
C LEU A 64 -29.71 -25.84 0.38
N VAL A 65 -29.27 -25.10 1.38
CA VAL A 65 -30.14 -24.41 2.33
C VAL A 65 -29.61 -22.99 2.46
N SER A 66 -30.50 -22.00 2.40
CA SER A 66 -30.07 -20.63 2.58
C SER A 66 -30.23 -20.25 4.05
N ALA A 67 -29.29 -19.48 4.55
CA ALA A 67 -29.16 -19.25 5.98
C ALA A 67 -30.18 -18.22 6.47
N ALA A 68 -30.54 -18.35 7.75
CA ALA A 68 -31.47 -17.42 8.41
C ALA A 68 -30.79 -16.10 8.78
N MET A 69 -30.31 -15.38 7.76
CA MET A 69 -29.63 -14.10 7.92
C MET A 69 -30.48 -12.99 7.34
N ASP A 70 -30.42 -11.79 7.94
CA ASP A 70 -31.31 -10.74 7.46
C ASP A 70 -30.80 -10.03 6.21
N THR A 71 -29.63 -10.41 5.68
CA THR A 71 -29.20 -9.98 4.35
C THR A 71 -29.38 -11.08 3.32
N VAL A 72 -29.98 -12.21 3.70
CA VAL A 72 -30.05 -13.38 2.83
C VAL A 72 -31.49 -13.84 2.61
N THR A 73 -32.16 -14.30 3.67
CA THR A 73 -33.42 -15.04 3.49
C THR A 73 -34.61 -14.32 4.11
N GLU A 74 -35.39 -13.66 3.24
CA GLU A 74 -36.80 -13.42 3.51
C GLU A 74 -37.65 -14.12 2.44
N ALA A 75 -38.93 -13.74 2.31
CA ALA A 75 -39.86 -14.53 1.48
C ALA A 75 -39.34 -14.72 0.06
N ARG A 76 -38.90 -13.65 -0.56
CA ARG A 76 -38.58 -13.70 -1.97
C ARG A 76 -37.45 -14.68 -2.28
N LEU A 77 -36.39 -14.69 -1.46
CA LEU A 77 -35.33 -15.66 -1.70
C LEU A 77 -35.75 -17.06 -1.26
N ALA A 78 -36.52 -17.18 -0.17
CA ALA A 78 -37.00 -18.50 0.23
C ALA A 78 -37.80 -19.17 -0.88
N ILE A 79 -38.63 -18.40 -1.58
CA ILE A 79 -39.40 -18.93 -2.71
C ILE A 79 -38.45 -19.46 -3.79
N ALA A 80 -37.42 -18.67 -4.11
CA ALA A 80 -36.48 -19.08 -5.16
C ALA A 80 -35.70 -20.32 -4.75
N MET A 81 -35.28 -20.41 -3.47
CA MET A 81 -34.55 -21.58 -3.02
C MET A 81 -35.39 -22.84 -3.18
N ALA A 82 -36.65 -22.77 -2.76
CA ALA A 82 -37.51 -23.95 -2.84
C ALA A 82 -37.77 -24.34 -4.29
N GLN A 83 -37.93 -23.36 -5.17
CA GLN A 83 -38.13 -23.65 -6.59
C GLN A 83 -36.90 -24.31 -7.20
N GLU A 84 -35.69 -24.00 -6.70
CA GLU A 84 -34.46 -24.62 -7.17
C GLU A 84 -34.30 -26.04 -6.65
N GLY A 85 -35.10 -26.46 -5.67
CA GLY A 85 -34.97 -27.77 -5.07
C GLY A 85 -34.36 -27.78 -3.69
N GLY A 86 -34.04 -26.61 -3.14
CA GLY A 86 -33.51 -26.52 -1.79
C GLY A 86 -34.55 -25.91 -0.87
N ILE A 87 -34.11 -25.07 0.07
CA ILE A 87 -35.04 -24.46 1.03
C ILE A 87 -34.35 -23.27 1.67
N GLY A 88 -35.14 -22.31 2.13
CA GLY A 88 -34.64 -21.15 2.87
C GLY A 88 -35.19 -21.16 4.28
N ILE A 89 -34.35 -20.72 5.23
CA ILE A 89 -34.75 -20.45 6.60
C ILE A 89 -34.93 -18.94 6.75
N ILE A 90 -36.16 -18.53 7.01
CA ILE A 90 -36.45 -17.12 7.19
C ILE A 90 -35.85 -16.64 8.50
N HIS A 91 -35.18 -15.50 8.46
CA HIS A 91 -34.46 -14.98 9.61
C HIS A 91 -35.41 -14.44 10.66
N LYS A 92 -34.89 -14.27 11.87
CA LYS A 92 -35.70 -13.89 13.01
C LYS A 92 -35.45 -12.46 13.48
N ASN A 93 -34.61 -11.70 12.79
CA ASN A 93 -34.43 -10.30 13.15
C ASN A 93 -35.61 -9.48 12.65
N MET A 94 -36.79 -9.86 13.13
CA MET A 94 -38.04 -9.13 12.87
C MET A 94 -39.05 -9.60 13.91
N GLY A 95 -40.19 -8.90 13.98
CA GLY A 95 -41.19 -9.26 14.96
C GLY A 95 -41.89 -10.56 14.62
N ILE A 96 -42.55 -11.13 15.63
CA ILE A 96 -43.24 -12.42 15.43
C ILE A 96 -44.21 -12.34 14.27
N GLU A 97 -45.10 -11.35 14.28
CA GLU A 97 -46.11 -11.32 13.22
C GLU A 97 -45.48 -11.07 11.87
N GLN A 98 -44.35 -10.36 11.82
CA GLN A 98 -43.70 -10.09 10.55
C GLN A 98 -43.02 -11.34 9.99
N GLN A 99 -42.44 -12.17 10.87
CA GLN A 99 -41.84 -13.43 10.41
C GLN A 99 -42.90 -14.40 9.91
N ALA A 100 -43.99 -14.56 10.66
CA ALA A 100 -45.07 -15.44 10.23
C ALA A 100 -45.65 -14.99 8.89
N ALA A 101 -45.77 -13.68 8.66
CA ALA A 101 -46.23 -13.23 7.35
C ALA A 101 -45.22 -13.61 6.25
N GLU A 102 -43.91 -13.58 6.54
CA GLU A 102 -42.94 -14.05 5.55
C GLU A 102 -43.18 -15.52 5.23
N VAL A 103 -43.47 -16.33 6.26
CA VAL A 103 -43.76 -17.74 6.02
C VAL A 103 -44.96 -17.90 5.10
N ARG A 104 -46.06 -17.19 5.44
CA ARG A 104 -47.28 -17.22 4.64
C ARG A 104 -47.02 -16.90 3.17
N LYS A 105 -46.22 -15.85 2.89
CA LYS A 105 -45.92 -15.53 1.49
C LYS A 105 -45.30 -16.70 0.76
N VAL A 106 -44.49 -17.52 1.45
CA VAL A 106 -43.90 -18.69 0.79
C VAL A 106 -44.93 -19.81 0.65
N LYS A 107 -45.61 -20.16 1.76
CA LYS A 107 -46.64 -21.20 1.72
C LYS A 107 -47.76 -20.88 0.72
N LYS A 108 -48.01 -19.62 0.45
CA LYS A 108 -49.16 -19.25 -0.37
C LYS A 108 -48.76 -18.84 -1.78
N HIS A 109 -47.47 -18.83 -2.10
CA HIS A 109 -47.03 -18.42 -3.42
C HIS A 109 -47.54 -19.38 -4.48
N GLU A 110 -48.04 -18.82 -5.58
CA GLU A 110 -48.52 -19.65 -6.66
C GLU A 110 -48.08 -19.02 -7.98
N THR A 111 -47.78 -19.87 -8.94
CA THR A 111 -47.39 -19.37 -10.25
C THR A 111 -48.57 -18.64 -10.92
N ALA A 112 -49.62 -19.37 -11.27
CA ALA A 112 -50.65 -18.85 -12.16
C ALA A 112 -51.94 -18.44 -11.45
N ILE A 113 -52.21 -18.98 -10.27
CA ILE A 113 -53.49 -18.75 -9.60
C ILE A 113 -53.49 -17.40 -8.89
N VAL A 114 -54.36 -16.51 -9.33
CA VAL A 114 -54.59 -15.23 -8.65
C VAL A 114 -55.43 -15.48 -7.40
N ARG A 115 -54.94 -14.99 -6.28
CA ARG A 115 -55.65 -15.05 -5.02
C ARG A 115 -56.08 -13.65 -4.61
N ASP A 116 -56.96 -13.59 -3.63
CA ASP A 116 -57.58 -12.33 -3.23
C ASP A 116 -58.19 -11.56 -4.41
N PRO A 117 -59.02 -12.21 -5.23
CA PRO A 117 -59.74 -11.48 -6.29
C PRO A 117 -60.84 -10.61 -5.70
N VAL A 118 -61.07 -9.48 -6.35
CA VAL A 118 -62.15 -8.60 -5.93
C VAL A 118 -63.49 -9.32 -6.11
N THR A 119 -64.26 -9.39 -5.04
CA THR A 119 -65.52 -10.10 -5.06
C THR A 119 -66.65 -9.14 -4.75
N VAL A 120 -67.86 -9.61 -4.96
CA VAL A 120 -69.05 -8.91 -4.48
C VAL A 120 -69.93 -9.95 -3.80
N THR A 121 -71.02 -9.49 -3.21
CA THR A 121 -71.93 -10.40 -2.55
C THR A 121 -73.26 -10.42 -3.26
N PRO A 122 -74.10 -11.42 -2.98
CA PRO A 122 -75.43 -11.45 -3.61
C PRO A 122 -76.25 -10.23 -3.30
N SER A 123 -75.97 -9.56 -2.18
CA SER A 123 -76.76 -8.39 -1.80
C SER A 123 -76.16 -7.08 -2.30
N THR A 124 -74.88 -7.06 -2.68
CA THR A 124 -74.28 -5.86 -3.26
C THR A 124 -75.20 -5.26 -4.32
N LYS A 125 -75.28 -3.93 -4.35
CA LYS A 125 -76.16 -3.28 -5.31
C LYS A 125 -75.43 -2.99 -6.61
N ILE A 126 -76.14 -3.18 -7.73
CA ILE A 126 -75.54 -3.07 -9.05
C ILE A 126 -74.89 -1.71 -9.24
N ILE A 127 -75.42 -0.69 -8.56
CA ILE A 127 -74.79 0.62 -8.62
C ILE A 127 -73.36 0.54 -8.08
N GLU A 128 -73.18 -0.16 -6.96
CA GLU A 128 -71.85 -0.25 -6.34
C GLU A 128 -70.89 -1.06 -7.20
N LEU A 129 -71.39 -2.12 -7.84
CA LEU A 129 -70.56 -2.92 -8.72
C LEU A 129 -70.03 -2.07 -9.88
N LEU A 130 -70.88 -1.20 -10.43
CA LEU A 130 -70.45 -0.32 -11.51
C LEU A 130 -69.36 0.64 -11.03
N GLN A 131 -69.46 1.10 -9.79
CA GLN A 131 -68.37 1.92 -9.25
C GLN A 131 -67.09 1.10 -9.13
N MET A 132 -67.19 -0.18 -8.72
CA MET A 132 -66.02 -1.03 -8.63
C MET A 132 -65.42 -1.34 -10.00
N ALA A 133 -66.27 -1.45 -11.02
CA ALA A 133 -65.79 -1.74 -12.37
C ALA A 133 -64.97 -0.60 -12.95
N ARG A 134 -65.21 0.63 -12.47
CA ARG A 134 -64.43 1.77 -12.96
C ARG A 134 -62.94 1.56 -12.72
N GLU A 135 -62.58 0.86 -11.65
CA GLU A 135 -61.18 0.58 -11.37
C GLU A 135 -60.74 -0.80 -11.82
N TYR A 136 -61.57 -1.82 -11.65
CA TYR A 136 -61.19 -3.19 -12.00
C TYR A 136 -61.72 -3.63 -13.35
N GLY A 137 -62.55 -2.81 -14.00
CA GLY A 137 -63.12 -3.19 -15.26
C GLY A 137 -64.10 -4.34 -15.10
N PHE A 138 -64.50 -4.86 -16.23
CA PHE A 138 -65.35 -6.02 -16.24
C PHE A 138 -64.46 -7.24 -16.46
N SER A 139 -65.04 -8.35 -16.90
CA SER A 139 -64.34 -9.63 -17.05
C SER A 139 -64.64 -10.53 -15.86
N GLY A 140 -65.07 -9.97 -14.74
CA GLY A 140 -65.83 -10.78 -13.82
C GLY A 140 -65.57 -10.60 -12.34
N PHE A 141 -66.64 -10.40 -11.58
CA PHE A 141 -66.55 -10.39 -10.14
C PHE A 141 -67.13 -11.69 -9.62
N PRO A 142 -66.34 -12.51 -8.93
CA PRO A 142 -66.92 -13.62 -8.17
C PRO A 142 -67.92 -13.10 -7.16
N VAL A 143 -68.99 -13.85 -6.95
CA VAL A 143 -69.98 -13.53 -5.93
C VAL A 143 -69.82 -14.51 -4.78
N VAL A 144 -69.56 -13.98 -3.59
CA VAL A 144 -69.40 -14.82 -2.42
C VAL A 144 -70.46 -14.45 -1.40
N GLU A 145 -70.81 -15.43 -0.58
CA GLU A 145 -71.84 -15.27 0.45
C GLU A 145 -71.20 -15.82 1.71
N GLN A 146 -70.65 -14.94 2.53
CA GLN A 146 -69.86 -15.34 3.69
C GLN A 146 -68.73 -16.29 3.29
N GLY A 147 -68.09 -15.99 2.16
CA GLY A 147 -66.96 -16.77 1.70
C GLY A 147 -67.30 -17.94 0.79
N GLU A 148 -68.54 -18.42 0.83
CA GLU A 148 -68.95 -19.48 -0.09
C GLU A 148 -69.22 -18.87 -1.47
N LEU A 149 -68.76 -19.54 -2.52
CA LEU A 149 -68.93 -19.07 -3.88
C LEU A 149 -70.33 -19.44 -4.37
N VAL A 150 -71.05 -18.46 -4.89
CA VAL A 150 -72.42 -18.73 -5.29
C VAL A 150 -72.67 -18.23 -6.71
N GLY A 151 -71.70 -17.56 -7.31
CA GLY A 151 -71.85 -17.15 -8.69
C GLY A 151 -70.77 -16.14 -9.09
N ILE A 152 -70.95 -15.59 -10.30
CA ILE A 152 -70.08 -14.57 -10.88
C ILE A 152 -70.93 -13.56 -11.64
N VAL A 153 -70.43 -12.33 -11.72
CA VAL A 153 -71.05 -11.28 -12.51
C VAL A 153 -70.07 -10.90 -13.61
N THR A 154 -70.46 -11.13 -14.86
CA THR A 154 -69.66 -10.73 -16.00
C THR A 154 -70.27 -9.50 -16.65
N GLY A 155 -69.52 -8.91 -17.60
CA GLY A 155 -70.07 -7.79 -18.35
C GLY A 155 -71.33 -8.20 -19.08
N ARG A 156 -71.28 -9.35 -19.74
CA ARG A 156 -72.46 -9.90 -20.42
C ARG A 156 -73.67 -9.96 -19.50
N ASP A 157 -73.47 -10.29 -18.22
CA ASP A 157 -74.59 -10.33 -17.27
C ASP A 157 -75.22 -8.97 -17.03
N LEU A 158 -74.52 -7.87 -17.31
CA LEU A 158 -75.09 -6.55 -17.07
C LEU A 158 -75.75 -5.93 -18.30
N ARG A 159 -75.37 -6.35 -19.51
CA ARG A 159 -75.91 -5.73 -20.72
C ARG A 159 -77.41 -6.03 -20.92
N ASP A 166 -81.24 -2.33 -8.18
CA ASP A 166 -81.34 -3.56 -7.41
C ASP A 166 -79.98 -4.26 -7.31
N THR A 167 -79.99 -5.59 -7.16
CA THR A 167 -78.85 -6.31 -6.62
C THR A 167 -78.26 -7.31 -7.61
N VAL A 168 -77.06 -7.77 -7.25
CA VAL A 168 -76.27 -8.73 -8.02
C VAL A 168 -76.96 -10.08 -8.14
N ALA A 169 -77.77 -10.45 -7.14
CA ALA A 169 -78.47 -11.73 -7.17
C ALA A 169 -79.38 -11.83 -8.39
N ALA A 170 -79.91 -10.68 -8.83
CA ALA A 170 -80.80 -10.70 -9.97
C ALA A 170 -80.06 -11.08 -11.25
N ILE A 171 -78.87 -10.51 -11.46
CA ILE A 171 -78.17 -10.65 -12.74
C ILE A 171 -77.07 -11.70 -12.73
N MET A 172 -76.64 -12.17 -11.57
CA MET A 172 -75.44 -13.00 -11.51
C MET A 172 -75.63 -14.36 -12.17
N THR A 173 -74.57 -14.83 -12.82
CA THR A 173 -74.54 -16.21 -13.32
C THR A 173 -74.55 -17.19 -12.14
N PRO A 174 -75.46 -18.16 -12.14
CA PRO A 174 -75.64 -19.00 -10.94
C PRO A 174 -74.60 -20.10 -10.80
N LYS A 175 -74.57 -20.66 -9.58
CA LYS A 175 -73.58 -21.65 -9.17
C LYS A 175 -73.45 -22.81 -10.16
N ASP A 176 -74.58 -23.27 -10.70
CA ASP A 176 -74.56 -24.43 -11.57
C ASP A 176 -74.00 -24.15 -12.96
N LYS A 177 -73.84 -22.89 -13.35
CA LYS A 177 -73.18 -22.50 -14.59
C LYS A 177 -71.69 -22.27 -14.43
N LEU A 178 -71.14 -22.57 -13.27
CA LEU A 178 -69.75 -22.27 -12.94
C LEU A 178 -68.86 -23.46 -13.28
N VAL A 179 -67.80 -23.20 -14.03
CA VAL A 179 -66.74 -24.18 -14.20
C VAL A 179 -65.69 -23.88 -13.15
N THR A 180 -65.56 -24.79 -12.19
CA THR A 180 -64.64 -24.63 -11.09
C THR A 180 -63.72 -25.85 -11.05
N ALA A 181 -62.53 -25.63 -10.50
CA ALA A 181 -61.60 -26.70 -10.20
C ALA A 181 -61.29 -26.61 -8.72
N ARG A 182 -61.18 -27.77 -8.08
CA ARG A 182 -60.91 -27.81 -6.65
C ARG A 182 -59.43 -27.52 -6.39
N GLU A 183 -59.17 -26.73 -5.35
CA GLU A 183 -57.82 -26.26 -5.10
C GLU A 183 -56.88 -27.43 -4.92
N GLY A 184 -55.60 -27.19 -5.24
CA GLY A 184 -54.63 -28.26 -5.24
C GLY A 184 -54.62 -29.10 -6.50
N THR A 185 -55.54 -28.85 -7.43
CA THR A 185 -55.45 -29.50 -8.72
C THR A 185 -54.18 -29.06 -9.44
N PRO A 186 -53.51 -29.96 -10.16
CA PRO A 186 -52.36 -29.54 -10.98
C PRO A 186 -52.77 -28.54 -12.06
N LEU A 187 -51.82 -27.69 -12.45
CA LEU A 187 -52.12 -26.63 -13.40
C LEU A 187 -52.53 -27.20 -14.75
N GLU A 188 -51.81 -28.21 -15.22
CA GLU A 188 -52.22 -28.83 -16.49
C GLU A 188 -53.62 -29.42 -16.40
N GLU A 189 -54.02 -29.90 -15.21
CA GLU A 189 -55.40 -30.36 -15.04
C GLU A 189 -56.38 -29.22 -15.23
N MET A 190 -56.13 -28.10 -14.56
CA MET A 190 -56.97 -26.92 -14.76
C MET A 190 -56.97 -26.50 -16.22
N LYS A 191 -55.77 -26.40 -16.83
CA LYS A 191 -55.69 -25.95 -18.21
C LYS A 191 -56.55 -26.81 -19.13
N ALA A 192 -56.65 -28.11 -18.84
CA ALA A 192 -57.46 -28.99 -19.67
C ALA A 192 -58.95 -28.68 -19.48
N LYS A 193 -59.39 -28.50 -18.24
CA LYS A 193 -60.79 -28.20 -17.99
C LYS A 193 -61.20 -26.89 -18.66
N LEU A 194 -60.33 -25.86 -18.60
CA LEU A 194 -60.58 -24.63 -19.33
C LEU A 194 -60.77 -24.91 -20.81
N TYR A 195 -59.91 -25.75 -21.39
CA TYR A 195 -60.05 -26.09 -22.81
C TYR A 195 -61.39 -26.77 -23.07
N GLU A 196 -61.74 -27.79 -22.26
CA GLU A 196 -62.96 -28.55 -22.48
C GLU A 196 -64.20 -27.68 -22.46
N ASN A 197 -64.25 -26.70 -21.55
CA ASN A 197 -65.42 -25.85 -21.45
C ASN A 197 -65.35 -24.60 -22.31
N ARG A 198 -64.26 -24.37 -23.04
CA ARG A 198 -64.20 -23.26 -23.98
C ARG A 198 -64.35 -21.93 -23.25
N ILE A 199 -63.56 -21.75 -22.21
CA ILE A 199 -63.59 -20.53 -21.40
C ILE A 199 -62.15 -20.13 -21.10
N GLU A 200 -61.99 -18.91 -20.57
CA GLU A 200 -60.67 -18.36 -20.28
C GLU A 200 -60.36 -18.19 -18.81
N LYS A 201 -61.38 -18.10 -17.93
CA LYS A 201 -61.22 -17.94 -16.50
C LYS A 201 -61.92 -19.09 -15.79
N MET A 202 -61.37 -19.51 -14.66
CA MET A 202 -61.95 -20.58 -13.88
C MET A 202 -61.76 -20.25 -12.41
N LEU A 203 -62.73 -20.60 -11.59
CA LEU A 203 -62.64 -20.33 -10.16
C LEU A 203 -62.13 -21.55 -9.44
N VAL A 204 -61.33 -21.34 -8.40
CA VAL A 204 -60.80 -22.41 -7.58
C VAL A 204 -61.56 -22.44 -6.25
N VAL A 205 -62.03 -23.62 -5.87
CA VAL A 205 -62.87 -23.82 -4.70
C VAL A 205 -62.23 -24.86 -3.80
N ASP A 206 -62.83 -25.09 -2.62
CA ASP A 206 -62.35 -26.14 -1.73
C ASP A 206 -63.43 -27.18 -1.48
N GLU A 207 -63.28 -27.97 -0.41
CA GLU A 207 -64.18 -29.11 -0.17
C GLU A 207 -65.65 -28.69 -0.08
N ASN A 208 -65.91 -27.47 0.38
CA ASN A 208 -67.26 -27.00 0.62
C ASN A 208 -67.68 -25.91 -0.34
N PHE A 209 -66.89 -25.67 -1.39
CA PHE A 209 -67.21 -24.71 -2.43
C PHE A 209 -66.96 -23.27 -1.97
N TYR A 210 -66.10 -23.08 -0.97
CA TYR A 210 -65.62 -21.74 -0.64
C TYR A 210 -64.61 -21.27 -1.67
N LEU A 211 -64.69 -19.99 -2.03
CA LEU A 211 -63.81 -19.46 -3.08
C LEU A 211 -62.37 -19.38 -2.58
N ARG A 212 -61.45 -19.85 -3.40
CA ARG A 212 -60.02 -19.87 -3.12
C ARG A 212 -59.20 -19.04 -4.09
N GLY A 213 -59.59 -18.97 -5.36
CA GLY A 213 -58.86 -18.14 -6.30
C GLY A 213 -59.44 -18.19 -7.69
N LEU A 214 -58.74 -17.52 -8.58
CA LEU A 214 -59.15 -17.35 -9.97
C LEU A 214 -57.94 -17.62 -10.85
N VAL A 215 -58.10 -18.46 -11.89
CA VAL A 215 -57.01 -18.84 -12.78
C VAL A 215 -57.44 -18.70 -14.22
N THR A 216 -56.52 -18.25 -15.08
CA THR A 216 -56.80 -18.02 -16.49
C THR A 216 -55.87 -18.85 -17.39
N PHE A 217 -56.44 -19.29 -18.50
CA PHE A 217 -55.68 -20.06 -19.50
C PHE A 217 -54.35 -19.40 -19.84
N ARG A 218 -54.35 -18.10 -20.13
CA ARG A 218 -53.11 -17.47 -20.56
C ARG A 218 -52.11 -17.33 -19.43
N ASP A 219 -52.57 -17.15 -18.19
CA ASP A 219 -51.61 -17.12 -17.08
C ASP A 219 -50.94 -18.48 -16.89
N ILE A 220 -51.67 -19.57 -17.15
CA ILE A 220 -51.07 -20.91 -17.05
C ILE A 220 -50.10 -21.14 -18.20
N GLU A 221 -50.55 -20.89 -19.45
CA GLU A 221 -49.70 -21.16 -20.60
C GLU A 221 -48.35 -20.47 -20.47
N LYS A 222 -48.29 -19.33 -19.79
CA LYS A 222 -47.06 -18.56 -19.71
C LYS A 222 -46.33 -18.71 -18.38
N ALA A 223 -46.80 -19.58 -17.49
CA ALA A 223 -46.14 -19.72 -16.20
C ALA A 223 -44.92 -20.62 -16.29
N LYS A 224 -43.90 -20.29 -15.50
CA LYS A 224 -42.69 -21.09 -15.42
C LYS A 224 -42.94 -22.33 -14.57
N THR A 225 -42.48 -23.48 -15.04
CA THR A 225 -42.58 -24.69 -14.25
C THR A 225 -41.26 -24.91 -13.53
N TYR A 226 -41.34 -25.44 -12.31
CA TYR A 226 -40.15 -25.73 -11.50
C TYR A 226 -40.23 -27.21 -11.14
N PRO A 227 -39.78 -28.09 -12.05
CA PRO A 227 -39.92 -29.53 -11.78
C PRO A 227 -39.15 -30.01 -10.55
N LEU A 228 -38.14 -29.28 -10.08
CA LEU A 228 -37.42 -29.71 -8.88
C LEU A 228 -37.99 -29.16 -7.58
N ALA A 229 -39.06 -28.36 -7.62
CA ALA A 229 -39.43 -27.54 -6.46
C ALA A 229 -39.63 -28.40 -5.22
N SER A 230 -39.25 -27.84 -4.07
CA SER A 230 -39.48 -28.49 -2.80
C SER A 230 -40.90 -28.15 -2.34
N LYS A 231 -41.78 -29.14 -2.38
CA LYS A 231 -43.18 -28.92 -2.07
C LYS A 231 -43.63 -29.85 -0.95
N ASP A 232 -44.65 -29.42 -0.20
CA ASP A 232 -45.25 -30.24 0.84
C ASP A 232 -46.37 -31.10 0.24
N GLU A 233 -47.01 -31.89 1.10
CA GLU A 233 -48.05 -32.81 0.62
C GLU A 233 -49.25 -32.10 -0.01
N GLN A 234 -49.48 -30.83 0.32
CA GLN A 234 -50.54 -30.06 -0.33
C GLN A 234 -50.07 -29.30 -1.56
N GLY A 235 -48.84 -29.52 -2.03
CA GLY A 235 -48.34 -28.84 -3.20
C GLY A 235 -47.77 -27.46 -2.98
N ARG A 236 -47.58 -27.03 -1.74
CA ARG A 236 -47.06 -25.71 -1.44
C ARG A 236 -45.55 -25.75 -1.24
N LEU A 237 -44.88 -24.70 -1.72
CA LEU A 237 -43.44 -24.57 -1.53
C LEU A 237 -43.10 -24.69 -0.05
N ARG A 238 -42.07 -25.46 0.25
CA ARG A 238 -41.60 -25.63 1.62
C ARG A 238 -40.80 -24.42 2.08
N VAL A 239 -40.82 -24.17 3.39
CA VAL A 239 -40.00 -23.11 3.98
C VAL A 239 -39.72 -23.43 5.44
N GLY A 240 -38.58 -22.92 5.94
CA GLY A 240 -38.25 -23.00 7.35
C GLY A 240 -38.15 -21.60 7.95
N ALA A 241 -38.04 -21.53 9.28
CA ALA A 241 -37.92 -20.25 9.98
C ALA A 241 -37.14 -20.43 11.27
N ALA A 242 -36.33 -19.43 11.61
CA ALA A 242 -35.45 -19.50 12.77
C ALA A 242 -36.12 -18.98 14.03
N VAL A 243 -35.85 -19.65 15.15
CA VAL A 243 -36.21 -19.14 16.47
C VAL A 243 -34.99 -19.29 17.37
N GLY A 244 -34.95 -18.46 18.40
CA GLY A 244 -33.93 -18.48 19.43
C GLY A 244 -34.39 -19.24 20.66
N THR A 245 -33.92 -18.79 21.82
CA THR A 245 -34.37 -19.36 23.08
C THR A 245 -34.86 -18.31 24.07
N GLY A 246 -34.89 -17.02 23.70
CA GLY A 246 -35.42 -15.99 24.57
C GLY A 246 -36.86 -16.21 25.01
N ALA A 247 -37.43 -15.27 25.77
CA ALA A 247 -38.69 -15.55 26.45
C ALA A 247 -39.91 -15.57 25.52
N ASP A 248 -39.88 -14.88 24.37
CA ASP A 248 -41.02 -14.88 23.46
C ASP A 248 -40.99 -16.04 22.47
N THR A 249 -40.13 -17.03 22.69
CA THR A 249 -39.92 -18.08 21.69
C THR A 249 -41.15 -18.97 21.53
N GLY A 250 -41.81 -19.32 22.63
CA GLY A 250 -43.04 -20.10 22.53
C GLY A 250 -44.07 -19.44 21.64
N GLU A 251 -44.31 -18.14 21.86
CA GLU A 251 -45.23 -17.39 21.01
C GLU A 251 -44.77 -17.38 19.56
N ARG A 252 -43.47 -17.12 19.33
CA ARG A 252 -42.96 -17.11 17.96
C ARG A 252 -43.18 -18.46 17.28
N VAL A 253 -42.83 -19.55 17.95
CA VAL A 253 -42.96 -20.87 17.36
C VAL A 253 -44.42 -21.13 16.96
N ALA A 254 -45.35 -20.80 17.85
CA ALA A 254 -46.76 -21.04 17.57
C ALA A 254 -47.25 -20.18 16.41
N ALA A 255 -46.73 -18.97 16.25
CA ALA A 255 -47.15 -18.17 15.11
C ALA A 255 -46.61 -18.75 13.81
N LEU A 256 -45.35 -19.20 13.83
CA LEU A 256 -44.74 -19.82 12.65
C LEU A 256 -45.46 -21.12 12.29
N VAL A 257 -45.84 -21.91 13.30
CA VAL A 257 -46.52 -23.17 12.98
C VAL A 257 -47.87 -22.89 12.34
N ALA A 258 -48.62 -21.94 12.89
CA ALA A 258 -49.92 -21.59 12.32
C ALA A 258 -49.78 -21.04 10.91
N ALA A 259 -48.62 -20.46 10.56
CA ALA A 259 -48.45 -19.93 9.21
C ALA A 259 -48.17 -21.02 8.18
N GLY A 260 -47.93 -22.25 8.61
CA GLY A 260 -47.65 -23.32 7.68
C GLY A 260 -46.19 -23.69 7.55
N VAL A 261 -45.35 -23.28 8.51
CA VAL A 261 -43.92 -23.52 8.36
C VAL A 261 -43.67 -25.02 8.35
N ASP A 262 -42.76 -25.45 7.49
CA ASP A 262 -42.41 -26.85 7.40
C ASP A 262 -41.42 -27.26 8.49
N VAL A 263 -40.53 -26.36 8.89
CA VAL A 263 -39.48 -26.71 9.86
C VAL A 263 -39.11 -25.48 10.69
N VAL A 264 -39.04 -25.70 11.99
CA VAL A 264 -38.60 -24.69 12.96
C VAL A 264 -37.13 -24.95 13.23
N VAL A 265 -36.29 -23.95 13.02
CA VAL A 265 -34.86 -24.06 13.27
C VAL A 265 -34.58 -23.38 14.60
N VAL A 266 -34.29 -24.16 15.64
CA VAL A 266 -33.86 -23.56 16.90
C VAL A 266 -32.36 -23.31 16.75
N ASP A 267 -32.00 -22.04 16.56
CA ASP A 267 -30.78 -21.60 15.92
C ASP A 267 -30.02 -20.65 16.85
N THR A 268 -29.06 -21.17 17.61
CA THR A 268 -28.26 -20.29 18.46
C THR A 268 -26.77 -20.56 18.26
N ALA A 269 -25.96 -19.72 18.91
CA ALA A 269 -24.53 -19.86 18.77
C ALA A 269 -24.00 -21.12 19.42
N HIS A 270 -24.75 -21.71 20.37
CA HIS A 270 -24.28 -22.82 21.21
C HIS A 270 -25.43 -23.79 21.40
N GLY A 271 -25.62 -24.67 20.43
CA GLY A 271 -26.69 -25.65 20.51
C GLY A 271 -26.51 -26.65 21.63
N HIS A 272 -25.30 -26.81 22.15
CA HIS A 272 -25.09 -27.85 23.16
C HIS A 272 -25.30 -27.26 24.56
N SER A 273 -26.54 -26.88 24.83
CA SER A 273 -26.83 -26.07 25.99
C SER A 273 -28.24 -26.37 26.49
N LYS A 274 -28.42 -26.21 27.80
CA LYS A 274 -29.72 -26.53 28.39
C LYS A 274 -30.86 -25.82 27.68
N GLY A 275 -30.65 -24.56 27.27
CA GLY A 275 -31.73 -23.80 26.67
C GLY A 275 -32.16 -24.29 25.30
N VAL A 276 -31.19 -24.66 24.47
CA VAL A 276 -31.55 -25.19 23.16
C VAL A 276 -32.13 -26.59 23.27
N ILE A 277 -31.51 -27.46 24.06
CA ILE A 277 -31.99 -28.82 24.21
C ILE A 277 -33.46 -28.82 24.67
N GLU A 278 -33.76 -28.04 25.71
CA GLU A 278 -35.13 -28.03 26.23
C GLU A 278 -36.11 -27.42 25.22
N ARG A 279 -35.69 -26.40 24.47
CA ARG A 279 -36.60 -25.78 23.51
C ARG A 279 -36.88 -26.72 22.34
N VAL A 280 -35.87 -27.45 21.88
CA VAL A 280 -36.11 -28.52 20.90
C VAL A 280 -37.11 -29.53 21.45
N ARG A 281 -36.91 -29.96 22.70
CA ARG A 281 -37.84 -30.92 23.29
C ARG A 281 -39.25 -30.35 23.37
N TRP A 282 -39.37 -29.09 23.78
CA TRP A 282 -40.68 -28.46 23.91
C TRP A 282 -41.40 -28.38 22.56
N VAL A 283 -40.65 -28.08 21.48
CA VAL A 283 -41.24 -28.00 20.15
C VAL A 283 -41.75 -29.38 19.72
N LYS A 284 -40.94 -30.41 19.95
CA LYS A 284 -41.31 -31.75 19.54
C LYS A 284 -42.54 -32.25 20.31
N GLN A 285 -42.63 -31.92 21.60
CA GLN A 285 -43.79 -32.38 22.35
C GLN A 285 -45.03 -31.51 22.11
N THR A 286 -44.85 -30.20 21.86
CA THR A 286 -45.99 -29.32 21.70
C THR A 286 -46.53 -29.33 20.27
N PHE A 287 -45.65 -29.38 19.27
CA PHE A 287 -46.04 -29.32 17.87
C PHE A 287 -45.52 -30.56 17.17
N PRO A 288 -46.10 -31.72 17.48
CA PRO A 288 -45.61 -32.99 16.93
C PRO A 288 -45.53 -33.01 15.43
N ASP A 289 -46.42 -32.29 14.73
CA ASP A 289 -46.53 -32.33 13.28
C ASP A 289 -45.55 -31.40 12.55
N VAL A 290 -44.63 -30.71 13.23
CA VAL A 290 -43.65 -29.86 12.56
C VAL A 290 -42.26 -30.42 12.78
N GLN A 291 -41.42 -30.28 11.75
CA GLN A 291 -40.03 -30.70 11.86
C GLN A 291 -39.23 -29.68 12.66
N VAL A 292 -38.25 -30.17 13.43
CA VAL A 292 -37.41 -29.32 14.29
C VAL A 292 -35.94 -29.61 14.02
N ILE A 293 -35.15 -28.55 13.85
CA ILE A 293 -33.70 -28.62 13.74
C ILE A 293 -33.09 -27.88 14.92
N GLY A 294 -32.02 -28.42 15.48
CA GLY A 294 -31.26 -27.74 16.52
C GLY A 294 -29.82 -27.49 16.09
N GLY A 295 -29.22 -26.47 16.67
CA GLY A 295 -27.84 -26.12 16.42
C GLY A 295 -27.53 -24.77 17.01
N ASN A 296 -26.30 -24.33 16.83
CA ASN A 296 -25.27 -25.08 16.12
C ASN A 296 -24.43 -25.90 17.08
N ILE A 297 -23.89 -27.02 16.58
CA ILE A 297 -23.08 -27.95 17.34
C ILE A 297 -21.80 -28.26 16.56
N ALA A 298 -20.86 -28.92 17.26
CA ALA A 298 -19.66 -29.35 16.57
C ALA A 298 -19.03 -30.60 17.20
N THR A 299 -19.76 -31.34 18.03
CA THR A 299 -19.21 -32.53 18.67
C THR A 299 -20.20 -33.69 18.58
N ALA A 300 -19.65 -34.90 18.71
CA ALA A 300 -20.50 -36.08 18.76
C ALA A 300 -21.46 -36.01 19.94
N GLU A 301 -20.96 -35.53 21.08
CA GLU A 301 -21.78 -35.52 22.29
C GLU A 301 -22.97 -34.59 22.10
N ALA A 302 -22.74 -33.41 21.53
CA ALA A 302 -23.86 -32.50 21.27
C ALA A 302 -24.84 -33.11 20.29
N ALA A 303 -24.33 -33.78 19.25
CA ALA A 303 -25.21 -34.47 18.31
C ALA A 303 -26.13 -35.44 19.02
N LYS A 304 -25.59 -36.28 19.91
CA LYS A 304 -26.44 -37.23 20.61
C LYS A 304 -27.45 -36.51 21.50
N ALA A 305 -27.04 -35.40 22.13
CA ALA A 305 -27.96 -34.70 23.03
C ALA A 305 -29.16 -34.13 22.28
N LEU A 306 -28.95 -33.60 21.08
CA LEU A 306 -30.06 -33.04 20.33
C LEU A 306 -30.94 -34.16 19.75
N ALA A 307 -30.34 -35.25 19.28
CA ALA A 307 -31.17 -36.35 18.78
C ALA A 307 -31.97 -36.97 19.90
N GLU A 308 -31.42 -37.05 21.11
CA GLU A 308 -32.18 -37.59 22.23
C GLU A 308 -33.32 -36.65 22.63
N ALA A 309 -33.14 -35.35 22.45
CA ALA A 309 -34.17 -34.36 22.73
C ALA A 309 -35.30 -34.37 21.69
N GLY A 310 -35.13 -35.00 20.53
CA GLY A 310 -36.19 -35.13 19.53
C GLY A 310 -35.89 -34.50 18.18
N ALA A 311 -34.76 -33.81 18.04
CA ALA A 311 -34.43 -33.10 16.81
C ALA A 311 -34.55 -33.98 15.59
N ASP A 312 -35.09 -33.41 14.51
CA ASP A 312 -35.21 -34.09 13.22
C ASP A 312 -33.98 -33.86 12.34
N ALA A 313 -33.09 -32.97 12.76
CA ALA A 313 -31.80 -32.74 12.15
C ALA A 313 -31.04 -31.81 13.08
N VAL A 314 -29.73 -31.77 12.89
CA VAL A 314 -28.84 -30.89 13.63
C VAL A 314 -28.09 -30.03 12.63
N LYS A 315 -27.69 -28.83 13.05
CA LYS A 315 -26.89 -27.92 12.24
C LYS A 315 -25.48 -27.84 12.81
N VAL A 316 -24.47 -28.06 11.96
CA VAL A 316 -23.07 -28.17 12.37
C VAL A 316 -22.30 -26.91 11.98
N GLY A 317 -21.55 -26.37 12.93
CA GLY A 317 -20.72 -25.21 12.64
C GLY A 317 -20.56 -24.25 13.79
N ILE A 318 -19.45 -24.35 14.50
CA ILE A 318 -19.04 -23.39 15.53
C ILE A 318 -17.61 -22.98 15.24
N GLY A 319 -17.41 -21.69 14.94
CA GLY A 319 -16.12 -21.15 14.59
C GLY A 319 -15.44 -21.87 13.45
N PRO A 320 -16.11 -21.96 12.30
CA PRO A 320 -15.56 -22.75 11.18
C PRO A 320 -14.42 -22.08 10.40
N GLY A 321 -14.12 -20.79 10.57
CA GLY A 321 -12.87 -20.31 10.01
C GLY A 321 -12.37 -18.87 10.23
N SER A 322 -11.65 -18.61 11.32
CA SER A 322 -10.92 -17.34 11.53
C SER A 322 -11.86 -16.13 11.68
N CYS A 324 -12.83 -16.30 12.56
CA CYS A 324 -14.00 -15.41 12.64
C CYS A 324 -14.16 -14.88 14.06
N THR A 325 -15.36 -14.39 14.38
CA THR A 325 -15.60 -13.73 15.67
C THR A 325 -15.50 -14.70 16.85
N THR A 326 -16.10 -15.89 16.73
CA THR A 326 -16.04 -16.88 17.79
C THR A 326 -14.59 -17.21 18.16
N ARG A 327 -13.71 -17.36 17.16
CA ARG A 327 -12.31 -17.70 17.43
C ARG A 327 -11.54 -16.53 18.04
N ILE A 328 -11.69 -15.34 17.49
CA ILE A 328 -10.93 -14.18 17.94
C ILE A 328 -11.39 -13.75 19.33
N VAL A 329 -12.70 -13.71 19.55
CA VAL A 329 -13.26 -13.19 20.81
C VAL A 329 -13.29 -14.24 21.89
N ALA A 330 -13.77 -15.46 21.57
CA ALA A 330 -13.90 -16.47 22.59
C ALA A 330 -12.84 -17.58 22.53
N GLY A 331 -12.02 -17.63 21.48
CA GLY A 331 -11.07 -18.72 21.36
C GLY A 331 -11.68 -20.09 21.13
N VAL A 332 -12.89 -20.14 20.55
CA VAL A 332 -13.70 -21.35 20.44
C VAL A 332 -13.92 -21.66 18.96
N GLY A 333 -13.95 -22.95 18.62
CA GLY A 333 -14.20 -23.39 17.27
C GLY A 333 -13.76 -24.84 17.08
N VAL A 334 -14.32 -25.47 16.04
CA VAL A 334 -13.85 -26.78 15.58
C VAL A 334 -13.74 -26.71 14.06
N PRO A 335 -12.56 -26.92 13.47
CA PRO A 335 -12.47 -27.05 12.00
C PRO A 335 -13.57 -27.95 11.43
N GLN A 336 -14.15 -27.48 10.31
CA GLN A 336 -15.48 -27.91 9.91
C GLN A 336 -15.50 -29.32 9.35
N ILE A 337 -14.42 -29.76 8.67
CA ILE A 337 -14.35 -31.14 8.17
C ILE A 337 -14.44 -32.13 9.34
N SER A 338 -13.60 -31.93 10.36
CA SER A 338 -13.66 -32.84 11.51
C SER A 338 -15.02 -32.74 12.22
N ALA A 339 -15.55 -31.53 12.40
CA ALA A 339 -16.84 -31.39 13.06
C ALA A 339 -17.93 -32.16 12.33
N ILE A 340 -17.97 -32.06 10.99
CA ILE A 340 -18.97 -32.77 10.22
C ILE A 340 -18.80 -34.28 10.40
N ALA A 341 -17.57 -34.77 10.26
CA ALA A 341 -17.37 -36.22 10.36
C ALA A 341 -17.69 -36.74 11.77
N ASN A 342 -17.32 -35.96 12.80
CA ASN A 342 -17.62 -36.39 14.17
C ASN A 342 -19.12 -36.47 14.42
N VAL A 343 -19.85 -35.43 13.99
CA VAL A 343 -21.30 -35.47 14.12
C VAL A 343 -21.87 -36.60 13.27
N ALA A 344 -21.38 -36.78 12.04
CA ALA A 344 -21.90 -37.84 11.18
C ALA A 344 -21.74 -39.20 11.82
N ALA A 345 -20.57 -39.49 12.39
CA ALA A 345 -20.37 -40.78 13.04
C ALA A 345 -21.31 -40.94 14.23
N ALA A 346 -21.53 -39.85 14.98
CA ALA A 346 -22.42 -39.96 16.13
C ALA A 346 -23.86 -40.22 15.71
N LEU A 347 -24.30 -39.75 14.54
CA LEU A 347 -25.69 -39.90 14.16
C LEU A 347 -25.95 -41.10 13.26
N GLU A 348 -24.91 -41.84 12.90
CA GLU A 348 -25.06 -42.94 11.97
C GLU A 348 -26.00 -44.00 12.54
N GLY A 349 -26.99 -44.38 11.74
CA GLY A 349 -28.02 -45.30 12.19
C GLY A 349 -29.19 -44.66 12.92
N THR A 350 -29.16 -43.36 13.20
CA THR A 350 -30.31 -42.72 13.85
C THR A 350 -31.35 -42.20 12.88
N GLY A 351 -31.02 -42.09 11.59
CA GLY A 351 -31.90 -41.42 10.67
C GLY A 351 -32.04 -39.93 10.87
N VAL A 352 -31.12 -39.29 11.60
CA VAL A 352 -31.14 -37.84 11.81
C VAL A 352 -30.09 -37.21 10.90
N PRO A 353 -30.47 -36.40 9.90
CA PRO A 353 -29.49 -35.74 9.04
C PRO A 353 -28.76 -34.60 9.76
N LEU A 354 -27.65 -34.17 9.15
CA LEU A 354 -26.86 -33.04 9.62
C LEU A 354 -26.60 -32.08 8.47
N ILE A 355 -26.61 -30.80 8.81
CA ILE A 355 -26.55 -29.71 7.88
C ILE A 355 -25.25 -28.98 8.15
N ALA A 356 -24.37 -28.92 7.16
CA ALA A 356 -23.10 -28.22 7.35
C ALA A 356 -23.32 -26.73 7.14
N ASP A 357 -22.97 -25.93 8.13
CA ASP A 357 -23.27 -24.49 8.15
C ASP A 357 -21.99 -23.72 8.41
N GLY A 358 -21.46 -23.08 7.38
CA GLY A 358 -20.31 -22.23 7.61
C GLY A 358 -19.02 -22.81 7.07
N GLY A 359 -18.16 -21.92 6.58
CA GLY A 359 -16.84 -22.29 6.12
C GLY A 359 -16.72 -22.59 4.64
N ILE A 360 -17.81 -22.57 3.88
CA ILE A 360 -17.82 -22.94 2.46
C ILE A 360 -17.54 -21.71 1.61
N ARG A 361 -16.31 -21.57 1.11
CA ARG A 361 -16.02 -20.51 0.14
C ARG A 361 -16.30 -20.90 -1.31
N PHE A 362 -16.11 -22.17 -1.65
CA PHE A 362 -16.11 -22.59 -3.05
C PHE A 362 -16.94 -23.86 -3.19
N SER A 363 -17.36 -24.14 -4.43
CA SER A 363 -18.11 -25.37 -4.65
C SER A 363 -17.28 -26.60 -4.27
N GLY A 364 -15.96 -26.50 -4.35
CA GLY A 364 -15.12 -27.62 -3.93
C GLY A 364 -15.24 -27.90 -2.45
N ASP A 365 -15.38 -26.85 -1.64
CA ASP A 365 -15.59 -27.05 -0.21
C ASP A 365 -16.93 -27.74 0.06
N LEU A 366 -17.93 -27.43 -0.77
CA LEU A 366 -19.23 -28.05 -0.60
C LEU A 366 -19.15 -29.56 -0.87
N ALA A 367 -18.43 -29.93 -1.93
CA ALA A 367 -18.18 -31.35 -2.18
C ALA A 367 -17.48 -32.02 -1.00
N LYS A 368 -16.44 -31.37 -0.44
CA LYS A 368 -15.73 -31.99 0.69
C LYS A 368 -16.64 -32.17 1.91
N ALA A 369 -17.51 -31.19 2.17
CA ALA A 369 -18.45 -31.31 3.28
C ALA A 369 -19.38 -32.51 3.12
N MET A 370 -19.84 -32.75 1.88
CA MET A 370 -20.72 -33.88 1.62
C MET A 370 -19.99 -35.20 1.88
N VAL A 371 -18.75 -35.32 1.39
CA VAL A 371 -18.00 -36.56 1.59
C VAL A 371 -17.64 -36.77 3.07
N ALA A 372 -17.51 -35.71 3.84
CA ALA A 372 -17.27 -35.85 5.27
C ALA A 372 -18.54 -36.25 6.02
N GLY A 373 -19.71 -36.21 5.37
CA GLY A 373 -20.91 -36.77 5.95
C GLY A 373 -22.14 -35.85 5.98
N ALA A 374 -21.98 -34.56 5.64
CA ALA A 374 -23.12 -33.65 5.63
C ALA A 374 -24.21 -34.19 4.71
N TYR A 375 -25.47 -33.94 5.08
CA TYR A 375 -26.57 -34.26 4.17
C TYR A 375 -26.88 -33.10 3.25
N CYS A 376 -26.54 -31.89 3.66
CA CYS A 376 -26.62 -30.71 2.82
C CYS A 376 -25.88 -29.56 3.51
N VAL A 377 -25.81 -28.45 2.78
CA VAL A 377 -24.97 -27.32 3.12
C VAL A 377 -25.83 -26.06 3.19
N MET A 378 -25.62 -25.27 4.23
CA MET A 378 -26.24 -23.96 4.38
C MET A 378 -25.27 -22.88 3.92
N MET A 379 -25.69 -22.06 2.96
CA MET A 379 -24.92 -20.92 2.46
C MET A 379 -25.51 -19.63 3.01
N GLY A 380 -24.64 -18.70 3.40
CA GLY A 380 -25.14 -17.39 3.79
C GLY A 380 -24.75 -16.28 2.85
N SER A 381 -23.65 -15.59 3.17
CA SER A 381 -23.29 -14.36 2.49
C SER A 381 -23.02 -14.56 1.01
N MET A 382 -22.76 -15.79 0.58
CA MET A 382 -22.65 -16.04 -0.84
C MET A 382 -23.97 -15.73 -1.57
N PHE A 383 -25.11 -15.88 -0.90
CA PHE A 383 -26.40 -15.53 -1.50
C PHE A 383 -26.78 -14.07 -1.28
N ALA A 384 -26.07 -13.37 -0.39
CA ALA A 384 -26.35 -11.96 -0.17
C ALA A 384 -26.00 -11.15 -1.42
N GLY A 385 -26.84 -10.18 -1.76
CA GLY A 385 -26.61 -9.43 -2.97
C GLY A 385 -27.18 -10.04 -4.23
N THR A 386 -27.82 -11.21 -4.15
CA THR A 386 -28.54 -11.68 -5.32
C THR A 386 -29.83 -10.87 -5.52
N GLU A 387 -30.39 -10.98 -6.72
CA GLU A 387 -31.63 -10.26 -7.03
C GLU A 387 -32.70 -10.53 -5.97
N GLU A 388 -32.83 -11.78 -5.52
CA GLU A 388 -33.90 -12.18 -4.63
C GLU A 388 -33.59 -11.88 -3.17
N ALA A 389 -32.33 -11.69 -2.82
CA ALA A 389 -31.98 -11.41 -1.46
C ALA A 389 -32.51 -10.04 -1.07
N PRO A 390 -32.66 -9.78 0.23
CA PRO A 390 -33.16 -8.47 0.66
C PRO A 390 -32.26 -7.35 0.19
N GLY A 391 -32.82 -6.14 0.18
CA GLY A 391 -32.10 -4.95 -0.21
C GLY A 391 -32.48 -4.49 -1.59
N GLU A 392 -32.14 -3.23 -1.90
CA GLU A 392 -32.40 -2.64 -3.19
C GLU A 392 -31.08 -2.45 -3.93
N ILE A 393 -31.15 -2.43 -5.26
CA ILE A 393 -29.95 -2.24 -6.07
C ILE A 393 -29.65 -0.74 -6.12
N GLU A 394 -28.37 -0.39 -6.02
CA GLU A 394 -27.93 0.97 -6.24
C GLU A 394 -26.68 0.96 -7.12
N LEU A 395 -26.46 2.05 -7.82
CA LEU A 395 -25.29 2.26 -8.67
C LEU A 395 -24.28 3.11 -7.90
N PHE A 396 -23.05 2.62 -7.81
CA PHE A 396 -22.01 3.37 -7.10
C PHE A 396 -20.67 3.21 -7.80
N GLN A 397 -20.21 4.28 -8.45
CA GLN A 397 -18.90 4.29 -9.11
C GLN A 397 -18.88 3.32 -10.29
N GLY A 398 -19.90 3.40 -11.13
CA GLY A 398 -20.01 2.52 -12.27
C GLY A 398 -20.14 1.05 -11.95
N ARG A 399 -20.58 0.70 -10.73
CA ARG A 399 -20.79 -0.68 -10.33
C ARG A 399 -22.10 -0.80 -9.55
N SER A 400 -22.55 -2.03 -9.38
CA SER A 400 -23.84 -2.31 -8.76
C SER A 400 -23.67 -3.02 -7.43
N TYR A 401 -24.42 -2.54 -6.45
CA TYR A 401 -24.41 -3.10 -5.11
C TYR A 401 -25.84 -3.25 -4.62
N LYS A 402 -26.02 -4.04 -3.57
CA LYS A 402 -27.28 -4.06 -2.82
C LYS A 402 -27.14 -3.17 -1.60
N SER A 403 -28.12 -2.28 -1.43
CA SER A 403 -28.15 -1.35 -0.32
C SER A 403 -29.23 -1.77 0.66
N TYR A 404 -28.97 -1.52 1.95
CA TYR A 404 -29.96 -1.70 3.02
C TYR A 404 -30.11 -0.40 3.80
N ARG A 442 -23.93 -2.51 1.42
CA ARG A 442 -22.58 -2.35 0.89
C ARG A 442 -22.07 -3.62 0.20
N VAL A 443 -22.96 -4.37 -0.43
CA VAL A 443 -22.61 -5.67 -1.00
C VAL A 443 -22.71 -5.65 -2.53
N PRO A 444 -21.76 -6.28 -3.23
CA PRO A 444 -21.85 -6.32 -4.70
C PRO A 444 -23.14 -7.01 -5.16
N TYR A 445 -23.68 -6.52 -6.27
CA TYR A 445 -24.88 -7.10 -6.84
C TYR A 445 -24.50 -8.34 -7.63
N LYS A 446 -25.10 -9.48 -7.28
CA LYS A 446 -24.63 -10.77 -7.79
C LYS A 446 -25.55 -11.34 -8.87
N GLY A 447 -26.57 -10.59 -9.29
CA GLY A 447 -27.52 -11.18 -10.21
C GLY A 447 -28.44 -12.22 -9.56
N ALA A 448 -29.07 -13.02 -10.41
CA ALA A 448 -30.11 -13.96 -9.98
C ALA A 448 -29.53 -15.17 -9.26
N LEU A 449 -30.25 -15.60 -8.22
CA LEU A 449 -29.84 -16.74 -7.42
C LEU A 449 -29.53 -17.98 -8.26
N SER A 450 -30.28 -18.20 -9.33
CA SER A 450 -30.13 -19.47 -10.04
C SER A 450 -28.73 -19.62 -10.63
N ALA A 451 -28.06 -18.51 -10.95
CA ALA A 451 -26.70 -18.61 -11.48
C ALA A 451 -25.74 -19.16 -10.42
N ILE A 452 -25.81 -18.64 -9.20
CA ILE A 452 -24.95 -19.14 -8.14
C ILE A 452 -25.27 -20.60 -7.84
N VAL A 453 -26.57 -20.90 -7.70
CA VAL A 453 -26.98 -22.28 -7.41
C VAL A 453 -26.44 -23.22 -8.48
N HIS A 454 -26.56 -22.81 -9.75
CA HIS A 454 -26.10 -23.63 -10.85
C HIS A 454 -24.60 -23.87 -10.77
N GLN A 455 -23.84 -22.84 -10.39
CA GLN A 455 -22.40 -22.99 -10.24
C GLN A 455 -22.07 -23.93 -9.09
N LEU A 456 -22.72 -23.75 -7.94
CA LEU A 456 -22.42 -24.62 -6.80
C LEU A 456 -22.75 -26.06 -7.10
N MET A 457 -23.96 -26.33 -7.62
CA MET A 457 -24.31 -27.71 -7.97
C MET A 457 -23.46 -28.25 -9.13
N GLY A 458 -23.05 -27.40 -10.07
CA GLY A 458 -22.16 -27.87 -11.13
C GLY A 458 -20.84 -28.39 -10.59
N GLY A 459 -20.28 -27.70 -9.58
CA GLY A 459 -19.04 -28.17 -8.98
C GLY A 459 -19.24 -29.46 -8.22
N LEU A 460 -20.30 -29.56 -7.43
CA LEU A 460 -20.64 -30.81 -6.77
C LEU A 460 -20.78 -31.94 -7.79
N ARG A 461 -21.48 -31.68 -8.91
CA ARG A 461 -21.65 -32.72 -9.93
C ARG A 461 -20.30 -33.17 -10.48
N ALA A 462 -19.37 -32.23 -10.65
CA ALA A 462 -18.05 -32.58 -11.15
C ALA A 462 -17.29 -33.43 -10.15
N ALA A 463 -17.32 -33.05 -8.86
CA ALA A 463 -16.71 -33.88 -7.82
C ALA A 463 -17.28 -35.29 -7.85
N MET A 464 -18.62 -35.41 -7.95
CA MET A 464 -19.22 -36.74 -7.96
C MET A 464 -18.82 -37.51 -9.22
N GLY A 465 -18.56 -36.80 -10.32
CA GLY A 465 -18.00 -37.48 -11.48
C GLY A 465 -16.58 -37.95 -11.24
N TYR A 466 -15.79 -37.16 -10.51
CA TYR A 466 -14.40 -37.54 -10.24
C TYR A 466 -14.32 -38.69 -9.25
N THR A 467 -15.28 -38.80 -8.32
CA THR A 467 -15.24 -39.84 -7.31
C THR A 467 -16.04 -41.07 -7.71
N GLY A 468 -16.69 -41.04 -8.87
CA GLY A 468 -17.55 -42.15 -9.25
C GLY A 468 -18.84 -42.28 -8.47
N SER A 469 -19.31 -41.20 -7.83
CA SER A 469 -20.53 -41.23 -7.01
C SER A 469 -21.76 -40.93 -7.85
N ALA A 470 -22.70 -41.86 -7.90
CA ALA A 470 -23.91 -41.67 -8.70
C ALA A 470 -25.02 -40.93 -7.96
N ASP A 471 -24.96 -40.87 -6.62
CA ASP A 471 -25.98 -40.16 -5.86
C ASP A 471 -25.37 -39.68 -4.55
N ILE A 472 -26.17 -38.90 -3.80
CA ILE A 472 -25.66 -38.25 -2.59
C ILE A 472 -25.23 -39.30 -1.58
N GLN A 473 -25.99 -40.39 -1.46
CA GLN A 473 -25.68 -41.44 -0.48
C GLN A 473 -24.30 -42.06 -0.71
N GLN A 474 -23.96 -42.35 -1.98
CA GLN A 474 -22.62 -42.83 -2.33
C GLN A 474 -21.56 -41.76 -2.06
N MET A 475 -21.87 -40.51 -2.43
CA MET A 475 -20.93 -39.42 -2.19
C MET A 475 -20.59 -39.30 -0.70
N ARG A 476 -21.55 -39.57 0.18
CA ARG A 476 -21.33 -39.38 1.61
C ARG A 476 -20.55 -40.52 2.24
N THR A 477 -20.54 -41.70 1.64
CA THR A 477 -20.05 -42.89 2.32
C THR A 477 -18.88 -43.59 1.63
N GLN A 478 -18.60 -43.29 0.36
CA GLN A 478 -17.61 -44.13 -0.32
C GLN A 478 -16.29 -43.41 -0.60
N PRO A 479 -16.31 -42.19 -1.12
CA PRO A 479 -15.05 -41.56 -1.55
C PRO A 479 -14.12 -41.29 -0.36
N GLN A 480 -12.83 -41.11 -0.68
CA GLN A 480 -11.81 -40.88 0.33
C GLN A 480 -11.06 -39.57 0.10
N PHE A 481 -10.44 -39.09 1.18
CA PHE A 481 -9.58 -37.92 1.15
C PHE A 481 -8.11 -38.30 1.25
N VAL A 482 -7.26 -37.45 0.72
CA VAL A 482 -5.88 -37.34 1.18
C VAL A 482 -5.79 -36.16 2.12
N ARG A 483 -4.98 -36.30 3.16
CA ARG A 483 -4.57 -35.17 3.98
C ARG A 483 -3.36 -34.52 3.31
N ILE A 484 -3.36 -33.19 3.21
CA ILE A 484 -2.22 -32.51 2.58
C ILE A 484 -1.61 -31.54 3.57
N THR A 485 -0.41 -31.09 3.25
CA THR A 485 0.32 -30.11 4.03
C THR A 485 -0.03 -28.67 3.59
N GLY A 486 0.49 -27.71 4.35
CA GLY A 486 0.41 -26.32 3.93
C GLY A 486 1.10 -26.02 2.61
N ALA A 487 2.25 -26.65 2.37
CA ALA A 487 2.95 -26.53 1.07
C ALA A 487 1.98 -26.65 -0.10
N MET B 21 7.74 31.21 -35.03
CA MET B 21 7.43 30.38 -36.19
C MET B 21 6.87 28.99 -35.81
N LEU B 22 6.83 28.68 -34.51
CA LEU B 22 6.08 27.52 -34.02
C LEU B 22 4.58 27.83 -34.12
N ARG B 23 3.86 27.11 -34.97
CA ARG B 23 2.50 27.53 -35.35
C ARG B 23 1.51 27.02 -34.32
N ILE B 24 1.31 27.80 -33.26
CA ILE B 24 0.35 27.52 -32.20
C ILE B 24 -0.91 28.32 -32.47
N SER B 25 -2.03 27.62 -32.68
CA SER B 25 -3.28 28.29 -33.03
C SER B 25 -3.90 29.00 -31.82
N GLN B 26 -3.82 28.40 -30.64
CA GLN B 26 -4.46 28.94 -29.44
C GLN B 26 -4.13 27.99 -28.29
N GLU B 27 -4.44 28.45 -27.08
CA GLU B 27 -4.50 27.55 -25.94
C GLU B 27 -5.92 26.96 -25.89
N ALA B 28 -6.02 25.66 -25.76
CA ALA B 28 -7.29 24.96 -25.78
C ALA B 28 -7.57 24.37 -24.40
N LEU B 29 -8.80 24.54 -23.92
CA LEU B 29 -9.18 24.16 -22.57
C LEU B 29 -10.04 22.89 -22.56
N THR B 30 -9.84 22.06 -21.56
CA THR B 30 -10.69 20.91 -21.33
C THR B 30 -11.56 21.14 -20.09
N PHE B 31 -12.36 20.13 -19.75
CA PHE B 31 -13.36 20.29 -18.69
C PHE B 31 -12.72 20.68 -17.38
N ASP B 32 -11.57 20.09 -17.04
CA ASP B 32 -10.97 20.36 -15.73
C ASP B 32 -10.36 21.74 -15.63
N ASP B 33 -10.26 22.49 -16.73
CA ASP B 33 -9.71 23.84 -16.70
C ASP B 33 -10.71 24.91 -16.29
N VAL B 34 -12.02 24.60 -16.23
CA VAL B 34 -13.05 25.62 -16.03
C VAL B 34 -14.05 25.15 -14.98
N LEU B 35 -14.74 26.14 -14.40
CA LEU B 35 -15.86 25.88 -13.50
C LEU B 35 -16.96 26.88 -13.82
N LEU B 36 -18.20 26.47 -13.62
CA LEU B 36 -19.33 27.37 -13.78
C LEU B 36 -19.44 28.29 -12.57
N ILE B 37 -19.73 29.56 -12.82
CA ILE B 37 -19.91 30.56 -11.77
C ILE B 37 -21.37 30.59 -11.39
N PRO B 38 -21.71 30.58 -10.11
CA PRO B 38 -23.12 30.75 -9.73
C PRO B 38 -23.62 32.14 -10.09
N GLY B 39 -24.89 32.21 -10.50
CA GLY B 39 -25.53 33.47 -10.77
C GLY B 39 -26.92 33.50 -10.15
N TYR B 40 -27.52 34.70 -10.13
CA TYR B 40 -28.84 34.86 -9.52
C TYR B 40 -29.82 33.86 -10.11
N SER B 41 -30.55 33.18 -9.23
CA SER B 41 -31.43 32.09 -9.62
C SER B 41 -32.84 32.28 -9.08
N GLU B 42 -33.84 32.10 -9.95
CA GLU B 42 -35.25 32.14 -9.55
C GLU B 42 -35.98 30.84 -9.76
N VAL B 43 -35.50 29.97 -10.63
CA VAL B 43 -36.19 28.73 -10.96
C VAL B 43 -35.49 27.58 -10.26
N LEU B 44 -36.26 26.74 -9.59
CA LEU B 44 -35.71 25.57 -8.93
C LEU B 44 -35.27 24.52 -9.95
N PRO B 45 -34.24 23.72 -9.61
CA PRO B 45 -33.80 22.65 -10.53
C PRO B 45 -34.92 21.77 -11.08
N LYS B 46 -35.91 21.39 -10.28
CA LYS B 46 -36.97 20.49 -10.73
C LYS B 46 -37.88 21.14 -11.77
N ASP B 47 -37.91 22.48 -11.84
CA ASP B 47 -38.82 23.21 -12.72
C ASP B 47 -38.18 23.69 -14.01
N VAL B 48 -36.88 23.48 -14.24
CA VAL B 48 -36.28 24.03 -15.45
C VAL B 48 -36.64 23.14 -16.64
N SER B 49 -36.47 23.69 -17.83
CA SER B 49 -36.78 23.01 -19.08
C SER B 49 -35.49 22.47 -19.69
N LEU B 50 -35.49 21.20 -20.06
CA LEU B 50 -34.35 20.56 -20.68
C LEU B 50 -34.50 20.42 -22.20
N LYS B 51 -35.61 20.85 -22.78
CA LYS B 51 -35.87 20.59 -24.19
C LYS B 51 -34.79 21.23 -25.06
N THR B 52 -34.41 20.54 -26.13
CA THR B 52 -33.33 21.03 -26.98
C THR B 52 -33.53 20.50 -28.40
N ARG B 53 -32.51 20.63 -29.25
CA ARG B 53 -32.57 20.14 -30.62
C ARG B 53 -31.43 19.17 -30.88
N LEU B 54 -31.76 18.02 -31.47
CA LEU B 54 -30.73 17.15 -31.99
C LEU B 54 -30.24 17.63 -33.36
N THR B 55 -31.15 18.02 -34.25
CA THR B 55 -30.82 18.46 -35.60
C THR B 55 -31.73 19.63 -35.95
N ARG B 56 -31.53 20.20 -37.13
CA ARG B 56 -32.47 21.19 -37.64
C ARG B 56 -33.93 20.79 -37.39
N GLY B 57 -34.27 19.54 -37.68
CA GLY B 57 -35.65 19.13 -37.68
C GLY B 57 -36.10 18.21 -36.56
N ILE B 58 -35.22 17.84 -35.64
CA ILE B 58 -35.58 16.93 -34.54
C ILE B 58 -35.37 17.63 -33.20
N GLU B 59 -36.41 17.65 -32.38
CA GLU B 59 -36.34 18.15 -31.02
C GLU B 59 -36.28 16.98 -30.04
N LEU B 60 -35.55 17.18 -28.95
CA LEU B 60 -35.47 16.22 -27.85
C LEU B 60 -35.90 16.89 -26.55
N ASN B 61 -36.60 16.14 -25.68
CA ASN B 61 -36.95 16.67 -24.37
C ASN B 61 -35.80 16.62 -23.36
N ILE B 62 -34.76 15.82 -23.60
CA ILE B 62 -33.53 15.93 -22.82
C ILE B 62 -32.33 15.94 -23.76
N PRO B 63 -31.21 16.52 -23.36
CA PRO B 63 -30.06 16.62 -24.28
C PRO B 63 -29.10 15.45 -24.17
N LEU B 64 -29.63 14.23 -24.39
CA LEU B 64 -28.86 13.00 -24.30
C LEU B 64 -29.03 12.14 -25.54
N VAL B 65 -27.93 11.67 -26.11
CA VAL B 65 -27.99 10.69 -27.17
C VAL B 65 -26.96 9.61 -26.86
N SER B 66 -27.31 8.36 -27.14
CA SER B 66 -26.44 7.22 -26.85
C SER B 66 -25.60 6.89 -28.09
N ALA B 67 -24.35 6.52 -27.86
CA ALA B 67 -23.38 6.38 -28.93
C ALA B 67 -23.64 5.15 -29.80
N ALA B 68 -23.21 5.23 -31.05
CA ALA B 68 -23.29 4.11 -31.98
C ALA B 68 -22.14 3.13 -31.74
N MET B 69 -22.15 2.54 -30.55
CA MET B 69 -21.17 1.56 -30.13
C MET B 69 -21.83 0.20 -29.96
N ASP B 70 -21.14 -0.87 -30.36
CA ASP B 70 -21.77 -2.18 -30.32
C ASP B 70 -21.94 -2.71 -28.89
N THR B 71 -21.30 -2.09 -27.89
CA THR B 71 -21.61 -2.38 -26.49
C THR B 71 -22.65 -1.44 -25.91
N VAL B 72 -23.23 -0.54 -26.71
CA VAL B 72 -24.15 0.45 -26.17
C VAL B 72 -25.52 0.41 -26.84
N THR B 73 -25.59 0.67 -28.15
CA THR B 73 -26.90 0.97 -28.73
C THR B 73 -27.33 -0.07 -29.78
N GLU B 74 -28.23 -0.95 -29.37
CA GLU B 74 -29.07 -1.72 -30.30
C GLU B 74 -30.53 -1.37 -29.99
N ALA B 75 -31.48 -2.10 -30.59
CA ALA B 75 -32.89 -1.68 -30.51
C ALA B 75 -33.33 -1.46 -29.07
N ARG B 76 -32.94 -2.36 -28.17
CA ARG B 76 -33.48 -2.32 -26.82
C ARG B 76 -33.12 -1.01 -26.11
N LEU B 77 -31.84 -0.60 -26.17
CA LEU B 77 -31.43 0.64 -25.50
C LEU B 77 -31.92 1.88 -26.24
N ALA B 78 -32.02 1.81 -27.58
CA ALA B 78 -32.57 2.94 -28.33
C ALA B 78 -34.04 3.19 -27.97
N ILE B 79 -34.83 2.13 -27.81
CA ILE B 79 -36.20 2.32 -27.34
C ILE B 79 -36.19 3.03 -25.98
N ALA B 80 -35.31 2.61 -25.06
CA ALA B 80 -35.24 3.23 -23.75
C ALA B 80 -34.76 4.68 -23.84
N MET B 81 -33.79 4.97 -24.71
CA MET B 81 -33.36 6.35 -24.89
C MET B 81 -34.52 7.22 -25.35
N ALA B 82 -35.28 6.75 -26.34
CA ALA B 82 -36.36 7.58 -26.85
C ALA B 82 -37.43 7.79 -25.80
N GLN B 83 -37.69 6.77 -24.98
CA GLN B 83 -38.70 6.90 -23.94
C GLN B 83 -38.30 7.91 -22.88
N GLU B 84 -37.00 7.99 -22.56
CA GLU B 84 -36.48 8.99 -21.63
C GLU B 84 -36.57 10.42 -22.17
N GLY B 85 -36.79 10.59 -23.47
CA GLY B 85 -36.77 11.90 -24.08
C GLY B 85 -35.52 12.27 -24.87
N GLY B 86 -34.59 11.33 -25.04
CA GLY B 86 -33.48 11.50 -25.96
C GLY B 86 -33.56 10.60 -27.17
N ILE B 87 -32.42 10.06 -27.63
CA ILE B 87 -32.42 9.22 -28.81
C ILE B 87 -31.18 8.33 -28.80
N GLY B 88 -31.29 7.17 -29.46
CA GLY B 88 -30.16 6.27 -29.67
C GLY B 88 -29.74 6.21 -31.12
N ILE B 89 -28.42 6.07 -31.35
CA ILE B 89 -27.86 5.82 -32.67
C ILE B 89 -27.44 4.34 -32.76
N ILE B 90 -28.18 3.55 -33.54
CA ILE B 90 -27.86 2.13 -33.70
C ILE B 90 -26.51 1.97 -34.40
N HIS B 91 -25.66 1.11 -33.86
CA HIS B 91 -24.29 0.95 -34.34
C HIS B 91 -24.27 0.20 -35.67
N LYS B 92 -23.15 0.31 -36.39
CA LYS B 92 -23.06 -0.27 -37.71
C LYS B 92 -22.17 -1.51 -37.77
N ASN B 93 -21.69 -2.02 -36.63
CA ASN B 93 -20.90 -3.25 -36.66
C ASN B 93 -21.83 -4.46 -36.80
N MET B 94 -22.58 -4.47 -37.90
CA MET B 94 -23.51 -5.55 -38.23
C MET B 94 -23.86 -5.40 -39.70
N GLY B 95 -24.55 -6.43 -40.22
CA GLY B 95 -24.98 -6.39 -41.60
C GLY B 95 -26.08 -5.36 -41.85
N ILE B 96 -26.22 -5.02 -43.14
CA ILE B 96 -27.18 -3.99 -43.53
C ILE B 96 -28.59 -4.38 -43.14
N GLU B 97 -28.98 -5.61 -43.47
CA GLU B 97 -30.33 -6.06 -43.13
C GLU B 97 -30.56 -6.06 -41.64
N GLN B 98 -29.56 -6.46 -40.84
CA GLN B 98 -29.74 -6.48 -39.39
C GLN B 98 -29.87 -5.07 -38.82
N GLN B 99 -29.06 -4.12 -39.32
CA GLN B 99 -29.19 -2.75 -38.83
C GLN B 99 -30.58 -2.17 -39.12
N ALA B 100 -31.08 -2.37 -40.35
CA ALA B 100 -32.44 -1.94 -40.68
C ALA B 100 -33.47 -2.65 -39.81
N ALA B 101 -33.24 -3.91 -39.50
CA ALA B 101 -34.19 -4.64 -38.66
C ALA B 101 -34.19 -4.09 -37.23
N GLU B 102 -33.04 -3.64 -36.72
CA GLU B 102 -33.02 -2.93 -35.44
C GLU B 102 -33.83 -1.63 -35.48
N VAL B 103 -33.66 -0.82 -36.53
CA VAL B 103 -34.48 0.38 -36.69
C VAL B 103 -35.97 0.03 -36.65
N ARG B 104 -36.39 -0.95 -37.46
CA ARG B 104 -37.79 -1.38 -37.44
C ARG B 104 -38.27 -1.73 -36.04
N LYS B 105 -37.45 -2.43 -35.25
CA LYS B 105 -37.91 -2.75 -33.91
C LYS B 105 -38.23 -1.48 -33.11
N VAL B 106 -37.45 -0.42 -33.31
CA VAL B 106 -37.73 0.81 -32.56
C VAL B 106 -38.98 1.47 -33.10
N LYS B 107 -39.06 1.64 -34.42
CA LYS B 107 -40.22 2.26 -35.02
C LYS B 107 -41.52 1.52 -34.70
N LYS B 108 -41.45 0.20 -34.50
CA LYS B 108 -42.67 -0.57 -34.27
C LYS B 108 -43.00 -0.74 -32.80
N HIS B 109 -42.16 -0.26 -31.91
CA HIS B 109 -42.44 -0.46 -30.49
C HIS B 109 -43.68 0.33 -30.09
N GLU B 110 -44.67 -0.39 -29.58
CA GLU B 110 -45.95 0.18 -29.17
C GLU B 110 -46.14 -0.11 -27.70
N THR B 111 -46.75 0.83 -26.96
CA THR B 111 -46.80 0.66 -25.52
C THR B 111 -48.06 -0.04 -25.02
N ALA B 112 -49.24 0.28 -25.56
CA ALA B 112 -50.49 -0.31 -25.08
C ALA B 112 -51.06 -1.30 -26.09
N ILE B 113 -51.60 -0.80 -27.20
CA ILE B 113 -52.31 -1.65 -28.16
C ILE B 113 -51.45 -2.81 -28.65
N VAL B 114 -52.11 -3.93 -28.95
CA VAL B 114 -51.50 -5.11 -29.53
C VAL B 114 -51.75 -5.12 -31.04
N ARG B 115 -50.68 -5.12 -31.83
CA ARG B 115 -50.85 -4.90 -33.27
C ARG B 115 -51.04 -6.18 -34.08
N ASP B 116 -50.42 -7.29 -33.66
CA ASP B 116 -50.53 -8.49 -34.46
C ASP B 116 -51.29 -9.53 -33.66
N PRO B 117 -52.60 -9.36 -33.47
CA PRO B 117 -53.39 -10.39 -32.80
C PRO B 117 -53.69 -11.56 -33.72
N VAL B 118 -53.89 -12.72 -33.11
CA VAL B 118 -54.10 -13.95 -33.85
C VAL B 118 -55.52 -13.95 -34.40
N THR B 119 -55.65 -14.02 -35.71
CA THR B 119 -56.95 -13.93 -36.35
C THR B 119 -57.27 -15.23 -37.07
N VAL B 120 -58.50 -15.31 -37.55
CA VAL B 120 -58.95 -16.37 -38.44
C VAL B 120 -59.79 -15.73 -39.53
N THR B 121 -60.18 -16.53 -40.52
CA THR B 121 -61.00 -16.06 -41.62
C THR B 121 -62.30 -16.85 -41.65
N PRO B 122 -63.34 -16.31 -42.27
CA PRO B 122 -64.63 -17.02 -42.31
C PRO B 122 -64.52 -18.45 -42.82
N SER B 123 -63.59 -18.71 -43.74
CA SER B 123 -63.46 -20.04 -44.33
C SER B 123 -62.72 -21.00 -43.42
N THR B 124 -61.93 -20.50 -42.45
CA THR B 124 -61.26 -21.37 -41.49
C THR B 124 -62.23 -22.40 -40.91
N LYS B 125 -61.77 -23.65 -40.83
CA LYS B 125 -62.57 -24.71 -40.25
C LYS B 125 -62.54 -24.64 -38.73
N ILE B 126 -63.68 -24.90 -38.10
CA ILE B 126 -63.73 -24.91 -36.63
C ILE B 126 -62.71 -25.88 -36.07
N ILE B 127 -62.47 -26.99 -36.76
CA ILE B 127 -61.44 -27.93 -36.34
C ILE B 127 -60.10 -27.22 -36.21
N GLU B 128 -59.78 -26.34 -37.17
CA GLU B 128 -58.50 -25.64 -37.14
C GLU B 128 -58.49 -24.58 -36.03
N LEU B 129 -59.58 -23.85 -35.87
CA LEU B 129 -59.66 -22.86 -34.79
C LEU B 129 -59.44 -23.53 -33.43
N LEU B 130 -60.06 -24.69 -33.21
CA LEU B 130 -59.86 -25.42 -31.96
C LEU B 130 -58.40 -25.83 -31.78
N GLN B 131 -57.68 -26.08 -32.88
CA GLN B 131 -56.26 -26.37 -32.73
C GLN B 131 -55.50 -25.14 -32.25
N MET B 132 -55.83 -23.97 -32.79
CA MET B 132 -55.16 -22.74 -32.36
C MET B 132 -55.47 -22.41 -30.91
N ALA B 133 -56.67 -22.79 -30.43
CA ALA B 133 -57.05 -22.55 -29.05
C ALA B 133 -56.23 -23.38 -28.06
N ARG B 134 -55.57 -24.45 -28.52
CA ARG B 134 -54.70 -25.19 -27.61
C ARG B 134 -53.50 -24.36 -27.19
N GLU B 135 -53.10 -23.38 -28.00
CA GLU B 135 -52.03 -22.46 -27.63
C GLU B 135 -52.54 -21.13 -27.14
N TYR B 136 -53.65 -20.62 -27.71
CA TYR B 136 -54.05 -19.25 -27.50
C TYR B 136 -55.28 -19.08 -26.60
N GLY B 137 -55.98 -20.14 -26.25
CA GLY B 137 -57.12 -19.98 -25.38
C GLY B 137 -58.36 -19.54 -26.15
N PHE B 138 -59.33 -19.05 -25.40
CA PHE B 138 -60.66 -18.77 -25.94
C PHE B 138 -61.10 -17.33 -25.70
N SER B 139 -60.19 -16.43 -25.35
CA SER B 139 -60.57 -15.05 -25.13
C SER B 139 -61.24 -14.42 -26.36
N GLY B 140 -60.88 -14.87 -27.57
CA GLY B 140 -61.55 -14.39 -28.77
C GLY B 140 -60.63 -14.23 -29.98
N PHE B 141 -61.01 -14.81 -31.12
CA PHE B 141 -60.25 -14.64 -32.35
C PHE B 141 -60.94 -13.64 -33.25
N PRO B 142 -60.32 -12.53 -33.61
CA PRO B 142 -60.90 -11.67 -34.66
C PRO B 142 -61.04 -12.44 -35.96
N VAL B 143 -62.11 -12.17 -36.69
CA VAL B 143 -62.33 -12.75 -38.01
C VAL B 143 -62.07 -11.68 -39.05
N VAL B 144 -61.11 -11.93 -39.94
CA VAL B 144 -60.69 -10.98 -40.95
C VAL B 144 -60.89 -11.59 -42.33
N GLU B 145 -61.21 -10.74 -43.30
CA GLU B 145 -61.29 -11.12 -44.71
C GLU B 145 -60.44 -10.12 -45.48
N GLN B 146 -59.22 -10.53 -45.82
CA GLN B 146 -58.28 -9.67 -46.53
C GLN B 146 -58.03 -8.38 -45.77
N GLY B 147 -57.84 -8.48 -44.45
CA GLY B 147 -57.61 -7.32 -43.62
C GLY B 147 -58.86 -6.64 -43.12
N GLU B 148 -60.00 -6.85 -43.78
CA GLU B 148 -61.26 -6.34 -43.28
C GLU B 148 -61.69 -7.15 -42.07
N LEU B 149 -62.04 -6.46 -40.99
CA LEU B 149 -62.64 -7.12 -39.83
C LEU B 149 -64.09 -7.40 -40.13
N VAL B 150 -64.50 -8.66 -40.01
CA VAL B 150 -65.89 -9.04 -40.27
C VAL B 150 -66.56 -9.68 -39.08
N GLY B 151 -65.85 -9.87 -37.97
CA GLY B 151 -66.46 -10.35 -36.75
C GLY B 151 -65.42 -10.86 -35.76
N ILE B 152 -65.93 -11.56 -34.74
CA ILE B 152 -65.09 -12.14 -33.70
C ILE B 152 -65.65 -13.51 -33.32
N VAL B 153 -64.77 -14.40 -32.88
CA VAL B 153 -65.16 -15.74 -32.45
C VAL B 153 -64.77 -15.89 -30.98
N THR B 154 -65.76 -16.04 -30.11
CA THR B 154 -65.55 -16.25 -28.69
C THR B 154 -65.79 -17.72 -28.32
N GLY B 155 -65.26 -18.10 -27.16
CA GLY B 155 -65.57 -19.42 -26.62
C GLY B 155 -67.06 -19.62 -26.46
N ARG B 156 -67.77 -18.57 -26.01
CA ARG B 156 -69.22 -18.64 -25.92
C ARG B 156 -69.84 -18.90 -27.29
N ASP B 157 -69.19 -18.47 -28.38
CA ASP B 157 -69.71 -18.75 -29.71
C ASP B 157 -69.57 -20.24 -30.05
N LEU B 158 -68.43 -20.84 -29.70
CA LEU B 158 -68.24 -22.28 -29.90
C LEU B 158 -69.23 -23.11 -29.08
N ARG B 159 -70.02 -22.47 -28.21
CA ARG B 159 -70.83 -23.16 -27.21
C ARG B 159 -72.33 -23.03 -27.47
N VAL B 160 -72.75 -22.65 -28.68
CA VAL B 160 -74.19 -22.63 -28.98
C VAL B 160 -74.43 -22.59 -30.49
N ASP B 166 -67.24 -27.57 -41.72
CA ASP B 166 -67.91 -26.40 -41.16
C ASP B 166 -66.93 -25.31 -40.66
N THR B 167 -67.28 -24.07 -41.00
CA THR B 167 -66.39 -22.93 -40.88
C THR B 167 -66.94 -21.89 -39.91
N VAL B 168 -66.03 -21.08 -39.37
CA VAL B 168 -66.38 -20.08 -38.38
C VAL B 168 -67.35 -19.05 -38.91
N ALA B 169 -67.53 -18.95 -40.23
CA ALA B 169 -68.54 -18.06 -40.77
C ALA B 169 -69.93 -18.34 -40.18
N ALA B 170 -70.19 -19.56 -39.72
CA ALA B 170 -71.52 -19.91 -39.23
C ALA B 170 -71.73 -19.54 -37.76
N ILE B 171 -70.67 -19.48 -36.96
CA ILE B 171 -70.80 -19.25 -35.53
C ILE B 171 -70.34 -17.86 -35.09
N MET B 172 -69.53 -17.16 -35.87
CA MET B 172 -68.94 -15.92 -35.41
C MET B 172 -70.00 -14.88 -35.04
N THR B 173 -69.66 -14.02 -34.10
CA THR B 173 -70.41 -12.80 -33.87
C THR B 173 -70.19 -11.85 -35.04
N PRO B 174 -71.25 -11.41 -35.72
CA PRO B 174 -71.08 -10.63 -36.95
C PRO B 174 -70.74 -9.18 -36.64
N LYS B 175 -70.57 -8.40 -37.72
CA LYS B 175 -69.98 -7.08 -37.61
C LYS B 175 -70.86 -6.10 -36.86
N ASP B 176 -72.18 -6.27 -36.88
CA ASP B 176 -73.04 -5.28 -36.25
C ASP B 176 -73.16 -5.46 -34.74
N LYS B 177 -72.55 -6.50 -34.17
CA LYS B 177 -72.48 -6.66 -32.72
C LYS B 177 -71.10 -6.36 -32.16
N LEU B 178 -70.15 -5.92 -32.99
CA LEU B 178 -68.81 -5.59 -32.52
C LEU B 178 -68.75 -4.20 -31.92
N VAL B 179 -68.02 -4.07 -30.83
CA VAL B 179 -67.67 -2.77 -30.27
C VAL B 179 -66.22 -2.51 -30.63
N THR B 180 -65.98 -1.45 -31.39
CA THR B 180 -64.65 -1.14 -31.88
C THR B 180 -64.31 0.30 -31.53
N ALA B 181 -63.01 0.58 -31.60
CA ALA B 181 -62.46 1.91 -31.39
C ALA B 181 -61.67 2.29 -32.64
N ARG B 182 -61.79 3.54 -33.07
CA ARG B 182 -61.05 4.00 -34.23
C ARG B 182 -59.58 4.22 -33.90
N GLU B 183 -58.70 3.84 -34.83
CA GLU B 183 -57.27 4.02 -34.63
C GLU B 183 -56.95 5.47 -34.38
N GLY B 184 -56.12 5.74 -33.37
CA GLY B 184 -55.76 7.08 -33.00
C GLY B 184 -56.62 7.70 -31.92
N THR B 185 -57.70 7.03 -31.52
CA THR B 185 -58.47 7.49 -30.36
C THR B 185 -57.56 7.56 -29.14
N PRO B 186 -57.69 8.61 -28.30
CA PRO B 186 -56.88 8.67 -27.09
C PRO B 186 -57.07 7.43 -26.22
N LEU B 187 -55.96 6.95 -25.65
CA LEU B 187 -56.02 5.73 -24.84
C LEU B 187 -57.00 5.87 -23.67
N GLU B 188 -57.31 7.09 -23.25
CA GLU B 188 -58.29 7.26 -22.19
C GLU B 188 -59.72 7.32 -22.72
N GLU B 189 -59.94 7.73 -23.98
CA GLU B 189 -61.27 7.60 -24.58
C GLU B 189 -61.65 6.14 -24.77
N MET B 190 -60.67 5.28 -25.04
CA MET B 190 -60.94 3.87 -25.24
C MET B 190 -61.35 3.19 -23.93
N LYS B 191 -60.54 3.39 -22.88
CA LYS B 191 -60.92 2.89 -21.55
C LYS B 191 -62.37 3.24 -21.23
N ALA B 192 -62.80 4.45 -21.58
CA ALA B 192 -64.16 4.88 -21.28
C ALA B 192 -65.19 4.11 -22.10
N LYS B 193 -64.85 3.80 -23.37
CA LYS B 193 -65.80 3.07 -24.21
C LYS B 193 -65.90 1.62 -23.78
N LEU B 194 -64.78 1.02 -23.35
CA LEU B 194 -64.83 -0.30 -22.71
C LEU B 194 -65.81 -0.29 -21.55
N TYR B 195 -65.65 0.66 -20.63
CA TYR B 195 -66.56 0.72 -19.49
C TYR B 195 -68.01 0.85 -19.93
N GLU B 196 -68.30 1.79 -20.83
CA GLU B 196 -69.68 2.02 -21.22
C GLU B 196 -70.33 0.77 -21.78
N ASN B 197 -69.54 -0.09 -22.43
CA ASN B 197 -70.05 -1.28 -23.07
C ASN B 197 -69.89 -2.54 -22.24
N ARG B 198 -69.36 -2.42 -21.04
CA ARG B 198 -69.23 -3.56 -20.13
C ARG B 198 -68.37 -4.66 -20.73
N ILE B 199 -67.29 -4.25 -21.41
CA ILE B 199 -66.37 -5.19 -22.05
C ILE B 199 -64.95 -4.95 -21.57
N GLU B 200 -64.12 -5.99 -21.74
CA GLU B 200 -62.71 -5.96 -21.37
C GLU B 200 -61.78 -5.81 -22.57
N LYS B 201 -62.16 -6.36 -23.73
CA LYS B 201 -61.37 -6.30 -24.95
C LYS B 201 -62.13 -5.49 -25.98
N MET B 202 -61.40 -4.76 -26.80
CA MET B 202 -62.04 -3.98 -27.85
C MET B 202 -61.09 -3.93 -29.04
N LEU B 203 -61.62 -4.18 -30.24
CA LEU B 203 -60.82 -4.20 -31.45
C LEU B 203 -60.70 -2.80 -32.03
N VAL B 204 -59.51 -2.48 -32.55
CA VAL B 204 -59.21 -1.17 -33.14
C VAL B 204 -59.20 -1.30 -34.65
N VAL B 205 -59.87 -0.38 -35.33
CA VAL B 205 -60.01 -0.40 -36.78
C VAL B 205 -59.66 0.98 -37.31
N ASP B 206 -59.51 1.07 -38.64
CA ASP B 206 -59.30 2.33 -39.31
C ASP B 206 -60.62 2.81 -39.93
N GLU B 207 -60.57 3.90 -40.71
CA GLU B 207 -61.77 4.47 -41.31
C GLU B 207 -62.56 3.46 -42.14
N ASN B 208 -61.92 2.40 -42.64
CA ASN B 208 -62.59 1.45 -43.51
C ASN B 208 -62.91 0.14 -42.82
N PHE B 209 -62.81 0.09 -41.50
CA PHE B 209 -63.09 -1.10 -40.72
C PHE B 209 -62.10 -2.22 -41.02
N TYR B 210 -60.86 -1.84 -41.33
CA TYR B 210 -59.77 -2.80 -41.39
C TYR B 210 -59.15 -2.92 -40.01
N LEU B 211 -58.85 -4.16 -39.61
CA LEU B 211 -58.28 -4.40 -38.29
C LEU B 211 -56.93 -3.71 -38.15
N ARG B 212 -56.75 -2.97 -37.08
CA ARG B 212 -55.48 -2.32 -36.83
C ARG B 212 -54.86 -2.73 -35.51
N GLY B 213 -55.56 -3.49 -34.67
CA GLY B 213 -55.00 -3.93 -33.41
C GLY B 213 -56.10 -4.21 -32.39
N LEU B 214 -55.71 -4.20 -31.12
CA LEU B 214 -56.54 -4.67 -30.02
C LEU B 214 -56.09 -4.02 -28.72
N VAL B 215 -57.03 -3.52 -27.91
CA VAL B 215 -56.73 -3.00 -26.57
C VAL B 215 -57.57 -3.73 -25.53
N THR B 216 -56.99 -3.80 -24.34
CA THR B 216 -57.57 -4.43 -23.16
C THR B 216 -57.77 -3.37 -22.10
N PHE B 217 -58.86 -3.47 -21.33
CA PHE B 217 -59.06 -2.56 -20.22
C PHE B 217 -57.90 -2.67 -19.23
N ARG B 218 -57.54 -3.90 -18.85
CA ARG B 218 -56.46 -4.11 -17.89
C ARG B 218 -55.14 -3.60 -18.44
N ASP B 219 -54.89 -3.77 -19.74
CA ASP B 219 -53.60 -3.35 -20.28
C ASP B 219 -53.49 -1.83 -20.38
N ILE B 220 -54.60 -1.13 -20.61
CA ILE B 220 -54.57 0.33 -20.54
C ILE B 220 -54.28 0.78 -19.11
N GLU B 221 -54.80 0.05 -18.12
CA GLU B 221 -54.64 0.42 -16.71
C GLU B 221 -53.18 0.30 -16.28
N LYS B 222 -52.54 -0.83 -16.58
CA LYS B 222 -51.13 -1.00 -16.26
C LYS B 222 -50.19 -0.31 -17.24
N ALA B 223 -50.71 0.22 -18.35
CA ALA B 223 -49.86 0.77 -19.40
C ALA B 223 -48.96 1.85 -18.83
N LYS B 224 -47.71 1.50 -18.52
CA LYS B 224 -46.74 2.54 -18.17
C LYS B 224 -46.66 3.54 -19.31
N THR B 225 -46.61 4.82 -18.96
CA THR B 225 -46.58 5.88 -19.97
C THR B 225 -45.28 6.68 -19.85
N TYR B 226 -44.87 7.23 -20.99
CA TYR B 226 -43.61 7.93 -21.12
C TYR B 226 -43.94 9.27 -21.75
N PRO B 227 -44.31 10.27 -20.93
CA PRO B 227 -44.74 11.55 -21.47
C PRO B 227 -43.64 12.33 -22.18
N LEU B 228 -42.38 12.04 -21.91
CA LEU B 228 -41.29 12.77 -22.54
C LEU B 228 -40.80 12.12 -23.82
N ALA B 229 -41.34 10.96 -24.19
CA ALA B 229 -40.85 10.16 -25.32
C ALA B 229 -40.58 11.00 -26.57
N SER B 230 -39.46 10.69 -27.23
CA SER B 230 -39.11 11.32 -28.50
C SER B 230 -39.90 10.63 -29.62
N LYS B 231 -40.82 11.35 -30.25
CA LYS B 231 -41.67 10.74 -31.27
C LYS B 231 -41.66 11.56 -32.55
N ASP B 232 -41.80 10.86 -33.68
CA ASP B 232 -41.90 11.55 -34.96
C ASP B 232 -43.32 12.08 -35.18
N GLU B 233 -43.56 12.72 -36.33
CA GLU B 233 -44.86 13.30 -36.59
C GLU B 233 -45.97 12.27 -36.62
N GLN B 234 -45.64 10.99 -36.82
CA GLN B 234 -46.63 9.93 -36.87
C GLN B 234 -46.77 9.21 -35.54
N GLY B 235 -46.11 9.70 -34.49
CA GLY B 235 -46.23 9.15 -33.17
C GLY B 235 -45.31 7.98 -32.85
N ARG B 236 -44.39 7.62 -33.72
CA ARG B 236 -43.50 6.50 -33.45
C ARG B 236 -42.22 6.98 -32.77
N LEU B 237 -41.65 6.12 -31.90
CA LEU B 237 -40.39 6.49 -31.27
C LEU B 237 -39.34 6.86 -32.31
N ARG B 238 -38.53 7.86 -32.00
CA ARG B 238 -37.43 8.28 -32.86
C ARG B 238 -36.20 7.41 -32.67
N VAL B 239 -35.37 7.32 -33.70
CA VAL B 239 -34.15 6.50 -33.65
C VAL B 239 -33.21 6.94 -34.75
N GLY B 240 -31.90 6.87 -34.47
CA GLY B 240 -30.88 7.10 -35.47
C GLY B 240 -30.09 5.82 -35.78
N ALA B 241 -29.29 5.90 -36.84
CA ALA B 241 -28.42 4.81 -37.23
C ALA B 241 -27.12 5.38 -37.79
N ALA B 242 -26.02 4.67 -37.58
CA ALA B 242 -24.70 5.12 -38.02
C ALA B 242 -24.32 4.45 -39.34
N VAL B 243 -23.53 5.19 -40.13
CA VAL B 243 -22.91 4.66 -41.35
C VAL B 243 -21.51 5.24 -41.45
N GLY B 244 -20.67 4.57 -42.22
CA GLY B 244 -19.32 5.03 -42.51
C GLY B 244 -19.22 5.73 -43.85
N THR B 245 -18.05 5.62 -44.47
CA THR B 245 -17.86 6.08 -45.85
C THR B 245 -17.39 4.95 -46.75
N GLY B 246 -17.28 3.72 -46.23
CA GLY B 246 -16.90 2.58 -47.03
C GLY B 246 -17.79 2.28 -48.22
N ALA B 247 -17.55 1.12 -48.85
CA ALA B 247 -18.09 0.86 -50.17
C ALA B 247 -19.60 0.65 -50.17
N ASP B 248 -20.14 -0.01 -49.14
CA ASP B 248 -21.56 -0.36 -49.14
C ASP B 248 -22.43 0.68 -48.43
N THR B 249 -21.87 1.85 -48.12
CA THR B 249 -22.59 2.92 -47.44
C THR B 249 -23.85 3.32 -48.19
N GLY B 250 -23.74 3.49 -49.52
CA GLY B 250 -24.92 3.82 -50.30
C GLY B 250 -26.06 2.86 -50.03
N GLU B 251 -25.78 1.55 -50.08
CA GLU B 251 -26.81 0.55 -49.86
C GLU B 251 -27.28 0.49 -48.40
N ARG B 252 -26.37 0.76 -47.44
CA ARG B 252 -26.79 0.76 -46.05
C ARG B 252 -27.73 1.93 -45.77
N VAL B 253 -27.37 3.13 -46.22
CA VAL B 253 -28.24 4.30 -46.03
C VAL B 253 -29.64 4.03 -46.59
N ALA B 254 -29.72 3.44 -47.79
CA ALA B 254 -31.01 3.20 -48.39
C ALA B 254 -31.84 2.21 -47.57
N ALA B 255 -31.21 1.22 -46.98
CA ALA B 255 -31.98 0.27 -46.18
C ALA B 255 -32.48 0.92 -44.91
N LEU B 256 -31.62 1.72 -44.26
CA LEU B 256 -32.01 2.46 -43.05
C LEU B 256 -33.15 3.42 -43.32
N VAL B 257 -33.11 4.11 -44.47
CA VAL B 257 -34.20 5.01 -44.84
C VAL B 257 -35.49 4.25 -45.13
N ALA B 258 -35.40 3.11 -45.83
CA ALA B 258 -36.60 2.32 -46.03
C ALA B 258 -37.19 1.84 -44.70
N ALA B 259 -36.35 1.69 -43.68
CA ALA B 259 -36.84 1.22 -42.39
C ALA B 259 -37.48 2.33 -41.57
N GLY B 260 -37.42 3.58 -42.02
CA GLY B 260 -38.00 4.67 -41.28
C GLY B 260 -37.09 5.38 -40.32
N VAL B 261 -35.77 5.21 -40.46
CA VAL B 261 -34.81 5.87 -39.58
C VAL B 261 -35.03 7.38 -39.57
N ASP B 262 -34.93 7.99 -38.39
CA ASP B 262 -35.17 9.42 -38.32
C ASP B 262 -33.94 10.23 -38.70
N VAL B 263 -32.74 9.73 -38.37
CA VAL B 263 -31.51 10.48 -38.60
C VAL B 263 -30.39 9.49 -38.93
N VAL B 264 -29.61 9.81 -39.97
CA VAL B 264 -28.46 9.03 -40.41
C VAL B 264 -27.21 9.77 -39.94
N VAL B 265 -26.35 9.10 -39.19
CA VAL B 265 -25.12 9.71 -38.68
C VAL B 265 -23.95 9.25 -39.53
N VAL B 266 -23.40 10.14 -40.35
CA VAL B 266 -22.19 9.81 -41.10
C VAL B 266 -21.01 10.03 -40.17
N ASP B 267 -20.43 8.95 -39.69
CA ASP B 267 -19.70 8.92 -38.42
C ASP B 267 -18.30 8.35 -38.65
N THR B 268 -17.28 9.20 -38.78
CA THR B 268 -15.91 8.72 -38.95
C THR B 268 -14.97 9.37 -37.95
N ALA B 269 -13.72 8.92 -37.96
CA ALA B 269 -12.72 9.50 -37.07
C ALA B 269 -12.33 10.91 -37.48
N HIS B 270 -12.57 11.27 -38.74
CA HIS B 270 -12.11 12.55 -39.29
C HIS B 270 -13.20 13.06 -40.24
N GLY B 271 -14.17 13.78 -39.68
CA GLY B 271 -15.26 14.31 -40.47
C GLY B 271 -14.87 15.42 -41.43
N HIS B 272 -13.74 16.09 -41.18
CA HIS B 272 -13.26 17.17 -42.07
C HIS B 272 -12.44 16.59 -43.22
N SER B 273 -13.09 15.77 -44.03
CA SER B 273 -12.43 15.03 -45.09
C SER B 273 -13.32 14.96 -46.32
N LYS B 274 -12.68 14.89 -47.49
CA LYS B 274 -13.44 14.74 -48.73
C LYS B 274 -14.44 13.59 -48.62
N GLY B 275 -14.03 12.49 -47.98
CA GLY B 275 -14.92 11.33 -47.89
C GLY B 275 -16.21 11.63 -47.16
N VAL B 276 -16.11 12.23 -45.97
CA VAL B 276 -17.31 12.50 -45.17
C VAL B 276 -18.15 13.63 -45.78
N ILE B 277 -17.50 14.71 -46.23
CA ILE B 277 -18.23 15.85 -46.79
C ILE B 277 -19.07 15.40 -47.98
N GLU B 278 -18.49 14.59 -48.87
CA GLU B 278 -19.24 14.14 -50.04
C GLU B 278 -20.34 13.16 -49.65
N ARG B 279 -20.10 12.28 -48.69
CA ARG B 279 -21.14 11.34 -48.32
C ARG B 279 -22.32 12.06 -47.69
N VAL B 280 -22.05 13.10 -46.91
CA VAL B 280 -23.13 13.93 -46.34
C VAL B 280 -23.92 14.58 -47.47
N ARG B 281 -23.21 15.18 -48.42
CA ARG B 281 -23.85 15.79 -49.57
C ARG B 281 -24.71 14.79 -50.33
N TRP B 282 -24.22 13.56 -50.53
CA TRP B 282 -24.99 12.55 -51.26
C TRP B 282 -26.27 12.18 -50.52
N VAL B 283 -26.18 11.97 -49.20
CA VAL B 283 -27.38 11.68 -48.42
C VAL B 283 -28.38 12.82 -48.53
N LYS B 284 -27.89 14.05 -48.39
CA LYS B 284 -28.79 15.21 -48.42
C LYS B 284 -29.39 15.42 -49.81
N GLN B 285 -28.67 15.04 -50.86
CA GLN B 285 -29.20 15.16 -52.22
C GLN B 285 -30.07 13.98 -52.59
N THR B 286 -29.76 12.78 -52.10
CA THR B 286 -30.53 11.59 -52.45
C THR B 286 -31.73 11.38 -51.55
N PHE B 287 -31.59 11.60 -50.25
CA PHE B 287 -32.69 11.39 -49.31
C PHE B 287 -32.99 12.71 -48.62
N PRO B 288 -33.56 13.67 -49.35
CA PRO B 288 -33.69 15.04 -48.83
C PRO B 288 -34.47 15.13 -47.53
N ASP B 289 -35.42 14.21 -47.31
CA ASP B 289 -36.33 14.25 -46.17
C ASP B 289 -35.83 13.46 -44.96
N VAL B 290 -34.56 13.04 -44.95
CA VAL B 290 -33.99 12.38 -43.79
C VAL B 290 -32.96 13.31 -43.19
N GLN B 291 -32.92 13.38 -41.85
CA GLN B 291 -31.91 14.17 -41.15
C GLN B 291 -30.54 13.49 -41.25
N VAL B 292 -29.50 14.30 -41.45
CA VAL B 292 -28.14 13.81 -41.53
C VAL B 292 -27.27 14.57 -40.55
N ILE B 293 -26.50 13.83 -39.75
CA ILE B 293 -25.44 14.37 -38.89
C ILE B 293 -24.09 13.99 -39.48
N GLY B 294 -23.12 14.91 -39.40
CA GLY B 294 -21.77 14.63 -39.86
C GLY B 294 -20.74 14.79 -38.75
N GLY B 295 -19.68 13.99 -38.82
CA GLY B 295 -18.58 14.11 -37.88
C GLY B 295 -17.61 12.96 -38.02
N ASN B 296 -16.66 12.89 -37.09
CA ASN B 296 -16.49 13.90 -36.02
C ASN B 296 -15.56 15.05 -36.45
N ILE B 297 -15.72 16.22 -35.82
CA ILE B 297 -14.95 17.43 -36.14
C ILE B 297 -14.53 18.11 -34.84
N ALA B 298 -13.71 19.17 -34.98
CA ALA B 298 -13.25 19.86 -33.78
C ALA B 298 -12.85 21.32 -34.04
N THR B 299 -13.19 21.89 -35.19
CA THR B 299 -12.77 23.24 -35.54
C THR B 299 -13.94 23.99 -36.18
N ALA B 300 -13.85 25.32 -36.12
CA ALA B 300 -14.81 26.15 -36.83
C ALA B 300 -14.86 25.81 -38.31
N GLU B 301 -13.70 25.67 -38.95
CA GLU B 301 -13.70 25.52 -40.39
C GLU B 301 -14.29 24.19 -40.82
N ALA B 302 -14.13 23.15 -40.01
CA ALA B 302 -14.78 21.88 -40.32
C ALA B 302 -16.29 22.02 -40.20
N ALA B 303 -16.74 22.68 -39.13
CA ALA B 303 -18.16 22.96 -38.95
C ALA B 303 -18.76 23.62 -40.19
N LYS B 304 -18.08 24.63 -40.71
CA LYS B 304 -18.61 25.34 -41.86
C LYS B 304 -18.66 24.43 -43.09
N ALA B 305 -17.65 23.58 -43.26
CA ALA B 305 -17.64 22.69 -44.41
C ALA B 305 -18.76 21.66 -44.34
N LEU B 306 -19.10 21.21 -43.13
CA LEU B 306 -20.19 20.26 -42.98
C LEU B 306 -21.55 20.94 -43.17
N ALA B 307 -21.71 22.15 -42.60
CA ALA B 307 -22.95 22.91 -42.84
C ALA B 307 -23.19 23.14 -44.32
N GLU B 308 -22.13 23.50 -45.05
CA GLU B 308 -22.34 23.84 -46.46
C GLU B 308 -22.63 22.59 -47.28
N ALA B 309 -22.19 21.43 -46.82
CA ALA B 309 -22.55 20.18 -47.46
C ALA B 309 -23.99 19.77 -47.15
N GLY B 310 -24.69 20.48 -46.26
CA GLY B 310 -26.07 20.19 -45.96
C GLY B 310 -26.33 19.48 -44.64
N ALA B 311 -25.30 19.22 -43.84
CA ALA B 311 -25.49 18.53 -42.56
C ALA B 311 -26.57 19.22 -41.74
N ASP B 312 -27.40 18.42 -41.09
CA ASP B 312 -28.45 18.94 -40.23
C ASP B 312 -27.99 19.13 -38.79
N ALA B 313 -26.80 18.63 -38.46
CA ALA B 313 -26.12 18.75 -37.19
C ALA B 313 -24.71 18.21 -37.39
N VAL B 314 -23.80 18.61 -36.49
CA VAL B 314 -22.42 18.13 -36.52
C VAL B 314 -22.11 17.52 -35.16
N LYS B 315 -21.24 16.50 -35.16
CA LYS B 315 -20.79 15.86 -33.93
C LYS B 315 -19.35 16.27 -33.61
N VAL B 316 -19.15 16.79 -32.40
CA VAL B 316 -17.88 17.40 -31.99
C VAL B 316 -17.10 16.46 -31.10
N GLY B 317 -15.85 16.17 -31.48
CA GLY B 317 -14.91 15.46 -30.63
C GLY B 317 -13.81 14.69 -31.35
N ILE B 318 -12.59 15.21 -31.33
CA ILE B 318 -11.40 14.51 -31.84
C ILE B 318 -10.36 14.45 -30.73
N GLY B 319 -10.03 13.25 -30.28
CA GLY B 319 -9.11 13.09 -29.17
C GLY B 319 -9.45 14.00 -28.00
N PRO B 320 -10.71 13.97 -27.54
CA PRO B 320 -11.14 14.91 -26.48
C PRO B 320 -10.54 14.62 -25.09
N GLY B 321 -10.04 13.41 -24.85
CA GLY B 321 -9.46 13.05 -23.57
C GLY B 321 -7.98 12.77 -23.67
N SER B 322 -7.27 12.98 -22.57
CA SER B 322 -5.84 12.71 -22.52
C SER B 322 -5.60 11.22 -22.44
N ILE B 323 -4.39 10.80 -22.79
CA ILE B 323 -4.06 9.38 -22.93
C ILE B 323 -5.23 8.69 -23.63
N CYS B 324 -5.08 8.52 -24.93
CA CYS B 324 -6.17 8.14 -25.82
C CYS B 324 -5.51 7.94 -27.18
N THR B 325 -5.96 6.93 -27.93
CA THR B 325 -5.19 6.45 -29.08
C THR B 325 -4.82 7.58 -30.05
N THR B 326 -5.77 8.46 -30.35
CA THR B 326 -5.54 9.55 -31.29
C THR B 326 -4.37 10.43 -30.84
N ARG B 327 -4.31 10.76 -29.55
CA ARG B 327 -3.22 11.59 -29.05
C ARG B 327 -1.91 10.82 -29.05
N ILE B 328 -1.92 9.59 -28.55
CA ILE B 328 -0.68 8.84 -28.37
C ILE B 328 -0.12 8.37 -29.71
N VAL B 329 -0.98 8.00 -30.65
CA VAL B 329 -0.52 7.40 -31.89
C VAL B 329 -0.24 8.45 -32.96
N ALA B 330 -1.14 9.43 -33.12
CA ALA B 330 -0.98 10.48 -34.12
C ALA B 330 -0.67 11.85 -33.55
N GLY B 331 -0.68 12.02 -32.22
CA GLY B 331 -0.46 13.33 -31.65
C GLY B 331 -1.54 14.34 -31.98
N VAL B 332 -2.75 13.87 -32.32
CA VAL B 332 -3.84 14.72 -32.78
C VAL B 332 -4.92 14.79 -31.71
N GLY B 333 -5.51 15.97 -31.55
CA GLY B 333 -6.62 16.17 -30.63
C GLY B 333 -6.90 17.63 -30.37
N VAL B 334 -8.10 17.89 -29.85
CA VAL B 334 -8.47 19.24 -29.42
C VAL B 334 -9.21 19.14 -28.09
N PRO B 335 -8.74 19.80 -27.03
CA PRO B 335 -9.51 19.81 -25.78
C PRO B 335 -10.95 20.24 -26.00
N GLN B 336 -11.86 19.59 -25.29
CA GLN B 336 -13.24 19.51 -25.76
C GLN B 336 -14.06 20.76 -25.45
N ILE B 337 -13.72 21.49 -24.38
CA ILE B 337 -14.41 22.75 -24.13
C ILE B 337 -14.16 23.72 -25.27
N SER B 338 -12.88 23.90 -25.66
CA SER B 338 -12.55 24.83 -26.73
C SER B 338 -13.09 24.34 -28.08
N ALA B 339 -13.01 23.04 -28.34
CA ALA B 339 -13.59 22.52 -29.57
C ALA B 339 -15.07 22.84 -29.66
N ILE B 340 -15.82 22.61 -28.56
CA ILE B 340 -17.25 22.90 -28.57
C ILE B 340 -17.51 24.38 -28.80
N ALA B 341 -16.83 25.25 -28.04
CA ALA B 341 -17.03 26.69 -28.19
C ALA B 341 -16.69 27.17 -29.60
N ASN B 342 -15.59 26.70 -30.18
CA ASN B 342 -15.26 27.13 -31.54
C ASN B 342 -16.33 26.70 -32.54
N VAL B 343 -16.85 25.47 -32.40
CA VAL B 343 -17.86 25.00 -33.33
C VAL B 343 -19.15 25.80 -33.15
N ALA B 344 -19.56 26.02 -31.89
CA ALA B 344 -20.77 26.80 -31.65
C ALA B 344 -20.63 28.20 -32.22
N ALA B 345 -19.46 28.82 -32.08
CA ALA B 345 -19.23 30.13 -32.68
C ALA B 345 -19.41 30.07 -34.20
N ALA B 346 -18.86 29.03 -34.84
CA ALA B 346 -18.92 28.97 -36.30
C ALA B 346 -20.35 28.78 -36.79
N LEU B 347 -21.18 28.08 -36.03
CA LEU B 347 -22.52 27.72 -36.45
C LEU B 347 -23.59 28.71 -35.98
N GLU B 348 -23.26 29.65 -35.10
CA GLU B 348 -24.26 30.61 -34.67
C GLU B 348 -24.84 31.32 -35.88
N GLY B 349 -26.17 31.28 -36.01
CA GLY B 349 -26.91 31.85 -37.12
C GLY B 349 -27.34 30.84 -38.17
N THR B 350 -26.62 29.72 -38.30
CA THR B 350 -26.96 28.75 -39.33
C THR B 350 -28.20 27.96 -39.00
N GLY B 351 -28.51 27.78 -37.71
CA GLY B 351 -29.54 26.84 -37.35
C GLY B 351 -29.09 25.39 -37.22
N VAL B 352 -27.80 25.10 -37.29
CA VAL B 352 -27.28 23.74 -37.24
C VAL B 352 -26.86 23.43 -35.81
N PRO B 353 -27.49 22.46 -35.13
CA PRO B 353 -27.03 22.09 -33.79
C PRO B 353 -25.68 21.38 -33.83
N LEU B 354 -25.09 21.23 -32.64
CA LEU B 354 -23.84 20.51 -32.47
C LEU B 354 -23.95 19.61 -31.25
N ILE B 355 -23.50 18.37 -31.43
CA ILE B 355 -23.58 17.31 -30.44
C ILE B 355 -22.17 17.08 -29.88
N ALA B 356 -22.03 17.17 -28.57
CA ALA B 356 -20.74 16.94 -27.93
C ALA B 356 -20.51 15.45 -27.70
N ASP B 357 -19.43 14.91 -28.26
CA ASP B 357 -19.15 13.48 -28.27
C ASP B 357 -17.77 13.20 -27.65
N GLY B 358 -17.73 12.85 -26.38
CA GLY B 358 -16.49 12.39 -25.78
C GLY B 358 -15.96 13.31 -24.69
N GLY B 359 -15.27 12.72 -23.71
CA GLY B 359 -14.67 13.45 -22.62
C GLY B 359 -15.54 13.65 -21.39
N ILE B 360 -16.84 13.39 -21.49
CA ILE B 360 -17.76 13.53 -20.35
C ILE B 360 -17.56 12.30 -19.45
N ARG B 361 -17.04 12.50 -18.25
CA ARG B 361 -17.14 11.40 -17.30
C ARG B 361 -18.14 11.62 -16.17
N PHE B 362 -18.49 12.87 -15.86
CA PHE B 362 -19.42 13.17 -14.76
C PHE B 362 -20.50 14.10 -15.27
N SER B 363 -21.59 14.21 -14.49
CA SER B 363 -22.66 15.11 -14.87
C SER B 363 -22.21 16.56 -14.90
N GLY B 364 -21.24 16.91 -14.04
CA GLY B 364 -20.68 18.26 -14.08
C GLY B 364 -20.06 18.59 -15.43
N ASP B 365 -19.35 17.62 -16.03
CA ASP B 365 -18.80 17.83 -17.37
C ASP B 365 -19.90 18.05 -18.38
N LEU B 366 -21.03 17.36 -18.21
CA LEU B 366 -22.15 17.54 -19.13
C LEU B 366 -22.68 18.96 -19.06
N ALA B 367 -22.80 19.52 -17.84
CA ALA B 367 -23.23 20.91 -17.68
C ALA B 367 -22.25 21.88 -18.34
N LYS B 368 -20.94 21.66 -18.16
CA LYS B 368 -19.97 22.53 -18.81
C LYS B 368 -20.07 22.45 -20.33
N ALA B 369 -20.30 21.25 -20.87
CA ALA B 369 -20.39 21.14 -22.33
C ALA B 369 -21.57 21.96 -22.86
N MET B 370 -22.67 22.04 -22.08
CA MET B 370 -23.83 22.80 -22.53
C MET B 370 -23.55 24.30 -22.47
N VAL B 371 -22.92 24.77 -21.39
CA VAL B 371 -22.60 26.19 -21.31
C VAL B 371 -21.57 26.59 -22.37
N ALA B 372 -20.69 25.67 -22.77
CA ALA B 372 -19.76 25.97 -23.85
C ALA B 372 -20.44 25.97 -25.21
N GLY B 373 -21.67 25.49 -25.33
CA GLY B 373 -22.42 25.67 -26.56
C GLY B 373 -23.00 24.42 -27.20
N ALA B 374 -22.71 23.23 -26.66
CA ALA B 374 -23.36 22.04 -27.18
C ALA B 374 -24.87 22.19 -27.07
N TYR B 375 -25.58 21.56 -28.02
CA TYR B 375 -27.03 21.43 -27.94
C TYR B 375 -27.41 20.15 -27.21
N CYS B 376 -26.55 19.16 -27.23
CA CYS B 376 -26.72 18.02 -26.36
C CYS B 376 -25.45 17.20 -26.43
N VAL B 377 -25.47 16.07 -25.75
CA VAL B 377 -24.29 15.31 -25.42
C VAL B 377 -24.51 13.84 -25.73
N MET B 378 -23.53 13.21 -26.36
CA MET B 378 -23.52 11.78 -26.63
C MET B 378 -22.72 11.04 -25.56
N MET B 379 -23.32 10.00 -24.98
CA MET B 379 -22.66 9.14 -24.00
C MET B 379 -22.45 7.76 -24.59
N GLY B 380 -21.31 7.15 -24.29
CA GLY B 380 -21.02 5.82 -24.77
C GLY B 380 -20.82 4.85 -23.63
N SER B 381 -19.55 4.66 -23.24
CA SER B 381 -19.24 3.57 -22.31
C SER B 381 -19.96 3.73 -20.98
N MET B 382 -20.34 4.96 -20.61
CA MET B 382 -21.15 5.14 -19.41
C MET B 382 -22.42 4.29 -19.47
N PHE B 383 -23.03 4.17 -20.66
CA PHE B 383 -24.23 3.36 -20.83
C PHE B 383 -23.95 1.88 -21.06
N ALA B 384 -22.74 1.52 -21.46
CA ALA B 384 -22.41 0.11 -21.61
C ALA B 384 -22.57 -0.60 -20.27
N GLY B 385 -23.11 -1.82 -20.30
CA GLY B 385 -23.37 -2.59 -19.10
C GLY B 385 -24.73 -2.38 -18.44
N THR B 386 -25.53 -1.42 -18.91
CA THR B 386 -26.89 -1.32 -18.39
C THR B 386 -27.70 -2.53 -18.85
N GLU B 387 -28.80 -2.78 -18.13
CA GLU B 387 -29.73 -3.85 -18.50
C GLU B 387 -30.15 -3.76 -19.98
N GLU B 388 -30.38 -2.54 -20.49
CA GLU B 388 -30.90 -2.36 -21.84
C GLU B 388 -29.84 -2.46 -22.92
N ALA B 389 -28.58 -2.27 -22.58
CA ALA B 389 -27.51 -2.37 -23.57
C ALA B 389 -27.31 -3.83 -23.98
N PRO B 390 -26.63 -4.05 -25.10
CA PRO B 390 -26.32 -5.43 -25.53
C PRO B 390 -25.48 -6.15 -24.50
N GLY B 391 -25.44 -7.46 -24.63
CA GLY B 391 -24.68 -8.33 -23.76
C GLY B 391 -25.60 -9.12 -22.84
N GLU B 392 -25.07 -10.23 -22.34
CA GLU B 392 -25.77 -11.03 -21.35
C GLU B 392 -25.12 -10.81 -19.98
N ILE B 393 -25.94 -10.88 -18.93
CA ILE B 393 -25.41 -10.75 -17.58
C ILE B 393 -24.67 -12.02 -17.21
N GLU B 394 -23.49 -11.84 -16.64
CA GLU B 394 -22.57 -12.91 -16.29
C GLU B 394 -22.12 -12.68 -14.86
N LEU B 395 -22.14 -13.75 -14.08
CA LEU B 395 -21.63 -13.72 -12.72
C LEU B 395 -20.18 -14.21 -12.79
N PHE B 396 -19.24 -13.37 -12.35
CA PHE B 396 -17.83 -13.71 -12.51
C PHE B 396 -17.25 -14.10 -11.14
N GLN B 397 -16.58 -13.20 -10.45
CA GLN B 397 -15.97 -13.55 -9.17
C GLN B 397 -16.71 -12.82 -8.07
N GLY B 398 -17.92 -13.32 -7.77
CA GLY B 398 -18.83 -12.61 -6.89
C GLY B 398 -19.23 -11.24 -7.37
N ARG B 399 -19.16 -10.97 -8.67
CA ARG B 399 -19.58 -9.68 -9.23
C ARG B 399 -20.28 -9.90 -10.57
N SER B 400 -21.07 -8.89 -10.95
CA SER B 400 -21.91 -8.92 -12.15
C SER B 400 -21.26 -8.16 -13.29
N TYR B 401 -21.21 -8.80 -14.46
CA TYR B 401 -20.67 -8.20 -15.67
C TYR B 401 -21.62 -8.46 -16.82
N LYS B 402 -21.48 -7.69 -17.88
CA LYS B 402 -22.06 -8.09 -19.15
C LYS B 402 -20.94 -8.66 -20.02
N SER B 403 -21.22 -9.80 -20.65
CA SER B 403 -20.28 -10.40 -21.58
C SER B 403 -20.93 -10.50 -22.96
N TYR B 404 -20.09 -10.68 -23.97
CA TYR B 404 -20.52 -10.69 -25.37
C TYR B 404 -19.91 -11.87 -26.14
N ARG B 442 -15.38 -7.77 -20.71
CA ARG B 442 -15.94 -7.83 -19.36
C ARG B 442 -16.30 -6.45 -18.83
N VAL B 443 -17.55 -6.04 -19.05
CA VAL B 443 -18.07 -4.75 -18.60
C VAL B 443 -18.86 -4.96 -17.32
N PRO B 444 -18.65 -4.15 -16.27
CA PRO B 444 -19.48 -4.28 -15.06
C PRO B 444 -20.94 -3.98 -15.33
N TYR B 445 -21.80 -4.72 -14.62
CA TYR B 445 -23.24 -4.59 -14.82
C TYR B 445 -23.75 -3.36 -14.07
N LYS B 446 -24.48 -2.48 -14.76
CA LYS B 446 -24.86 -1.18 -14.19
C LYS B 446 -26.34 -1.03 -13.90
N GLY B 447 -27.13 -2.09 -14.01
CA GLY B 447 -28.57 -1.89 -13.78
C GLY B 447 -29.31 -1.10 -14.88
N ALA B 448 -30.44 -0.53 -14.47
CA ALA B 448 -31.35 0.11 -15.42
C ALA B 448 -30.77 1.42 -15.94
N LEU B 449 -30.97 1.66 -17.24
CA LEU B 449 -30.48 2.90 -17.84
C LEU B 449 -31.15 4.12 -17.21
N SER B 450 -32.43 4.01 -16.83
CA SER B 450 -33.15 5.15 -16.27
C SER B 450 -32.44 5.76 -15.07
N ALA B 451 -31.77 4.94 -14.25
CA ALA B 451 -31.11 5.49 -13.07
C ALA B 451 -29.89 6.32 -13.44
N ILE B 452 -29.20 5.95 -14.51
CA ILE B 452 -28.05 6.74 -14.97
C ILE B 452 -28.53 8.04 -15.59
N VAL B 453 -29.55 7.95 -16.44
CA VAL B 453 -30.12 9.16 -17.05
C VAL B 453 -30.58 10.11 -15.98
N HIS B 454 -31.23 9.58 -14.94
CA HIS B 454 -31.76 10.41 -13.85
C HIS B 454 -30.65 11.15 -13.12
N GLN B 455 -29.51 10.49 -12.90
CA GLN B 455 -28.42 11.17 -12.22
C GLN B 455 -27.79 12.22 -13.12
N LEU B 456 -27.63 11.93 -14.40
CA LEU B 456 -27.04 12.90 -15.33
C LEU B 456 -27.93 14.13 -15.45
N MET B 457 -29.22 13.92 -15.70
CA MET B 457 -30.12 15.05 -15.81
C MET B 457 -30.33 15.73 -14.47
N GLY B 458 -30.23 14.98 -13.37
CA GLY B 458 -30.27 15.60 -12.06
C GLY B 458 -29.15 16.60 -11.86
N GLY B 459 -27.95 16.25 -12.31
CA GLY B 459 -26.81 17.16 -12.16
C GLY B 459 -26.91 18.36 -13.08
N LEU B 460 -27.39 18.14 -14.32
CA LEU B 460 -27.61 19.24 -15.23
C LEU B 460 -28.64 20.21 -14.66
N ARG B 461 -29.76 19.68 -14.16
CA ARG B 461 -30.74 20.53 -13.49
C ARG B 461 -30.11 21.29 -12.32
N ALA B 462 -29.25 20.63 -11.55
CA ALA B 462 -28.55 21.33 -10.47
C ALA B 462 -27.71 22.49 -11.01
N ALA B 463 -26.94 22.25 -12.08
CA ALA B 463 -26.12 23.32 -12.64
C ALA B 463 -26.98 24.46 -13.17
N MET B 464 -28.15 24.15 -13.75
CA MET B 464 -29.05 25.20 -14.22
C MET B 464 -29.64 26.00 -13.06
N GLY B 465 -29.89 25.32 -11.93
CA GLY B 465 -30.23 26.05 -10.71
C GLY B 465 -29.15 27.01 -10.26
N TYR B 466 -27.90 26.56 -10.22
CA TYR B 466 -26.81 27.43 -9.74
C TYR B 466 -26.57 28.62 -10.66
N THR B 467 -26.77 28.46 -11.96
CA THR B 467 -26.51 29.54 -12.89
C THR B 467 -27.74 30.39 -13.17
N GLY B 468 -28.89 30.04 -12.58
CA GLY B 468 -30.13 30.72 -12.89
C GLY B 468 -30.63 30.53 -14.32
N SER B 469 -30.32 29.41 -14.94
CA SER B 469 -30.76 29.16 -16.31
C SER B 469 -32.10 28.42 -16.28
N ALA B 470 -33.10 29.00 -16.91
CA ALA B 470 -34.42 28.39 -16.85
C ALA B 470 -34.67 27.40 -17.99
N ASP B 471 -33.82 27.37 -19.01
CA ASP B 471 -33.98 26.48 -20.16
C ASP B 471 -32.64 26.35 -20.85
N ILE B 472 -32.58 25.43 -21.84
CA ILE B 472 -31.30 25.10 -22.45
C ILE B 472 -30.71 26.30 -23.20
N GLN B 473 -31.57 27.04 -23.91
CA GLN B 473 -31.09 28.19 -24.65
C GLN B 473 -30.39 29.21 -23.74
N GLN B 474 -30.94 29.44 -22.54
CA GLN B 474 -30.25 30.31 -21.59
C GLN B 474 -28.96 29.68 -21.11
N MET B 475 -29.01 28.37 -20.84
CA MET B 475 -27.84 27.68 -20.32
C MET B 475 -26.69 27.71 -21.31
N ARG B 476 -27.01 27.74 -22.61
CA ARG B 476 -25.99 27.71 -23.65
C ARG B 476 -25.36 29.06 -23.89
N THR B 477 -26.05 30.16 -23.51
CA THR B 477 -25.65 31.49 -23.93
C THR B 477 -25.39 32.47 -22.80
N GLN B 478 -25.78 32.18 -21.56
CA GLN B 478 -25.68 33.22 -20.53
C GLN B 478 -24.60 32.94 -19.49
N PRO B 479 -24.52 31.73 -18.93
CA PRO B 479 -23.61 31.52 -17.81
C PRO B 479 -22.15 31.69 -18.21
N GLN B 480 -21.30 31.93 -17.20
CA GLN B 480 -19.87 32.13 -17.38
C GLN B 480 -19.04 31.10 -16.59
N PHE B 481 -17.84 30.84 -17.10
CA PHE B 481 -16.83 30.04 -16.40
C PHE B 481 -15.78 30.90 -15.72
N VAL B 482 -15.13 30.32 -14.73
CA VAL B 482 -13.80 30.73 -14.31
C VAL B 482 -12.79 29.71 -14.83
N ARG B 483 -11.63 30.19 -15.21
CA ARG B 483 -10.49 29.36 -15.52
C ARG B 483 -9.74 29.11 -14.21
N ILE B 484 -9.37 27.85 -13.95
CA ILE B 484 -8.65 27.48 -12.73
C ILE B 484 -7.31 26.85 -13.12
N THR B 485 -6.45 26.65 -12.11
CA THR B 485 -5.08 26.19 -12.32
C THR B 485 -4.86 24.70 -12.02
N GLY B 486 -5.71 24.06 -11.22
CA GLY B 486 -5.36 22.78 -10.59
C GLY B 486 -4.09 22.77 -9.73
N MET C 21 20.46 -37.61 17.33
CA MET C 21 20.73 -37.22 18.72
C MET C 21 20.44 -35.75 18.97
N LEU C 22 19.64 -35.14 18.10
CA LEU C 22 19.12 -33.79 18.35
C LEU C 22 18.24 -33.81 19.60
N ARG C 23 18.47 -32.86 20.51
CA ARG C 23 17.86 -32.90 21.85
C ARG C 23 16.58 -32.07 21.87
N ILE C 24 15.49 -32.68 21.42
CA ILE C 24 14.19 -32.03 21.42
C ILE C 24 13.38 -32.54 22.61
N SER C 25 13.04 -31.63 23.53
CA SER C 25 12.23 -32.02 24.68
C SER C 25 10.83 -32.45 24.26
N GLN C 26 10.17 -31.65 23.42
CA GLN C 26 8.77 -31.84 23.08
C GLN C 26 8.43 -30.88 21.96
N GLU C 27 7.27 -31.11 21.33
CA GLU C 27 6.64 -30.06 20.53
C GLU C 27 5.89 -29.11 21.45
N ALA C 28 6.01 -27.81 21.18
CA ALA C 28 5.37 -26.80 22.02
C ALA C 28 4.35 -26.02 21.21
N LEU C 29 3.19 -25.74 21.83
CA LEU C 29 2.06 -25.13 21.17
C LEU C 29 1.89 -23.69 21.63
N THR C 30 1.60 -22.79 20.68
CA THR C 30 1.19 -21.43 21.01
C THR C 30 -0.34 -21.28 20.80
N PHE C 31 -0.83 -20.05 21.00
CA PHE C 31 -2.28 -19.81 21.00
C PHE C 31 -2.93 -20.20 19.68
N ASP C 32 -2.29 -19.88 18.56
CA ASP C 32 -2.90 -20.18 17.26
C ASP C 32 -2.86 -21.66 16.87
N ASP C 33 -2.25 -22.52 17.68
CA ASP C 33 -2.25 -23.95 17.38
C ASP C 33 -3.50 -24.65 17.89
N VAL C 34 -4.30 -24.00 18.76
CA VAL C 34 -5.35 -24.70 19.49
C VAL C 34 -6.63 -23.86 19.50
N LEU C 35 -7.77 -24.54 19.66
CA LEU C 35 -9.04 -23.88 19.92
C LEU C 35 -9.78 -24.62 21.02
N LEU C 36 -10.68 -23.92 21.69
CA LEU C 36 -11.53 -24.56 22.71
C LEU C 36 -12.71 -25.28 22.08
N ILE C 37 -12.98 -26.47 22.58
CA ILE C 37 -14.10 -27.30 22.15
C ILE C 37 -15.35 -26.91 22.93
N PRO C 38 -16.46 -26.62 22.27
CA PRO C 38 -17.68 -26.35 23.03
C PRO C 38 -18.13 -27.59 23.79
N GLY C 39 -18.60 -27.37 25.02
CA GLY C 39 -19.14 -28.45 25.83
C GLY C 39 -20.50 -28.07 26.40
N TYR C 40 -21.18 -29.07 26.95
CA TYR C 40 -22.53 -28.86 27.50
C TYR C 40 -22.54 -27.68 28.48
N SER C 41 -23.50 -26.78 28.29
CA SER C 41 -23.52 -25.53 29.06
C SER C 41 -24.89 -25.24 29.63
N GLU C 42 -24.94 -24.87 30.91
CA GLU C 42 -26.18 -24.34 31.46
C GLU C 42 -26.02 -23.02 32.21
N VAL C 43 -24.88 -22.35 32.10
CA VAL C 43 -24.68 -21.05 32.74
C VAL C 43 -24.47 -20.02 31.66
N LEU C 44 -25.12 -18.87 31.80
CA LEU C 44 -25.00 -17.77 30.85
C LEU C 44 -23.73 -16.96 31.13
N PRO C 45 -23.06 -16.48 30.08
CA PRO C 45 -21.85 -15.66 30.25
C PRO C 45 -21.99 -14.59 31.32
N LYS C 46 -23.17 -13.93 31.38
CA LYS C 46 -23.33 -12.86 32.36
C LYS C 46 -23.32 -13.39 33.79
N ASP C 47 -23.50 -14.70 33.98
CA ASP C 47 -23.66 -15.29 35.30
C ASP C 47 -22.43 -16.05 35.79
N VAL C 48 -21.37 -16.18 34.99
CA VAL C 48 -20.21 -16.92 35.46
C VAL C 48 -19.41 -16.06 36.43
N SER C 49 -18.62 -16.72 37.28
CA SER C 49 -17.76 -16.07 38.25
C SER C 49 -16.35 -15.95 37.68
N LEU C 50 -15.78 -14.75 37.75
CA LEU C 50 -14.41 -14.51 37.29
C LEU C 50 -13.40 -14.41 38.44
N LYS C 51 -13.83 -14.62 39.69
CA LYS C 51 -12.91 -14.54 40.82
C LYS C 51 -11.78 -15.55 40.68
N THR C 52 -10.58 -15.13 41.06
CA THR C 52 -9.39 -15.96 40.94
C THR C 52 -8.38 -15.48 41.97
N ARG C 53 -7.17 -16.02 41.94
CA ARG C 53 -6.15 -15.50 42.84
C ARG C 53 -4.91 -15.09 42.06
N LEU C 54 -4.32 -13.99 42.50
CA LEU C 54 -3.06 -13.54 41.98
C LEU C 54 -1.90 -14.25 42.65
N THR C 55 -2.04 -14.54 43.94
CA THR C 55 -1.00 -15.15 44.75
C THR C 55 -1.68 -16.01 45.80
N ARG C 56 -0.89 -16.84 46.48
CA ARG C 56 -1.34 -17.56 47.66
C ARG C 56 -2.33 -16.74 48.50
N GLY C 57 -2.05 -15.45 48.71
CA GLY C 57 -2.83 -14.64 49.63
C GLY C 57 -3.65 -13.48 49.07
N ILE C 58 -3.60 -13.20 47.77
CA ILE C 58 -4.32 -12.08 47.18
C ILE C 58 -5.37 -12.61 46.21
N GLU C 59 -6.63 -12.31 46.49
CA GLU C 59 -7.74 -12.66 45.60
C GLU C 59 -8.07 -11.50 44.67
N LEU C 60 -8.38 -11.83 43.42
CA LEU C 60 -8.82 -10.86 42.43
C LEU C 60 -10.24 -11.21 41.96
N ASN C 61 -11.02 -10.17 41.66
CA ASN C 61 -12.35 -10.37 41.10
C ASN C 61 -12.34 -10.59 39.59
N ILE C 62 -11.31 -10.13 38.88
CA ILE C 62 -11.11 -10.51 37.48
C ILE C 62 -9.66 -10.94 37.28
N PRO C 63 -9.37 -11.83 36.34
CA PRO C 63 -8.00 -12.36 36.21
C PRO C 63 -7.15 -11.51 35.28
N LEU C 64 -7.01 -10.22 35.61
CA LEU C 64 -6.26 -9.24 34.83
C LEU C 64 -5.23 -8.52 35.69
N VAL C 65 -4.02 -8.39 35.14
CA VAL C 65 -2.90 -7.72 35.79
C VAL C 65 -2.23 -6.84 34.73
N SER C 66 -1.93 -5.59 35.08
CA SER C 66 -1.18 -4.71 34.18
C SER C 66 0.32 -4.87 34.41
N ALA C 67 1.09 -4.85 33.32
CA ALA C 67 2.51 -5.14 33.38
C ALA C 67 3.31 -3.97 33.92
N ALA C 68 4.45 -4.30 34.53
CA ALA C 68 5.35 -3.29 35.07
C ALA C 68 6.22 -2.71 33.95
N MET C 69 5.56 -2.04 33.01
CA MET C 69 6.23 -1.30 31.95
C MET C 69 6.00 0.19 32.13
N ASP C 70 7.01 0.98 31.75
CA ASP C 70 6.94 2.42 31.99
C ASP C 70 6.01 3.14 31.01
N THR C 71 5.48 2.44 30.00
CA THR C 71 4.39 2.96 29.20
C THR C 71 3.03 2.41 29.66
N VAL C 72 2.97 1.71 30.79
CA VAL C 72 1.72 1.06 31.17
C VAL C 72 1.29 1.42 32.59
N THR C 73 2.08 1.06 33.60
CA THR C 73 1.57 1.09 34.97
C THR C 73 2.37 2.06 35.85
N GLU C 74 1.75 3.20 36.15
CA GLU C 74 2.07 4.00 37.34
C GLU C 74 0.79 4.16 38.16
N ALA C 75 0.79 5.08 39.12
CA ALA C 75 -0.29 5.13 40.09
C ALA C 75 -1.64 5.17 39.38
N ARG C 76 -1.78 6.09 38.42
CA ARG C 76 -3.10 6.33 37.83
C ARG C 76 -3.70 5.05 37.27
N LEU C 77 -2.94 4.30 36.48
CA LEU C 77 -3.50 3.08 35.89
C LEU C 77 -3.60 1.94 36.91
N ALA C 78 -2.67 1.87 37.88
CA ALA C 78 -2.82 0.89 38.96
C ALA C 78 -4.12 1.09 39.72
N ILE C 79 -4.52 2.35 39.94
CA ILE C 79 -5.79 2.61 40.63
C ILE C 79 -6.95 2.11 39.79
N ALA C 80 -6.94 2.41 38.50
CA ALA C 80 -8.04 1.97 37.64
C ALA C 80 -8.08 0.45 37.52
N MET C 81 -6.91 -0.21 37.49
CA MET C 81 -6.90 -1.67 37.46
C MET C 81 -7.55 -2.26 38.71
N ALA C 82 -7.16 -1.74 39.88
CA ALA C 82 -7.68 -2.29 41.13
C ALA C 82 -9.18 -2.02 41.26
N GLN C 83 -9.64 -0.85 40.81
CA GLN C 83 -11.08 -0.56 40.79
C GLN C 83 -11.84 -1.54 39.90
N GLU C 84 -11.22 -2.01 38.82
CA GLU C 84 -11.84 -2.99 37.94
C GLU C 84 -11.90 -4.38 38.57
N GLY C 85 -11.17 -4.63 39.65
CA GLY C 85 -11.06 -5.95 40.24
C GLY C 85 -9.81 -6.72 39.87
N GLY C 86 -8.83 -6.09 39.22
CA GLY C 86 -7.54 -6.69 38.99
C GLY C 86 -6.49 -6.01 39.84
N ILE C 87 -5.28 -5.83 39.30
CA ILE C 87 -4.20 -5.16 40.00
C ILE C 87 -3.19 -4.66 38.98
N GLY C 88 -2.45 -3.62 39.35
CA GLY C 88 -1.35 -3.12 38.54
C GLY C 88 0.00 -3.30 39.22
N ILE C 89 1.02 -3.63 38.44
CA ILE C 89 2.39 -3.72 38.94
C ILE C 89 3.11 -2.45 38.52
N ILE C 90 3.37 -1.55 39.47
CA ILE C 90 4.10 -0.33 39.16
C ILE C 90 5.53 -0.65 38.72
N HIS C 91 5.98 0.01 37.65
CA HIS C 91 7.28 -0.27 37.05
C HIS C 91 8.43 0.29 37.89
N LYS C 92 9.63 -0.24 37.65
CA LYS C 92 10.81 0.08 38.44
C LYS C 92 11.79 0.97 37.69
N ASN C 93 11.41 1.50 36.53
CA ASN C 93 12.29 2.39 35.78
C ASN C 93 12.17 3.80 36.32
N MET C 94 12.49 3.94 37.61
CA MET C 94 12.39 5.21 38.30
C MET C 94 13.10 5.04 39.64
N GLY C 95 13.34 6.16 40.31
CA GLY C 95 14.05 6.11 41.57
C GLY C 95 13.24 5.42 42.66
N ILE C 96 13.98 4.94 43.68
CA ILE C 96 13.34 4.23 44.78
C ILE C 96 12.25 5.09 45.41
N GLU C 97 12.59 6.32 45.80
CA GLU C 97 11.57 7.14 46.44
C GLU C 97 10.42 7.46 45.48
N GLN C 98 10.73 7.71 44.20
CA GLN C 98 9.68 7.92 43.22
C GLN C 98 8.71 6.73 43.16
N GLN C 99 9.24 5.50 43.21
CA GLN C 99 8.39 4.34 43.05
C GLN C 99 7.54 4.10 44.30
N ALA C 100 8.16 4.26 45.48
CA ALA C 100 7.42 4.15 46.72
C ALA C 100 6.29 5.17 46.77
N ALA C 101 6.56 6.38 46.25
CA ALA C 101 5.54 7.41 46.24
C ALA C 101 4.35 7.02 45.36
N GLU C 102 4.60 6.33 44.25
CA GLU C 102 3.51 5.88 43.40
C GLU C 102 2.63 4.88 44.13
N VAL C 103 3.24 3.89 44.80
CA VAL C 103 2.51 2.97 45.66
C VAL C 103 1.66 3.74 46.68
N ARG C 104 2.26 4.76 47.31
CA ARG C 104 1.52 5.56 48.29
C ARG C 104 0.31 6.24 47.65
N LYS C 105 0.45 6.72 46.41
CA LYS C 105 -0.69 7.37 45.77
C LYS C 105 -1.85 6.40 45.65
N VAL C 106 -1.58 5.13 45.36
CA VAL C 106 -2.62 4.12 45.22
C VAL C 106 -3.22 3.76 46.59
N LYS C 107 -2.37 3.52 47.59
CA LYS C 107 -2.86 3.08 48.89
C LYS C 107 -3.69 4.14 49.60
N LYS C 108 -3.59 5.40 49.19
CA LYS C 108 -4.32 6.48 49.83
C LYS C 108 -5.51 6.99 49.02
N HIS C 109 -5.76 6.44 47.84
CA HIS C 109 -6.74 6.98 46.90
C HIS C 109 -8.17 6.69 47.35
N GLU C 110 -8.92 7.75 47.65
CA GLU C 110 -10.38 7.68 47.87
C GLU C 110 -10.76 6.65 48.93
N THR C 111 -9.97 6.60 50.00
CA THR C 111 -10.34 5.77 51.13
C THR C 111 -11.43 6.44 51.93
N ALA C 112 -12.30 5.62 52.52
CA ALA C 112 -13.29 6.14 53.46
C ALA C 112 -12.62 6.88 54.61
N ILE C 113 -11.43 6.45 55.02
CA ILE C 113 -10.74 6.98 56.19
C ILE C 113 -9.43 7.63 55.75
N VAL C 114 -9.30 8.92 55.99
CA VAL C 114 -8.08 9.66 55.68
C VAL C 114 -7.08 9.48 56.82
N ARG C 115 -5.93 8.87 56.51
CA ARG C 115 -4.96 8.56 57.54
C ARG C 115 -4.27 9.81 58.08
N ASP C 116 -3.53 10.50 57.20
CA ASP C 116 -2.72 11.64 57.64
C ASP C 116 -3.37 12.95 57.20
N PRO C 117 -4.36 13.45 57.93
CA PRO C 117 -5.01 14.71 57.56
C PRO C 117 -4.27 15.92 58.11
N VAL C 118 -4.50 17.06 57.45
CA VAL C 118 -3.89 18.31 57.86
C VAL C 118 -4.47 18.74 59.20
N THR C 119 -3.61 19.18 60.11
CA THR C 119 -4.01 19.36 61.51
C THR C 119 -3.46 20.63 62.19
N ILE C 127 -4.08 33.19 62.19
CA ILE C 127 -3.43 33.68 60.98
C ILE C 127 -2.90 32.52 60.16
N GLU C 128 -2.03 31.71 60.76
CA GLU C 128 -1.56 30.51 60.08
C GLU C 128 -2.72 29.60 59.71
N LEU C 129 -3.72 29.51 60.59
CA LEU C 129 -4.90 28.70 60.30
C LEU C 129 -5.63 29.22 59.07
N LEU C 130 -5.91 30.53 59.04
CA LEU C 130 -6.65 31.10 57.92
C LEU C 130 -5.89 30.97 56.61
N GLN C 131 -4.56 31.08 56.65
CA GLN C 131 -3.77 30.88 55.44
C GLN C 131 -3.96 29.46 54.90
N MET C 132 -3.97 28.47 55.80
CA MET C 132 -4.21 27.10 55.38
C MET C 132 -5.63 26.94 54.82
N ALA C 133 -6.56 27.79 55.24
CA ALA C 133 -7.92 27.73 54.72
C ALA C 133 -8.02 28.32 53.32
N ARG C 134 -7.13 29.27 52.98
CA ARG C 134 -7.16 29.86 51.65
C ARG C 134 -6.92 28.81 50.58
N GLU C 135 -6.10 27.80 50.87
CA GLU C 135 -5.83 26.73 49.93
C GLU C 135 -6.55 25.43 50.28
N TYR C 136 -6.79 25.16 51.56
CA TYR C 136 -7.36 23.89 52.00
C TYR C 136 -8.85 23.95 52.30
N GLY C 137 -9.41 25.15 52.44
CA GLY C 137 -10.82 25.29 52.73
C GLY C 137 -11.11 25.31 54.22
N PHE C 138 -12.37 25.05 54.56
CA PHE C 138 -12.85 25.10 55.94
C PHE C 138 -13.57 23.82 56.33
N THR C 154 -14.05 24.50 63.52
CA THR C 154 -14.95 24.55 62.37
C THR C 154 -15.05 25.97 61.82
N GLY C 155 -15.76 26.11 60.69
CA GLY C 155 -16.01 27.43 60.15
C GLY C 155 -16.91 28.27 61.04
N ARG C 156 -17.92 27.64 61.66
CA ARG C 156 -18.77 28.36 62.59
C ARG C 156 -17.99 28.90 63.78
N ASP C 157 -16.87 28.26 64.13
CA ASP C 157 -16.03 28.71 65.23
C ASP C 157 -15.19 29.92 64.89
N LEU C 158 -15.29 30.44 63.66
CA LEU C 158 -14.63 31.69 63.28
C LEU C 158 -15.68 32.77 62.99
N MET C 172 -12.35 28.17 69.52
CA MET C 172 -12.40 26.81 68.99
C MET C 172 -13.55 25.99 69.60
N THR C 173 -13.43 24.66 69.54
CA THR C 173 -14.43 23.73 70.02
C THR C 173 -13.89 22.87 71.16
N PRO C 174 -14.77 22.19 71.91
CA PRO C 174 -14.30 21.41 73.07
C PRO C 174 -14.11 19.94 72.77
N LYS C 175 -13.24 19.27 73.54
CA LYS C 175 -13.07 17.83 73.38
C LYS C 175 -14.39 17.08 73.56
N ASP C 176 -15.19 17.48 74.57
CA ASP C 176 -16.39 16.73 74.91
C ASP C 176 -17.38 16.68 73.75
N LYS C 177 -17.48 17.77 72.97
CA LYS C 177 -18.42 17.79 71.84
C LYS C 177 -17.88 17.04 70.63
N LEU C 178 -16.55 16.94 70.49
CA LEU C 178 -15.94 16.28 69.34
C LEU C 178 -16.46 14.86 69.16
N VAL C 179 -17.53 14.71 68.37
CA VAL C 179 -18.02 13.37 68.05
C VAL C 179 -16.93 12.59 67.33
N THR C 180 -16.77 11.32 67.70
CA THR C 180 -15.69 10.49 67.16
C THR C 180 -16.14 9.06 66.85
N GLY C 184 -11.51 1.67 64.38
CA GLY C 184 -11.61 0.55 63.48
C GLY C 184 -12.99 -0.07 63.44
N THR C 185 -13.96 0.62 64.06
CA THR C 185 -15.33 0.14 64.04
C THR C 185 -15.84 0.03 62.59
N PRO C 186 -16.83 -0.82 62.33
CA PRO C 186 -17.32 -1.00 60.96
C PRO C 186 -17.83 0.32 60.38
N LEU C 187 -17.75 0.43 59.05
CA LEU C 187 -18.09 1.69 58.38
C LEU C 187 -19.59 1.96 58.44
N GLU C 188 -20.44 0.92 58.39
CA GLU C 188 -21.87 1.14 58.50
C GLU C 188 -22.26 1.66 59.88
N GLU C 189 -21.50 1.27 60.92
CA GLU C 189 -21.75 1.80 62.25
C GLU C 189 -21.34 3.27 62.35
N MET C 190 -20.37 3.69 61.55
CA MET C 190 -20.02 5.11 61.49
C MET C 190 -21.01 5.90 60.65
N LYS C 191 -21.51 5.30 59.55
CA LYS C 191 -22.53 5.97 58.74
C LYS C 191 -23.86 6.07 59.47
N ALA C 192 -24.14 5.11 60.36
CA ALA C 192 -25.30 5.25 61.25
C ALA C 192 -25.02 6.28 62.34
N LYS C 193 -23.81 6.26 62.92
CA LYS C 193 -23.46 7.25 63.92
C LYS C 193 -23.55 8.66 63.34
N LEU C 194 -23.02 8.86 62.14
CA LEU C 194 -23.08 10.17 61.49
C LEU C 194 -24.52 10.60 61.25
N TYR C 195 -25.37 9.69 60.74
CA TYR C 195 -26.73 10.07 60.45
C TYR C 195 -27.46 10.52 61.71
N GLU C 196 -27.25 9.81 62.83
CA GLU C 196 -27.97 10.17 64.05
C GLU C 196 -27.56 11.54 64.56
N ASN C 197 -26.27 11.88 64.48
CA ASN C 197 -25.80 13.16 64.96
C ASN C 197 -26.10 14.31 64.00
N ARG C 198 -26.65 14.02 62.81
CA ARG C 198 -26.97 15.07 61.83
C ARG C 198 -25.69 15.77 61.36
N ILE C 199 -24.62 15.01 61.14
CA ILE C 199 -23.31 15.58 60.86
C ILE C 199 -22.75 14.94 59.60
N GLU C 200 -21.62 15.49 59.14
CA GLU C 200 -20.99 15.11 57.89
C GLU C 200 -19.60 14.50 58.06
N LYS C 201 -18.88 14.87 59.10
CA LYS C 201 -17.51 14.42 59.33
C LYS C 201 -17.39 13.98 60.79
N MET C 202 -16.39 13.13 61.05
CA MET C 202 -16.06 12.77 62.43
C MET C 202 -14.71 12.06 62.43
N LEU C 203 -14.05 12.09 63.59
CA LEU C 203 -12.67 11.64 63.68
C LEU C 203 -12.53 10.24 64.27
N LEU C 214 -9.62 10.46 60.23
CA LEU C 214 -10.76 11.26 59.81
C LEU C 214 -11.67 10.50 58.84
N VAL C 215 -12.99 10.68 59.00
CA VAL C 215 -13.98 10.10 58.09
C VAL C 215 -14.99 11.17 57.73
N THR C 216 -15.74 10.92 56.64
CA THR C 216 -16.73 11.86 56.14
C THR C 216 -17.81 11.08 55.41
N PHE C 217 -19.05 11.59 55.47
CA PHE C 217 -20.15 10.93 54.80
C PHE C 217 -19.87 10.75 53.32
N ARG C 218 -19.40 11.81 52.66
CA ARG C 218 -19.17 11.74 51.22
C ARG C 218 -18.19 10.63 50.86
N ASP C 219 -17.14 10.46 51.68
CA ASP C 219 -16.09 9.48 51.34
C ASP C 219 -16.54 8.04 51.55
N ILE C 220 -17.46 7.80 52.49
CA ILE C 220 -18.02 6.46 52.65
C ILE C 220 -18.83 6.08 51.42
N GLU C 221 -19.70 6.99 50.96
CA GLU C 221 -20.57 6.66 49.83
C GLU C 221 -19.79 6.51 48.53
N LYS C 222 -18.66 7.21 48.40
CA LYS C 222 -17.85 7.11 47.19
C LYS C 222 -17.03 5.83 47.16
N ALA C 223 -16.61 5.33 48.33
CA ALA C 223 -15.90 4.06 48.40
C ALA C 223 -16.78 2.86 48.04
N LYS C 224 -18.05 3.09 47.72
CA LYS C 224 -18.93 2.05 47.21
C LYS C 224 -19.18 2.20 45.72
N THR C 225 -18.46 3.11 45.05
CA THR C 225 -18.59 3.29 43.60
C THR C 225 -18.12 2.08 42.80
N TYR C 226 -17.20 1.26 43.35
CA TYR C 226 -16.62 0.13 42.65
C TYR C 226 -16.72 -1.12 43.53
N PRO C 227 -17.85 -1.81 43.51
CA PRO C 227 -18.01 -2.96 44.40
C PRO C 227 -17.02 -4.08 44.13
N LEU C 228 -16.51 -4.20 42.90
CA LEU C 228 -15.56 -5.28 42.60
C LEU C 228 -14.12 -4.96 43.00
N ALA C 229 -13.85 -3.78 43.56
CA ALA C 229 -12.47 -3.30 43.65
C ALA C 229 -11.58 -4.23 44.47
N SER C 230 -10.34 -4.38 44.02
CA SER C 230 -9.33 -5.14 44.75
C SER C 230 -8.83 -4.29 45.92
N LYS C 231 -9.13 -4.71 47.15
CA LYS C 231 -8.79 -3.94 48.34
C LYS C 231 -8.16 -4.83 49.40
N ASP C 232 -7.23 -4.26 50.17
CA ASP C 232 -6.62 -5.01 51.25
C ASP C 232 -7.52 -4.97 52.48
N GLU C 233 -7.04 -5.54 53.58
CA GLU C 233 -7.88 -5.73 54.75
C GLU C 233 -8.23 -4.41 55.44
N GLN C 234 -7.53 -3.33 55.12
CA GLN C 234 -7.87 -2.01 55.61
C GLN C 234 -8.69 -1.21 54.61
N GLY C 235 -9.23 -1.87 53.59
CA GLY C 235 -10.02 -1.18 52.59
C GLY C 235 -9.25 -0.29 51.65
N ARG C 236 -7.93 -0.48 51.52
CA ARG C 236 -7.14 0.27 50.55
C ARG C 236 -6.99 -0.54 49.27
N LEU C 237 -7.06 0.15 48.14
CA LEU C 237 -6.81 -0.48 46.85
C LEU C 237 -5.49 -1.24 46.87
N ARG C 238 -5.49 -2.43 46.28
CA ARG C 238 -4.28 -3.24 46.20
C ARG C 238 -3.38 -2.76 45.08
N VAL C 239 -2.08 -3.01 45.25
CA VAL C 239 -1.09 -2.63 44.23
C VAL C 239 0.15 -3.47 44.44
N GLY C 240 0.86 -3.73 43.33
CA GLY C 240 2.15 -4.36 43.36
C GLY C 240 3.20 -3.43 42.78
N ALA C 241 4.46 -3.82 42.95
CA ALA C 241 5.59 -3.08 42.41
C ALA C 241 6.69 -4.06 42.02
N ALA C 242 7.40 -3.77 40.94
CA ALA C 242 8.47 -4.61 40.42
C ALA C 242 9.82 -4.24 41.02
N VAL C 243 10.69 -5.25 41.15
CA VAL C 243 12.09 -5.06 41.51
C VAL C 243 12.93 -6.03 40.68
N GLY C 244 14.22 -5.73 40.60
CA GLY C 244 15.12 -6.60 39.88
C GLY C 244 16.05 -7.35 40.81
N THR C 245 17.31 -7.49 40.40
CA THR C 245 18.33 -8.12 41.24
C THR C 245 19.58 -7.27 41.40
N GLY C 246 19.62 -6.06 40.83
CA GLY C 246 20.75 -5.18 41.03
C GLY C 246 21.04 -4.86 42.49
N ALA C 247 22.07 -4.03 42.73
CA ALA C 247 22.58 -3.84 44.08
C ALA C 247 21.60 -3.08 44.97
N ASP C 248 20.77 -2.20 44.42
CA ASP C 248 19.90 -1.40 45.26
C ASP C 248 18.56 -2.07 45.53
N THR C 249 18.43 -3.36 45.20
CA THR C 249 17.14 -4.03 45.28
C THR C 249 16.64 -4.12 46.71
N GLY C 250 17.52 -4.42 47.66
CA GLY C 250 17.12 -4.48 49.05
C GLY C 250 16.51 -3.19 49.53
N GLU C 251 17.17 -2.06 49.26
CA GLU C 251 16.62 -0.78 49.68
C GLU C 251 15.28 -0.50 48.99
N ARG C 252 15.13 -0.96 47.74
CA ARG C 252 13.88 -0.71 47.03
C ARG C 252 12.75 -1.54 47.61
N VAL C 253 13.02 -2.81 47.87
CA VAL C 253 11.99 -3.66 48.48
C VAL C 253 11.57 -3.10 49.82
N ALA C 254 12.54 -2.69 50.65
CA ALA C 254 12.17 -2.13 51.95
C ALA C 254 11.30 -0.89 51.76
N ALA C 255 11.66 -0.03 50.81
CA ALA C 255 10.89 1.19 50.63
C ALA C 255 9.48 0.87 50.17
N LEU C 256 9.34 -0.13 49.28
CA LEU C 256 8.04 -0.52 48.78
C LEU C 256 7.17 -1.13 49.88
N VAL C 257 7.76 -2.00 50.71
CA VAL C 257 7.03 -2.59 51.82
C VAL C 257 6.59 -1.52 52.81
N ALA C 258 7.42 -0.49 53.03
CA ALA C 258 7.03 0.56 53.96
C ALA C 258 5.91 1.44 53.40
N ALA C 259 5.80 1.53 52.07
CA ALA C 259 4.70 2.31 51.51
C ALA C 259 3.41 1.51 51.46
N GLY C 260 3.44 0.24 51.87
CA GLY C 260 2.22 -0.54 51.94
C GLY C 260 1.92 -1.36 50.72
N VAL C 261 2.91 -1.61 49.88
CA VAL C 261 2.70 -2.44 48.70
C VAL C 261 2.18 -3.83 49.09
N ASP C 262 1.31 -4.39 48.27
CA ASP C 262 0.71 -5.68 48.59
C ASP C 262 1.53 -6.85 48.08
N VAL C 263 2.28 -6.65 47.01
CA VAL C 263 2.98 -7.75 46.36
C VAL C 263 4.21 -7.18 45.68
N VAL C 264 5.36 -7.79 45.97
CA VAL C 264 6.63 -7.47 45.33
C VAL C 264 6.85 -8.46 44.19
N VAL C 265 7.17 -7.95 43.00
CA VAL C 265 7.36 -8.81 41.85
C VAL C 265 8.85 -8.81 41.51
N VAL C 266 9.53 -9.92 41.76
CA VAL C 266 10.92 -10.07 41.38
C VAL C 266 10.93 -10.54 39.92
N ASP C 267 11.35 -9.65 39.04
CA ASP C 267 10.91 -9.61 37.64
C ASP C 267 12.12 -9.45 36.73
N THR C 268 12.63 -10.57 36.19
CA THR C 268 13.73 -10.50 35.23
C THR C 268 13.40 -11.28 33.96
N ALA C 269 14.32 -11.22 33.00
CA ALA C 269 14.16 -12.02 31.79
C ALA C 269 14.33 -13.50 32.06
N HIS C 270 15.05 -13.89 33.12
CA HIS C 270 15.36 -15.30 33.40
C HIS C 270 15.21 -15.57 34.88
N GLY C 271 14.01 -15.99 35.29
CA GLY C 271 13.72 -16.26 36.68
C GLY C 271 14.30 -17.57 37.20
N HIS C 272 14.61 -18.51 36.31
CA HIS C 272 15.27 -19.76 36.69
C HIS C 272 16.79 -19.52 36.84
N SER C 273 17.15 -18.70 37.80
CA SER C 273 18.53 -18.23 37.91
C SER C 273 18.87 -18.02 39.37
N LYS C 274 20.16 -18.09 39.67
CA LYS C 274 20.60 -17.90 41.05
C LYS C 274 20.16 -16.53 41.58
N GLY C 275 20.26 -15.49 40.76
CA GLY C 275 19.93 -14.16 41.22
C GLY C 275 18.48 -14.03 41.65
N VAL C 276 17.56 -14.55 40.82
CA VAL C 276 16.14 -14.40 41.12
C VAL C 276 15.72 -15.30 42.29
N ILE C 277 16.17 -16.56 42.27
CA ILE C 277 15.80 -17.48 43.34
C ILE C 277 16.31 -16.97 44.69
N GLU C 278 17.55 -16.52 44.75
CA GLU C 278 18.06 -16.03 46.02
C GLU C 278 17.36 -14.74 46.42
N ARG C 279 17.05 -13.87 45.47
CA ARG C 279 16.33 -12.66 45.84
C ARG C 279 14.95 -13.00 46.38
N VAL C 280 14.28 -13.98 45.76
CA VAL C 280 12.96 -14.39 46.26
C VAL C 280 13.07 -14.95 47.67
N ARG C 281 14.04 -15.83 47.93
CA ARG C 281 14.24 -16.29 49.29
C ARG C 281 14.42 -15.12 50.23
N TRP C 282 15.19 -14.12 49.82
CA TRP C 282 15.49 -13.04 50.72
C TRP C 282 14.23 -12.26 51.09
N VAL C 283 13.34 -12.02 50.12
CA VAL C 283 12.10 -11.29 50.40
C VAL C 283 11.22 -12.09 51.37
N LYS C 284 11.03 -13.38 51.12
CA LYS C 284 10.22 -14.16 52.06
C LYS C 284 10.82 -14.10 53.46
N GLN C 285 12.14 -14.23 53.56
CA GLN C 285 12.80 -14.25 54.84
C GLN C 285 12.71 -12.91 55.56
N THR C 286 12.92 -11.81 54.85
CA THR C 286 13.03 -10.52 55.52
C THR C 286 11.66 -9.89 55.76
N PHE C 287 10.76 -9.96 54.79
CA PHE C 287 9.44 -9.34 54.86
C PHE C 287 8.36 -10.40 54.66
N PRO C 288 8.19 -11.30 55.63
CA PRO C 288 7.24 -12.42 55.43
C PRO C 288 5.80 -11.96 55.30
N ASP C 289 5.49 -10.70 55.60
CA ASP C 289 4.13 -10.18 55.48
C ASP C 289 3.82 -9.55 54.11
N VAL C 290 4.74 -9.59 53.12
CA VAL C 290 4.39 -9.25 51.74
C VAL C 290 4.34 -10.52 50.92
N GLN C 291 3.54 -10.46 49.87
CA GLN C 291 3.53 -11.47 48.84
C GLN C 291 4.68 -11.22 47.86
N VAL C 292 5.27 -12.30 47.40
CA VAL C 292 6.36 -12.25 46.43
C VAL C 292 5.95 -13.06 45.22
N ILE C 293 6.21 -12.51 44.04
CA ILE C 293 6.04 -13.18 42.75
C ILE C 293 7.42 -13.28 42.10
N GLY C 294 7.74 -14.45 41.55
CA GLY C 294 9.00 -14.67 40.85
C GLY C 294 8.75 -14.90 39.37
N GLY C 295 9.64 -14.38 38.54
CA GLY C 295 9.54 -14.63 37.10
C GLY C 295 10.69 -13.97 36.38
N ASN C 296 10.75 -14.19 35.06
CA ASN C 296 9.81 -15.00 34.29
C ASN C 296 10.38 -16.39 34.02
N ILE C 297 9.49 -17.38 33.94
CA ILE C 297 9.87 -18.77 33.78
C ILE C 297 9.00 -19.38 32.68
N ALA C 298 9.41 -20.58 32.24
CA ALA C 298 8.65 -21.27 31.20
C ALA C 298 8.78 -22.79 31.29
N THR C 299 9.25 -23.34 32.40
CA THR C 299 9.41 -24.79 32.51
C THR C 299 8.92 -25.27 33.87
N ALA C 300 8.56 -26.54 33.92
CA ALA C 300 8.17 -27.17 35.18
C ALA C 300 9.29 -27.09 36.22
N GLU C 301 10.53 -27.32 35.81
CA GLU C 301 11.61 -27.31 36.81
C GLU C 301 11.84 -25.91 37.36
N ALA C 302 11.65 -24.89 36.52
CA ALA C 302 11.76 -23.52 37.04
C ALA C 302 10.60 -23.21 37.99
N ALA C 303 9.40 -23.73 37.71
CA ALA C 303 8.28 -23.54 38.64
C ALA C 303 8.58 -24.17 40.00
N LYS C 304 9.01 -25.43 40.00
CA LYS C 304 9.35 -26.07 41.27
C LYS C 304 10.38 -25.27 42.04
N ALA C 305 11.42 -24.77 41.35
CA ALA C 305 12.48 -24.06 42.07
C ALA C 305 11.97 -22.75 42.68
N LEU C 306 11.10 -22.03 41.96
CA LEU C 306 10.56 -20.81 42.57
C LEU C 306 9.62 -21.14 43.72
N ALA C 307 8.84 -22.23 43.60
CA ALA C 307 7.94 -22.59 44.68
C ALA C 307 8.72 -22.95 45.95
N GLU C 308 9.81 -23.68 45.80
CA GLU C 308 10.53 -24.08 47.00
C GLU C 308 11.45 -22.98 47.51
N ALA C 309 11.66 -21.92 46.74
CA ALA C 309 12.25 -20.70 47.26
C ALA C 309 11.26 -19.84 48.04
N GLY C 310 9.98 -20.22 48.10
CA GLY C 310 8.97 -19.48 48.84
C GLY C 310 8.10 -18.53 48.03
N ALA C 311 8.16 -18.56 46.71
CA ALA C 311 7.39 -17.63 45.91
C ALA C 311 5.90 -17.83 46.14
N ASP C 312 5.18 -16.72 46.26
CA ASP C 312 3.74 -16.80 46.43
C ASP C 312 2.99 -16.93 45.11
N ALA C 313 3.71 -16.83 43.99
CA ALA C 313 3.20 -17.07 42.64
C ALA C 313 4.38 -16.95 41.70
N VAL C 314 4.21 -17.50 40.48
CA VAL C 314 5.23 -17.43 39.46
C VAL C 314 4.63 -16.78 38.21
N LYS C 315 5.50 -16.14 37.42
CA LYS C 315 5.08 -15.45 36.21
C LYS C 315 5.66 -16.16 34.99
N VAL C 316 4.81 -16.52 34.03
CA VAL C 316 5.17 -17.42 32.94
C VAL C 316 5.23 -16.65 31.62
N GLY C 317 6.37 -16.76 30.93
CA GLY C 317 6.53 -16.16 29.62
C GLY C 317 7.97 -15.83 29.27
N ILE C 318 8.60 -16.67 28.45
CA ILE C 318 9.92 -16.42 27.89
C ILE C 318 9.84 -16.59 26.38
N GLY C 319 10.07 -15.52 25.64
CA GLY C 319 9.92 -15.54 24.21
C GLY C 319 8.55 -16.04 23.74
N PRO C 320 7.47 -15.54 24.37
CA PRO C 320 6.13 -16.10 24.10
C PRO C 320 5.66 -15.96 22.65
N GLY C 321 5.99 -14.84 22.01
CA GLY C 321 5.58 -14.58 20.64
C GLY C 321 6.73 -14.71 19.65
N SER C 322 6.37 -14.90 18.37
CA SER C 322 7.34 -15.22 17.32
C SER C 322 8.22 -14.04 16.94
N ILE C 323 7.92 -12.85 17.42
CA ILE C 323 8.67 -11.64 17.09
C ILE C 323 9.60 -11.20 18.21
N CYS C 324 9.66 -11.96 19.30
CA CYS C 324 10.44 -11.60 20.47
C CYS C 324 11.90 -11.34 20.10
N THR C 325 12.46 -10.30 20.72
CA THR C 325 13.91 -10.14 20.72
C THR C 325 14.61 -11.37 21.31
N THR C 326 14.03 -11.97 22.35
CA THR C 326 14.59 -13.20 22.91
C THR C 326 14.82 -14.25 21.84
N ARG C 327 13.84 -14.44 20.95
CA ARG C 327 13.98 -15.45 19.90
C ARG C 327 15.00 -15.03 18.86
N ILE C 328 14.92 -13.79 18.39
CA ILE C 328 15.81 -13.34 17.31
C ILE C 328 17.24 -13.23 17.81
N VAL C 329 17.45 -12.63 18.99
CA VAL C 329 18.81 -12.34 19.44
C VAL C 329 19.45 -13.58 20.04
N ALA C 330 18.72 -14.29 20.89
CA ALA C 330 19.30 -15.42 21.61
C ALA C 330 18.72 -16.77 21.20
N GLY C 331 17.72 -16.80 20.30
CA GLY C 331 17.12 -18.06 19.92
C GLY C 331 16.41 -18.82 21.03
N VAL C 332 15.96 -18.15 22.11
CA VAL C 332 15.30 -18.92 23.15
C VAL C 332 13.85 -18.46 23.32
N GLY C 333 13.01 -19.38 23.79
CA GLY C 333 11.60 -19.14 23.99
C GLY C 333 10.82 -20.43 24.16
N VAL C 334 9.61 -20.34 24.67
CA VAL C 334 8.72 -21.49 24.75
C VAL C 334 7.32 -21.03 24.37
N PRO C 335 6.71 -21.58 23.31
CA PRO C 335 5.33 -21.19 22.96
C PRO C 335 4.43 -21.29 24.19
N GLN C 336 3.55 -20.29 24.34
CA GLN C 336 2.99 -19.94 25.64
C GLN C 336 1.92 -20.92 26.11
N ILE C 337 1.16 -21.57 25.20
CA ILE C 337 0.20 -22.58 25.65
C ILE C 337 0.92 -23.72 26.37
N SER C 338 2.03 -24.21 25.81
CA SER C 338 2.75 -25.31 26.46
C SER C 338 3.51 -24.84 27.72
N ALA C 339 4.08 -23.65 27.70
CA ALA C 339 4.72 -23.11 28.90
C ALA C 339 3.75 -23.07 30.06
N ILE C 340 2.55 -22.50 29.85
CA ILE C 340 1.57 -22.41 30.92
C ILE C 340 1.22 -23.79 31.46
N ALA C 341 0.86 -24.71 30.56
CA ALA C 341 0.41 -26.03 31.03
C ALA C 341 1.54 -26.79 31.71
N ASN C 342 2.78 -26.65 31.24
CA ASN C 342 3.88 -27.29 31.95
C ASN C 342 4.03 -26.75 33.36
N VAL C 343 3.94 -25.43 33.52
CA VAL C 343 4.04 -24.83 34.83
C VAL C 343 2.85 -25.23 35.70
N ALA C 344 1.64 -25.19 35.13
CA ALA C 344 0.46 -25.56 35.90
C ALA C 344 0.55 -27.00 36.40
N ALA C 345 1.02 -27.91 35.55
CA ALA C 345 1.15 -29.32 35.97
C ALA C 345 2.12 -29.44 37.14
N ALA C 346 3.20 -28.68 37.10
CA ALA C 346 4.24 -28.75 38.12
C ALA C 346 3.80 -28.14 39.45
N LEU C 347 2.91 -27.16 39.41
CA LEU C 347 2.48 -26.49 40.62
C LEU C 347 1.17 -27.05 41.17
N GLU C 348 0.54 -27.97 40.45
CA GLU C 348 -0.70 -28.59 40.88
C GLU C 348 -0.55 -29.13 42.30
N GLY C 349 -1.51 -28.77 43.15
CA GLY C 349 -1.50 -29.22 44.52
C GLY C 349 -0.61 -28.45 45.46
N THR C 350 0.03 -27.37 45.02
CA THR C 350 0.88 -26.59 45.90
C THR C 350 0.19 -25.36 46.44
N GLY C 351 -0.87 -24.89 45.77
CA GLY C 351 -1.48 -23.61 46.10
C GLY C 351 -0.81 -22.38 45.50
N VAL C 352 0.19 -22.55 44.62
CA VAL C 352 0.97 -21.44 44.08
C VAL C 352 0.36 -21.04 42.73
N PRO C 353 -0.26 -19.88 42.61
CA PRO C 353 -0.83 -19.47 41.30
C PRO C 353 0.25 -19.15 40.28
N LEU C 354 -0.16 -19.18 38.99
CA LEU C 354 0.72 -18.81 37.90
C LEU C 354 0.04 -17.75 37.03
N ILE C 355 0.84 -16.77 36.62
CA ILE C 355 0.40 -15.61 35.87
C ILE C 355 0.96 -15.72 34.45
N ALA C 356 0.09 -15.67 33.46
CA ALA C 356 0.53 -15.72 32.07
C ALA C 356 0.92 -14.32 31.63
N ASP C 357 2.15 -14.17 31.17
CA ASP C 357 2.72 -12.87 30.77
C ASP C 357 3.23 -12.93 29.33
N GLY C 358 2.51 -12.36 28.39
CA GLY C 358 3.02 -12.17 27.05
C GLY C 358 2.34 -13.06 26.01
N GLY C 359 2.20 -12.53 24.79
CA GLY C 359 1.64 -13.27 23.69
C GLY C 359 0.13 -13.13 23.52
N ILE C 360 -0.55 -12.48 24.47
CA ILE C 360 -2.00 -12.33 24.42
C ILE C 360 -2.33 -11.14 23.53
N ARG C 361 -2.90 -11.39 22.36
CA ARG C 361 -3.31 -10.24 21.56
C ARG C 361 -4.82 -10.09 21.41
N PHE C 362 -5.62 -11.10 21.77
CA PHE C 362 -7.07 -10.95 21.75
C PHE C 362 -7.67 -11.65 22.96
N SER C 363 -8.94 -11.33 23.24
CA SER C 363 -9.62 -11.99 24.36
C SER C 363 -9.71 -13.50 24.16
N GLY C 364 -9.72 -13.98 22.92
CA GLY C 364 -9.67 -15.43 22.72
C GLY C 364 -8.38 -16.04 23.24
N ASP C 365 -7.25 -15.33 23.08
CA ASP C 365 -5.99 -15.85 23.61
C ASP C 365 -6.06 -15.92 25.13
N LEU C 366 -6.69 -14.92 25.74
CA LEU C 366 -6.83 -14.89 27.19
C LEU C 366 -7.60 -16.11 27.69
N ALA C 367 -8.68 -16.47 26.98
CA ALA C 367 -9.47 -17.64 27.35
C ALA C 367 -8.68 -18.93 27.22
N LYS C 368 -7.87 -19.05 26.16
CA LYS C 368 -7.00 -20.23 26.01
C LYS C 368 -5.95 -20.30 27.12
N ALA C 369 -5.34 -19.16 27.46
CA ALA C 369 -4.39 -19.17 28.55
C ALA C 369 -5.03 -19.70 29.83
N MET C 370 -6.28 -19.32 30.11
CA MET C 370 -6.89 -19.79 31.36
C MET C 370 -7.10 -21.30 31.30
N VAL C 371 -7.57 -21.81 30.17
CA VAL C 371 -7.81 -23.24 30.06
C VAL C 371 -6.52 -24.04 30.08
N ALA C 372 -5.41 -23.45 29.60
CA ALA C 372 -4.13 -24.16 29.71
C ALA C 372 -3.61 -24.21 31.14
N GLY C 373 -4.23 -23.48 32.07
CA GLY C 373 -3.86 -23.54 33.48
C GLY C 373 -3.57 -22.23 34.21
N ALA C 374 -3.53 -21.11 33.49
CA ALA C 374 -3.21 -19.83 34.12
C ALA C 374 -4.27 -19.43 35.14
N TYR C 375 -3.84 -18.70 36.17
CA TYR C 375 -4.79 -18.17 37.13
C TYR C 375 -5.22 -16.77 36.79
N CYS C 376 -4.38 -16.06 36.07
CA CYS C 376 -4.73 -14.78 35.50
C CYS C 376 -3.64 -14.37 34.51
N VAL C 377 -3.85 -13.24 33.88
CA VAL C 377 -3.12 -12.87 32.69
C VAL C 377 -2.62 -11.46 32.86
N MET C 378 -1.39 -11.22 32.41
CA MET C 378 -0.77 -9.91 32.45
C MET C 378 -0.76 -9.33 31.05
N MET C 379 -1.33 -8.13 30.91
CA MET C 379 -1.31 -7.36 29.67
C MET C 379 -0.33 -6.21 29.81
N GLY C 380 0.41 -5.95 28.73
CA GLY C 380 1.27 -4.80 28.68
C GLY C 380 0.89 -3.83 27.58
N SER C 381 1.39 -4.04 26.37
CA SER C 381 1.22 -3.03 25.34
C SER C 381 -0.25 -2.82 24.97
N MET C 382 -1.10 -3.81 25.24
CA MET C 382 -2.51 -3.58 25.00
C MET C 382 -3.09 -2.45 25.85
N PHE C 383 -2.50 -2.18 27.02
CA PHE C 383 -2.93 -1.08 27.88
C PHE C 383 -2.14 0.21 27.66
N ALA C 384 -1.00 0.14 26.99
CA ALA C 384 -0.29 1.36 26.68
C ALA C 384 -1.16 2.21 25.79
N GLY C 385 -1.05 3.52 25.96
CA GLY C 385 -1.89 4.39 25.18
C GLY C 385 -3.29 4.63 25.71
N THR C 386 -3.69 3.99 26.81
CA THR C 386 -4.97 4.35 27.40
C THR C 386 -4.86 5.65 28.16
N GLU C 387 -6.01 6.25 28.44
CA GLU C 387 -6.06 7.50 29.18
C GLU C 387 -5.30 7.41 30.50
N GLU C 388 -5.55 6.34 31.25
CA GLU C 388 -4.91 6.15 32.56
C GLU C 388 -3.43 5.80 32.48
N ALA C 389 -2.96 5.28 31.35
CA ALA C 389 -1.55 4.96 31.19
C ALA C 389 -0.69 6.23 31.18
N PRO C 390 0.60 6.10 31.43
CA PRO C 390 1.49 7.28 31.36
C PRO C 390 1.48 7.91 29.98
N GLY C 391 2.01 9.13 29.92
CA GLY C 391 2.12 9.83 28.65
C GLY C 391 1.08 10.93 28.54
N GLU C 392 1.39 11.93 27.74
CA GLU C 392 0.45 13.01 27.44
C GLU C 392 -0.16 12.79 26.06
N ILE C 393 -1.45 13.09 25.92
CA ILE C 393 -2.11 12.97 24.62
C ILE C 393 -1.55 14.03 23.68
N GLU C 394 -1.39 13.67 22.42
CA GLU C 394 -0.79 14.53 21.41
C GLU C 394 -1.48 14.27 20.07
N LEU C 395 -1.71 15.34 19.30
CA LEU C 395 -2.34 15.24 18.00
C LEU C 395 -1.27 15.25 16.92
N PHE C 396 -1.40 14.35 15.94
CA PHE C 396 -0.36 14.12 14.94
C PHE C 396 -1.02 13.58 13.69
N GLN C 397 -1.13 14.41 12.66
CA GLN C 397 -1.71 13.99 11.38
C GLN C 397 -3.16 13.62 11.54
N GLY C 398 -3.91 14.42 12.31
CA GLY C 398 -5.32 14.16 12.51
C GLY C 398 -5.62 12.97 13.39
N ARG C 399 -4.60 12.37 14.01
CA ARG C 399 -4.75 11.21 14.86
C ARG C 399 -4.23 11.52 16.26
N SER C 400 -4.71 10.76 17.24
CA SER C 400 -4.30 10.94 18.62
C SER C 400 -3.25 9.90 18.99
N TYR C 401 -2.22 10.34 19.71
CA TYR C 401 -1.19 9.47 20.25
C TYR C 401 -0.89 9.90 21.68
N LYS C 402 -0.41 8.94 22.47
CA LYS C 402 0.24 9.30 23.72
C LYS C 402 1.73 9.50 23.48
N SER C 403 2.27 10.56 24.07
CA SER C 403 3.63 10.99 23.84
C SER C 403 4.42 10.96 25.15
N TYR C 404 5.68 10.52 25.06
CA TYR C 404 6.58 10.54 26.21
C TYR C 404 7.86 11.31 25.91
N VAL C 443 2.66 5.54 19.58
CA VAL C 443 1.65 4.73 20.28
C VAL C 443 0.23 5.34 20.22
N PRO C 444 -0.69 4.70 19.51
CA PRO C 444 -2.03 5.27 19.35
C PRO C 444 -2.69 5.50 20.69
N TYR C 445 -3.51 6.54 20.76
CA TYR C 445 -4.33 6.76 21.94
C TYR C 445 -5.53 5.83 21.92
N LYS C 446 -5.80 5.16 23.05
CA LYS C 446 -6.77 4.07 23.07
C LYS C 446 -7.99 4.36 23.94
N GLY C 447 -8.16 5.59 24.42
CA GLY C 447 -9.33 5.82 25.24
C GLY C 447 -9.21 5.17 26.61
N ALA C 448 -10.37 4.93 27.22
CA ALA C 448 -10.45 4.49 28.62
C ALA C 448 -10.10 3.03 28.78
N LEU C 449 -9.32 2.74 29.81
CA LEU C 449 -8.96 1.36 30.15
C LEU C 449 -10.20 0.49 30.29
N SER C 450 -11.29 1.07 30.81
CA SER C 450 -12.45 0.25 31.19
C SER C 450 -13.13 -0.37 29.97
N ALA C 451 -13.07 0.29 28.82
CA ALA C 451 -13.65 -0.32 27.63
C ALA C 451 -12.84 -1.53 27.19
N ILE C 452 -11.50 -1.46 27.33
CA ILE C 452 -10.67 -2.59 26.97
C ILE C 452 -10.90 -3.75 27.93
N VAL C 453 -10.93 -3.45 29.23
CA VAL C 453 -11.15 -4.49 30.22
C VAL C 453 -12.51 -5.14 30.02
N HIS C 454 -13.51 -4.32 29.64
CA HIS C 454 -14.86 -4.85 29.44
C HIS C 454 -14.90 -5.80 28.25
N GLN C 455 -14.15 -5.48 27.20
CA GLN C 455 -14.11 -6.35 26.03
C GLN C 455 -13.37 -7.64 26.32
N LEU C 456 -12.23 -7.57 27.02
CA LEU C 456 -11.47 -8.77 27.35
C LEU C 456 -12.28 -9.71 28.26
N MET C 457 -12.90 -9.14 29.29
CA MET C 457 -13.74 -9.95 30.18
C MET C 457 -15.03 -10.42 29.49
N GLY C 458 -15.56 -9.62 28.55
CA GLY C 458 -16.67 -10.11 27.74
C GLY C 458 -16.32 -11.36 26.95
N GLY C 459 -15.12 -11.37 26.34
CA GLY C 459 -14.69 -12.54 25.59
C GLY C 459 -14.45 -13.75 26.46
N LEU C 460 -13.87 -13.53 27.65
CA LEU C 460 -13.65 -14.65 28.58
C LEU C 460 -14.98 -15.23 29.03
N ARG C 461 -15.95 -14.36 29.35
CA ARG C 461 -17.28 -14.84 29.71
C ARG C 461 -17.90 -15.66 28.58
N ALA C 462 -17.74 -15.21 27.33
CA ALA C 462 -18.25 -15.98 26.20
C ALA C 462 -17.61 -17.36 26.15
N ALA C 463 -16.30 -17.43 26.29
CA ALA C 463 -15.60 -18.72 26.27
C ALA C 463 -16.11 -19.64 27.39
N MET C 464 -16.31 -19.09 28.58
CA MET C 464 -16.83 -19.89 29.69
C MET C 464 -18.27 -20.35 29.44
N GLY C 465 -19.07 -19.50 28.77
CA GLY C 465 -20.37 -19.93 28.29
C GLY C 465 -20.31 -21.07 27.29
N TYR C 466 -19.40 -20.98 26.31
CA TYR C 466 -19.24 -22.02 25.28
C TYR C 466 -18.74 -23.32 25.87
N THR C 467 -17.95 -23.26 26.94
CA THR C 467 -17.37 -24.47 27.50
C THR C 467 -18.18 -25.02 28.66
N GLY C 468 -19.18 -24.27 29.14
CA GLY C 468 -19.96 -24.74 30.28
C GLY C 468 -19.25 -24.55 31.60
N SER C 469 -18.36 -23.56 31.69
CA SER C 469 -17.54 -23.31 32.88
C SER C 469 -18.20 -22.20 33.70
N ALA C 470 -18.63 -22.56 34.91
CA ALA C 470 -19.36 -21.62 35.75
C ALA C 470 -18.45 -20.70 36.56
N ASP C 471 -17.18 -21.05 36.68
CA ASP C 471 -16.22 -20.27 37.46
C ASP C 471 -14.82 -20.58 36.95
N ILE C 472 -13.85 -19.82 37.46
CA ILE C 472 -12.49 -19.88 36.93
C ILE C 472 -11.87 -21.25 37.15
N GLN C 473 -12.14 -21.85 38.31
CA GLN C 473 -11.59 -23.16 38.62
C GLN C 473 -12.04 -24.22 37.61
N GLN C 474 -13.33 -24.26 37.30
CA GLN C 474 -13.81 -25.13 36.24
C GLN C 474 -13.16 -24.78 34.89
N MET C 475 -13.03 -23.49 34.57
CA MET C 475 -12.43 -23.09 33.32
C MET C 475 -10.99 -23.58 33.21
N ARG C 476 -10.26 -23.58 34.34
CA ARG C 476 -8.86 -23.96 34.32
C ARG C 476 -8.69 -25.47 34.16
N THR C 477 -9.66 -26.26 34.62
CA THR C 477 -9.45 -27.70 34.72
C THR C 477 -10.37 -28.57 33.86
N GLN C 478 -11.45 -28.03 33.28
CA GLN C 478 -12.34 -29.00 32.62
C GLN C 478 -12.32 -28.96 31.09
N PRO C 479 -12.35 -27.79 30.44
CA PRO C 479 -12.47 -27.76 28.98
C PRO C 479 -11.26 -28.36 28.28
N GLN C 480 -11.47 -28.68 27.01
CA GLN C 480 -10.46 -29.30 26.17
C GLN C 480 -10.18 -28.46 24.94
N PHE C 481 -9.01 -28.67 24.37
CA PHE C 481 -8.64 -28.07 23.09
C PHE C 481 -8.71 -29.08 21.98
N VAL C 482 -8.90 -28.60 20.77
CA VAL C 482 -8.49 -29.30 19.56
C VAL C 482 -7.21 -28.66 19.07
N ARG C 483 -6.35 -29.48 18.49
CA ARG C 483 -5.15 -29.00 17.83
C ARG C 483 -5.51 -28.75 16.39
N ILE C 484 -5.17 -27.57 15.89
CA ILE C 484 -5.53 -27.27 14.52
C ILE C 484 -4.27 -27.08 13.69
N THR C 485 -4.47 -26.83 12.41
CA THR C 485 -3.49 -26.89 11.34
C THR C 485 -3.11 -25.46 10.90
N GLY C 486 -2.00 -25.34 10.18
CA GLY C 486 -1.68 -24.06 9.56
C GLY C 486 -2.82 -23.51 8.72
N ALA C 487 -3.49 -24.38 7.98
CA ALA C 487 -4.70 -24.02 7.25
C ALA C 487 -5.78 -23.50 8.20
N MET D 21 9.24 -47.33 -2.31
CA MET D 21 7.86 -46.90 -2.52
C MET D 21 7.64 -45.52 -1.89
N LEU D 22 8.51 -44.59 -2.32
CA LEU D 22 8.72 -43.23 -1.83
C LEU D 22 9.72 -43.23 -0.68
N ARG D 23 10.98 -43.06 -1.02
CA ARG D 23 12.08 -43.29 -0.08
C ARG D 23 12.31 -42.00 0.68
N ILE D 24 11.61 -41.86 1.81
CA ILE D 24 11.80 -40.72 2.71
C ILE D 24 12.59 -41.18 3.93
N SER D 25 13.75 -40.55 4.12
CA SER D 25 14.68 -40.95 5.17
C SER D 25 14.28 -40.39 6.54
N GLN D 26 13.72 -39.18 6.59
CA GLN D 26 13.48 -38.56 7.88
C GLN D 26 12.85 -37.20 7.65
N GLU D 27 12.27 -36.65 8.71
CA GLU D 27 11.88 -35.25 8.74
C GLU D 27 13.05 -34.42 9.29
N ALA D 28 13.37 -33.34 8.60
CA ALA D 28 14.58 -32.56 8.86
C ALA D 28 14.18 -31.13 9.24
N LEU D 29 14.81 -30.60 10.29
CA LEU D 29 14.43 -29.33 10.89
C LEU D 29 15.42 -28.23 10.51
N THR D 30 14.89 -27.04 10.24
CA THR D 30 15.73 -25.87 10.07
C THR D 30 15.65 -25.01 11.33
N PHE D 31 16.37 -23.87 11.31
CA PHE D 31 16.47 -23.01 12.47
C PHE D 31 15.09 -22.58 13.02
N ASP D 32 14.17 -22.22 12.13
CA ASP D 32 12.86 -21.73 12.52
C ASP D 32 11.92 -22.80 13.06
N ASP D 33 12.30 -24.08 13.06
CA ASP D 33 11.46 -25.12 13.66
C ASP D 33 11.75 -25.34 15.13
N VAL D 34 12.77 -24.68 15.71
CA VAL D 34 13.15 -24.99 17.07
C VAL D 34 13.46 -23.72 17.85
N LEU D 35 13.32 -23.82 19.17
CA LEU D 35 13.76 -22.80 20.11
C LEU D 35 14.51 -23.46 21.26
N LEU D 36 15.47 -22.73 21.81
CA LEU D 36 16.17 -23.16 23.02
C LEU D 36 15.31 -22.97 24.27
N ILE D 37 15.35 -23.97 25.15
CA ILE D 37 14.61 -23.96 26.40
C ILE D 37 15.51 -23.36 27.47
N PRO D 38 15.04 -22.38 28.25
CA PRO D 38 15.84 -21.89 29.37
C PRO D 38 16.07 -22.95 30.44
N GLY D 39 17.24 -22.90 31.07
CA GLY D 39 17.56 -23.82 32.14
C GLY D 39 18.20 -23.08 33.29
N TYR D 40 18.34 -23.78 34.42
CA TYR D 40 18.95 -23.17 35.61
C TYR D 40 20.29 -22.55 35.27
N SER D 41 20.47 -21.30 35.68
CA SER D 41 21.61 -20.51 35.24
C SER D 41 22.27 -19.81 36.41
N GLU D 42 23.60 -19.91 36.50
CA GLU D 42 24.34 -19.14 37.50
C GLU D 42 25.56 -18.42 36.94
N VAL D 43 25.77 -18.38 35.63
CA VAL D 43 26.88 -17.62 35.07
C VAL D 43 26.31 -16.53 34.16
N LEU D 44 26.82 -15.32 34.32
CA LEU D 44 26.33 -14.18 33.57
C LEU D 44 26.90 -14.21 32.16
N PRO D 45 26.12 -13.79 31.16
CA PRO D 45 26.62 -13.75 29.77
C PRO D 45 28.00 -13.14 29.61
N LYS D 46 28.29 -12.05 30.34
CA LYS D 46 29.58 -11.39 30.20
C LYS D 46 30.72 -12.29 30.66
N ASP D 47 30.41 -13.32 31.46
CA ASP D 47 31.39 -14.15 32.12
C ASP D 47 31.53 -15.56 31.53
N VAL D 48 30.78 -15.92 30.47
CA VAL D 48 30.94 -17.27 29.89
C VAL D 48 32.15 -17.30 28.96
N SER D 49 32.64 -18.51 28.71
CA SER D 49 33.76 -18.74 27.79
C SER D 49 33.26 -19.07 26.37
N LEU D 50 33.83 -18.39 25.37
CA LEU D 50 33.47 -18.64 23.97
C LEU D 50 34.51 -19.49 23.24
N LYS D 51 35.49 -20.04 23.96
CA LYS D 51 36.62 -20.71 23.33
C LYS D 51 36.18 -22.03 22.71
N THR D 52 36.71 -22.35 21.53
CA THR D 52 36.30 -23.57 20.84
C THR D 52 37.45 -24.06 19.96
N ARG D 53 37.14 -25.00 19.06
CA ARG D 53 38.12 -25.46 18.09
C ARG D 53 37.53 -25.40 16.69
N LEU D 54 38.36 -24.99 15.75
CA LEU D 54 38.10 -25.06 14.33
C LEU D 54 38.52 -26.41 13.73
N THR D 55 39.64 -26.97 14.20
CA THR D 55 40.15 -28.24 13.68
C THR D 55 40.81 -29.00 14.81
N ARG D 56 41.18 -30.25 14.53
CA ARG D 56 41.94 -31.04 15.49
C ARG D 56 43.00 -30.20 16.18
N GLY D 57 43.74 -29.38 15.41
CA GLY D 57 44.86 -28.64 15.94
C GLY D 57 44.71 -27.14 16.15
N ILE D 58 43.56 -26.54 15.85
CA ILE D 58 43.44 -25.09 15.93
C ILE D 58 42.31 -24.70 16.86
N GLU D 59 42.64 -23.89 17.87
CA GLU D 59 41.64 -23.32 18.75
C GLU D 59 41.35 -21.87 18.37
N LEU D 60 40.10 -21.48 18.61
CA LEU D 60 39.65 -20.11 18.44
C LEU D 60 39.07 -19.62 19.75
N ASN D 61 39.23 -18.32 20.02
CA ASN D 61 38.57 -17.76 21.20
C ASN D 61 37.10 -17.40 20.97
N ILE D 62 36.66 -17.26 19.72
CA ILE D 62 35.23 -17.15 19.41
C ILE D 62 34.88 -18.11 18.28
N PRO D 63 33.64 -18.65 18.23
CA PRO D 63 33.29 -19.66 17.21
C PRO D 63 32.82 -19.02 15.91
N LEU D 64 33.65 -18.16 15.33
CA LEU D 64 33.31 -17.43 14.12
C LEU D 64 34.37 -17.61 13.03
N VAL D 65 33.90 -17.79 11.80
CA VAL D 65 34.71 -17.98 10.61
C VAL D 65 34.06 -17.20 9.48
N SER D 66 34.85 -16.44 8.73
CA SER D 66 34.34 -15.76 7.54
C SER D 66 34.52 -16.64 6.31
N ALA D 67 33.58 -16.54 5.38
CA ALA D 67 33.50 -17.46 4.25
C ALA D 67 34.50 -17.13 3.15
N ALA D 68 34.85 -18.14 2.36
CA ALA D 68 35.75 -17.98 1.22
C ALA D 68 34.98 -17.42 0.01
N MET D 69 34.51 -16.19 0.15
CA MET D 69 33.73 -15.49 -0.87
C MET D 69 34.49 -14.25 -1.33
N ASP D 70 34.42 -13.95 -2.63
CA ASP D 70 35.21 -12.82 -3.12
C ASP D 70 34.63 -11.48 -2.71
N THR D 71 33.42 -11.46 -2.14
CA THR D 71 32.86 -10.28 -1.51
C THR D 71 33.10 -10.24 0.00
N VAL D 72 33.74 -11.27 0.57
CA VAL D 72 33.89 -11.32 2.02
C VAL D 72 35.37 -11.32 2.47
N THR D 73 36.13 -12.38 2.16
CA THR D 73 37.41 -12.60 2.85
C THR D 73 38.63 -12.51 1.94
N GLU D 74 39.35 -11.39 2.04
CA GLU D 74 40.73 -11.26 1.57
C GLU D 74 41.58 -10.90 2.78
N ALA D 75 42.82 -10.47 2.54
CA ALA D 75 43.75 -10.29 3.67
C ALA D 75 43.19 -9.34 4.72
N ARG D 76 42.63 -8.22 4.27
CA ARG D 76 42.17 -7.21 5.22
C ARG D 76 41.12 -7.77 6.17
N LEU D 77 40.07 -8.40 5.63
CA LEU D 77 39.06 -8.95 6.52
C LEU D 77 39.59 -10.17 7.28
N ALA D 78 40.47 -10.96 6.65
CA ALA D 78 41.04 -12.09 7.38
C ALA D 78 41.83 -11.62 8.59
N ILE D 79 42.53 -10.48 8.47
CA ILE D 79 43.27 -9.94 9.61
C ILE D 79 42.32 -9.52 10.73
N ALA D 80 41.27 -8.79 10.39
CA ALA D 80 40.32 -8.38 11.42
C ALA D 80 39.67 -9.60 12.08
N MET D 81 39.38 -10.66 11.32
CA MET D 81 38.76 -11.85 11.91
C MET D 81 39.68 -12.49 12.94
N ALA D 82 40.95 -12.71 12.57
CA ALA D 82 41.87 -13.31 13.53
C ALA D 82 42.03 -12.42 14.76
N GLN D 83 42.10 -11.10 14.58
CA GLN D 83 42.24 -10.22 15.73
C GLN D 83 41.04 -10.31 16.65
N GLU D 84 39.85 -10.59 16.10
CA GLU D 84 38.65 -10.75 16.91
C GLU D 84 38.64 -12.05 17.70
N GLY D 85 39.49 -13.02 17.33
CA GLY D 85 39.52 -14.34 17.94
C GLY D 85 38.96 -15.45 17.06
N GLY D 86 38.56 -15.15 15.83
CA GLY D 86 38.13 -16.16 14.90
C GLY D 86 39.14 -16.25 13.77
N ILE D 87 38.69 -16.57 12.56
CA ILE D 87 39.61 -16.79 11.45
C ILE D 87 38.87 -16.53 10.15
N GLY D 88 39.63 -16.18 9.11
CA GLY D 88 39.10 -15.97 7.76
C GLY D 88 39.65 -17.01 6.79
N ILE D 89 38.81 -17.44 5.85
CA ILE D 89 39.24 -18.32 4.78
C ILE D 89 39.33 -17.49 3.51
N ILE D 90 40.55 -17.27 3.03
CA ILE D 90 40.74 -16.47 1.83
C ILE D 90 40.21 -17.22 0.62
N HIS D 91 39.50 -16.51 -0.24
CA HIS D 91 38.79 -17.13 -1.34
C HIS D 91 39.76 -17.48 -2.47
N LYS D 92 39.30 -18.35 -3.38
CA LYS D 92 40.14 -18.88 -4.44
C LYS D 92 39.74 -18.38 -5.82
N ASN D 93 38.97 -17.30 -5.89
CA ASN D 93 38.63 -16.71 -7.18
C ASN D 93 39.70 -15.71 -7.59
N MET D 94 40.93 -16.21 -7.61
CA MET D 94 42.12 -15.44 -7.99
C MET D 94 43.20 -16.43 -8.36
N GLY D 95 44.28 -15.91 -8.95
CA GLY D 95 45.38 -16.79 -9.31
C GLY D 95 46.04 -17.43 -8.10
N ILE D 96 46.80 -18.48 -8.36
CA ILE D 96 47.56 -19.18 -7.31
C ILE D 96 48.47 -18.22 -6.57
N GLU D 97 49.31 -17.50 -7.29
CA GLU D 97 50.29 -16.69 -6.58
C GLU D 97 49.60 -15.52 -5.88
N GLN D 98 48.47 -15.06 -6.41
CA GLN D 98 47.78 -13.94 -5.80
CA GLN D 98 47.74 -13.95 -5.81
C GLN D 98 47.06 -14.35 -4.52
N GLN D 99 46.58 -15.60 -4.44
CA GLN D 99 46.00 -16.11 -3.20
C GLN D 99 47.08 -16.35 -2.15
N ALA D 100 48.23 -16.91 -2.58
CA ALA D 100 49.37 -17.02 -1.68
C ALA D 100 49.82 -15.67 -1.16
N ALA D 101 49.69 -14.61 -1.96
CA ALA D 101 50.05 -13.29 -1.47
C ALA D 101 49.13 -12.83 -0.35
N GLU D 102 47.82 -13.13 -0.45
CA GLU D 102 46.91 -12.73 0.62
C GLU D 102 47.23 -13.44 1.91
N VAL D 103 47.53 -14.74 1.85
CA VAL D 103 47.97 -15.48 3.03
C VAL D 103 49.18 -14.79 3.65
N ARG D 104 50.14 -14.38 2.81
CA ARG D 104 51.37 -13.75 3.30
C ARG D 104 51.07 -12.45 4.03
N LYS D 105 50.18 -11.61 3.49
CA LYS D 105 49.82 -10.37 4.18
C LYS D 105 49.24 -10.64 5.56
N VAL D 106 48.51 -11.74 5.73
CA VAL D 106 48.00 -12.06 7.06
C VAL D 106 49.13 -12.57 7.94
N LYS D 107 49.83 -13.63 7.49
CA LYS D 107 50.95 -14.16 8.27
C LYS D 107 51.95 -13.08 8.66
N LYS D 108 52.14 -12.05 7.83
CA LYS D 108 53.20 -11.10 8.14
C LYS D 108 52.69 -9.80 8.76
N HIS D 109 51.40 -9.71 9.08
CA HIS D 109 50.88 -8.48 9.64
C HIS D 109 51.55 -8.18 10.98
N GLU D 110 51.87 -6.90 11.20
CA GLU D 110 52.52 -6.43 12.42
C GLU D 110 51.75 -5.26 13.02
N THR D 111 51.65 -5.22 14.35
CA THR D 111 50.96 -4.09 14.99
C THR D 111 51.87 -2.88 15.19
N ALA D 112 53.17 -3.09 15.39
CA ALA D 112 54.05 -1.95 15.64
C ALA D 112 55.40 -2.03 14.94
N ILE D 113 55.93 -3.21 14.65
CA ILE D 113 57.26 -3.33 14.05
C ILE D 113 57.18 -2.89 12.60
N VAL D 114 57.95 -1.86 12.25
CA VAL D 114 58.13 -1.50 10.84
C VAL D 114 59.01 -2.55 10.16
N ARG D 115 58.62 -2.91 8.96
CA ARG D 115 59.36 -3.92 8.20
C ARG D 115 59.80 -3.35 6.87
N ASP D 116 60.76 -4.01 6.27
CA ASP D 116 61.40 -3.53 5.05
C ASP D 116 61.80 -2.06 5.18
N PRO D 117 62.49 -1.69 6.26
CA PRO D 117 63.01 -0.32 6.39
C PRO D 117 63.89 -0.02 5.19
N VAL D 118 63.88 1.24 4.77
CA VAL D 118 64.82 1.67 3.75
C VAL D 118 66.23 1.56 4.32
N THR D 119 67.10 0.85 3.59
CA THR D 119 68.47 0.61 4.01
C THR D 119 69.46 1.24 3.04
N VAL D 120 70.71 1.31 3.50
CA VAL D 120 71.87 1.57 2.66
C VAL D 120 72.91 0.50 2.99
N THR D 121 74.01 0.49 2.24
CA THR D 121 75.11 -0.41 2.51
C THR D 121 76.36 0.36 2.95
N PRO D 122 77.40 -0.35 3.40
CA PRO D 122 78.62 0.35 3.84
C PRO D 122 79.29 1.15 2.74
N SER D 123 79.16 0.72 1.49
CA SER D 123 79.79 1.40 0.37
C SER D 123 78.87 2.40 -0.33
N THR D 124 77.60 2.51 0.08
CA THR D 124 76.72 3.54 -0.48
C THR D 124 77.43 4.88 -0.49
N LYS D 125 77.37 5.56 -1.63
CA LYS D 125 77.96 6.89 -1.72
C LYS D 125 77.18 7.84 -0.81
N ILE D 126 77.90 8.77 -0.19
CA ILE D 126 77.23 9.71 0.70
C ILE D 126 76.39 10.71 -0.07
N ILE D 127 76.74 10.97 -1.34
CA ILE D 127 75.87 11.77 -2.19
C ILE D 127 74.53 11.06 -2.39
N GLU D 128 74.59 9.76 -2.69
CA GLU D 128 73.37 8.98 -2.83
C GLU D 128 72.52 9.05 -1.57
N LEU D 129 73.16 9.04 -0.39
CA LEU D 129 72.41 8.98 0.85
C LEU D 129 71.71 10.30 1.17
N LEU D 130 72.32 11.44 0.81
CA LEU D 130 71.67 12.72 1.00
C LEU D 130 70.44 12.87 0.10
N GLN D 131 70.45 12.22 -1.06
CA GLN D 131 69.28 12.27 -1.94
C GLN D 131 68.14 11.44 -1.37
N MET D 132 68.46 10.30 -0.78
CA MET D 132 67.44 9.50 -0.11
C MET D 132 66.79 10.29 1.03
N ALA D 133 67.60 11.06 1.77
CA ALA D 133 67.04 11.83 2.88
C ALA D 133 66.01 12.84 2.39
N ARG D 134 66.15 13.34 1.16
CA ARG D 134 65.21 14.33 0.64
C ARG D 134 63.78 13.85 0.75
N GLU D 135 63.54 12.55 0.62
CA GLU D 135 62.20 12.01 0.85
C GLU D 135 62.03 11.46 2.26
N TYR D 136 63.08 10.83 2.80
CA TYR D 136 62.98 10.07 4.04
C TYR D 136 63.41 10.86 5.27
N GLY D 137 63.94 12.06 5.10
CA GLY D 137 64.39 12.75 6.28
C GLY D 137 65.68 12.13 6.77
N PHE D 138 65.97 12.34 8.04
CA PHE D 138 67.21 11.77 8.55
C PHE D 138 66.88 10.72 9.60
N SER D 139 67.20 10.96 10.87
CA SER D 139 66.70 10.06 11.91
C SER D 139 67.15 8.61 11.74
N GLY D 140 67.94 8.31 10.70
CA GLY D 140 68.61 7.03 10.64
C GLY D 140 68.30 6.12 9.48
N PHE D 141 69.35 5.75 8.74
CA PHE D 141 69.26 4.66 7.78
C PHE D 141 70.00 3.47 8.34
N PRO D 142 69.37 2.30 8.53
CA PRO D 142 70.16 1.11 8.88
C PRO D 142 71.12 0.78 7.76
N VAL D 143 72.28 0.26 8.12
CA VAL D 143 73.32 -0.09 7.15
C VAL D 143 73.43 -1.61 7.13
N VAL D 144 73.25 -2.20 5.95
CA VAL D 144 73.25 -3.65 5.81
C VAL D 144 74.29 -4.08 4.79
N GLU D 145 74.55 -5.38 4.79
CA GLU D 145 75.58 -6.01 3.96
C GLU D 145 75.00 -7.38 3.61
N GLN D 146 74.34 -7.44 2.45
CA GLN D 146 73.58 -8.62 2.03
C GLN D 146 72.60 -9.05 3.12
N GLY D 147 71.93 -8.07 3.72
CA GLY D 147 70.94 -8.33 4.74
C GLY D 147 71.46 -8.34 6.16
N GLU D 148 72.77 -8.51 6.37
CA GLU D 148 73.30 -8.51 7.72
C GLU D 148 73.44 -7.08 8.22
N LEU D 149 73.00 -6.84 9.46
CA LEU D 149 73.10 -5.51 10.04
C LEU D 149 74.54 -5.22 10.48
N VAL D 150 75.05 -4.03 10.14
CA VAL D 150 76.42 -3.67 10.48
C VAL D 150 76.50 -2.25 11.05
N GLY D 151 75.40 -1.51 11.01
CA GLY D 151 75.39 -0.22 11.65
C GLY D 151 74.15 0.57 11.25
N ILE D 152 74.14 1.82 11.71
CA ILE D 152 73.17 2.82 11.29
C ILE D 152 73.98 4.05 10.92
N VAL D 153 73.34 4.97 10.21
CA VAL D 153 73.93 6.27 9.88
C VAL D 153 72.87 7.32 10.22
N THR D 154 73.04 7.98 11.35
CA THR D 154 72.09 8.94 11.89
C THR D 154 72.30 10.32 11.26
N GLY D 155 71.44 11.26 11.66
CA GLY D 155 71.64 12.63 11.23
C GLY D 155 72.90 13.24 11.81
N ARG D 156 73.13 13.04 13.10
CA ARG D 156 74.33 13.61 13.72
C ARG D 156 75.59 13.00 13.14
N ASP D 157 75.51 11.76 12.62
CA ASP D 157 76.66 11.19 11.94
C ASP D 157 77.04 12.00 10.70
N LEU D 158 76.09 12.72 10.12
CA LEU D 158 76.36 13.54 8.94
C LEU D 158 76.70 14.99 9.31
N ARG D 159 77.60 15.17 10.28
CA ARG D 159 78.04 16.51 10.68
C ARG D 159 79.02 16.51 11.85
N ASP D 166 84.17 9.02 1.62
CA ASP D 166 82.87 9.58 1.30
C ASP D 166 81.83 8.49 0.97
N THR D 167 81.95 7.36 1.67
CA THR D 167 80.95 6.31 1.71
C THR D 167 80.44 6.20 3.14
N VAL D 168 79.32 5.48 3.33
CA VAL D 168 78.74 5.49 4.67
C VAL D 168 79.66 4.78 5.66
N ALA D 169 80.46 3.81 5.21
CA ALA D 169 81.45 3.19 6.09
C ALA D 169 82.31 4.23 6.80
N ALA D 170 82.55 5.37 6.17
CA ALA D 170 83.38 6.41 6.78
C ALA D 170 82.71 7.02 8.00
N ILE D 171 81.38 7.10 8.03
CA ILE D 171 80.67 7.88 9.04
C ILE D 171 79.68 7.07 9.87
N MET D 172 79.48 5.79 9.57
CA MET D 172 78.38 5.07 10.19
C MET D 172 78.66 4.77 11.66
N THR D 173 77.62 4.85 12.48
CA THR D 173 77.70 4.33 13.83
C THR D 173 77.98 2.82 13.78
N PRO D 174 78.98 2.34 14.52
CA PRO D 174 79.35 0.93 14.43
C PRO D 174 78.38 0.02 15.19
N LYS D 175 78.54 -1.29 14.94
CA LYS D 175 77.62 -2.29 15.50
C LYS D 175 77.60 -2.26 17.02
N ASP D 176 78.71 -1.88 17.66
CA ASP D 176 78.84 -1.94 19.11
C ASP D 176 78.03 -0.86 19.81
N LYS D 177 77.70 0.22 19.12
CA LYS D 177 76.83 1.26 19.68
C LYS D 177 75.36 1.05 19.31
N LEU D 178 75.00 -0.08 18.70
CA LEU D 178 73.62 -0.36 18.33
C LEU D 178 72.92 -1.09 19.47
N VAL D 179 71.71 -0.62 19.78
CA VAL D 179 70.79 -1.33 20.67
C VAL D 179 69.83 -2.07 19.76
N THR D 180 69.60 -3.34 20.07
CA THR D 180 68.76 -4.17 19.22
C THR D 180 67.98 -5.15 20.09
N ALA D 181 66.85 -5.59 19.56
CA ALA D 181 66.05 -6.64 20.16
C ALA D 181 65.95 -7.80 19.18
N ARG D 182 65.82 -8.99 19.73
CA ARG D 182 65.68 -10.17 18.89
C ARG D 182 64.26 -10.26 18.34
N GLU D 183 64.15 -10.65 17.08
CA GLU D 183 62.86 -10.99 16.50
C GLU D 183 62.14 -11.96 17.42
N GLY D 184 60.88 -11.68 17.70
CA GLY D 184 60.09 -12.51 18.59
C GLY D 184 60.03 -12.02 20.02
N THR D 185 60.78 -11.00 20.38
CA THR D 185 60.64 -10.43 21.71
C THR D 185 59.24 -9.84 21.84
N PRO D 186 58.63 -9.91 23.03
CA PRO D 186 57.35 -9.22 23.23
C PRO D 186 57.52 -7.72 23.17
N LEU D 187 56.46 -7.03 22.76
CA LEU D 187 56.53 -5.58 22.58
C LEU D 187 56.84 -4.86 23.89
N GLU D 188 56.36 -5.38 25.03
CA GLU D 188 56.65 -4.71 26.28
C GLU D 188 58.13 -4.84 26.64
N GLU D 189 58.74 -6.00 26.40
CA GLU D 189 60.18 -6.12 26.60
C GLU D 189 60.93 -5.09 25.77
N MET D 190 60.58 -4.97 24.49
CA MET D 190 61.23 -4.00 23.62
C MET D 190 61.01 -2.58 24.10
N LYS D 191 59.74 -2.21 24.36
CA LYS D 191 59.46 -0.91 24.94
C LYS D 191 60.36 -0.64 26.15
N ALA D 192 60.59 -1.67 26.98
CA ALA D 192 61.42 -1.47 28.16
C ALA D 192 62.89 -1.27 27.80
N LYS D 193 63.40 -2.03 26.82
CA LYS D 193 64.78 -1.83 26.41
C LYS D 193 64.98 -0.45 25.81
N LEU D 194 63.98 0.06 25.07
CA LEU D 194 64.05 1.42 24.55
C LEU D 194 64.16 2.42 25.68
N TYR D 195 63.29 2.27 26.70
CA TYR D 195 63.28 3.20 27.82
C TYR D 195 64.60 3.16 28.58
N GLU D 196 65.02 1.97 28.98
CA GLU D 196 66.24 1.89 29.77
C GLU D 196 67.46 2.40 28.99
N ASN D 197 67.39 2.45 27.66
CA ASN D 197 68.51 2.93 26.88
C ASN D 197 68.37 4.38 26.46
N ARG D 198 67.29 5.04 26.89
CA ARG D 198 67.06 6.46 26.61
C ARG D 198 67.10 6.74 25.11
N ILE D 199 66.42 5.88 24.34
CA ILE D 199 66.31 6.03 22.90
C ILE D 199 64.84 5.93 22.50
N GLU D 200 64.58 6.21 21.24
CA GLU D 200 63.24 6.15 20.67
C GLU D 200 63.09 5.08 19.60
N LYS D 201 64.13 4.84 18.80
CA LYS D 201 64.12 3.96 17.65
C LYS D 201 65.06 2.80 17.93
N MET D 202 64.74 1.61 17.43
CA MET D 202 65.67 0.51 17.67
C MET D 202 65.40 -0.64 16.72
N LEU D 203 66.47 -1.33 16.33
CA LEU D 203 66.43 -2.32 15.27
C LEU D 203 66.18 -3.70 15.83
N VAL D 204 65.45 -4.51 15.04
CA VAL D 204 65.11 -5.89 15.38
C VAL D 204 65.94 -6.79 14.50
N VAL D 205 66.54 -7.82 15.10
CA VAL D 205 67.47 -8.70 14.40
C VAL D 205 67.07 -10.14 14.69
N ASP D 206 67.57 -11.05 13.86
CA ASP D 206 67.36 -12.46 14.08
C ASP D 206 68.59 -13.07 14.76
N GLU D 207 68.66 -14.40 14.82
CA GLU D 207 69.72 -15.06 15.56
C GLU D 207 71.09 -14.79 14.96
N ASN D 208 71.16 -14.59 13.65
CA ASN D 208 72.42 -14.32 12.96
C ASN D 208 72.64 -12.83 12.74
N PHE D 209 71.83 -11.98 13.36
CA PHE D 209 72.00 -10.53 13.30
C PHE D 209 71.65 -9.96 11.93
N TYR D 210 70.70 -10.59 11.23
CA TYR D 210 70.12 -10.00 10.03
C TYR D 210 68.97 -9.09 10.42
N LEU D 211 68.92 -7.92 9.79
CA LEU D 211 67.84 -6.96 10.03
C LEU D 211 66.48 -7.55 9.69
N ARG D 212 65.59 -7.61 10.68
CA ARG D 212 64.22 -8.03 10.44
C ARG D 212 63.20 -6.91 10.60
N GLY D 213 63.57 -5.77 11.17
CA GLY D 213 62.65 -4.66 11.28
C GLY D 213 63.17 -3.60 12.22
N LEU D 214 62.31 -2.61 12.50
CA LEU D 214 62.63 -1.60 13.49
C LEU D 214 61.36 -1.16 14.20
N VAL D 215 61.50 -0.88 15.51
CA VAL D 215 60.41 -0.43 16.34
C VAL D 215 60.74 0.92 16.92
N THR D 216 59.68 1.63 17.26
CA THR D 216 59.70 2.98 17.75
C THR D 216 58.88 3.01 19.04
N PHE D 217 59.33 3.80 20.02
CA PHE D 217 58.60 3.89 21.28
C PHE D 217 57.19 4.43 21.05
N ARG D 218 57.06 5.50 20.26
CA ARG D 218 55.75 6.02 19.87
C ARG D 218 54.88 4.92 19.28
N ASP D 219 55.37 4.26 18.22
CA ASP D 219 54.58 3.24 17.54
C ASP D 219 54.12 2.14 18.49
N ILE D 220 54.98 1.75 19.43
CA ILE D 220 54.58 0.74 20.40
C ILE D 220 53.50 1.29 21.32
N GLU D 221 53.68 2.52 21.79
CA GLU D 221 52.77 3.10 22.76
C GLU D 221 51.35 3.23 22.22
N LYS D 222 51.21 3.56 20.93
CA LYS D 222 49.92 3.82 20.32
C LYS D 222 49.32 2.61 19.61
N ALA D 223 49.99 1.45 19.64
CA ALA D 223 49.49 0.29 18.91
C ALA D 223 48.29 -0.30 19.62
N LYS D 224 47.36 -0.83 18.83
CA LYS D 224 46.23 -1.53 19.41
C LYS D 224 46.61 -2.97 19.70
N THR D 225 46.15 -3.48 20.84
CA THR D 225 46.43 -4.85 21.23
C THR D 225 45.15 -5.65 21.13
N TYR D 226 45.29 -6.90 20.69
CA TYR D 226 44.17 -7.79 20.44
C TYR D 226 44.37 -9.02 21.31
N PRO D 227 43.95 -8.96 22.57
CA PRO D 227 44.23 -10.07 23.48
C PRO D 227 43.57 -11.37 23.09
N LEU D 228 42.47 -11.34 22.34
CA LEU D 228 41.83 -12.59 21.93
C LEU D 228 42.41 -13.19 20.66
N ALA D 229 43.34 -12.48 20.00
CA ALA D 229 43.77 -12.80 18.64
C ALA D 229 44.14 -14.28 18.46
N SER D 230 43.82 -14.80 17.27
CA SER D 230 44.16 -16.16 16.88
C SER D 230 45.56 -16.18 16.29
N LYS D 231 46.50 -16.75 17.02
CA LYS D 231 47.90 -16.76 16.60
C LYS D 231 48.43 -18.18 16.64
N ASP D 232 49.38 -18.46 15.74
CA ASP D 232 50.08 -19.73 15.71
C ASP D 232 51.20 -19.71 16.76
N GLU D 233 52.02 -20.76 16.78
CA GLU D 233 53.08 -20.84 17.78
C GLU D 233 54.17 -19.81 17.58
N GLN D 234 54.33 -19.28 16.36
CA GLN D 234 55.28 -18.21 16.14
C GLN D 234 54.72 -16.84 16.48
N GLY D 235 53.48 -16.77 16.98
CA GLY D 235 52.84 -15.49 17.24
C GLY D 235 52.24 -14.79 16.05
N ARG D 236 52.19 -15.43 14.87
CA ARG D 236 51.58 -14.82 13.69
C ARG D 236 50.08 -15.10 13.64
N LEU D 237 49.32 -14.13 13.12
CA LEU D 237 47.87 -14.30 12.98
C LEU D 237 47.57 -15.53 12.13
N ARG D 238 46.56 -16.30 12.55
CA ARG D 238 46.14 -17.47 11.81
C ARG D 238 45.26 -17.08 10.62
N VAL D 239 45.26 -17.92 9.57
CA VAL D 239 44.44 -17.70 8.39
C VAL D 239 44.25 -19.02 7.66
N GLY D 240 43.15 -19.11 6.90
CA GLY D 240 42.93 -20.23 6.00
C GLY D 240 42.77 -19.78 4.55
N ALA D 241 42.74 -20.77 3.66
CA ALA D 241 42.50 -20.47 2.26
C ALA D 241 41.84 -21.65 1.60
N ALA D 242 40.95 -21.34 0.66
CA ALA D 242 40.15 -22.36 -0.01
C ALA D 242 40.83 -22.83 -1.29
N VAL D 243 40.67 -24.13 -1.56
CA VAL D 243 41.04 -24.73 -2.82
C VAL D 243 39.87 -25.57 -3.30
N GLY D 244 39.95 -26.01 -4.56
CA GLY D 244 38.94 -26.85 -5.15
C GLY D 244 39.44 -28.25 -5.39
N THR D 245 38.96 -28.92 -6.44
CA THR D 245 39.47 -30.21 -6.85
C THR D 245 39.89 -30.23 -8.32
N GLY D 246 39.94 -29.08 -8.99
CA GLY D 246 40.39 -29.00 -10.36
C GLY D 246 41.87 -29.36 -10.53
N ALA D 247 42.39 -29.08 -11.73
CA ALA D 247 43.70 -29.61 -12.12
C ALA D 247 44.85 -28.90 -11.41
N ASP D 248 44.76 -27.58 -11.25
CA ASP D 248 45.81 -26.81 -10.61
C ASP D 248 45.83 -26.96 -9.09
N THR D 249 44.97 -27.80 -8.50
CA THR D 249 44.79 -27.81 -7.05
C THR D 249 46.08 -28.17 -6.31
N GLY D 250 46.80 -29.18 -6.78
CA GLY D 250 48.04 -29.56 -6.11
C GLY D 250 49.01 -28.39 -6.04
N GLU D 251 49.17 -27.69 -7.16
CA GLU D 251 50.05 -26.54 -7.20
C GLU D 251 49.56 -25.43 -6.26
N ARG D 252 48.24 -25.25 -6.15
CA ARG D 252 47.71 -24.21 -5.28
C ARG D 252 47.93 -24.55 -3.80
N VAL D 253 47.70 -25.81 -3.41
CA VAL D 253 47.97 -26.22 -2.04
C VAL D 253 49.43 -25.95 -1.67
N ALA D 254 50.36 -26.37 -2.55
CA ALA D 254 51.78 -26.12 -2.28
C ALA D 254 52.08 -24.63 -2.08
N ALA D 255 51.51 -23.77 -2.92
CA ALA D 255 51.83 -22.35 -2.79
C ALA D 255 51.24 -21.78 -1.52
N LEU D 256 50.04 -22.23 -1.13
CA LEU D 256 49.43 -21.74 0.11
C LEU D 256 50.20 -22.24 1.33
N VAL D 257 50.60 -23.52 1.34
CA VAL D 257 51.36 -24.03 2.47
C VAL D 257 52.66 -23.24 2.62
N ALA D 258 53.39 -23.09 1.51
CA ALA D 258 54.66 -22.34 1.54
C ALA D 258 54.46 -20.95 2.09
N ALA D 259 53.31 -20.33 1.86
CA ALA D 259 53.07 -19.00 2.41
C ALA D 259 52.74 -19.02 3.88
N GLY D 260 52.63 -20.19 4.50
CA GLY D 260 52.31 -20.27 5.92
C GLY D 260 50.85 -20.34 6.26
N VAL D 261 49.99 -20.78 5.35
CA VAL D 261 48.58 -20.95 5.68
C VAL D 261 48.46 -21.95 6.82
N ASP D 262 47.50 -21.71 7.71
CA ASP D 262 47.32 -22.58 8.86
C ASP D 262 46.42 -23.76 8.56
N VAL D 263 45.46 -23.58 7.65
CA VAL D 263 44.50 -24.62 7.33
C VAL D 263 44.08 -24.49 5.88
N VAL D 264 44.12 -25.60 5.15
CA VAL D 264 43.65 -25.67 3.78
C VAL D 264 42.20 -26.17 3.81
N VAL D 265 41.32 -25.47 3.10
CA VAL D 265 39.90 -25.79 3.05
C VAL D 265 39.58 -26.34 1.67
N VAL D 266 39.33 -27.65 1.58
CA VAL D 266 38.91 -28.28 0.34
C VAL D 266 37.41 -28.10 0.22
N ASP D 267 37.01 -27.05 -0.48
CA ASP D 267 35.71 -26.39 -0.36
C ASP D 267 34.97 -26.58 -1.68
N THR D 268 33.96 -27.45 -1.68
CA THR D 268 33.26 -27.80 -2.90
C THR D 268 31.77 -27.80 -2.63
N ALA D 269 30.99 -27.80 -3.71
CA ALA D 269 29.56 -27.86 -3.57
C ALA D 269 29.08 -29.22 -3.03
N HIS D 270 29.87 -30.27 -3.21
CA HIS D 270 29.47 -31.63 -2.84
C HIS D 270 30.72 -32.33 -2.29
N GLY D 271 30.94 -32.18 -0.97
CA GLY D 271 32.11 -32.77 -0.34
C GLY D 271 32.11 -34.29 -0.35
N HIS D 272 30.93 -34.92 -0.42
CA HIS D 272 30.82 -36.38 -0.35
C HIS D 272 31.00 -36.98 -1.74
N SER D 273 32.21 -36.83 -2.26
CA SER D 273 32.51 -37.22 -3.62
C SER D 273 33.90 -37.83 -3.70
N LYS D 274 34.13 -38.61 -4.76
CA LYS D 274 35.46 -39.14 -5.00
C LYS D 274 36.49 -38.02 -5.12
N GLY D 275 36.13 -36.93 -5.79
CA GLY D 275 37.10 -35.87 -5.98
C GLY D 275 37.59 -35.29 -4.67
N VAL D 276 36.67 -34.93 -3.78
CA VAL D 276 37.07 -34.23 -2.56
C VAL D 276 37.72 -35.18 -1.57
N ILE D 277 37.12 -36.36 -1.36
CA ILE D 277 37.69 -37.32 -0.43
C ILE D 277 39.15 -37.59 -0.80
N GLU D 278 39.40 -37.88 -2.07
CA GLU D 278 40.78 -38.17 -2.47
C GLU D 278 41.67 -36.95 -2.28
N ARG D 279 41.16 -35.75 -2.56
CA ARG D 279 41.98 -34.56 -2.44
C ARG D 279 42.35 -34.28 -0.98
N VAL D 280 41.43 -34.47 -0.02
CA VAL D 280 41.84 -34.27 1.37
C VAL D 280 42.81 -35.37 1.81
N ARG D 281 42.64 -36.59 1.32
CA ARG D 281 43.63 -37.62 1.62
C ARG D 281 44.99 -37.24 1.06
N TRP D 282 45.03 -36.59 -0.10
CA TRP D 282 46.30 -36.17 -0.69
C TRP D 282 46.98 -35.09 0.14
N VAL D 283 46.21 -34.07 0.54
CA VAL D 283 46.75 -32.99 1.36
C VAL D 283 47.28 -33.53 2.68
N LYS D 284 46.54 -34.44 3.30
CA LYS D 284 46.96 -34.96 4.60
C LYS D 284 48.23 -35.78 4.46
N GLN D 285 48.36 -36.55 3.38
CA GLN D 285 49.58 -37.33 3.13
C GLN D 285 50.72 -36.45 2.63
N THR D 286 50.44 -35.51 1.73
CA THR D 286 51.53 -34.71 1.18
C THR D 286 51.99 -33.62 2.13
N PHE D 287 51.08 -33.08 2.95
CA PHE D 287 51.39 -31.94 3.81
C PHE D 287 50.92 -32.22 5.23
N PRO D 288 51.49 -33.24 5.87
CA PRO D 288 51.00 -33.64 7.19
C PRO D 288 51.04 -32.54 8.25
N ASP D 289 51.69 -31.40 7.98
CA ASP D 289 51.83 -30.32 8.96
C ASP D 289 50.92 -29.11 8.72
N VAL D 290 49.94 -29.19 7.79
CA VAL D 290 48.82 -28.24 7.74
C VAL D 290 47.55 -28.94 8.18
N GLN D 291 46.65 -28.16 8.74
CA GLN D 291 45.29 -28.60 8.95
C GLN D 291 44.54 -28.57 7.63
N VAL D 292 43.71 -29.59 7.38
CA VAL D 292 42.88 -29.68 6.19
C VAL D 292 41.42 -29.83 6.61
N ILE D 293 40.53 -29.11 5.92
CA ILE D 293 39.09 -29.13 6.15
C ILE D 293 38.40 -29.58 4.85
N GLY D 294 37.41 -30.45 4.95
CA GLY D 294 36.67 -30.92 3.79
C GLY D 294 35.20 -30.55 3.89
N GLY D 295 34.58 -30.33 2.74
CA GLY D 295 33.19 -29.86 2.68
C GLY D 295 32.79 -29.58 1.25
N ASN D 296 31.51 -29.30 1.06
CA ASN D 296 30.48 -29.27 2.11
C ASN D 296 29.69 -30.58 2.18
N ILE D 297 29.20 -30.91 3.38
CA ILE D 297 28.47 -32.15 3.58
C ILE D 297 27.22 -31.88 4.40
N ALA D 298 26.41 -32.92 4.55
CA ALA D 298 25.14 -32.76 5.25
C ALA D 298 24.61 -34.10 5.78
N THR D 299 25.43 -35.15 5.78
CA THR D 299 24.97 -36.45 6.25
C THR D 299 26.02 -37.07 7.16
N ALA D 300 25.55 -38.00 7.98
CA ALA D 300 26.45 -38.79 8.80
C ALA D 300 27.45 -39.54 7.95
N GLU D 301 27.00 -40.19 6.87
CA GLU D 301 27.93 -41.05 6.12
C GLU D 301 29.03 -40.23 5.45
N ALA D 302 28.70 -39.04 4.93
CA ALA D 302 29.73 -38.17 4.39
C ALA D 302 30.74 -37.76 5.45
N ALA D 303 30.27 -37.54 6.68
CA ALA D 303 31.16 -37.17 7.78
C ALA D 303 32.13 -38.31 8.11
N LYS D 304 31.61 -39.53 8.18
CA LYS D 304 32.50 -40.66 8.41
C LYS D 304 33.52 -40.80 7.29
N ALA D 305 33.11 -40.53 6.04
CA ALA D 305 34.03 -40.71 4.93
C ALA D 305 35.11 -39.62 4.94
N LEU D 306 34.73 -38.37 5.19
CA LEU D 306 35.74 -37.33 5.28
C LEU D 306 36.69 -37.58 6.45
N ALA D 307 36.14 -37.99 7.61
CA ALA D 307 37.00 -38.33 8.75
C ALA D 307 37.96 -39.47 8.43
N GLU D 308 37.45 -40.55 7.84
CA GLU D 308 38.33 -41.67 7.53
C GLU D 308 39.44 -41.23 6.59
N ALA D 309 39.13 -40.33 5.66
CA ALA D 309 40.15 -39.77 4.78
C ALA D 309 41.15 -38.88 5.52
N GLY D 310 40.94 -38.60 6.80
CA GLY D 310 41.91 -37.84 7.57
C GLY D 310 41.67 -36.35 7.67
N ALA D 311 40.47 -35.87 7.32
CA ALA D 311 40.14 -34.46 7.51
C ALA D 311 40.25 -34.07 8.98
N ASP D 312 40.74 -32.86 9.24
CA ASP D 312 40.85 -32.32 10.58
C ASP D 312 39.57 -31.62 11.06
N ALA D 313 38.61 -31.44 10.15
CA ALA D 313 37.30 -30.85 10.43
C ALA D 313 36.49 -30.96 9.14
N VAL D 314 35.18 -30.85 9.29
CA VAL D 314 34.29 -30.89 8.14
C VAL D 314 33.43 -29.65 8.18
N LYS D 315 33.01 -29.21 7.01
CA LYS D 315 32.13 -28.06 6.89
C LYS D 315 30.78 -28.55 6.42
N VAL D 316 29.72 -28.18 7.14
CA VAL D 316 28.36 -28.71 6.95
C VAL D 316 27.47 -27.64 6.33
N GLY D 317 26.81 -28.00 5.22
CA GLY D 317 25.87 -27.09 4.57
C GLY D 317 25.61 -27.35 3.10
N ILE D 318 24.55 -28.08 2.78
CA ILE D 318 24.09 -28.30 1.41
C ILE D 318 22.65 -27.79 1.32
N GLY D 319 22.45 -26.75 0.50
CA GLY D 319 21.15 -26.14 0.34
C GLY D 319 20.47 -25.84 1.65
N PRO D 320 21.19 -25.14 2.56
CA PRO D 320 20.63 -24.89 3.89
C PRO D 320 19.54 -23.82 3.94
N GLY D 321 19.42 -22.96 2.92
CA GLY D 321 18.38 -21.94 2.91
C GLY D 321 17.19 -22.30 2.04
N SER D 322 16.09 -21.56 2.24
CA SER D 322 14.82 -21.76 1.52
C SER D 322 14.94 -21.36 0.06
N ILE D 323 14.87 -20.06 -0.23
CA ILE D 323 15.28 -19.60 -1.55
C ILE D 323 16.77 -19.84 -1.65
N CYS D 324 17.17 -20.66 -2.60
CA CYS D 324 18.50 -21.22 -2.58
C CYS D 324 18.74 -21.88 -3.93
N THR D 325 19.82 -21.51 -4.61
CA THR D 325 20.08 -22.06 -5.93
C THR D 325 20.09 -23.59 -5.91
N THR D 326 20.75 -24.18 -4.92
CA THR D 326 20.83 -25.64 -4.85
C THR D 326 19.46 -26.28 -4.78
N ARG D 327 18.53 -25.69 -4.01
CA ARG D 327 17.18 -26.25 -3.93
C ARG D 327 16.38 -26.01 -5.20
N ILE D 328 16.46 -24.79 -5.75
CA ILE D 328 15.60 -24.42 -6.87
C ILE D 328 16.03 -25.15 -8.14
N VAL D 329 17.33 -25.31 -8.33
CA VAL D 329 17.83 -25.84 -9.60
C VAL D 329 17.95 -27.37 -9.55
N ALA D 330 18.45 -27.90 -8.45
CA ALA D 330 18.69 -29.32 -8.35
C ALA D 330 17.74 -30.01 -7.39
N GLY D 331 16.96 -29.25 -6.60
CA GLY D 331 16.06 -29.82 -5.61
C GLY D 331 16.76 -30.57 -4.51
N VAL D 332 18.02 -30.23 -4.23
CA VAL D 332 18.87 -30.89 -3.25
C VAL D 332 19.05 -29.99 -2.03
N GLY D 333 19.10 -30.57 -0.86
CA GLY D 333 19.30 -29.80 0.36
C GLY D 333 18.94 -30.59 1.59
N VAL D 334 19.55 -30.20 2.71
CA VAL D 334 19.20 -30.74 4.02
C VAL D 334 19.03 -29.58 4.98
N PRO D 335 17.82 -29.34 5.52
CA PRO D 335 17.64 -28.32 6.57
C PRO D 335 18.75 -28.41 7.62
N GLN D 336 19.21 -27.26 8.13
CA GLN D 336 20.56 -27.21 8.63
C GLN D 336 20.68 -27.63 10.10
N ILE D 337 19.62 -27.49 10.89
CA ILE D 337 19.68 -28.01 12.27
C ILE D 337 19.89 -29.51 12.24
N SER D 338 19.09 -30.21 11.44
CA SER D 338 19.23 -31.65 11.33
C SER D 338 20.56 -32.04 10.70
N ALA D 339 21.01 -31.30 9.70
CA ALA D 339 22.30 -31.60 9.08
C ALA D 339 23.42 -31.49 10.11
N ILE D 340 23.38 -30.45 10.94
CA ILE D 340 24.39 -30.28 11.98
C ILE D 340 24.32 -31.42 12.99
N ALA D 341 23.13 -31.76 13.46
CA ALA D 341 23.02 -32.79 14.49
C ALA D 341 23.47 -34.16 13.98
N ASN D 342 23.11 -34.52 12.74
CA ASN D 342 23.52 -35.80 12.18
C ASN D 342 25.03 -35.90 12.04
N VAL D 343 25.68 -34.81 11.61
CA VAL D 343 27.12 -34.85 11.47
C VAL D 343 27.77 -34.92 12.85
N ALA D 344 27.29 -34.09 13.80
CA ALA D 344 27.84 -34.12 15.16
C ALA D 344 27.79 -35.51 15.75
N ALA D 345 26.63 -36.17 15.65
CA ALA D 345 26.49 -37.52 16.19
C ALA D 345 27.44 -38.51 15.51
N ALA D 346 27.62 -38.40 14.19
CA ALA D 346 28.53 -39.32 13.53
C ALA D 346 29.97 -39.11 13.98
N LEU D 347 30.33 -37.88 14.32
CA LEU D 347 31.72 -37.58 14.62
C LEU D 347 32.01 -37.62 16.12
N GLU D 348 31.01 -37.79 16.97
CA GLU D 348 31.25 -37.87 18.40
C GLU D 348 32.32 -38.92 18.72
N GLY D 349 33.29 -38.52 19.52
CA GLY D 349 34.38 -39.41 19.90
C GLY D 349 35.49 -39.58 18.90
N THR D 350 35.51 -38.78 17.81
CA THR D 350 36.62 -38.79 16.87
C THR D 350 37.55 -37.61 17.05
N GLY D 351 37.15 -36.61 17.83
CA GLY D 351 37.91 -35.39 17.89
C GLY D 351 37.85 -34.52 16.64
N VAL D 352 36.98 -34.80 15.68
CA VAL D 352 36.89 -34.04 14.45
C VAL D 352 35.80 -32.98 14.61
N PRO D 353 36.13 -31.70 14.57
CA PRO D 353 35.12 -30.65 14.69
C PRO D 353 34.31 -30.50 13.42
N LEU D 354 33.12 -29.91 13.56
CA LEU D 354 32.29 -29.55 12.42
C LEU D 354 31.98 -28.06 12.44
N ILE D 355 31.96 -27.47 11.25
CA ILE D 355 31.72 -26.05 11.03
C ILE D 355 30.38 -25.90 10.29
N ALA D 356 29.48 -25.09 10.86
CA ALA D 356 28.18 -24.87 10.26
C ALA D 356 28.26 -23.71 9.26
N ASP D 357 27.95 -23.99 8.00
CA ASP D 357 28.13 -23.04 6.91
C ASP D 357 26.78 -22.80 6.19
N GLY D 358 26.11 -21.70 6.51
CA GLY D 358 24.93 -21.30 5.76
C GLY D 358 23.65 -21.37 6.59
N GLY D 359 22.69 -20.52 6.23
CA GLY D 359 21.42 -20.44 6.91
C GLY D 359 21.34 -19.48 8.09
N ILE D 360 22.48 -19.02 8.61
CA ILE D 360 22.46 -18.12 9.77
C ILE D 360 22.10 -16.71 9.30
N ARG D 361 20.97 -16.19 9.77
CA ARG D 361 20.71 -14.79 9.52
C ARG D 361 20.61 -13.93 10.78
N PHE D 362 20.53 -14.52 11.97
CA PHE D 362 20.58 -13.75 13.20
C PHE D 362 21.43 -14.50 14.23
N SER D 363 21.83 -13.76 15.27
CA SER D 363 22.59 -14.37 16.34
C SER D 363 21.81 -15.53 16.97
N GLY D 364 20.48 -15.44 16.98
CA GLY D 364 19.70 -16.55 17.51
C GLY D 364 19.94 -17.85 16.76
N ASP D 365 20.07 -17.78 15.44
CA ASP D 365 20.39 -18.98 14.66
C ASP D 365 21.75 -19.52 15.03
N LEU D 366 22.70 -18.63 15.29
CA LEU D 366 24.05 -19.04 15.64
C LEU D 366 24.04 -19.88 16.90
N ALA D 367 23.34 -19.39 17.92
CA ALA D 367 23.22 -20.13 19.17
C ALA D 367 22.58 -21.50 18.94
N LYS D 368 21.51 -21.54 18.12
CA LYS D 368 20.87 -22.82 17.81
C LYS D 368 21.85 -23.78 17.12
N ALA D 369 22.62 -23.27 16.16
CA ALA D 369 23.61 -24.11 15.49
C ALA D 369 24.61 -24.70 16.47
N MET D 370 25.03 -23.92 17.47
CA MET D 370 25.96 -24.42 18.47
C MET D 370 25.31 -25.53 19.30
N VAL D 371 24.07 -25.34 19.74
CA VAL D 371 23.43 -26.35 20.58
C VAL D 371 23.14 -27.61 19.78
N ALA D 372 22.94 -27.48 18.47
CA ALA D 372 22.76 -28.65 17.63
C ALA D 372 24.04 -29.43 17.40
N GLY D 373 25.20 -28.87 17.79
CA GLY D 373 26.45 -29.61 17.70
C GLY D 373 27.62 -28.93 17.00
N ALA D 374 27.40 -27.82 16.32
CA ALA D 374 28.50 -27.17 15.61
C ALA D 374 29.57 -26.69 16.58
N TYR D 375 30.83 -26.70 16.12
CA TYR D 375 31.95 -26.18 16.90
C TYR D 375 32.16 -24.71 16.65
N CYS D 376 31.83 -24.24 15.44
CA CYS D 376 31.74 -22.84 15.13
C CYS D 376 30.91 -22.67 13.86
N VAL D 377 30.77 -21.42 13.46
CA VAL D 377 29.83 -21.04 12.43
C VAL D 377 30.54 -20.15 11.42
N MET D 378 30.26 -20.37 10.14
CA MET D 378 30.85 -19.59 9.07
C MET D 378 29.80 -18.62 8.55
N MET D 379 30.11 -17.34 8.57
CA MET D 379 29.25 -16.28 8.07
C MET D 379 29.81 -15.77 6.75
N GLY D 380 28.92 -15.47 5.81
CA GLY D 380 29.32 -14.90 4.55
C GLY D 380 28.71 -13.53 4.29
N SER D 381 27.52 -13.54 3.67
CA SER D 381 26.84 -12.34 3.22
C SER D 381 26.85 -11.29 4.32
N MET D 382 26.55 -11.70 5.54
CA MET D 382 26.48 -10.77 6.65
C MET D 382 27.74 -9.90 6.78
N PHE D 383 28.93 -10.43 6.43
CA PHE D 383 30.18 -9.66 6.50
C PHE D 383 30.47 -8.86 5.23
N ALA D 384 29.87 -9.22 4.11
CA ALA D 384 29.98 -8.41 2.91
C ALA D 384 29.50 -6.99 3.16
N GLY D 385 30.17 -6.01 2.58
CA GLY D 385 29.82 -4.63 2.83
C GLY D 385 30.46 -3.99 4.05
N THR D 386 31.20 -4.73 4.87
CA THR D 386 31.93 -4.10 5.96
C THR D 386 33.15 -3.37 5.41
N GLU D 387 33.68 -2.43 6.22
CA GLU D 387 34.88 -1.69 5.83
C GLU D 387 36.01 -2.62 5.43
N GLU D 388 36.24 -3.67 6.21
CA GLU D 388 37.36 -4.57 5.97
C GLU D 388 37.11 -5.49 4.77
N ALA D 389 35.86 -5.69 4.36
CA ALA D 389 35.58 -6.59 3.26
C ALA D 389 36.01 -5.96 1.94
N PRO D 390 36.19 -6.77 0.90
CA PRO D 390 36.62 -6.21 -0.40
C PRO D 390 35.63 -5.20 -0.94
N GLY D 391 36.07 -4.48 -1.97
CA GLY D 391 35.32 -3.38 -2.53
C GLY D 391 35.68 -2.05 -1.90
N GLU D 392 35.19 -0.97 -2.52
CA GLU D 392 35.40 0.36 -1.96
C GLU D 392 34.10 1.15 -1.91
N ILE D 393 34.02 2.03 -0.90
CA ILE D 393 32.78 2.73 -0.60
C ILE D 393 32.37 3.60 -1.78
N GLU D 394 31.07 3.73 -1.97
CA GLU D 394 30.52 4.54 -3.04
C GLU D 394 29.22 5.15 -2.57
N LEU D 395 28.94 6.36 -3.03
CA LEU D 395 27.71 7.08 -2.67
C LEU D 395 26.72 6.93 -3.81
N PHE D 396 25.52 6.44 -3.50
CA PHE D 396 24.49 6.29 -4.51
C PHE D 396 23.37 7.29 -4.29
N GLN D 397 22.18 6.81 -3.95
CA GLN D 397 21.00 7.66 -3.85
C GLN D 397 20.89 8.28 -2.45
N GLY D 398 21.97 8.95 -2.05
CA GLY D 398 22.13 9.39 -0.68
C GLY D 398 22.53 8.30 0.30
N ARG D 399 22.85 7.10 -0.18
CA ARG D 399 23.19 5.95 0.66
C ARG D 399 24.59 5.46 0.34
N SER D 400 25.19 4.77 1.29
CA SER D 400 26.55 4.26 1.12
C SER D 400 26.51 2.77 0.77
N TYR D 401 27.27 2.42 -0.27
CA TYR D 401 27.40 1.05 -0.74
C TYR D 401 28.87 0.73 -0.93
N LYS D 402 29.17 -0.56 -1.03
CA LYS D 402 30.44 -1.02 -1.55
C LYS D 402 30.23 -1.56 -2.95
N SER D 403 31.07 -1.11 -3.87
CA SER D 403 31.00 -1.56 -5.25
C SER D 403 32.29 -2.27 -5.63
N TYR D 404 32.17 -3.22 -6.55
CA TYR D 404 33.30 -4.01 -7.01
C TYR D 404 33.54 -3.84 -8.51
N GLY D 441 26.98 -4.72 -9.15
CA GLY D 441 27.60 -5.04 -7.87
C GLY D 441 27.47 -3.93 -6.86
N ARG D 442 26.47 -4.04 -5.97
CA ARG D 442 26.13 -2.96 -5.05
C ARG D 442 25.53 -3.56 -3.79
N VAL D 443 26.33 -3.63 -2.73
CA VAL D 443 25.88 -4.05 -1.41
C VAL D 443 25.96 -2.86 -0.46
N PRO D 444 25.00 -2.68 0.44
CA PRO D 444 25.04 -1.51 1.33
C PRO D 444 26.22 -1.59 2.28
N TYR D 445 26.73 -0.41 2.65
CA TYR D 445 27.93 -0.31 3.47
C TYR D 445 27.59 -0.55 4.93
N LYS D 446 28.28 -1.50 5.56
CA LYS D 446 27.89 -1.95 6.88
C LYS D 446 28.79 -1.43 7.99
N GLY D 447 29.74 -0.54 7.70
CA GLY D 447 30.62 -0.14 8.78
C GLY D 447 31.66 -1.21 9.17
N ALA D 448 32.14 -1.09 10.39
CA ALA D 448 33.26 -1.90 10.85
C ALA D 448 32.82 -3.30 11.25
N LEU D 449 33.67 -4.28 10.91
CA LEU D 449 33.41 -5.68 11.21
C LEU D 449 33.15 -5.90 12.70
N SER D 450 33.92 -5.22 13.56
CA SER D 450 33.88 -5.52 15.00
C SER D 450 32.48 -5.33 15.59
N ALA D 451 31.68 -4.44 15.04
CA ALA D 451 30.34 -4.21 15.58
C ALA D 451 29.40 -5.36 15.26
N ILE D 452 29.49 -5.90 14.05
CA ILE D 452 28.74 -7.09 13.72
C ILE D 452 29.16 -8.24 14.63
N VAL D 453 30.47 -8.48 14.72
CA VAL D 453 31.00 -9.55 15.58
C VAL D 453 30.53 -9.38 17.00
N HIS D 454 30.53 -8.14 17.50
CA HIS D 454 30.11 -7.90 18.87
C HIS D 454 28.64 -8.25 19.06
N GLN D 455 27.81 -8.00 18.05
CA GLN D 455 26.39 -8.33 18.20
C GLN D 455 26.15 -9.85 18.12
N LEU D 456 26.82 -10.54 17.20
CA LEU D 456 26.67 -11.99 17.12
C LEU D 456 27.12 -12.66 18.42
N MET D 457 28.31 -12.30 18.90
CA MET D 457 28.82 -12.88 20.13
C MET D 457 28.01 -12.45 21.34
N GLY D 458 27.51 -11.21 21.33
CA GLY D 458 26.60 -10.80 22.39
C GLY D 458 25.35 -11.64 22.46
N GLY D 459 24.83 -12.04 21.29
CA GLY D 459 23.61 -12.82 21.29
C GLY D 459 23.87 -14.24 21.75
N LEU D 460 24.96 -14.84 21.25
CA LEU D 460 25.37 -16.16 21.72
C LEU D 460 25.55 -16.16 23.23
N ARG D 461 26.27 -15.16 23.76
CA ARG D 461 26.46 -15.05 25.20
C ARG D 461 25.12 -15.00 25.93
N ALA D 462 24.11 -14.34 25.32
CA ALA D 462 22.79 -14.28 25.94
C ALA D 462 22.12 -15.66 25.94
N ALA D 463 22.25 -16.41 24.84
CA ALA D 463 21.72 -17.76 24.83
C ALA D 463 22.40 -18.63 25.88
N MET D 464 23.72 -18.53 25.99
CA MET D 464 24.41 -19.32 27.01
C MET D 464 23.96 -18.94 28.42
N GLY D 465 23.67 -17.65 28.65
CA GLY D 465 23.11 -17.26 29.92
C GLY D 465 21.74 -17.87 30.18
N TYR D 466 20.93 -17.99 29.13
CA TYR D 466 19.57 -18.51 29.27
C TYR D 466 19.56 -20.02 29.46
N THR D 467 20.52 -20.72 28.87
CA THR D 467 20.56 -22.17 28.99
C THR D 467 21.38 -22.63 30.19
N GLY D 468 22.06 -21.72 30.88
CA GLY D 468 22.92 -22.12 31.97
C GLY D 468 24.24 -22.72 31.53
N SER D 469 24.72 -22.40 30.32
CA SER D 469 25.97 -22.94 29.78
C SER D 469 27.12 -22.00 30.08
N ALA D 470 28.11 -22.49 30.83
CA ALA D 470 29.27 -21.67 31.15
C ALA D 470 30.34 -21.67 30.06
N ASP D 471 30.32 -22.65 29.15
CA ASP D 471 31.33 -22.70 28.09
C ASP D 471 30.76 -23.42 26.88
N ILE D 472 31.52 -23.43 25.78
CA ILE D 472 31.02 -23.94 24.50
C ILE D 472 30.74 -25.44 24.58
N GLN D 473 31.62 -26.17 25.28
CA GLN D 473 31.39 -27.60 25.45
C GLN D 473 30.02 -27.88 26.09
N GLN D 474 29.66 -27.14 27.14
CA GLN D 474 28.34 -27.34 27.73
C GLN D 474 27.24 -26.90 26.77
N MET D 475 27.44 -25.76 26.10
CA MET D 475 26.43 -25.26 25.16
C MET D 475 26.11 -26.30 24.09
N ARG D 476 27.14 -27.04 23.64
CA ARG D 476 26.93 -27.99 22.55
C ARG D 476 26.30 -29.28 23.01
N THR D 477 26.36 -29.61 24.29
CA THR D 477 25.96 -30.94 24.70
C THR D 477 24.84 -30.98 25.72
N GLN D 478 24.52 -29.87 26.41
CA GLN D 478 23.54 -30.00 27.49
C GLN D 478 22.17 -29.41 27.14
N PRO D 479 22.09 -28.20 26.58
CA PRO D 479 20.77 -27.56 26.39
C PRO D 479 19.88 -28.35 25.46
N GLN D 480 18.56 -28.12 25.60
CA GLN D 480 17.54 -28.78 24.81
C GLN D 480 16.67 -27.79 24.03
N PHE D 481 16.09 -28.28 22.93
CA PHE D 481 15.14 -27.56 22.07
C PHE D 481 13.70 -27.95 22.37
N VAL D 482 12.78 -27.05 22.05
CA VAL D 482 11.40 -27.41 21.74
C VAL D 482 11.22 -27.29 20.24
N ARG D 483 10.43 -28.18 19.68
CA ARG D 483 9.99 -28.02 18.32
C ARG D 483 8.68 -27.25 18.30
N ILE D 484 8.55 -26.31 17.36
CA ILE D 484 7.39 -25.43 17.23
C ILE D 484 6.80 -25.56 15.82
N THR D 485 5.63 -24.95 15.64
CA THR D 485 4.88 -24.95 14.38
C THR D 485 5.01 -23.58 13.69
N GLY D 486 4.37 -23.44 12.53
CA GLY D 486 4.05 -22.12 11.99
C GLY D 486 3.48 -21.08 12.97
N MET E 21 -19.00 32.56 -27.36
CA MET E 21 -17.58 32.67 -27.70
C MET E 21 -16.73 32.49 -26.45
N LEU E 22 -16.82 31.28 -25.88
CA LEU E 22 -16.35 30.86 -24.55
C LEU E 22 -16.28 31.99 -23.52
N ARG E 23 -17.25 32.00 -22.61
CA ARG E 23 -17.43 33.14 -21.72
C ARG E 23 -16.68 32.82 -20.44
N ILE E 24 -15.39 33.14 -20.44
CA ILE E 24 -14.54 33.01 -19.27
C ILE E 24 -14.43 34.36 -18.60
N SER E 25 -14.72 34.39 -17.31
CA SER E 25 -14.82 35.66 -16.60
C SER E 25 -13.47 36.11 -16.05
N GLN E 26 -12.64 35.16 -15.61
CA GLN E 26 -11.38 35.46 -14.96
C GLN E 26 -10.67 34.15 -14.70
N GLU E 27 -9.39 34.26 -14.36
CA GLU E 27 -8.66 33.17 -13.75
C GLU E 27 -8.86 33.28 -12.25
N ALA E 28 -9.24 32.17 -11.60
CA ALA E 28 -9.56 32.14 -10.17
C ALA E 28 -8.57 31.27 -9.40
N LEU E 29 -8.16 31.76 -8.22
CA LEU E 29 -7.05 31.18 -7.46
C LEU E 29 -7.54 30.52 -6.19
N THR E 30 -6.94 29.38 -5.86
CA THR E 30 -7.17 28.72 -4.60
C THR E 30 -5.91 28.86 -3.73
N PHE E 31 -6.00 28.33 -2.51
CA PHE E 31 -4.94 28.50 -1.52
C PHE E 31 -3.57 28.10 -2.05
N ASP E 32 -3.47 26.98 -2.76
CA ASP E 32 -2.16 26.49 -3.17
C ASP E 32 -1.52 27.27 -4.33
N ASP E 33 -2.21 28.26 -4.89
CA ASP E 33 -1.66 29.12 -5.93
C ASP E 33 -0.88 30.31 -5.38
N VAL E 34 -0.92 30.56 -4.08
CA VAL E 34 -0.39 31.81 -3.54
C VAL E 34 0.35 31.54 -2.24
N LEU E 35 1.30 32.42 -1.97
CA LEU E 35 2.04 32.43 -0.71
C LEU E 35 2.11 33.85 -0.21
N LEU E 36 2.16 34.01 1.11
CA LEU E 36 2.35 35.32 1.69
C LEU E 36 3.81 35.74 1.60
N ILE E 37 4.04 37.00 1.21
CA ILE E 37 5.36 37.61 1.14
C ILE E 37 5.74 38.20 2.50
N PRO E 38 6.92 37.89 3.04
CA PRO E 38 7.35 38.52 4.29
C PRO E 38 7.50 40.02 4.13
N GLY E 39 7.21 40.74 5.22
CA GLY E 39 7.34 42.18 5.22
C GLY E 39 8.07 42.62 6.47
N TYR E 40 8.54 43.87 6.45
CA TYR E 40 9.19 44.43 7.63
C TYR E 40 8.29 44.28 8.84
N SER E 41 8.83 43.68 9.90
CA SER E 41 8.03 43.32 11.06
C SER E 41 8.69 43.81 12.34
N GLU E 42 7.83 44.10 13.29
CA GLU E 42 8.20 44.74 14.53
C GLU E 42 7.34 44.24 15.69
N VAL E 43 6.42 43.32 15.45
CA VAL E 43 5.52 42.78 16.46
C VAL E 43 5.71 41.27 16.55
N LEU E 44 5.89 40.77 17.75
CA LEU E 44 6.07 39.34 17.93
C LEU E 44 4.74 38.62 17.75
N PRO E 45 4.76 37.41 17.18
CA PRO E 45 3.52 36.62 17.08
C PRO E 45 2.70 36.61 18.36
N LYS E 46 3.35 36.56 19.53
CA LYS E 46 2.65 36.46 20.79
C LYS E 46 1.89 37.73 21.17
N ASP E 47 2.16 38.87 20.53
CA ASP E 47 1.59 40.15 20.91
C ASP E 47 0.55 40.69 19.96
N VAL E 48 0.35 40.07 18.80
CA VAL E 48 -0.60 40.63 17.86
C VAL E 48 -2.02 40.37 18.35
N SER E 49 -2.96 41.16 17.84
CA SER E 49 -4.35 41.03 18.21
C SER E 49 -5.11 40.21 17.18
N LEU E 50 -5.95 39.30 17.66
CA LEU E 50 -6.79 38.48 16.80
C LEU E 50 -8.24 38.91 16.80
N LYS E 51 -8.58 39.99 17.51
CA LYS E 51 -9.97 40.43 17.62
C LYS E 51 -10.54 40.74 16.24
N THR E 52 -11.76 40.27 16.00
CA THR E 52 -12.39 40.48 14.72
C THR E 52 -13.90 40.56 14.93
N ARG E 53 -14.64 40.36 13.85
CA ARG E 53 -16.06 40.69 13.84
C ARG E 53 -16.76 39.58 13.06
N LEU E 54 -17.78 38.99 13.66
CA LEU E 54 -18.53 37.93 13.00
C LEU E 54 -19.66 38.48 12.13
N THR E 55 -20.33 39.52 12.59
CA THR E 55 -21.46 40.17 11.94
C THR E 55 -21.42 41.64 12.31
N ARG E 56 -22.33 42.41 11.72
CA ARG E 56 -22.43 43.83 12.05
C ARG E 56 -22.36 44.08 13.56
N GLY E 57 -22.94 43.16 14.35
CA GLY E 57 -23.18 43.40 15.77
C GLY E 57 -22.47 42.46 16.74
N ILE E 58 -21.64 41.55 16.25
CA ILE E 58 -21.04 40.54 17.10
C ILE E 58 -19.53 40.50 16.84
N GLU E 59 -18.75 40.75 17.88
CA GLU E 59 -17.30 40.67 17.84
C GLU E 59 -16.82 39.32 18.40
N LEU E 60 -15.73 38.83 17.85
CA LEU E 60 -15.07 37.62 18.32
C LEU E 60 -13.63 37.95 18.71
N ASN E 61 -13.11 37.23 19.70
CA ASN E 61 -11.71 37.40 20.05
C ASN E 61 -10.75 36.56 19.22
N ILE E 62 -11.25 35.55 18.51
CA ILE E 62 -10.48 34.87 17.46
C ILE E 62 -11.37 34.64 16.26
N PRO E 63 -10.77 34.57 15.05
CA PRO E 63 -11.60 34.50 13.84
C PRO E 63 -11.95 33.07 13.44
N LEU E 64 -12.63 32.36 14.35
CA LEU E 64 -12.92 30.94 14.15
C LEU E 64 -14.38 30.66 14.46
N VAL E 65 -15.05 30.00 13.52
CA VAL E 65 -16.43 29.57 13.64
C VAL E 65 -16.45 28.08 13.30
N SER E 66 -17.22 27.30 14.06
CA SER E 66 -17.38 25.89 13.74
C SER E 66 -18.65 25.69 12.91
N ALA E 67 -18.57 24.77 11.96
CA ALA E 67 -19.63 24.62 10.95
C ALA E 67 -20.87 23.96 11.53
N ALA E 68 -22.00 24.26 10.89
CA ALA E 68 -23.28 23.66 11.26
C ALA E 68 -23.46 22.28 10.61
N MET E 69 -22.49 21.40 10.88
CA MET E 69 -22.53 20.00 10.49
C MET E 69 -22.89 19.11 11.68
N ASP E 70 -23.56 18.00 11.40
CA ASP E 70 -23.99 17.17 12.51
C ASP E 70 -22.90 16.25 13.04
N THR E 71 -21.70 16.26 12.46
CA THR E 71 -20.54 15.67 13.08
C THR E 71 -19.69 16.69 13.83
N VAL E 72 -20.11 17.95 13.87
CA VAL E 72 -19.22 19.00 14.37
C VAL E 72 -19.85 19.80 15.51
N THR E 73 -20.98 20.48 15.28
CA THR E 73 -21.47 21.48 16.24
C THR E 73 -22.83 21.12 16.84
N GLU E 74 -22.81 20.68 18.09
CA GLU E 74 -23.96 20.72 18.98
C GLU E 74 -23.56 21.54 20.21
N ALA E 75 -24.39 21.49 21.25
CA ALA E 75 -24.16 22.38 22.39
C ALA E 75 -22.76 22.21 22.98
N ARG E 76 -22.32 20.98 23.18
CA ARG E 76 -21.03 20.76 23.83
C ARG E 76 -19.92 21.52 23.09
N LEU E 77 -19.81 21.29 21.78
CA LEU E 77 -18.73 21.94 21.04
C LEU E 77 -18.97 23.45 20.90
N ALA E 78 -20.22 23.88 20.76
CA ALA E 78 -20.49 25.32 20.70
C ALA E 78 -20.02 26.02 21.97
N ILE E 79 -20.20 25.38 23.14
CA ILE E 79 -19.72 25.97 24.38
C ILE E 79 -18.20 26.12 24.34
N ALA E 80 -17.49 25.11 23.84
CA ALA E 80 -16.04 25.21 23.75
C ALA E 80 -15.63 26.31 22.77
N MET E 81 -16.30 26.41 21.62
CA MET E 81 -15.95 27.46 20.65
C MET E 81 -16.07 28.83 21.31
N ALA E 82 -17.19 29.07 22.00
CA ALA E 82 -17.41 30.37 22.62
C ALA E 82 -16.36 30.65 23.70
N GLN E 83 -16.00 29.63 24.51
CA GLN E 83 -14.99 29.81 25.55
C GLN E 83 -13.62 30.15 24.98
N GLU E 84 -13.33 29.64 23.77
CA GLU E 84 -12.08 29.90 23.08
C GLU E 84 -11.98 31.31 22.52
N GLY E 85 -13.10 32.05 22.42
CA GLY E 85 -13.15 33.31 21.74
C GLY E 85 -13.81 33.28 20.37
N GLY E 86 -14.31 32.13 19.93
CA GLY E 86 -15.07 32.04 18.69
C GLY E 86 -16.55 31.80 18.92
N ILE E 87 -17.17 31.03 18.02
CA ILE E 87 -18.60 30.72 18.12
C ILE E 87 -18.87 29.47 17.30
N GLY E 88 -19.90 28.73 17.70
CA GLY E 88 -20.33 27.55 16.97
C GLY E 88 -21.73 27.76 16.43
N ILE E 89 -21.99 27.20 15.24
CA ILE E 89 -23.30 27.22 14.60
C ILE E 89 -23.93 25.84 14.79
N ILE E 90 -24.92 25.73 15.68
CA ILE E 90 -25.60 24.44 15.88
C ILE E 90 -26.31 24.01 14.60
N HIS E 91 -26.19 22.73 14.25
CA HIS E 91 -26.70 22.19 13.01
C HIS E 91 -28.21 21.95 13.06
N LYS E 92 -28.81 21.81 11.88
CA LYS E 92 -30.26 21.67 11.75
C LYS E 92 -30.70 20.27 11.35
N ASN E 93 -29.79 19.30 11.32
CA ASN E 93 -30.23 17.94 11.04
C ASN E 93 -30.84 17.34 12.31
N MET E 94 -31.83 18.03 12.89
CA MET E 94 -32.52 17.57 14.10
C MET E 94 -33.83 18.32 14.16
N GLY E 95 -34.70 17.91 15.10
CA GLY E 95 -36.00 18.55 15.24
C GLY E 95 -35.91 19.98 15.78
N ILE E 96 -37.00 20.74 15.58
CA ILE E 96 -37.01 22.14 15.98
C ILE E 96 -36.81 22.29 17.48
N GLU E 97 -37.59 21.54 18.29
CA GLU E 97 -37.40 21.64 19.74
C GLU E 97 -36.02 21.13 20.16
N GLN E 98 -35.54 20.05 19.53
CA GLN E 98 -34.18 19.61 19.73
C GLN E 98 -33.19 20.77 19.51
N GLN E 99 -33.26 21.43 18.35
CA GLN E 99 -32.27 22.46 18.06
C GLN E 99 -32.38 23.60 19.05
N ALA E 100 -33.60 24.02 19.39
CA ALA E 100 -33.73 25.10 20.36
C ALA E 100 -33.22 24.69 21.72
N ALA E 101 -33.39 23.41 22.09
CA ALA E 101 -32.87 22.96 23.38
C ALA E 101 -31.34 22.99 23.39
N GLU E 102 -30.70 22.65 22.26
CA GLU E 102 -29.25 22.79 22.14
C GLU E 102 -28.81 24.25 22.32
N VAL E 103 -29.59 25.20 21.80
CA VAL E 103 -29.27 26.61 21.99
C VAL E 103 -29.42 27.00 23.46
N ARG E 104 -30.46 26.51 24.13
CA ARG E 104 -30.65 26.83 25.54
C ARG E 104 -29.46 26.37 26.38
N LYS E 105 -28.91 25.19 26.08
CA LYS E 105 -27.79 24.69 26.90
C LYS E 105 -26.60 25.62 26.84
N VAL E 106 -26.31 26.15 25.65
CA VAL E 106 -25.17 27.07 25.55
C VAL E 106 -25.47 28.37 26.28
N LYS E 107 -26.67 28.93 26.04
CA LYS E 107 -27.00 30.19 26.69
C LYS E 107 -27.00 30.08 28.21
N LYS E 108 -27.25 28.88 28.75
CA LYS E 108 -27.38 28.76 30.20
C LYS E 108 -26.10 28.26 30.88
N HIS E 109 -25.10 27.81 30.12
CA HIS E 109 -23.92 27.21 30.71
C HIS E 109 -23.16 28.21 31.57
N GLU E 110 -22.91 27.83 32.83
CA GLU E 110 -22.08 28.60 33.76
C GLU E 110 -20.99 27.70 34.32
N THR E 111 -19.73 28.11 34.14
CA THR E 111 -18.60 27.36 34.66
C THR E 111 -18.67 27.23 36.18
N ALA E 112 -18.51 25.99 36.68
CA ALA E 112 -18.32 25.64 38.10
C ALA E 112 -19.63 25.56 38.88
N ILE E 113 -20.77 25.92 38.30
CA ILE E 113 -22.02 26.03 39.05
C ILE E 113 -22.79 24.72 38.97
N VAL E 114 -23.05 24.14 40.15
CA VAL E 114 -23.89 22.94 40.28
C VAL E 114 -25.33 23.35 40.01
N ARG E 115 -25.90 22.84 38.92
CA ARG E 115 -27.30 23.05 38.58
C ARG E 115 -28.17 22.00 39.25
N ASP E 116 -29.47 22.32 39.33
CA ASP E 116 -30.51 21.45 39.87
C ASP E 116 -30.07 20.73 41.15
N PRO E 117 -29.70 21.47 42.20
CA PRO E 117 -29.42 20.83 43.50
C PRO E 117 -30.69 20.29 44.14
N VAL E 118 -30.50 19.44 45.14
CA VAL E 118 -31.63 18.80 45.81
C VAL E 118 -32.30 19.83 46.70
N THR E 119 -33.53 20.21 46.36
CA THR E 119 -34.26 21.27 47.03
C THR E 119 -35.43 20.72 47.84
N VAL E 120 -35.82 21.45 48.89
CA VAL E 120 -37.07 21.19 49.60
C VAL E 120 -37.93 22.45 49.52
N THR E 121 -39.14 22.37 50.08
CA THR E 121 -40.03 23.50 50.22
C THR E 121 -40.47 23.58 51.67
N PRO E 122 -41.05 24.70 52.09
CA PRO E 122 -41.55 24.80 53.47
C PRO E 122 -42.71 23.85 53.77
N SER E 123 -43.27 23.18 52.75
CA SER E 123 -44.32 22.19 52.96
C SER E 123 -43.74 20.88 53.53
N THR E 124 -42.65 20.40 52.95
CA THR E 124 -42.00 19.17 53.40
C THR E 124 -42.03 19.05 54.92
N LYS E 125 -42.40 17.86 55.40
CA LYS E 125 -42.28 17.58 56.83
C LYS E 125 -40.87 17.07 57.13
N ILE E 126 -40.46 17.26 58.38
CA ILE E 126 -39.10 16.91 58.79
C ILE E 126 -38.83 15.41 58.69
N ILE E 127 -39.87 14.59 58.57
CA ILE E 127 -39.63 13.15 58.41
C ILE E 127 -39.35 12.80 56.94
N GLU E 128 -39.82 13.63 56.01
CA GLU E 128 -39.47 13.42 54.61
C GLU E 128 -38.03 13.84 54.34
N LEU E 129 -37.58 14.93 54.98
CA LEU E 129 -36.22 15.40 54.77
C LEU E 129 -35.21 14.43 55.38
N LEU E 130 -35.47 13.94 56.59
CA LEU E 130 -34.58 12.95 57.19
C LEU E 130 -34.50 11.69 56.33
N GLN E 131 -35.58 11.35 55.64
CA GLN E 131 -35.60 10.18 54.76
C GLN E 131 -34.57 10.33 53.64
N MET E 132 -34.67 11.42 52.87
CA MET E 132 -33.72 11.69 51.81
C MET E 132 -32.39 12.24 52.34
N ALA E 133 -32.37 12.76 53.56
CA ALA E 133 -31.10 13.15 54.18
C ALA E 133 -30.19 11.93 54.37
N ARG E 134 -30.76 10.80 54.80
CA ARG E 134 -29.96 9.58 54.91
C ARG E 134 -29.37 9.16 53.56
N GLU E 135 -29.87 9.70 52.46
CA GLU E 135 -29.34 9.40 51.13
C GLU E 135 -28.46 10.50 50.55
N TYR E 136 -28.62 11.75 50.98
CA TYR E 136 -27.84 12.87 50.45
C TYR E 136 -26.92 13.53 51.47
N GLY E 137 -26.85 13.01 52.70
CA GLY E 137 -26.06 13.64 53.74
C GLY E 137 -26.73 14.88 54.32
N PHE E 138 -26.00 15.57 55.18
CA PHE E 138 -26.52 16.71 55.93
C PHE E 138 -25.80 18.02 55.60
N SER E 139 -25.05 18.06 54.49
CA SER E 139 -24.31 19.26 54.16
C SER E 139 -25.22 20.48 53.98
N GLY E 140 -26.53 20.26 53.80
CA GLY E 140 -27.47 21.36 53.73
C GLY E 140 -28.42 21.24 52.56
N PHE E 141 -29.70 21.55 52.78
CA PHE E 141 -30.72 21.47 51.74
C PHE E 141 -31.32 22.85 51.53
N PRO E 142 -31.28 23.42 50.33
CA PRO E 142 -31.93 24.71 50.11
C PRO E 142 -33.44 24.56 50.23
N VAL E 143 -34.07 25.62 50.72
CA VAL E 143 -35.54 25.69 50.83
C VAL E 143 -36.05 26.67 49.78
N VAL E 144 -36.91 26.19 48.90
CA VAL E 144 -37.51 27.01 47.86
C VAL E 144 -39.01 26.79 47.91
N GLU E 145 -39.75 27.73 47.34
CA GLU E 145 -41.17 27.50 47.04
C GLU E 145 -41.49 28.25 45.75
N GLN E 146 -41.75 27.48 44.70
CA GLN E 146 -41.96 28.03 43.35
C GLN E 146 -40.74 28.84 42.91
N GLY E 147 -39.56 28.24 43.08
CA GLY E 147 -38.29 28.81 42.66
C GLY E 147 -37.65 29.81 43.62
N GLU E 148 -38.48 30.62 44.29
CA GLU E 148 -37.99 31.56 45.29
C GLU E 148 -37.18 30.83 46.36
N LEU E 149 -35.95 31.28 46.57
CA LEU E 149 -35.12 30.78 47.67
C LEU E 149 -35.54 31.47 48.97
N VAL E 150 -35.89 30.67 49.98
CA VAL E 150 -36.42 31.19 51.24
C VAL E 150 -35.68 30.69 52.46
N GLY E 151 -34.64 29.88 52.29
CA GLY E 151 -33.85 29.44 53.42
C GLY E 151 -33.01 28.23 53.06
N ILE E 152 -32.63 27.49 54.10
CA ILE E 152 -31.80 26.31 53.99
C ILE E 152 -32.01 25.53 55.27
N VAL E 153 -31.75 24.23 55.23
CA VAL E 153 -31.80 23.39 56.43
C VAL E 153 -30.40 22.86 56.67
N THR E 154 -29.74 23.38 57.69
CA THR E 154 -28.40 22.97 58.03
C THR E 154 -28.43 21.57 58.64
N GLY E 155 -27.25 20.98 58.78
CA GLY E 155 -27.12 19.81 59.64
C GLY E 155 -27.36 20.14 61.09
N ARG E 156 -26.92 21.32 61.52
CA ARG E 156 -27.17 21.78 62.89
C ARG E 156 -28.60 22.29 63.07
N ASP E 157 -29.28 22.70 62.01
CA ASP E 157 -30.68 23.11 62.09
C ASP E 157 -31.59 21.89 62.23
N LEU E 158 -31.10 20.83 62.85
CA LEU E 158 -31.85 19.60 63.10
C LEU E 158 -31.48 19.02 64.47
N ARG E 159 -31.38 19.89 65.47
CA ARG E 159 -31.03 19.48 66.82
C ARG E 159 -32.18 19.77 67.78
N ASP E 166 -44.42 18.60 62.20
CA ASP E 166 -44.48 19.90 61.55
C ASP E 166 -43.56 19.94 60.31
N THR E 167 -43.18 21.13 59.87
CA THR E 167 -42.58 21.32 58.55
C THR E 167 -41.18 21.96 58.67
N VAL E 168 -40.51 22.09 57.52
CA VAL E 168 -39.14 22.60 57.48
C VAL E 168 -39.08 24.04 57.95
N ALA E 169 -40.09 24.84 57.61
CA ALA E 169 -40.09 26.25 58.02
C ALA E 169 -39.89 26.39 59.52
N ALA E 170 -40.36 25.42 60.30
CA ALA E 170 -40.22 25.48 61.75
C ALA E 170 -38.77 25.50 62.20
N ILE E 171 -37.84 25.10 61.34
CA ILE E 171 -36.45 24.92 61.74
C ILE E 171 -35.50 25.61 60.77
N MET E 172 -35.93 25.76 59.52
CA MET E 172 -35.04 26.22 58.47
C MET E 172 -34.34 27.52 58.87
N THR E 173 -33.15 27.71 58.31
CA THR E 173 -32.45 29.00 58.44
C THR E 173 -33.13 30.02 57.55
N PRO E 174 -33.40 31.23 58.06
CA PRO E 174 -34.13 32.22 57.26
C PRO E 174 -33.27 32.82 56.16
N LYS E 175 -33.97 33.48 55.23
CA LYS E 175 -33.32 34.21 54.14
C LYS E 175 -32.27 35.20 54.66
N ASP E 176 -32.45 35.70 55.89
CA ASP E 176 -31.62 36.80 56.40
C ASP E 176 -30.20 36.34 56.71
N LYS E 177 -30.04 35.12 57.20
CA LYS E 177 -28.72 34.59 57.53
C LYS E 177 -28.06 33.85 56.37
N LEU E 178 -28.66 33.88 55.18
CA LEU E 178 -28.11 33.20 54.02
C LEU E 178 -26.99 34.01 53.39
N VAL E 179 -26.05 33.29 52.77
CA VAL E 179 -24.94 33.88 52.03
C VAL E 179 -25.04 33.35 50.61
N THR E 180 -25.32 34.24 49.66
CA THR E 180 -25.55 33.86 48.29
C THR E 180 -24.65 34.70 47.38
N ALA E 181 -24.57 34.26 46.13
CA ALA E 181 -23.89 34.96 45.05
C ALA E 181 -24.85 35.11 43.88
N ARG E 182 -24.75 36.23 43.18
CA ARG E 182 -25.59 36.45 42.01
C ARG E 182 -25.06 35.65 40.82
N GLU E 183 -25.99 35.12 40.03
CA GLU E 183 -25.62 34.38 38.83
C GLU E 183 -24.82 35.29 37.90
N GLY E 184 -23.69 34.76 37.40
CA GLY E 184 -22.80 35.56 36.59
C GLY E 184 -21.74 36.31 37.36
N THR E 185 -21.64 36.09 38.67
CA THR E 185 -20.54 36.62 39.44
C THR E 185 -19.23 35.96 39.01
N PRO E 186 -18.16 36.72 38.83
CA PRO E 186 -16.87 36.11 38.48
C PRO E 186 -16.43 35.07 39.51
N LEU E 187 -15.86 33.97 39.01
CA LEU E 187 -15.34 32.94 39.90
C LEU E 187 -14.43 33.52 40.96
N GLU E 188 -13.58 34.48 40.58
CA GLU E 188 -12.64 35.04 41.54
C GLU E 188 -13.35 35.79 42.66
N GLU E 189 -14.54 36.35 42.38
CA GLU E 189 -15.29 37.06 43.41
C GLU E 189 -16.02 36.10 44.34
N MET E 190 -16.47 34.96 43.83
CA MET E 190 -17.15 33.98 44.67
C MET E 190 -16.18 33.36 45.68
N LYS E 191 -15.02 32.88 45.19
CA LYS E 191 -13.98 32.41 46.10
C LYS E 191 -13.72 33.42 47.20
N ALA E 192 -13.54 34.70 46.82
CA ALA E 192 -13.32 35.74 47.82
C ALA E 192 -14.46 35.79 48.83
N LYS E 193 -15.71 35.65 48.38
CA LYS E 193 -16.83 35.69 49.31
C LYS E 193 -16.89 34.41 50.14
N LEU E 194 -16.56 33.27 49.54
CA LEU E 194 -16.47 32.04 50.31
C LEU E 194 -15.47 32.20 51.45
N TYR E 195 -14.29 32.74 51.15
CA TYR E 195 -13.24 32.84 52.15
C TYR E 195 -13.60 33.83 53.24
N GLU E 196 -14.16 34.99 52.88
CA GLU E 196 -14.56 35.96 53.89
C GLU E 196 -15.54 35.36 54.90
N ASN E 197 -16.36 34.40 54.47
CA ASN E 197 -17.43 33.86 55.31
C ASN E 197 -17.12 32.51 55.93
N ARG E 198 -15.96 31.93 55.65
CA ARG E 198 -15.55 30.66 56.28
C ARG E 198 -16.57 29.56 56.01
N ILE E 199 -16.95 29.44 54.74
CA ILE E 199 -17.96 28.49 54.29
C ILE E 199 -17.41 27.71 53.11
N GLU E 200 -17.89 26.47 52.98
CA GLU E 200 -17.50 25.62 51.86
C GLU E 200 -18.42 25.73 50.67
N LYS E 201 -19.70 26.01 50.89
CA LYS E 201 -20.70 26.11 49.83
C LYS E 201 -21.32 27.49 49.84
N MET E 202 -22.05 27.79 48.77
CA MET E 202 -22.76 29.05 48.64
C MET E 202 -23.84 28.89 47.59
N LEU E 203 -25.06 29.31 47.91
CA LEU E 203 -26.15 29.23 46.95
C LEU E 203 -26.12 30.40 45.96
N VAL E 204 -26.48 30.11 44.71
CA VAL E 204 -26.51 31.10 43.62
C VAL E 204 -27.95 31.45 43.26
N VAL E 205 -28.21 32.75 43.09
CA VAL E 205 -29.55 33.27 42.88
C VAL E 205 -29.53 34.19 41.67
N ASP E 206 -30.70 34.47 41.12
CA ASP E 206 -30.81 35.46 40.07
C ASP E 206 -31.36 36.77 40.68
N GLU E 207 -31.71 37.72 39.81
CA GLU E 207 -32.09 39.05 40.30
C GLU E 207 -33.28 39.01 41.23
N ASN E 208 -34.16 38.00 41.07
CA ASN E 208 -35.38 37.88 41.86
C ASN E 208 -35.24 36.86 42.98
N PHE E 209 -34.00 36.52 43.35
CA PHE E 209 -33.72 35.56 44.42
C PHE E 209 -34.32 34.19 44.13
N TYR E 210 -34.40 33.81 42.86
CA TYR E 210 -34.72 32.45 42.48
C TYR E 210 -33.46 31.60 42.53
N LEU E 211 -33.58 30.40 43.12
CA LEU E 211 -32.47 29.47 43.17
C LEU E 211 -32.05 29.05 41.78
N ARG E 212 -30.76 29.20 41.48
CA ARG E 212 -30.19 28.85 40.20
C ARG E 212 -29.06 27.81 40.29
N GLY E 213 -28.61 27.46 41.49
CA GLY E 213 -27.55 26.49 41.67
C GLY E 213 -26.76 26.78 42.93
N LEU E 214 -25.59 26.16 43.04
CA LEU E 214 -24.65 26.47 44.11
C LEU E 214 -23.24 26.22 43.61
N VAL E 215 -22.27 26.70 44.39
CA VAL E 215 -20.85 26.54 44.08
C VAL E 215 -20.13 26.16 45.36
N THR E 216 -19.16 25.25 45.24
CA THR E 216 -18.40 24.80 46.38
C THR E 216 -16.95 25.27 46.26
N PHE E 217 -16.29 25.39 47.42
CA PHE E 217 -14.92 25.87 47.45
C PHE E 217 -14.06 25.17 46.41
N ARG E 218 -14.18 23.84 46.31
CA ARG E 218 -13.26 23.10 45.46
C ARG E 218 -13.77 22.89 44.04
N ASP E 219 -15.02 23.23 43.73
CA ASP E 219 -15.38 23.42 42.34
C ASP E 219 -14.70 24.66 41.77
N ILE E 220 -14.69 25.75 42.54
CA ILE E 220 -13.97 26.95 42.16
C ILE E 220 -12.47 26.68 42.07
N GLU E 221 -11.93 25.93 43.04
CA GLU E 221 -10.49 25.67 43.07
C GLU E 221 -10.02 25.06 41.76
N LYS E 222 -10.84 24.20 41.14
CA LYS E 222 -10.46 23.50 39.93
C LYS E 222 -11.08 24.07 38.67
N ALA E 223 -11.95 25.08 38.79
CA ALA E 223 -12.60 25.63 37.61
C ALA E 223 -11.58 26.35 36.74
N LYS E 224 -11.76 26.23 35.43
CA LYS E 224 -10.88 26.90 34.49
C LYS E 224 -11.42 28.27 34.14
N THR E 225 -10.51 29.17 33.77
CA THR E 225 -10.85 30.54 33.41
C THR E 225 -10.76 30.73 31.90
N TYR E 226 -11.72 31.45 31.32
CA TYR E 226 -11.80 31.67 29.88
C TYR E 226 -11.82 33.15 29.57
N PRO E 227 -10.66 33.81 29.66
CA PRO E 227 -10.64 35.27 29.54
C PRO E 227 -11.11 35.79 28.18
N LEU E 228 -11.12 34.98 27.14
CA LEU E 228 -11.53 35.45 25.82
C LEU E 228 -12.96 35.07 25.45
N ALA E 229 -13.73 34.48 26.36
CA ALA E 229 -15.02 33.89 25.99
C ALA E 229 -15.90 34.88 25.26
N SER E 230 -16.57 34.40 24.21
CA SER E 230 -17.55 35.18 23.45
C SER E 230 -18.87 35.22 24.22
N LYS E 231 -19.24 36.40 24.71
CA LYS E 231 -20.42 36.57 25.55
C LYS E 231 -21.26 37.73 25.05
N ASP E 232 -22.56 37.65 25.32
CA ASP E 232 -23.49 38.70 24.92
C ASP E 232 -23.59 39.76 26.01
N GLU E 233 -24.44 40.76 25.75
CA GLU E 233 -24.61 41.88 26.69
C GLU E 233 -24.88 41.38 28.10
N GLN E 234 -25.67 40.31 28.23
CA GLN E 234 -26.02 39.77 29.53
C GLN E 234 -24.96 38.84 30.11
N GLY E 235 -23.83 38.65 29.43
CA GLY E 235 -22.78 37.80 29.94
C GLY E 235 -22.92 36.34 29.60
N ARG E 236 -23.92 35.95 28.82
CA ARG E 236 -24.11 34.56 28.44
C ARG E 236 -23.29 34.23 27.20
N LEU E 237 -22.79 32.99 27.14
CA LEU E 237 -22.01 32.57 25.98
C LEU E 237 -22.81 32.75 24.69
N ARG E 238 -22.15 33.20 23.63
CA ARG E 238 -22.81 33.38 22.34
C ARG E 238 -22.95 32.05 21.58
N VAL E 239 -23.98 31.97 20.73
CA VAL E 239 -24.17 30.80 19.87
C VAL E 239 -24.98 31.19 18.64
N GLY E 240 -24.75 30.49 17.53
CA GLY E 240 -25.56 30.58 16.35
C GLY E 240 -26.24 29.25 16.04
N ALA E 241 -27.20 29.29 15.11
CA ALA E 241 -27.91 28.10 14.64
C ALA E 241 -28.31 28.29 13.17
N ALA E 242 -28.38 27.17 12.45
CA ALA E 242 -28.61 27.12 11.02
C ALA E 242 -30.08 26.86 10.69
N VAL E 243 -30.54 27.44 9.58
CA VAL E 243 -31.85 27.11 9.01
C VAL E 243 -31.68 26.99 7.49
N GLY E 244 -32.61 26.28 6.88
CA GLY E 244 -32.73 26.23 5.44
C GLY E 244 -33.71 27.25 4.91
N THR E 245 -34.34 26.92 3.78
CA THR E 245 -35.47 27.71 3.28
C THR E 245 -36.72 26.84 3.14
N GLY E 246 -36.71 25.63 3.66
CA GLY E 246 -37.82 24.70 3.59
C GLY E 246 -39.09 25.12 4.31
N ALA E 247 -40.06 24.20 4.38
CA ALA E 247 -41.41 24.58 4.78
C ALA E 247 -41.51 24.98 6.25
N ASP E 248 -40.72 24.34 7.13
CA ASP E 248 -40.83 24.64 8.54
C ASP E 248 -39.87 25.75 8.99
N THR E 249 -39.17 26.39 8.05
CA THR E 249 -38.14 27.37 8.39
C THR E 249 -38.67 28.44 9.34
N GLY E 250 -39.82 29.02 9.03
CA GLY E 250 -40.35 30.07 9.90
C GLY E 250 -40.54 29.61 11.33
N GLU E 251 -41.09 28.41 11.50
CA GLU E 251 -41.31 27.90 12.85
C GLU E 251 -39.98 27.65 13.57
N ARG E 252 -38.97 27.16 12.84
CA ARG E 252 -37.65 26.89 13.41
C ARG E 252 -36.98 28.18 13.87
N VAL E 253 -36.95 29.19 12.99
CA VAL E 253 -36.36 30.47 13.37
C VAL E 253 -37.00 30.97 14.65
N ALA E 254 -38.33 31.01 14.69
CA ALA E 254 -39.05 31.53 15.85
C ALA E 254 -38.57 30.86 17.14
N ALA E 255 -38.34 29.54 17.09
CA ALA E 255 -37.96 28.80 18.27
C ALA E 255 -36.49 29.02 18.64
N LEU E 256 -35.63 29.21 17.62
CA LEU E 256 -34.24 29.54 17.89
C LEU E 256 -34.12 30.92 18.55
N VAL E 257 -34.85 31.91 18.02
CA VAL E 257 -34.88 33.23 18.63
C VAL E 257 -35.46 33.16 20.03
N ALA E 258 -36.56 32.45 20.22
CA ALA E 258 -37.14 32.35 21.55
C ALA E 258 -36.17 31.72 22.53
N ALA E 259 -35.31 30.82 22.05
CA ALA E 259 -34.34 30.16 22.92
C ALA E 259 -33.13 31.02 23.23
N GLY E 260 -32.97 32.18 22.58
CA GLY E 260 -31.90 33.09 22.89
C GLY E 260 -30.71 33.08 21.95
N VAL E 261 -30.88 32.57 20.72
CA VAL E 261 -29.77 32.42 19.80
C VAL E 261 -29.23 33.80 19.44
N ASP E 262 -27.92 33.91 19.25
CA ASP E 262 -27.38 35.22 18.96
C ASP E 262 -27.46 35.53 17.48
N VAL E 263 -27.31 34.51 16.63
CA VAL E 263 -27.29 34.69 15.18
C VAL E 263 -27.91 33.46 14.52
N VAL E 264 -28.70 33.71 13.49
CA VAL E 264 -29.36 32.71 12.67
C VAL E 264 -28.64 32.68 11.35
N VAL E 265 -28.20 31.49 10.93
CA VAL E 265 -27.48 31.33 9.68
C VAL E 265 -28.46 30.76 8.66
N VAL E 266 -28.87 31.58 7.70
CA VAL E 266 -29.67 31.10 6.57
C VAL E 266 -28.67 30.52 5.57
N ASP E 267 -28.60 29.20 5.53
CA ASP E 267 -27.43 28.40 5.15
C ASP E 267 -27.84 27.42 4.05
N THR E 268 -27.75 27.82 2.79
CA THR E 268 -28.06 26.93 1.67
C THR E 268 -26.87 26.76 0.72
N ALA E 269 -27.07 25.86 -0.24
CA ALA E 269 -26.06 25.62 -1.25
C ALA E 269 -25.90 26.79 -2.21
N HIS E 270 -26.91 27.65 -2.30
CA HIS E 270 -26.94 28.73 -3.31
C HIS E 270 -27.57 29.94 -2.65
N GLY E 271 -26.75 30.78 -2.02
CA GLY E 271 -27.27 31.96 -1.38
C GLY E 271 -27.79 33.01 -2.34
N HIS E 272 -27.33 33.00 -3.59
CA HIS E 272 -27.68 34.03 -4.57
C HIS E 272 -28.95 33.60 -5.31
N SER E 273 -30.04 33.53 -4.56
CA SER E 273 -31.29 32.98 -5.08
C SER E 273 -32.48 33.68 -4.42
N LYS E 274 -33.58 33.78 -5.17
CA LYS E 274 -34.79 34.41 -4.62
C LYS E 274 -35.17 33.83 -3.26
N GLY E 275 -35.15 32.50 -3.14
CA GLY E 275 -35.47 31.86 -1.87
C GLY E 275 -34.64 32.38 -0.70
N VAL E 276 -33.31 32.36 -0.84
CA VAL E 276 -32.47 32.76 0.30
C VAL E 276 -32.59 34.27 0.55
N ILE E 277 -32.50 35.08 -0.49
CA ILE E 277 -32.62 36.52 -0.31
C ILE E 277 -33.92 36.87 0.41
N GLU E 278 -35.03 36.24 0.01
CA GLU E 278 -36.31 36.57 0.64
C GLU E 278 -36.39 36.07 2.08
N ARG E 279 -35.76 34.93 2.39
CA ARG E 279 -35.75 34.43 3.76
C ARG E 279 -34.90 35.33 4.67
N VAL E 280 -33.75 35.81 4.19
CA VAL E 280 -32.93 36.75 4.96
C VAL E 280 -33.74 38.02 5.26
N ARG E 281 -34.37 38.60 4.25
CA ARG E 281 -35.17 39.81 4.46
C ARG E 281 -36.25 39.55 5.51
N TRP E 282 -36.93 38.41 5.40
CA TRP E 282 -38.00 38.08 6.32
C TRP E 282 -37.50 37.96 7.76
N VAL E 283 -36.32 37.34 7.97
CA VAL E 283 -35.79 37.24 9.33
C VAL E 283 -35.49 38.64 9.88
N LYS E 284 -34.80 39.48 9.08
CA LYS E 284 -34.51 40.84 9.51
C LYS E 284 -35.77 41.59 9.91
N GLN E 285 -36.86 41.44 9.16
CA GLN E 285 -38.07 42.19 9.46
C GLN E 285 -38.86 41.57 10.61
N THR E 286 -38.89 40.25 10.71
CA THR E 286 -39.74 39.59 11.70
C THR E 286 -39.06 39.39 13.05
N PHE E 287 -37.74 39.18 13.07
CA PHE E 287 -36.98 39.06 14.30
C PHE E 287 -35.78 39.99 14.23
N PRO E 288 -36.02 41.31 14.23
CA PRO E 288 -34.92 42.25 14.03
C PRO E 288 -33.87 42.21 15.13
N ASP E 289 -34.20 41.69 16.30
CA ASP E 289 -33.25 41.62 17.40
C ASP E 289 -32.27 40.46 17.30
N VAL E 290 -32.37 39.59 16.29
CA VAL E 290 -31.34 38.58 16.07
C VAL E 290 -30.53 38.97 14.83
N GLN E 291 -29.27 38.55 14.84
CA GLN E 291 -28.39 38.72 13.69
C GLN E 291 -28.59 37.61 12.66
N VAL E 292 -28.41 37.94 11.40
CA VAL E 292 -28.58 36.97 10.32
C VAL E 292 -27.31 36.92 9.48
N ILE E 293 -26.87 35.70 9.16
CA ILE E 293 -25.84 35.45 8.16
C ILE E 293 -26.48 34.75 6.97
N GLY E 294 -26.15 35.17 5.76
CA GLY E 294 -26.62 34.52 4.55
C GLY E 294 -25.50 33.88 3.75
N GLY E 295 -25.81 32.79 3.06
CA GLY E 295 -24.84 32.07 2.25
C GLY E 295 -25.45 30.79 1.75
N ASN E 296 -24.65 30.01 1.00
CA ASN E 296 -23.27 30.39 0.64
C ASN E 296 -23.20 31.12 -0.71
N ILE E 297 -22.18 31.97 -0.85
CA ILE E 297 -22.00 32.77 -2.04
C ILE E 297 -20.53 32.77 -2.44
N ALA E 298 -20.27 33.30 -3.65
CA ALA E 298 -18.92 33.31 -4.18
C ALA E 298 -18.67 34.44 -5.17
N THR E 299 -19.57 35.41 -5.30
CA THR E 299 -19.38 36.47 -6.27
C THR E 299 -19.67 37.82 -5.63
N ALA E 300 -19.13 38.88 -6.24
CA ALA E 300 -19.45 40.23 -5.80
C ALA E 300 -20.95 40.50 -5.85
N GLU E 301 -21.60 40.18 -6.98
CA GLU E 301 -23.02 40.52 -7.14
C GLU E 301 -23.89 39.79 -6.11
N ALA E 302 -23.54 38.56 -5.76
CA ALA E 302 -24.27 37.88 -4.68
C ALA E 302 -24.03 38.55 -3.33
N ALA E 303 -22.82 39.06 -3.10
CA ALA E 303 -22.60 39.78 -1.85
C ALA E 303 -23.50 41.00 -1.75
N LYS E 304 -23.55 41.83 -2.79
CA LYS E 304 -24.41 43.00 -2.77
C LYS E 304 -25.87 42.62 -2.56
N ALA E 305 -26.34 41.53 -3.19
CA ALA E 305 -27.74 41.15 -3.05
C ALA E 305 -28.07 40.79 -1.61
N LEU E 306 -27.19 40.04 -0.92
CA LEU E 306 -27.47 39.68 0.47
C LEU E 306 -27.33 40.89 1.39
N ALA E 307 -26.34 41.76 1.15
CA ALA E 307 -26.25 43.00 1.91
C ALA E 307 -27.55 43.81 1.80
N GLU E 308 -28.07 44.00 0.58
CA GLU E 308 -29.27 44.85 0.50
C GLU E 308 -30.49 44.14 1.03
N ALA E 309 -30.48 42.82 1.07
CA ALA E 309 -31.57 42.11 1.69
C ALA E 309 -31.53 42.22 3.21
N GLY E 310 -30.49 42.81 3.78
CA GLY E 310 -30.39 43.00 5.21
C GLY E 310 -29.44 42.08 5.96
N ALA E 311 -28.65 41.25 5.28
CA ALA E 311 -27.80 40.28 5.96
C ALA E 311 -26.72 40.97 6.79
N ASP E 312 -26.49 40.46 8.00
CA ASP E 312 -25.50 41.02 8.89
C ASP E 312 -24.10 40.50 8.61
N ALA E 313 -23.99 39.47 7.78
CA ALA E 313 -22.74 38.88 7.33
C ALA E 313 -23.08 37.93 6.20
N VAL E 314 -22.08 37.60 5.39
CA VAL E 314 -22.24 36.65 4.29
C VAL E 314 -21.22 35.53 4.49
N LYS E 315 -21.58 34.33 4.06
CA LYS E 315 -20.69 33.18 4.11
C LYS E 315 -20.22 32.84 2.69
N VAL E 316 -18.91 32.72 2.53
CA VAL E 316 -18.29 32.55 1.23
C VAL E 316 -17.79 31.12 1.09
N GLY E 317 -18.25 30.44 0.05
CA GLY E 317 -17.74 29.11 -0.25
C GLY E 317 -18.69 28.27 -1.08
N ILE E 318 -18.42 28.13 -2.37
CA ILE E 318 -19.22 27.31 -3.26
C ILE E 318 -18.27 26.50 -4.10
N GLY E 319 -18.37 25.16 -3.99
CA GLY E 319 -17.42 24.26 -4.57
C GLY E 319 -15.97 24.66 -4.34
N PRO E 320 -15.60 24.97 -3.10
CA PRO E 320 -14.23 25.47 -2.86
C PRO E 320 -13.17 24.41 -3.02
N GLY E 321 -13.49 23.13 -2.78
CA GLY E 321 -12.49 22.08 -2.85
C GLY E 321 -12.40 21.42 -4.22
N SER E 322 -11.28 20.76 -4.47
CA SER E 322 -11.08 20.08 -5.76
C SER E 322 -12.14 19.03 -6.03
N ILE E 323 -12.62 18.37 -4.98
CA ILE E 323 -13.29 17.07 -5.11
C ILE E 323 -14.76 17.12 -4.73
N CYS E 324 -15.27 18.26 -4.28
CA CYS E 324 -16.58 18.27 -3.66
C CYS E 324 -17.69 17.98 -4.67
N THR E 325 -18.88 17.79 -4.11
CA THR E 325 -20.01 17.34 -4.91
C THR E 325 -20.46 18.39 -5.91
N THR E 326 -20.41 19.66 -5.49
CA THR E 326 -20.82 20.74 -6.38
C THR E 326 -20.05 20.72 -7.69
N ARG E 327 -18.73 20.49 -7.64
CA ARG E 327 -17.96 20.43 -8.88
C ARG E 327 -18.29 19.19 -9.68
N ILE E 328 -18.36 18.03 -9.02
CA ILE E 328 -18.48 16.77 -9.72
C ILE E 328 -19.87 16.64 -10.31
N VAL E 329 -20.89 17.04 -9.55
CA VAL E 329 -22.27 16.82 -9.97
C VAL E 329 -22.78 17.93 -10.88
N ALA E 330 -22.54 19.19 -10.51
CA ALA E 330 -23.05 20.33 -11.26
C ALA E 330 -21.99 21.10 -12.03
N GLY E 331 -20.70 20.76 -11.90
CA GLY E 331 -19.68 21.53 -12.59
C GLY E 331 -19.55 22.95 -12.12
N VAL E 332 -19.93 23.23 -10.87
CA VAL E 332 -20.04 24.57 -10.33
C VAL E 332 -19.02 24.76 -9.21
N GLY E 333 -18.38 25.92 -9.18
CA GLY E 333 -17.46 26.27 -8.10
C GLY E 333 -16.67 27.54 -8.36
N VAL E 334 -16.13 28.15 -7.31
CA VAL E 334 -15.18 29.25 -7.44
C VAL E 334 -14.01 29.01 -6.50
N PRO E 335 -12.77 28.92 -6.99
CA PRO E 335 -11.61 28.83 -6.09
C PRO E 335 -11.67 29.93 -5.04
N GLN E 336 -11.32 29.55 -3.80
CA GLN E 336 -11.75 30.27 -2.62
C GLN E 336 -10.93 31.54 -2.37
N ILE E 337 -9.66 31.58 -2.78
CA ILE E 337 -8.90 32.81 -2.66
C ILE E 337 -9.57 33.92 -3.46
N SER E 338 -9.90 33.65 -4.73
CA SER E 338 -10.56 34.67 -5.54
C SER E 338 -11.98 34.93 -5.04
N ALA E 339 -12.67 33.91 -4.57
CA ALA E 339 -14.03 34.13 -4.07
C ALA E 339 -14.02 35.07 -2.87
N ILE E 340 -13.10 34.84 -1.93
CA ILE E 340 -13.00 35.72 -0.77
C ILE E 340 -12.68 37.14 -1.22
N ALA E 341 -11.67 37.30 -2.09
CA ALA E 341 -11.27 38.64 -2.48
C ALA E 341 -12.36 39.36 -3.26
N ASN E 342 -13.10 38.65 -4.12
CA ASN E 342 -14.16 39.32 -4.87
C ASN E 342 -15.29 39.77 -3.94
N VAL E 343 -15.62 38.96 -2.93
CA VAL E 343 -16.66 39.34 -1.97
C VAL E 343 -16.16 40.47 -1.08
N ALA E 344 -14.91 40.41 -0.61
CA ALA E 344 -14.37 41.48 0.24
C ALA E 344 -14.40 42.83 -0.47
N ALA E 345 -14.03 42.86 -1.75
CA ALA E 345 -14.06 44.13 -2.48
C ALA E 345 -15.48 44.64 -2.61
N ALA E 346 -16.45 43.75 -2.83
CA ALA E 346 -17.83 44.19 -3.00
C ALA E 346 -18.41 44.76 -1.70
N LEU E 347 -18.01 44.22 -0.55
CA LEU E 347 -18.59 44.68 0.70
C LEU E 347 -17.78 45.79 1.36
N GLU E 348 -16.62 46.15 0.81
CA GLU E 348 -15.78 47.20 1.37
C GLU E 348 -16.58 48.47 1.59
N GLY E 349 -16.54 49.00 2.83
CA GLY E 349 -17.31 50.18 3.15
C GLY E 349 -18.77 49.95 3.53
N THR E 350 -19.25 48.71 3.55
CA THR E 350 -20.62 48.48 3.99
C THR E 350 -20.72 48.12 5.47
N GLY E 351 -19.62 47.69 6.09
CA GLY E 351 -19.71 47.16 7.42
C GLY E 351 -20.22 45.73 7.53
N VAL E 352 -20.38 45.01 6.42
CA VAL E 352 -20.87 43.64 6.43
C VAL E 352 -19.66 42.70 6.39
N PRO E 353 -19.41 41.92 7.44
CA PRO E 353 -18.29 40.96 7.40
C PRO E 353 -18.57 39.79 6.47
N LEU E 354 -17.49 39.08 6.12
CA LEU E 354 -17.61 37.85 5.32
C LEU E 354 -16.85 36.71 6.00
N ILE E 355 -17.47 35.54 6.00
CA ILE E 355 -16.98 34.35 6.66
C ILE E 355 -16.53 33.36 5.61
N ALA E 356 -15.24 33.00 5.65
CA ALA E 356 -14.70 32.06 4.67
C ALA E 356 -14.98 30.62 5.14
N ASP E 357 -15.78 29.90 4.35
CA ASP E 357 -16.27 28.56 4.70
C ASP E 357 -15.80 27.56 3.65
N GLY E 358 -14.94 26.63 4.06
CA GLY E 358 -14.55 25.55 3.17
C GLY E 358 -13.18 25.69 2.56
N GLY E 359 -12.47 24.56 2.43
CA GLY E 359 -11.18 24.51 1.77
C GLY E 359 -9.96 24.67 2.65
N ILE E 360 -10.12 24.94 3.96
CA ILE E 360 -8.99 25.20 4.85
C ILE E 360 -8.46 23.85 5.35
N ARG E 361 -7.26 23.47 4.89
CA ARG E 361 -6.63 22.26 5.38
C ARG E 361 -5.62 22.51 6.49
N PHE E 362 -4.97 23.65 6.50
CA PHE E 362 -3.89 23.90 7.45
C PHE E 362 -4.00 25.32 7.95
N SER E 363 -3.29 25.61 9.05
CA SER E 363 -3.30 26.98 9.55
C SER E 363 -2.78 27.97 8.50
N GLY E 364 -1.85 27.55 7.64
CA GLY E 364 -1.35 28.44 6.60
C GLY E 364 -2.43 28.91 5.64
N ASP E 365 -3.37 28.01 5.29
CA ASP E 365 -4.50 28.38 4.45
C ASP E 365 -5.40 29.39 5.15
N LEU E 366 -5.51 29.26 6.47
CA LEU E 366 -6.32 30.20 7.22
C LEU E 366 -5.70 31.60 7.20
N ALA E 367 -4.37 31.68 7.32
CA ALA E 367 -3.71 32.97 7.15
C ALA E 367 -3.99 33.56 5.77
N LYS E 368 -3.92 32.74 4.72
CA LYS E 368 -4.20 33.24 3.38
C LYS E 368 -5.64 33.76 3.26
N ALA E 369 -6.60 33.06 3.88
CA ALA E 369 -7.99 33.51 3.76
C ALA E 369 -8.16 34.89 4.35
N MET E 370 -7.53 35.16 5.50
CA MET E 370 -7.63 36.46 6.14
C MET E 370 -6.99 37.55 5.29
N VAL E 371 -5.85 37.27 4.66
CA VAL E 371 -5.21 38.28 3.82
C VAL E 371 -6.00 38.49 2.53
N ALA E 372 -6.71 37.48 2.06
CA ALA E 372 -7.59 37.72 0.93
C ALA E 372 -8.82 38.52 1.31
N GLY E 373 -9.12 38.69 2.61
CA GLY E 373 -10.20 39.57 3.01
C GLY E 373 -11.22 39.04 4.01
N ALA E 374 -11.15 37.75 4.32
CA ALA E 374 -12.08 37.17 5.28
C ALA E 374 -11.94 37.85 6.64
N TYR E 375 -13.07 38.00 7.34
CA TYR E 375 -13.09 38.43 8.73
C TYR E 375 -12.85 37.26 9.66
N CYS E 376 -13.32 36.09 9.28
CA CYS E 376 -13.00 34.88 10.00
C CYS E 376 -13.27 33.69 9.10
N VAL E 377 -13.17 32.51 9.68
CA VAL E 377 -13.02 31.28 8.92
C VAL E 377 -13.86 30.23 9.62
N MET E 378 -14.71 29.55 8.85
CA MET E 378 -15.50 28.45 9.37
C MET E 378 -14.77 27.14 9.08
N MET E 379 -14.61 26.32 10.12
CA MET E 379 -13.98 25.01 10.03
C MET E 379 -15.05 23.93 10.28
N GLY E 380 -14.93 22.82 9.57
CA GLY E 380 -15.86 21.72 9.70
C GLY E 380 -15.19 20.39 10.07
N SER E 381 -14.73 19.66 9.06
CA SER E 381 -14.23 18.31 9.29
C SER E 381 -13.05 18.29 10.27
N MET E 382 -12.21 19.34 10.24
CA MET E 382 -11.08 19.44 11.16
C MET E 382 -11.50 19.36 12.62
N PHE E 383 -12.72 19.81 12.97
CA PHE E 383 -13.22 19.71 14.34
C PHE E 383 -14.02 18.43 14.59
N ALA E 384 -14.50 17.77 13.55
CA ALA E 384 -15.17 16.49 13.76
C ALA E 384 -14.18 15.52 14.38
N GLY E 385 -14.64 14.73 15.34
CA GLY E 385 -13.79 13.77 16.02
C GLY E 385 -13.07 14.29 17.24
N THR E 386 -13.17 15.59 17.54
CA THR E 386 -12.72 16.09 18.82
C THR E 386 -13.63 15.57 19.93
N GLU E 387 -13.10 15.64 21.15
CA GLU E 387 -13.85 15.20 22.33
C GLU E 387 -15.19 15.90 22.46
N GLU E 388 -15.25 17.18 22.07
CA GLU E 388 -16.45 17.98 22.28
C GLU E 388 -17.45 17.84 21.15
N ALA E 389 -17.02 17.29 20.02
CA ALA E 389 -17.92 17.16 18.89
C ALA E 389 -18.94 16.06 19.17
N PRO E 390 -20.02 16.01 18.39
CA PRO E 390 -20.98 14.92 18.53
C PRO E 390 -20.30 13.57 18.30
N GLY E 391 -20.96 12.53 18.78
CA GLY E 391 -20.43 11.19 18.67
C GLY E 391 -19.85 10.71 19.99
N GLU E 392 -19.53 9.42 20.01
CA GLU E 392 -18.99 8.73 21.17
C GLU E 392 -17.76 7.94 20.76
N ILE E 393 -16.79 7.85 21.66
CA ILE E 393 -15.50 7.27 21.33
C ILE E 393 -15.61 5.75 21.28
N GLU E 394 -14.91 5.14 20.35
CA GLU E 394 -14.83 3.68 20.34
C GLU E 394 -13.43 3.27 19.92
N LEU E 395 -13.02 2.10 20.40
CA LEU E 395 -11.74 1.53 20.05
C LEU E 395 -11.94 0.57 18.88
N PHE E 396 -11.17 0.76 17.81
CA PHE E 396 -11.29 -0.10 16.64
C PHE E 396 -9.88 -0.44 16.16
N GLN E 397 -9.45 -1.67 16.44
CA GLN E 397 -8.15 -2.16 15.99
C GLN E 397 -7.01 -1.29 16.55
N GLY E 398 -7.02 -1.17 17.88
CA GLY E 398 -6.01 -0.38 18.57
C GLY E 398 -6.02 1.10 18.29
N ARG E 399 -7.09 1.63 17.69
CA ARG E 399 -7.19 3.07 17.48
C ARG E 399 -8.53 3.60 17.97
N SER E 400 -8.54 4.88 18.27
CA SER E 400 -9.72 5.58 18.74
C SER E 400 -10.41 6.27 17.57
N TYR E 401 -11.74 6.20 17.56
CA TYR E 401 -12.59 6.86 16.57
C TYR E 401 -13.84 7.34 17.29
N LYS E 402 -14.51 8.31 16.67
CA LYS E 402 -15.83 8.71 17.11
C LYS E 402 -16.88 7.98 16.28
N SER E 403 -17.87 7.43 16.97
CA SER E 403 -18.90 6.62 16.37
C SER E 403 -20.25 7.34 16.45
N TYR E 404 -21.07 7.13 15.42
CA TYR E 404 -22.40 7.72 15.37
C TYR E 404 -23.47 6.64 15.18
N ARG E 442 -17.13 6.51 10.60
CA ARG E 442 -16.06 6.47 11.61
C ARG E 442 -14.97 7.51 11.38
N VAL E 443 -14.86 8.41 12.34
CA VAL E 443 -13.93 9.53 12.29
C VAL E 443 -12.84 9.34 13.34
N PRO E 444 -11.58 9.60 13.02
CA PRO E 444 -10.52 9.41 14.03
C PRO E 444 -10.74 10.31 15.23
N TYR E 445 -10.47 9.78 16.42
CA TYR E 445 -10.60 10.59 17.62
C TYR E 445 -9.43 11.57 17.70
N LYS E 446 -9.73 12.85 17.90
CA LYS E 446 -8.73 13.91 17.75
C LYS E 446 -8.36 14.61 19.05
N GLY E 447 -8.91 14.19 20.19
CA GLY E 447 -8.61 14.88 21.43
C GLY E 447 -9.40 16.17 21.62
N ALA E 448 -8.85 17.03 22.49
CA ALA E 448 -9.52 18.26 22.87
C ALA E 448 -9.46 19.30 21.76
N LEU E 449 -10.59 19.96 21.52
CA LEU E 449 -10.68 21.07 20.56
C LEU E 449 -9.63 22.14 20.83
N SER E 450 -9.33 22.39 22.12
CA SER E 450 -8.48 23.52 22.45
C SER E 450 -7.10 23.40 21.81
N ALA E 451 -6.61 22.18 21.64
CA ALA E 451 -5.28 22.01 21.05
C ALA E 451 -5.31 22.33 19.57
N ILE E 452 -6.38 21.93 18.87
CA ILE E 452 -6.54 22.30 17.46
C ILE E 452 -6.60 23.82 17.32
N VAL E 453 -7.40 24.48 18.17
CA VAL E 453 -7.52 25.93 18.10
C VAL E 453 -6.18 26.60 18.39
N HIS E 454 -5.43 26.05 19.33
CA HIS E 454 -4.14 26.64 19.68
C HIS E 454 -3.17 26.55 18.50
N GLN E 455 -3.19 25.45 17.76
CA GLN E 455 -2.36 25.33 16.58
C GLN E 455 -2.81 26.26 15.45
N LEU E 456 -4.11 26.28 15.13
CA LEU E 456 -4.61 27.18 14.09
C LEU E 456 -4.23 28.63 14.37
N MET E 457 -4.53 29.12 15.58
CA MET E 457 -4.21 30.51 15.93
C MET E 457 -2.71 30.72 16.08
N GLY E 458 -1.99 29.69 16.51
CA GLY E 458 -0.54 29.78 16.53
C GLY E 458 0.04 30.03 15.15
N GLY E 459 -0.50 29.36 14.13
CA GLY E 459 0.01 29.55 12.79
C GLY E 459 -0.40 30.89 12.21
N LEU E 460 -1.58 31.38 12.58
CA LEU E 460 -2.00 32.70 12.14
C LEU E 460 -1.15 33.80 12.77
N ARG E 461 -0.85 33.68 14.08
CA ARG E 461 0.04 34.62 14.73
C ARG E 461 1.41 34.61 14.08
N ALA E 462 1.89 33.41 13.69
CA ALA E 462 3.15 33.32 12.98
C ALA E 462 3.08 34.03 11.63
N ALA E 463 1.98 33.88 10.90
CA ALA E 463 1.86 34.61 9.64
C ALA E 463 1.81 36.11 9.87
N MET E 464 1.07 36.56 10.89
CA MET E 464 1.02 37.99 11.13
C MET E 464 2.39 38.51 11.56
N GLY E 465 3.18 37.67 12.23
CA GLY E 465 4.54 38.07 12.54
C GLY E 465 5.39 38.20 11.29
N TYR E 466 5.20 37.29 10.33
CA TYR E 466 5.99 37.31 9.09
C TYR E 466 5.63 38.51 8.20
N THR E 467 4.39 39.00 8.27
CA THR E 467 3.93 40.07 7.41
C THR E 467 3.99 41.43 8.09
N GLY E 468 4.34 41.48 9.37
CA GLY E 468 4.33 42.76 10.05
C GLY E 468 2.96 43.26 10.42
N SER E 469 2.01 42.36 10.63
CA SER E 469 0.63 42.72 10.93
C SER E 469 0.37 42.57 12.42
N ALA E 470 0.06 43.69 13.07
CA ALA E 470 -0.20 43.71 14.51
C ALA E 470 -1.65 43.38 14.89
N ASP E 471 -2.59 43.41 13.94
CA ASP E 471 -3.98 43.07 14.25
C ASP E 471 -4.69 42.63 12.98
N ILE E 472 -5.95 42.18 13.15
CA ILE E 472 -6.66 41.54 12.05
C ILE E 472 -6.87 42.53 10.91
N GLN E 473 -7.17 43.78 11.24
CA GLN E 473 -7.49 44.78 10.22
C GLN E 473 -6.31 45.06 9.31
N GLN E 474 -5.09 45.12 9.86
CA GLN E 474 -3.90 45.20 9.02
C GLN E 474 -3.70 43.92 8.22
N MET E 475 -3.90 42.76 8.87
CA MET E 475 -3.68 41.51 8.18
C MET E 475 -4.58 41.38 6.97
N ARG E 476 -5.80 41.91 7.05
CA ARG E 476 -6.73 41.78 5.93
C ARG E 476 -6.42 42.72 4.78
N THR E 477 -5.69 43.82 5.02
CA THR E 477 -5.58 44.90 4.05
C THR E 477 -4.15 45.24 3.61
N GLN E 478 -3.10 44.81 4.32
CA GLN E 478 -1.77 45.28 3.93
C GLN E 478 -0.94 44.20 3.23
N PRO E 479 -0.84 42.99 3.78
CA PRO E 479 0.10 42.00 3.23
C PRO E 479 -0.23 41.65 1.78
N GLN E 480 0.79 41.13 1.10
CA GLN E 480 0.76 40.80 -0.32
C GLN E 480 1.07 39.33 -0.55
N PHE E 481 0.55 38.81 -1.66
CA PHE E 481 0.81 37.45 -2.13
C PHE E 481 1.83 37.44 -3.26
N VAL E 482 2.54 36.33 -3.39
CA VAL E 482 3.09 35.94 -4.67
C VAL E 482 2.22 34.81 -5.21
N ARG E 483 2.04 34.80 -6.50
CA ARG E 483 1.46 33.67 -7.18
C ARG E 483 2.57 32.71 -7.59
N ILE E 484 2.32 31.41 -7.41
CA ILE E 484 3.30 30.39 -7.72
C ILE E 484 2.70 29.42 -8.74
N THR E 485 3.53 28.54 -9.26
CA THR E 485 3.15 27.54 -10.25
C THR E 485 2.96 26.17 -9.60
N GLY E 486 2.48 25.21 -10.40
CA GLY E 486 2.43 23.82 -9.94
C GLY E 486 3.77 23.29 -9.44
N ALA E 487 4.87 23.82 -9.97
CA ALA E 487 6.21 23.33 -9.62
C ALA E 487 6.52 23.58 -8.16
N HIS F 20 -17.36 -45.14 12.02
CA HIS F 20 -17.67 -44.39 10.80
C HIS F 20 -16.92 -43.06 10.80
N MET F 21 -15.61 -43.08 10.92
CA MET F 21 -14.91 -41.80 11.06
C MET F 21 -14.55 -41.23 9.69
N LEU F 22 -13.70 -40.21 9.68
CA LEU F 22 -13.33 -39.50 8.47
C LEU F 22 -12.36 -40.35 7.66
N ARG F 23 -12.61 -40.47 6.35
CA ARG F 23 -11.94 -41.47 5.51
C ARG F 23 -10.75 -40.84 4.80
N ILE F 24 -9.64 -40.73 5.53
CA ILE F 24 -8.38 -40.24 5.00
C ILE F 24 -7.53 -41.45 4.61
N SER F 25 -7.21 -41.57 3.34
CA SER F 25 -6.39 -42.69 2.89
C SER F 25 -4.91 -42.52 3.24
N GLN F 26 -4.39 -41.29 3.26
CA GLN F 26 -2.98 -41.09 3.60
C GLN F 26 -2.72 -39.59 3.63
N GLU F 27 -1.56 -39.22 4.17
CA GLU F 27 -1.00 -37.90 3.92
C GLU F 27 -0.26 -37.91 2.59
N ALA F 28 -0.45 -36.87 1.78
CA ALA F 28 0.11 -36.82 0.42
C ALA F 28 1.00 -35.59 0.25
N LEU F 29 2.18 -35.81 -0.33
CA LEU F 29 3.23 -34.80 -0.38
C LEU F 29 3.39 -34.23 -1.79
N THR F 30 3.67 -32.93 -1.83
CA THR F 30 4.00 -32.25 -3.08
C THR F 30 5.49 -31.92 -3.10
N PHE F 31 5.91 -31.25 -4.17
CA PHE F 31 7.33 -30.99 -4.38
C PHE F 31 7.95 -30.21 -3.23
N ASP F 32 7.24 -29.20 -2.73
CA ASP F 32 7.84 -28.36 -1.69
C ASP F 32 7.95 -29.06 -0.33
N ASP F 33 7.32 -30.23 -0.13
CA ASP F 33 7.46 -30.99 1.10
C ASP F 33 8.79 -31.74 1.23
N VAL F 34 9.57 -31.89 0.14
CA VAL F 34 10.68 -32.82 0.14
C VAL F 34 11.91 -32.19 -0.50
N LEU F 35 13.07 -32.73 -0.13
CA LEU F 35 14.36 -32.39 -0.74
C LEU F 35 15.15 -33.66 -0.97
N LEU F 36 15.98 -33.65 -2.03
CA LEU F 36 16.88 -34.77 -2.29
C LEU F 36 18.10 -34.69 -1.38
N ILE F 37 18.47 -35.84 -0.81
CA ILE F 37 19.64 -35.93 0.08
C ILE F 37 20.88 -36.16 -0.76
N PRO F 38 21.95 -35.40 -0.58
CA PRO F 38 23.21 -35.72 -1.28
C PRO F 38 23.67 -37.13 -0.94
N GLY F 39 24.19 -37.83 -1.94
CA GLY F 39 24.82 -39.12 -1.72
C GLY F 39 26.21 -39.19 -2.31
N TYR F 40 26.99 -40.18 -1.84
CA TYR F 40 28.32 -40.40 -2.39
C TYR F 40 28.27 -40.47 -3.91
N SER F 41 29.12 -39.70 -4.56
CA SER F 41 29.04 -39.48 -6.00
C SER F 41 30.39 -39.68 -6.65
N GLU F 42 30.36 -40.26 -7.85
CA GLU F 42 31.54 -40.56 -8.63
C GLU F 42 31.43 -40.07 -10.07
N VAL F 43 30.29 -39.50 -10.45
CA VAL F 43 30.07 -39.08 -11.82
C VAL F 43 29.88 -37.57 -11.83
N LEU F 44 30.46 -36.93 -12.82
CA LEU F 44 30.18 -35.53 -13.10
C LEU F 44 28.81 -35.40 -13.76
N PRO F 45 28.03 -34.38 -13.39
CA PRO F 45 26.80 -34.06 -14.13
C PRO F 45 26.94 -34.13 -15.64
N LYS F 46 28.08 -33.66 -16.17
CA LYS F 46 28.25 -33.66 -17.62
C LYS F 46 28.32 -35.06 -18.20
N ASP F 47 28.56 -36.09 -17.36
CA ASP F 47 28.77 -37.46 -17.84
C ASP F 47 27.61 -38.41 -17.60
N VAL F 48 26.56 -38.01 -16.89
CA VAL F 48 25.47 -38.95 -16.59
C VAL F 48 24.65 -39.19 -17.86
N SER F 49 23.93 -40.30 -17.87
CA SER F 49 23.03 -40.62 -18.97
C SER F 49 21.59 -40.16 -18.67
N LEU F 50 20.93 -39.56 -19.65
CA LEU F 50 19.57 -39.08 -19.47
C LEU F 50 18.55 -39.92 -20.23
N LYS F 51 18.97 -41.02 -20.85
CA LYS F 51 18.05 -41.84 -21.64
C LYS F 51 17.01 -42.53 -20.75
N THR F 52 15.79 -42.59 -21.25
CA THR F 52 14.66 -43.16 -20.54
C THR F 52 13.67 -43.71 -21.57
N ARG F 53 12.48 -44.11 -21.14
CA ARG F 53 11.44 -44.52 -22.07
C ARG F 53 10.20 -43.67 -21.87
N LEU F 54 9.53 -43.38 -22.99
CA LEU F 54 8.22 -42.74 -22.95
C LEU F 54 7.12 -43.78 -22.82
N THR F 55 7.27 -44.90 -23.50
CA THR F 55 6.28 -45.96 -23.56
C THR F 55 7.01 -47.28 -23.65
N ARG F 56 6.24 -48.38 -23.61
CA ARG F 56 6.83 -49.70 -23.81
C ARG F 56 7.81 -49.70 -24.97
N GLY F 57 7.41 -49.13 -26.11
CA GLY F 57 8.20 -49.18 -27.33
C GLY F 57 8.99 -47.95 -27.75
N ILE F 58 8.94 -46.84 -27.02
CA ILE F 58 9.60 -45.60 -27.44
C ILE F 58 10.62 -45.17 -26.39
N GLU F 59 11.89 -45.09 -26.79
CA GLU F 59 12.93 -44.52 -25.96
C GLU F 59 13.13 -43.04 -26.30
N LEU F 60 13.53 -42.27 -25.29
CA LEU F 60 13.85 -40.86 -25.45
C LEU F 60 15.22 -40.61 -24.87
N ASN F 61 15.95 -39.67 -25.47
CA ASN F 61 17.29 -39.36 -24.97
C ASN F 61 17.28 -38.36 -23.83
N ILE F 62 16.22 -37.57 -23.69
CA ILE F 62 15.98 -36.78 -22.47
C ILE F 62 14.55 -37.05 -22.01
N PRO F 63 14.27 -36.98 -20.73
CA PRO F 63 12.93 -37.32 -20.23
C PRO F 63 11.99 -36.11 -20.22
N LEU F 64 11.76 -35.52 -21.40
CA LEU F 64 10.94 -34.31 -21.54
C LEU F 64 9.89 -34.50 -22.64
N VAL F 65 8.66 -34.11 -22.34
CA VAL F 65 7.54 -34.20 -23.26
C VAL F 65 6.81 -32.87 -23.21
N SER F 66 6.46 -32.33 -24.37
CA SER F 66 5.69 -31.10 -24.39
C SER F 66 4.20 -31.44 -24.36
N ALA F 67 3.42 -30.58 -23.72
CA ALA F 67 2.00 -30.85 -23.48
C ALA F 67 1.14 -30.65 -24.72
N ALA F 68 0.08 -31.46 -24.82
CA ALA F 68 -0.91 -31.29 -25.88
C ALA F 68 -1.81 -30.09 -25.62
N MET F 69 -1.22 -28.91 -25.43
CA MET F 69 -1.95 -27.67 -25.21
C MET F 69 -1.87 -26.81 -26.46
N ASP F 70 -2.95 -26.07 -26.75
CA ASP F 70 -2.90 -25.24 -27.97
C ASP F 70 -1.99 -24.01 -27.83
N THR F 71 -1.43 -23.75 -26.65
CA THR F 71 -0.42 -22.73 -26.54
C THR F 71 0.99 -23.30 -26.59
N VAL F 72 1.13 -24.62 -26.70
CA VAL F 72 2.44 -25.26 -26.57
C VAL F 72 2.85 -26.04 -27.83
N THR F 73 2.10 -27.09 -28.18
CA THR F 73 2.58 -28.06 -29.17
C THR F 73 1.70 -28.07 -30.42
N GLU F 74 2.20 -27.44 -31.49
CA GLU F 74 1.86 -27.79 -32.86
C GLU F 74 3.13 -28.32 -33.53
N ALA F 75 3.12 -28.44 -34.86
CA ALA F 75 4.20 -29.17 -35.53
C ALA F 75 5.57 -28.55 -35.24
N ARG F 76 5.63 -27.22 -35.19
CA ARG F 76 6.92 -26.54 -35.10
C ARG F 76 7.61 -26.84 -33.78
N LEU F 77 6.84 -26.89 -32.68
CA LEU F 77 7.48 -27.16 -31.41
C LEU F 77 7.70 -28.65 -31.18
N ALA F 78 6.82 -29.51 -31.71
CA ALA F 78 7.11 -30.94 -31.71
C ALA F 78 8.42 -31.23 -32.44
N ILE F 79 8.66 -30.52 -33.55
CA ILE F 79 9.92 -30.69 -34.26
C ILE F 79 11.10 -30.34 -33.36
N ALA F 80 11.03 -29.21 -32.66
CA ALA F 80 12.13 -28.86 -31.76
C ALA F 80 12.29 -29.91 -30.65
N MET F 81 11.18 -30.35 -30.05
CA MET F 81 11.25 -31.33 -28.96
C MET F 81 11.95 -32.61 -29.40
N ALA F 82 11.56 -33.17 -30.55
CA ALA F 82 12.17 -34.41 -31.01
C ALA F 82 13.66 -34.23 -31.33
N GLN F 83 14.04 -33.05 -31.84
CA GLN F 83 15.45 -32.79 -32.10
C GLN F 83 16.26 -32.72 -30.82
N GLU F 84 15.67 -32.20 -29.74
CA GLU F 84 16.39 -32.15 -28.47
C GLU F 84 16.51 -33.53 -27.83
N GLY F 85 15.75 -34.51 -28.31
CA GLY F 85 15.72 -35.83 -27.73
C GLY F 85 14.49 -36.16 -26.91
N GLY F 86 13.48 -35.29 -26.90
CA GLY F 86 12.23 -35.65 -26.25
C GLY F 86 11.16 -35.86 -27.30
N ILE F 87 9.93 -35.42 -27.00
CA ILE F 87 8.83 -35.59 -27.95
C ILE F 87 7.73 -34.58 -27.63
N GLY F 88 6.98 -34.19 -28.66
CA GLY F 88 5.82 -33.34 -28.48
C GLY F 88 4.52 -34.09 -28.75
N ILE F 89 3.48 -33.74 -28.00
CA ILE F 89 2.12 -34.23 -28.23
C ILE F 89 1.32 -33.10 -28.87
N ILE F 90 0.94 -33.27 -30.14
CA ILE F 90 0.12 -32.29 -30.82
C ILE F 90 -1.28 -32.26 -30.21
N HIS F 91 -1.78 -31.06 -29.93
CA HIS F 91 -3.07 -30.88 -29.27
C HIS F 91 -4.22 -31.16 -30.22
N LYS F 92 -5.41 -31.36 -29.65
CA LYS F 92 -6.57 -31.76 -30.43
C LYS F 92 -7.64 -30.67 -30.50
N ASN F 93 -7.33 -29.45 -30.09
CA ASN F 93 -8.25 -28.33 -30.28
C ASN F 93 -8.13 -27.80 -31.71
N MET F 94 -8.48 -28.66 -32.66
CA MET F 94 -8.41 -28.36 -34.08
C MET F 94 -9.04 -29.52 -34.83
N GLY F 95 -9.26 -29.33 -36.12
CA GLY F 95 -9.95 -30.34 -36.90
C GLY F 95 -9.14 -31.61 -37.12
N ILE F 96 -9.84 -32.69 -37.47
CA ILE F 96 -9.18 -33.98 -37.67
C ILE F 96 -8.14 -33.88 -38.78
N GLU F 97 -8.53 -33.34 -39.95
CA GLU F 97 -7.57 -33.23 -41.03
C GLU F 97 -6.46 -32.24 -40.69
N GLN F 98 -6.78 -31.19 -39.95
CA GLN F 98 -5.75 -30.24 -39.54
C GLN F 98 -4.70 -30.93 -38.66
N GLN F 99 -5.16 -31.67 -37.64
CA GLN F 99 -4.23 -32.29 -36.71
C GLN F 99 -3.40 -33.36 -37.41
N ALA F 100 -4.00 -34.13 -38.31
CA ALA F 100 -3.21 -35.04 -39.14
C ALA F 100 -2.17 -34.29 -39.97
N ALA F 101 -2.54 -33.13 -40.52
CA ALA F 101 -1.57 -32.34 -41.26
C ALA F 101 -0.36 -31.99 -40.38
N GLU F 102 -0.62 -31.61 -39.12
CA GLU F 102 0.47 -31.28 -38.22
C GLU F 102 1.39 -32.49 -38.01
N VAL F 103 0.80 -33.66 -37.76
CA VAL F 103 1.61 -34.86 -37.59
C VAL F 103 2.45 -35.12 -38.84
N ARG F 104 1.83 -35.02 -40.01
CA ARG F 104 2.56 -35.27 -41.24
C ARG F 104 3.71 -34.28 -41.41
N LYS F 105 3.52 -33.03 -40.98
CA LYS F 105 4.63 -32.07 -41.03
C LYS F 105 5.83 -32.57 -40.24
N VAL F 106 5.60 -33.12 -39.05
CA VAL F 106 6.72 -33.60 -38.25
C VAL F 106 7.37 -34.81 -38.92
N LYS F 107 6.57 -35.81 -39.31
CA LYS F 107 7.14 -37.06 -39.85
C LYS F 107 7.91 -36.82 -41.14
N LYS F 108 7.55 -35.80 -41.91
CA LYS F 108 8.23 -35.55 -43.18
C LYS F 108 9.41 -34.58 -43.06
N HIS F 109 9.57 -33.93 -41.91
CA HIS F 109 10.59 -32.90 -41.76
C HIS F 109 11.99 -33.49 -41.65
N GLU F 110 12.89 -33.04 -42.51
CA GLU F 110 14.32 -33.19 -42.27
C GLU F 110 14.93 -31.80 -42.21
N THR F 111 15.77 -31.57 -41.20
CA THR F 111 16.19 -30.22 -40.79
C THR F 111 16.43 -29.27 -41.96
N THR F 225 23.19 -34.79 -37.84
CA THR F 225 23.24 -33.35 -37.64
C THR F 225 22.73 -32.93 -36.25
N TYR F 226 21.60 -33.53 -35.82
CA TYR F 226 21.09 -33.46 -34.44
C TYR F 226 21.31 -34.79 -33.74
N PRO F 227 22.35 -34.91 -32.89
CA PRO F 227 22.76 -36.26 -32.47
C PRO F 227 21.75 -36.97 -31.57
N LEU F 228 20.97 -36.25 -30.78
CA LEU F 228 20.04 -36.89 -29.86
C LEU F 228 18.63 -37.07 -30.43
N ALA F 229 18.40 -36.77 -31.72
CA ALA F 229 17.04 -36.68 -32.22
C ALA F 229 16.24 -37.96 -31.94
N SER F 230 15.01 -37.78 -31.50
CA SER F 230 14.09 -38.89 -31.31
C SER F 230 13.51 -39.30 -32.65
N LYS F 231 13.83 -40.51 -33.10
CA LYS F 231 13.52 -40.96 -34.46
C LYS F 231 12.95 -42.36 -34.47
N ASP F 232 12.09 -42.62 -35.45
CA ASP F 232 11.51 -43.95 -35.57
C ASP F 232 12.40 -44.82 -36.46
N GLU F 233 11.96 -46.05 -36.70
CA GLU F 233 12.74 -47.00 -37.48
C GLU F 233 13.07 -46.45 -38.86
N GLN F 234 12.16 -45.69 -39.46
CA GLN F 234 12.41 -45.13 -40.79
C GLN F 234 13.32 -43.91 -40.76
N GLY F 235 13.85 -43.53 -39.60
CA GLY F 235 14.65 -42.32 -39.51
C GLY F 235 13.87 -41.04 -39.39
N ARG F 236 12.54 -41.11 -39.26
CA ARG F 236 11.73 -39.90 -39.16
C ARG F 236 11.59 -39.45 -37.70
N LEU F 237 11.52 -38.14 -37.50
CA LEU F 237 11.34 -37.60 -36.16
C LEU F 237 10.03 -38.12 -35.56
N ARG F 238 10.07 -38.43 -34.27
CA ARG F 238 8.91 -38.98 -33.58
C ARG F 238 7.95 -37.88 -33.14
N VAL F 239 6.68 -38.24 -33.01
CA VAL F 239 5.65 -37.29 -32.63
C VAL F 239 4.48 -38.05 -32.02
N GLY F 240 3.71 -37.36 -31.18
CA GLY F 240 2.48 -37.89 -30.66
C GLY F 240 1.34 -36.92 -30.96
N ALA F 241 0.12 -37.38 -30.66
CA ALA F 241 -1.08 -36.57 -30.87
C ALA F 241 -2.10 -36.94 -29.81
N ALA F 242 -2.87 -35.96 -29.36
CA ALA F 242 -3.88 -36.18 -28.34
C ALA F 242 -5.23 -36.49 -28.96
N VAL F 243 -6.00 -37.32 -28.28
CA VAL F 243 -7.39 -37.54 -28.63
C VAL F 243 -8.18 -37.63 -27.34
N GLY F 244 -9.49 -37.48 -27.46
CA GLY F 244 -10.34 -37.60 -26.29
C GLY F 244 -11.16 -38.87 -26.26
N THR F 245 -12.42 -38.76 -25.85
CA THR F 245 -13.34 -39.89 -25.90
C THR F 245 -14.68 -39.54 -26.54
N GLY F 246 -14.91 -38.27 -26.88
CA GLY F 246 -16.11 -37.89 -27.60
C GLY F 246 -16.43 -38.73 -28.83
N ALA F 247 -17.38 -38.26 -29.65
CA ALA F 247 -17.96 -39.09 -30.70
C ALA F 247 -16.96 -39.40 -31.81
N ASP F 248 -16.33 -38.38 -32.38
CA ASP F 248 -15.54 -38.57 -33.60
C ASP F 248 -14.14 -39.15 -33.34
N THR F 249 -13.88 -39.66 -32.14
CA THR F 249 -12.51 -40.07 -31.78
C THR F 249 -11.98 -41.16 -32.70
N GLY F 250 -12.83 -42.11 -33.07
CA GLY F 250 -12.36 -43.19 -33.91
C GLY F 250 -11.78 -42.71 -35.22
N GLU F 251 -12.42 -41.71 -35.84
CA GLU F 251 -11.88 -41.15 -37.08
C GLU F 251 -10.63 -40.33 -36.84
N ARG F 252 -10.55 -39.64 -35.70
CA ARG F 252 -9.33 -38.90 -35.40
C ARG F 252 -8.14 -39.83 -35.23
N VAL F 253 -8.31 -40.92 -34.49
CA VAL F 253 -7.22 -41.87 -34.32
C VAL F 253 -6.80 -42.42 -35.67
N ALA F 254 -7.78 -42.85 -36.46
CA ALA F 254 -7.47 -43.41 -37.77
C ALA F 254 -6.66 -42.43 -38.60
N ALA F 255 -7.01 -41.13 -38.53
CA ALA F 255 -6.34 -40.15 -39.37
C ALA F 255 -4.92 -39.89 -38.87
N LEU F 256 -4.76 -39.84 -37.54
CA LEU F 256 -3.44 -39.67 -36.94
C LEU F 256 -2.57 -40.87 -37.24
N VAL F 257 -3.12 -42.09 -37.13
CA VAL F 257 -2.31 -43.27 -37.39
C VAL F 257 -1.84 -43.26 -38.84
N ALA F 258 -2.73 -42.90 -39.77
CA ALA F 258 -2.34 -42.88 -41.17
C ALA F 258 -1.34 -41.78 -41.48
N ALA F 259 -1.27 -40.73 -40.67
CA ALA F 259 -0.26 -39.70 -40.86
C ALA F 259 1.11 -40.12 -40.34
N GLY F 260 1.21 -41.23 -39.61
CA GLY F 260 2.47 -41.70 -39.09
C GLY F 260 2.75 -41.38 -37.62
N VAL F 261 1.75 -40.89 -36.88
CA VAL F 261 1.93 -40.65 -35.46
C VAL F 261 2.59 -41.84 -34.80
N ASP F 262 3.54 -41.55 -33.90
CA ASP F 262 4.20 -42.62 -33.16
C ASP F 262 3.38 -43.07 -31.96
N VAL F 263 2.57 -42.18 -31.38
CA VAL F 263 1.91 -42.50 -30.12
C VAL F 263 0.62 -41.68 -30.02
N VAL F 264 -0.46 -42.36 -29.67
CA VAL F 264 -1.77 -41.73 -29.50
C VAL F 264 -1.97 -41.54 -28.00
N VAL F 265 -2.23 -40.31 -27.58
CA VAL F 265 -2.39 -39.98 -26.17
C VAL F 265 -3.87 -39.79 -25.91
N VAL F 266 -4.49 -40.81 -25.31
CA VAL F 266 -5.88 -40.73 -24.87
C VAL F 266 -5.90 -39.94 -23.58
N ASP F 267 -6.39 -38.70 -23.66
CA ASP F 267 -6.02 -37.62 -22.74
C ASP F 267 -7.28 -36.93 -22.23
N THR F 268 -7.72 -37.27 -21.01
CA THR F 268 -8.87 -36.59 -20.42
C THR F 268 -8.57 -36.16 -18.99
N ALA F 269 -9.46 -35.33 -18.46
CA ALA F 269 -9.35 -34.88 -17.07
C ALA F 269 -9.44 -36.03 -16.06
N HIS F 270 -9.94 -37.20 -16.47
CA HIS F 270 -10.20 -38.28 -15.53
C HIS F 270 -10.03 -39.62 -16.26
N GLY F 271 -8.78 -40.12 -16.26
CA GLY F 271 -8.44 -41.36 -16.95
C GLY F 271 -9.01 -42.62 -16.31
N HIS F 272 -9.35 -42.58 -15.02
CA HIS F 272 -9.90 -43.75 -14.34
C HIS F 272 -11.41 -43.81 -14.60
N SER F 273 -11.75 -44.16 -15.84
CA SER F 273 -13.14 -44.01 -16.26
C SER F 273 -13.45 -44.99 -17.39
N LYS F 274 -14.73 -45.33 -17.54
CA LYS F 274 -15.14 -46.21 -18.63
C LYS F 274 -14.68 -45.69 -19.98
N GLY F 275 -14.86 -44.38 -20.23
CA GLY F 275 -14.51 -43.80 -21.52
C GLY F 275 -13.04 -43.98 -21.89
N VAL F 276 -12.14 -43.65 -20.96
CA VAL F 276 -10.71 -43.71 -21.27
C VAL F 276 -10.23 -45.16 -21.36
N ILE F 277 -10.69 -46.00 -20.45
CA ILE F 277 -10.23 -47.39 -20.43
C ILE F 277 -10.62 -48.08 -21.73
N GLU F 278 -11.85 -47.88 -22.17
CA GLU F 278 -12.32 -48.52 -23.40
C GLU F 278 -11.69 -47.92 -24.65
N ARG F 279 -11.39 -46.62 -24.65
CA ARG F 279 -10.75 -46.06 -25.83
C ARG F 279 -9.32 -46.57 -25.96
N VAL F 280 -8.57 -46.71 -24.84
CA VAL F 280 -7.21 -47.22 -25.02
C VAL F 280 -7.23 -48.68 -25.45
N ARG F 281 -8.18 -49.46 -24.92
CA ARG F 281 -8.33 -50.82 -25.41
C ARG F 281 -8.69 -50.84 -26.90
N TRP F 282 -9.55 -49.91 -27.32
CA TRP F 282 -9.94 -49.87 -28.73
C TRP F 282 -8.73 -49.57 -29.61
N VAL F 283 -7.87 -48.65 -29.17
CA VAL F 283 -6.71 -48.29 -29.97
C VAL F 283 -5.71 -49.44 -30.02
N LYS F 284 -5.45 -50.06 -28.87
CA LYS F 284 -4.50 -51.17 -28.82
C LYS F 284 -4.97 -52.31 -29.73
N GLN F 285 -6.28 -52.56 -29.79
CA GLN F 285 -6.80 -53.65 -30.61
C GLN F 285 -6.93 -53.26 -32.08
N THR F 286 -7.41 -52.05 -32.36
CA THR F 286 -7.58 -51.64 -33.75
C THR F 286 -6.26 -51.27 -34.41
N PHE F 287 -5.32 -50.71 -33.65
CA PHE F 287 -4.05 -50.23 -34.21
C PHE F 287 -2.89 -50.73 -33.39
N PRO F 288 -2.65 -52.04 -33.41
CA PRO F 288 -1.62 -52.63 -32.53
C PRO F 288 -0.21 -52.21 -32.86
N ASP F 289 0.01 -51.49 -33.96
CA ASP F 289 1.35 -51.01 -34.32
C ASP F 289 1.66 -49.61 -33.80
N VAL F 290 0.69 -48.89 -33.19
CA VAL F 290 1.01 -47.64 -32.51
C VAL F 290 1.10 -47.88 -31.02
N GLN F 291 1.86 -47.01 -30.37
CA GLN F 291 1.84 -46.90 -28.93
C GLN F 291 0.62 -46.11 -28.47
N VAL F 292 0.10 -46.47 -27.29
CA VAL F 292 -1.05 -45.81 -26.69
C VAL F 292 -0.70 -45.37 -25.28
N ILE F 293 -1.01 -44.11 -24.98
CA ILE F 293 -0.89 -43.54 -23.63
C ILE F 293 -2.28 -43.20 -23.14
N GLY F 294 -2.55 -43.51 -21.87
CA GLY F 294 -3.79 -43.13 -21.22
C GLY F 294 -3.57 -42.30 -19.96
N GLY F 295 -4.47 -41.36 -19.72
CA GLY F 295 -4.45 -40.54 -18.52
C GLY F 295 -5.58 -39.53 -18.56
N ASN F 296 -5.59 -38.59 -17.60
CA ASN F 296 -4.67 -38.57 -16.48
C ASN F 296 -5.20 -39.34 -15.28
N ILE F 297 -4.27 -39.89 -14.49
CA ILE F 297 -4.59 -40.69 -13.32
C ILE F 297 -3.76 -40.20 -12.13
N ALA F 298 -4.14 -40.65 -10.92
CA ALA F 298 -3.33 -40.29 -9.75
C ALA F 298 -3.32 -41.37 -8.68
N THR F 299 -3.77 -42.60 -8.97
CA THR F 299 -3.83 -43.66 -7.97
C THR F 299 -3.24 -44.95 -8.53
N ALA F 300 -2.81 -45.81 -7.60
CA ALA F 300 -2.35 -47.14 -7.94
C ALA F 300 -3.41 -47.92 -8.72
N GLU F 301 -4.64 -47.95 -8.19
CA GLU F 301 -5.70 -48.73 -8.82
C GLU F 301 -5.97 -48.26 -10.25
N ALA F 302 -5.98 -46.95 -10.49
CA ALA F 302 -6.16 -46.46 -11.86
C ALA F 302 -4.99 -46.87 -12.75
N ALA F 303 -3.74 -46.81 -12.26
CA ALA F 303 -2.63 -47.27 -13.08
C ALA F 303 -2.79 -48.73 -13.52
N LYS F 304 -3.16 -49.62 -12.59
CA LYS F 304 -3.29 -51.02 -12.96
C LYS F 304 -4.44 -51.22 -13.93
N ALA F 305 -5.48 -50.41 -13.83
CA ALA F 305 -6.63 -50.55 -14.72
C ALA F 305 -6.26 -50.13 -16.15
N LEU F 306 -5.51 -49.03 -16.30
CA LEU F 306 -5.03 -48.68 -17.63
C LEU F 306 -4.06 -49.73 -18.17
N ALA F 307 -3.15 -50.23 -17.33
CA ALA F 307 -2.22 -51.24 -17.81
C ALA F 307 -2.95 -52.47 -18.33
N GLU F 308 -3.98 -52.93 -17.60
CA GLU F 308 -4.74 -54.09 -18.04
C GLU F 308 -5.55 -53.81 -19.30
N ALA F 309 -5.86 -52.55 -19.58
CA ALA F 309 -6.53 -52.17 -20.81
C ALA F 309 -5.58 -52.11 -22.00
N GLY F 310 -4.28 -52.18 -21.76
CA GLY F 310 -3.29 -52.21 -22.80
C GLY F 310 -2.43 -50.98 -22.94
N ALA F 311 -2.53 -50.02 -22.02
CA ALA F 311 -1.74 -48.80 -22.14
C ALA F 311 -0.26 -49.12 -22.25
N ASP F 312 0.43 -48.42 -23.14
CA ASP F 312 1.89 -48.51 -23.19
C ASP F 312 2.58 -47.53 -22.25
N ALA F 313 1.82 -46.63 -21.65
CA ALA F 313 2.27 -45.66 -20.64
C ALA F 313 1.02 -45.03 -20.06
N VAL F 314 1.16 -44.53 -18.82
CA VAL F 314 0.09 -43.77 -18.17
C VAL F 314 0.63 -42.39 -17.83
N LYS F 315 -0.27 -41.41 -17.79
CA LYS F 315 0.08 -40.02 -17.52
C LYS F 315 -0.50 -39.64 -16.16
N VAL F 316 0.35 -39.11 -15.27
CA VAL F 316 0.01 -38.87 -13.87
C VAL F 316 -0.18 -37.38 -13.63
N GLY F 317 -1.27 -37.02 -12.95
CA GLY F 317 -1.51 -35.65 -12.55
C GLY F 317 -2.98 -35.26 -12.57
N ILE F 318 -3.64 -35.33 -11.40
CA ILE F 318 -4.98 -34.79 -11.18
C ILE F 318 -4.85 -33.76 -10.07
N GLY F 319 -5.28 -32.53 -10.36
CA GLY F 319 -5.15 -31.44 -9.41
C GLY F 319 -3.78 -31.35 -8.78
N PRO F 320 -2.71 -31.23 -9.62
CA PRO F 320 -1.34 -31.28 -9.10
C PRO F 320 -0.89 -30.02 -8.37
N GLY F 321 -1.49 -28.88 -8.75
CA GLY F 321 -1.07 -27.58 -8.24
C GLY F 321 -2.01 -26.94 -7.23
N SER F 322 -1.45 -26.02 -6.43
CA SER F 322 -2.17 -25.51 -5.26
C SER F 322 -3.51 -24.85 -5.63
N ILE F 323 -3.63 -24.30 -6.84
CA ILE F 323 -4.82 -23.54 -7.20
C ILE F 323 -5.39 -24.06 -8.53
N CYS F 324 -5.29 -25.37 -8.75
CA CYS F 324 -5.99 -25.96 -9.87
C CYS F 324 -7.48 -25.60 -9.82
N THR F 325 -8.07 -25.45 -11.00
CA THR F 325 -9.53 -25.40 -11.09
C THR F 325 -10.15 -26.67 -10.54
N THR F 326 -9.53 -27.81 -10.83
CA THR F 326 -9.97 -29.07 -10.24
C THR F 326 -10.13 -28.94 -8.74
N ARG F 327 -9.15 -28.33 -8.06
CA ARG F 327 -9.23 -28.22 -6.61
C ARG F 327 -10.32 -27.25 -6.19
N ILE F 328 -10.41 -26.10 -6.86
CA ILE F 328 -11.34 -25.07 -6.44
C ILE F 328 -12.77 -25.47 -6.73
N VAL F 329 -13.01 -26.08 -7.89
CA VAL F 329 -14.38 -26.34 -8.33
C VAL F 329 -14.89 -27.67 -7.80
N ALA F 330 -14.06 -28.69 -7.79
CA ALA F 330 -14.51 -30.02 -7.37
C ALA F 330 -13.90 -30.48 -6.06
N GLY F 331 -12.91 -29.77 -5.52
CA GLY F 331 -12.23 -30.26 -4.33
C GLY F 331 -11.42 -31.50 -4.56
N VAL F 332 -11.03 -31.79 -5.81
CA VAL F 332 -10.37 -33.03 -6.21
C VAL F 332 -8.91 -32.76 -6.54
N GLY F 333 -8.03 -33.69 -6.13
CA GLY F 333 -6.61 -33.62 -6.43
C GLY F 333 -5.74 -34.59 -5.64
N VAL F 334 -4.52 -34.81 -6.11
CA VAL F 334 -3.54 -35.59 -5.36
C VAL F 334 -2.21 -34.87 -5.50
N PRO F 335 -1.58 -34.45 -4.41
CA PRO F 335 -0.23 -33.86 -4.52
C PRO F 335 0.71 -34.78 -5.29
N GLN F 336 1.52 -34.17 -6.16
CA GLN F 336 2.10 -34.91 -7.27
C GLN F 336 3.21 -35.87 -6.83
N ILE F 337 3.99 -35.55 -5.79
CA ILE F 337 5.05 -36.46 -5.36
C ILE F 337 4.46 -37.80 -4.92
N SER F 338 3.42 -37.77 -4.08
CA SER F 338 2.73 -39.00 -3.68
C SER F 338 2.06 -39.70 -4.87
N ALA F 339 1.35 -38.94 -5.72
CA ALA F 339 0.74 -39.54 -6.90
C ALA F 339 1.76 -40.30 -7.74
N ILE F 340 2.92 -39.68 -8.01
CA ILE F 340 3.94 -40.35 -8.81
C ILE F 340 4.43 -41.62 -8.11
N ALA F 341 4.80 -41.52 -6.83
CA ALA F 341 5.29 -42.70 -6.13
C ALA F 341 4.25 -43.82 -6.12
N ASN F 342 2.99 -43.49 -5.84
CA ASN F 342 1.95 -44.52 -5.81
C ASN F 342 1.79 -45.21 -7.16
N VAL F 343 1.81 -44.45 -8.25
CA VAL F 343 1.62 -45.06 -9.55
C VAL F 343 2.85 -45.88 -9.93
N ALA F 344 4.05 -45.39 -9.58
CA ALA F 344 5.29 -46.14 -9.87
C ALA F 344 5.31 -47.48 -9.16
N ALA F 345 4.94 -47.50 -7.87
CA ALA F 345 4.89 -48.77 -7.14
C ALA F 345 3.87 -49.72 -7.75
N ALA F 346 2.74 -49.18 -8.22
CA ALA F 346 1.73 -50.05 -8.80
C ALA F 346 2.21 -50.65 -10.13
N LEU F 347 3.01 -49.94 -10.90
CA LEU F 347 3.41 -50.44 -12.21
C LEU F 347 4.75 -51.18 -12.20
N GLU F 348 5.38 -51.30 -11.03
CA GLU F 348 6.68 -51.97 -10.94
C GLU F 348 6.60 -53.39 -11.47
N GLY F 349 7.52 -53.74 -12.37
CA GLY F 349 7.52 -55.06 -12.95
C GLY F 349 6.53 -55.27 -14.09
N THR F 350 5.80 -54.24 -14.50
CA THR F 350 4.92 -54.38 -15.65
C THR F 350 5.57 -53.95 -16.94
N GLY F 351 6.63 -53.14 -16.87
CA GLY F 351 7.19 -52.52 -18.05
C GLY F 351 6.44 -51.30 -18.55
N VAL F 352 5.42 -50.82 -17.85
CA VAL F 352 4.61 -49.70 -18.30
C VAL F 352 5.19 -48.42 -17.68
N PRO F 353 5.76 -47.51 -18.46
CA PRO F 353 6.29 -46.25 -17.91
C PRO F 353 5.17 -45.33 -17.45
N LEU F 354 5.54 -44.32 -16.65
CA LEU F 354 4.62 -43.27 -16.22
C LEU F 354 5.23 -41.89 -16.49
N ILE F 355 4.37 -40.97 -16.92
CA ILE F 355 4.73 -39.62 -17.32
C ILE F 355 4.13 -38.66 -16.31
N ALA F 356 4.98 -37.88 -15.66
CA ALA F 356 4.55 -36.89 -14.67
C ALA F 356 4.07 -35.63 -15.39
N ASP F 357 2.78 -35.33 -15.29
CA ASP F 357 2.19 -34.20 -15.98
C ASP F 357 1.66 -33.18 -14.96
N GLY F 358 2.37 -32.08 -14.81
CA GLY F 358 1.81 -30.97 -14.04
C GLY F 358 2.48 -30.69 -12.70
N GLY F 359 2.60 -29.41 -12.37
CA GLY F 359 3.14 -29.00 -11.09
C GLY F 359 4.62 -28.67 -11.06
N ILE F 360 5.32 -28.85 -12.18
CA ILE F 360 6.75 -28.59 -12.25
C ILE F 360 6.95 -27.11 -12.53
N ARG F 361 7.43 -26.36 -11.53
CA ARG F 361 7.80 -24.96 -11.71
C ARG F 361 9.28 -24.75 -12.00
N PHE F 362 10.17 -25.61 -11.51
CA PHE F 362 11.61 -25.42 -11.60
C PHE F 362 12.28 -26.74 -11.96
N SER F 363 13.54 -26.66 -12.43
CA SER F 363 14.26 -27.88 -12.72
C SER F 363 14.41 -28.73 -11.46
N GLY F 364 14.47 -28.09 -10.29
CA GLY F 364 14.52 -28.86 -9.05
C GLY F 364 13.34 -29.78 -8.87
N ASP F 365 12.14 -29.31 -9.24
CA ASP F 365 10.96 -30.17 -9.16
C ASP F 365 11.03 -31.32 -10.15
N LEU F 366 11.63 -31.09 -11.33
CA LEU F 366 11.80 -32.17 -12.29
C LEU F 366 12.65 -33.28 -11.70
N ALA F 367 13.76 -32.91 -11.06
CA ALA F 367 14.60 -33.89 -10.38
C ALA F 367 13.79 -34.70 -9.37
N LYS F 368 13.01 -34.02 -8.53
CA LYS F 368 12.22 -34.72 -7.52
C LYS F 368 11.22 -35.68 -8.15
N ALA F 369 10.64 -35.29 -9.30
CA ALA F 369 9.65 -36.16 -9.93
C ALA F 369 10.29 -37.44 -10.43
N MET F 370 11.53 -37.36 -10.92
CA MET F 370 12.23 -38.56 -11.35
C MET F 370 12.53 -39.46 -10.16
N VAL F 371 13.03 -38.91 -9.06
CA VAL F 371 13.33 -39.74 -7.91
C VAL F 371 12.05 -40.37 -7.34
N ALA F 372 10.92 -39.69 -7.44
CA ALA F 372 9.68 -40.31 -6.98
C ALA F 372 9.24 -41.46 -7.86
N GLY F 373 9.80 -41.61 -9.07
CA GLY F 373 9.40 -42.71 -9.91
C GLY F 373 9.09 -42.41 -11.35
N ALA F 374 8.90 -41.13 -11.72
CA ALA F 374 8.54 -40.83 -13.10
C ALA F 374 9.63 -41.28 -14.06
N TYR F 375 9.21 -41.61 -15.29
CA TYR F 375 10.15 -41.93 -16.38
C TYR F 375 10.51 -40.70 -17.18
N CYS F 376 9.56 -39.79 -17.32
CA CYS F 376 9.82 -38.49 -17.91
C CYS F 376 8.72 -37.55 -17.44
N VAL F 377 8.89 -36.29 -17.78
CA VAL F 377 8.06 -35.22 -17.25
C VAL F 377 7.47 -34.47 -18.42
N MET F 378 6.23 -34.05 -18.27
CA MET F 378 5.56 -33.28 -19.32
C MET F 378 5.43 -31.84 -18.87
N MET F 379 5.92 -30.93 -19.68
CA MET F 379 5.86 -29.49 -19.43
C MET F 379 4.80 -28.88 -20.33
N GLY F 380 4.07 -27.91 -19.80
CA GLY F 380 3.11 -27.17 -20.60
C GLY F 380 3.42 -25.69 -20.66
N SER F 381 2.87 -24.93 -19.72
CA SER F 381 2.98 -23.48 -19.78
C SER F 381 4.43 -23.01 -19.91
N MET F 382 5.37 -23.72 -19.29
CA MET F 382 6.75 -23.28 -19.37
C MET F 382 7.26 -23.21 -20.79
N PHE F 383 6.68 -23.98 -21.72
CA PHE F 383 7.07 -23.93 -23.12
C PHE F 383 6.25 -22.92 -23.90
N ALA F 384 5.08 -22.54 -23.36
CA ALA F 384 4.29 -21.53 -24.04
C ALA F 384 5.12 -20.26 -24.15
N GLY F 385 4.95 -19.55 -25.26
CA GLY F 385 5.70 -18.33 -25.48
C GLY F 385 7.09 -18.51 -26.03
N THR F 386 7.58 -19.74 -26.15
CA THR F 386 8.85 -19.89 -26.84
C THR F 386 8.66 -19.55 -28.31
N GLU F 387 9.78 -19.36 -29.01
CA GLU F 387 9.73 -19.06 -30.43
C GLU F 387 9.02 -20.16 -31.21
N GLU F 388 9.21 -21.42 -30.80
CA GLU F 388 8.64 -22.57 -31.52
C GLU F 388 7.17 -22.78 -31.21
N ALA F 389 6.70 -22.31 -30.06
CA ALA F 389 5.31 -22.57 -29.69
C ALA F 389 4.38 -21.84 -30.63
N PRO F 390 3.11 -22.23 -30.65
CA PRO F 390 2.12 -21.49 -31.46
C PRO F 390 2.08 -20.02 -31.08
N GLY F 391 1.49 -19.23 -31.97
CA GLY F 391 1.22 -17.83 -31.71
C GLY F 391 2.18 -16.91 -32.45
N GLU F 392 1.83 -15.63 -32.43
CA GLU F 392 2.49 -14.60 -33.23
C GLU F 392 3.13 -13.59 -32.28
N ILE F 393 4.42 -13.31 -32.48
CA ILE F 393 5.09 -12.38 -31.59
C ILE F 393 4.52 -10.99 -31.74
N GLU F 394 4.32 -10.30 -30.62
CA GLU F 394 3.86 -8.92 -30.63
C GLU F 394 4.54 -8.13 -29.54
N LEU F 395 4.62 -6.82 -29.75
CA LEU F 395 5.29 -5.90 -28.85
C LEU F 395 4.24 -5.05 -28.14
N PHE F 396 4.27 -5.07 -26.82
CA PHE F 396 3.25 -4.38 -26.01
C PHE F 396 3.94 -3.68 -24.86
N GLN F 397 3.98 -2.35 -24.91
CA GLN F 397 4.58 -1.53 -23.85
C GLN F 397 6.06 -1.88 -23.67
N GLY F 398 6.79 -1.93 -24.78
CA GLY F 398 8.22 -2.18 -24.71
C GLY F 398 8.60 -3.58 -24.26
N ARG F 399 7.67 -4.53 -24.27
CA ARG F 399 7.98 -5.92 -23.98
C ARG F 399 7.43 -6.80 -25.10
N SER F 400 7.90 -8.04 -25.16
CA SER F 400 7.49 -8.97 -26.20
C SER F 400 6.57 -10.05 -25.62
N TYR F 401 5.52 -10.38 -26.37
CA TYR F 401 4.56 -11.41 -26.00
C TYR F 401 4.19 -12.22 -27.24
N LYS F 402 3.67 -13.42 -27.01
CA LYS F 402 3.02 -14.21 -28.06
C LYS F 402 1.54 -13.86 -28.08
N SER F 403 1.05 -13.43 -29.25
CA SER F 403 -0.31 -12.97 -29.44
C SER F 403 -1.15 -14.14 -29.95
N TYR F 404 -2.04 -14.65 -29.10
CA TYR F 404 -2.90 -15.77 -29.47
C TYR F 404 -4.28 -15.31 -29.94
N ARG F 442 -2.31 -13.10 -23.16
CA ARG F 442 -0.94 -12.82 -23.59
C ARG F 442 0.10 -13.37 -22.62
N VAL F 443 1.05 -14.11 -23.16
CA VAL F 443 2.17 -14.62 -22.35
C VAL F 443 3.45 -13.98 -22.85
N PRO F 444 4.50 -13.87 -22.02
CA PRO F 444 5.72 -13.21 -22.47
C PRO F 444 6.43 -14.05 -23.51
N TYR F 445 7.21 -13.40 -24.35
CA TYR F 445 8.08 -14.11 -25.28
C TYR F 445 9.33 -14.62 -24.56
N LYS F 446 9.70 -15.87 -24.82
CA LYS F 446 10.74 -16.54 -24.05
C LYS F 446 11.91 -17.02 -24.90
N GLY F 447 11.97 -16.63 -26.17
CA GLY F 447 13.11 -17.04 -26.96
C GLY F 447 13.07 -18.51 -27.35
N ALA F 448 14.25 -19.04 -27.67
CA ALA F 448 14.35 -20.38 -28.22
C ALA F 448 14.06 -21.45 -27.17
N LEU F 449 13.36 -22.50 -27.60
CA LEU F 449 13.05 -23.60 -26.70
C LEU F 449 14.32 -24.24 -26.16
N SER F 450 15.38 -24.30 -26.97
CA SER F 450 16.55 -25.06 -26.57
C SER F 450 17.18 -24.50 -25.30
N ALA F 451 17.07 -23.19 -25.06
CA ALA F 451 17.66 -22.65 -23.84
C ALA F 451 16.93 -23.15 -22.62
N ILE F 452 15.59 -23.22 -22.67
CA ILE F 452 14.83 -23.76 -21.54
C ILE F 452 15.13 -25.24 -21.35
N VAL F 453 15.09 -26.03 -22.43
CA VAL F 453 15.41 -27.44 -22.33
C VAL F 453 16.81 -27.62 -21.74
N HIS F 454 17.74 -26.73 -22.11
CA HIS F 454 19.11 -26.82 -21.60
C HIS F 454 19.17 -26.52 -20.10
N GLN F 455 18.40 -25.54 -19.65
CA GLN F 455 18.39 -25.26 -18.22
C GLN F 455 17.75 -26.42 -17.45
N LEU F 456 16.65 -26.97 -17.95
CA LEU F 456 16.00 -28.06 -17.22
C LEU F 456 16.93 -29.25 -17.13
N MET F 457 17.47 -29.70 -18.26
CA MET F 457 18.37 -30.84 -18.21
C MET F 457 19.64 -30.50 -17.44
N GLY F 458 20.06 -29.23 -17.42
CA GLY F 458 21.18 -28.86 -16.57
C GLY F 458 20.90 -29.09 -15.11
N GLY F 459 19.71 -28.66 -14.65
CA GLY F 459 19.32 -28.88 -13.26
C GLY F 459 19.21 -30.35 -12.90
N LEU F 460 18.65 -31.16 -13.82
CA LEU F 460 18.54 -32.59 -13.56
C LEU F 460 19.92 -33.23 -13.47
N ARG F 461 20.84 -32.86 -14.38
CA ARG F 461 22.19 -33.40 -14.31
C ARG F 461 22.86 -33.06 -12.98
N ALA F 462 22.63 -31.85 -12.46
CA ALA F 462 23.23 -31.49 -11.18
C ALA F 462 22.65 -32.33 -10.04
N ALA F 463 21.34 -32.56 -10.07
CA ALA F 463 20.73 -33.43 -9.06
C ALA F 463 21.34 -34.83 -9.08
N MET F 464 21.51 -35.39 -10.28
CA MET F 464 22.08 -36.73 -10.37
C MET F 464 23.53 -36.73 -9.88
N GLY F 465 24.28 -35.68 -10.18
CA GLY F 465 25.61 -35.54 -9.61
C GLY F 465 25.58 -35.49 -8.10
N TYR F 466 24.58 -34.80 -7.52
CA TYR F 466 24.48 -34.70 -6.06
C TYR F 466 24.10 -36.04 -5.44
N THR F 467 23.25 -36.80 -6.12
CA THR F 467 22.75 -38.04 -5.53
C THR F 467 23.63 -39.22 -5.86
N GLY F 468 24.54 -39.09 -6.82
CA GLY F 468 25.36 -40.19 -7.23
C GLY F 468 24.79 -41.05 -8.34
N SER F 469 23.77 -40.59 -9.05
CA SER F 469 23.09 -41.42 -10.05
C SER F 469 23.77 -41.25 -11.41
N ALA F 470 24.27 -42.36 -11.97
CA ALA F 470 24.91 -42.31 -13.27
C ALA F 470 23.92 -42.35 -14.43
N ASP F 471 22.67 -42.73 -14.17
CA ASP F 471 21.68 -42.84 -15.23
C ASP F 471 20.28 -42.76 -14.63
N ILE F 472 19.27 -42.81 -15.49
CA ILE F 472 17.90 -42.53 -15.05
C ILE F 472 17.39 -43.66 -14.17
N GLN F 473 17.68 -44.91 -14.55
CA GLN F 473 17.30 -46.04 -13.71
C GLN F 473 17.83 -45.87 -12.28
N GLN F 474 19.08 -45.45 -12.13
CA GLN F 474 19.60 -45.22 -10.79
C GLN F 474 18.86 -44.06 -10.11
N MET F 475 18.63 -42.96 -10.86
CA MET F 475 17.98 -41.80 -10.29
C MET F 475 16.56 -42.13 -9.83
N ARG F 476 15.88 -43.04 -10.54
CA ARG F 476 14.50 -43.35 -10.18
C ARG F 476 14.41 -44.27 -8.96
N THR F 477 15.49 -44.96 -8.58
CA THR F 477 15.37 -46.07 -7.65
C THR F 477 16.25 -45.99 -6.42
N GLN F 478 17.33 -45.18 -6.41
CA GLN F 478 18.27 -45.25 -5.29
C GLN F 478 18.18 -44.06 -4.33
N PRO F 479 18.12 -42.82 -4.83
CA PRO F 479 18.23 -41.67 -3.93
C PRO F 479 17.03 -41.54 -2.99
N GLN F 480 17.23 -40.76 -1.93
CA GLN F 480 16.26 -40.58 -0.87
C GLN F 480 15.89 -39.12 -0.70
N PHE F 481 14.68 -38.89 -0.18
CA PHE F 481 14.21 -37.57 0.19
C PHE F 481 14.34 -37.37 1.69
N VAL F 482 14.49 -36.11 2.11
CA VAL F 482 14.12 -35.70 3.46
C VAL F 482 12.78 -34.99 3.33
N ARG F 483 11.97 -35.13 4.36
CA ARG F 483 10.76 -34.33 4.49
C ARG F 483 11.08 -33.08 5.29
N ILE F 484 10.51 -31.95 4.89
CA ILE F 484 10.75 -30.66 5.53
C ILE F 484 9.40 -30.02 5.88
N THR F 485 9.46 -28.95 6.69
CA THR F 485 8.30 -28.19 7.13
C THR F 485 8.18 -26.88 6.32
N GLY F 486 7.26 -26.02 6.72
CA GLY F 486 7.20 -24.65 6.21
C GLY F 486 8.48 -23.84 6.35
N MET G 21 17.71 41.84 -13.48
CA MET G 21 16.61 40.95 -13.10
C MET G 21 16.81 39.52 -13.60
N LEU G 22 15.75 38.71 -13.49
CA LEU G 22 15.81 37.31 -13.90
C LEU G 22 15.81 37.22 -15.43
N ARG G 23 16.86 36.63 -15.99
CA ARG G 23 17.07 36.68 -17.44
C ARG G 23 16.42 35.46 -18.12
N ILE G 24 15.12 35.58 -18.43
CA ILE G 24 14.34 34.49 -19.00
C ILE G 24 14.06 34.79 -20.46
N SER G 25 14.55 33.92 -21.35
CA SER G 25 14.54 34.18 -22.79
C SER G 25 13.16 33.96 -23.42
N GLN G 26 12.41 32.97 -22.94
CA GLN G 26 11.13 32.59 -23.53
C GLN G 26 10.52 31.48 -22.69
N GLU G 27 9.23 31.26 -22.91
CA GLU G 27 8.60 30.02 -22.48
C GLU G 27 8.83 28.97 -23.56
N ALA G 28 9.17 27.76 -23.14
CA ALA G 28 9.55 26.70 -24.06
C ALA G 28 8.66 25.48 -23.84
N LEU G 29 8.29 24.84 -24.94
CA LEU G 29 7.28 23.80 -24.92
C LEU G 29 7.90 22.45 -25.23
N THR G 30 7.35 21.40 -24.62
CA THR G 30 7.70 20.03 -24.94
C THR G 30 6.49 19.36 -25.62
N PHE G 31 6.64 18.08 -25.97
CA PHE G 31 5.62 17.39 -26.76
C PHE G 31 4.28 17.41 -26.06
N ASP G 32 4.27 17.20 -24.74
CA ASP G 32 3.00 17.14 -24.01
C ASP G 32 2.35 18.51 -23.82
N ASP G 33 2.99 19.62 -24.18
CA ASP G 33 2.30 20.90 -24.18
C ASP G 33 1.42 21.12 -25.41
N VAL G 34 1.57 20.35 -26.49
CA VAL G 34 0.92 20.68 -27.75
C VAL G 34 0.18 19.47 -28.31
N LEU G 35 -0.81 19.76 -29.16
CA LEU G 35 -1.51 18.74 -29.94
C LEU G 35 -1.71 19.25 -31.35
N LEU G 36 -1.71 18.33 -32.33
CA LEU G 36 -2.01 18.68 -33.71
C LEU G 36 -3.50 18.87 -33.93
N ILE G 37 -3.86 19.94 -34.64
CA ILE G 37 -5.24 20.28 -34.98
C ILE G 37 -5.62 19.57 -36.28
N PRO G 38 -6.72 18.82 -36.33
CA PRO G 38 -7.14 18.21 -37.60
C PRO G 38 -7.45 19.26 -38.65
N GLY G 39 -7.09 18.97 -39.90
CA GLY G 39 -7.37 19.87 -40.99
C GLY G 39 -8.04 19.17 -42.14
N TYR G 40 -8.63 19.96 -43.02
CA TYR G 40 -9.25 19.39 -44.21
C TYR G 40 -8.29 18.46 -44.93
N SER G 41 -8.72 17.22 -45.13
CA SER G 41 -7.87 16.15 -45.58
C SER G 41 -8.45 15.47 -46.81
N GLU G 42 -7.57 15.10 -47.72
CA GLU G 42 -7.98 14.58 -49.00
C GLU G 42 -7.15 13.36 -49.39
N VAL G 43 -6.17 12.97 -48.56
CA VAL G 43 -5.28 11.87 -48.89
C VAL G 43 -5.35 10.86 -47.75
N LEU G 44 -5.33 9.59 -48.10
CA LEU G 44 -5.38 8.49 -47.17
C LEU G 44 -3.99 8.21 -46.58
N PRO G 45 -3.93 7.88 -45.28
CA PRO G 45 -2.62 7.54 -44.67
C PRO G 45 -1.76 6.62 -45.51
N LYS G 46 -2.37 5.66 -46.19
CA LYS G 46 -1.57 4.72 -46.95
C LYS G 46 -0.95 5.36 -48.18
N ASP G 47 -1.45 6.52 -48.61
CA ASP G 47 -0.99 7.15 -49.84
C ASP G 47 -0.03 8.33 -49.63
N VAL G 48 0.26 8.74 -48.40
CA VAL G 48 1.12 9.91 -48.23
C VAL G 48 2.58 9.53 -48.51
N SER G 49 3.37 10.55 -48.85
CA SER G 49 4.79 10.40 -49.06
C SER G 49 5.56 10.70 -47.78
N LEU G 50 6.49 9.80 -47.40
CA LEU G 50 7.34 9.98 -46.24
C LEU G 50 8.77 10.36 -46.60
N LYS G 51 9.09 10.48 -47.89
CA LYS G 51 10.45 10.79 -48.30
C LYS G 51 10.90 12.15 -47.74
N THR G 52 12.15 12.21 -47.30
CA THR G 52 12.70 13.43 -46.73
C THR G 52 14.21 13.46 -47.00
N ARG G 53 14.93 14.36 -46.34
CA ARG G 53 16.38 14.49 -46.48
C ARG G 53 17.05 14.38 -45.12
N LEU G 54 18.13 13.63 -45.06
CA LEU G 54 18.96 13.62 -43.86
C LEU G 54 19.92 14.79 -43.85
N THR G 55 20.52 15.10 -45.01
CA THR G 55 21.50 16.15 -45.14
C THR G 55 21.29 16.87 -46.48
N ARG G 56 22.14 17.87 -46.74
CA ARG G 56 22.11 18.53 -48.04
C ARG G 56 21.99 17.53 -49.18
N GLY G 57 22.86 16.50 -49.19
CA GLY G 57 22.93 15.57 -50.30
C GLY G 57 22.53 14.13 -50.05
N ILE G 58 21.82 13.84 -48.96
CA ILE G 58 21.34 12.49 -48.66
C ILE G 58 19.83 12.54 -48.44
N GLU G 59 19.08 11.81 -49.25
CA GLU G 59 17.64 11.67 -49.10
C GLU G 59 17.31 10.34 -48.45
N LEU G 60 16.21 10.31 -47.69
CA LEU G 60 15.71 9.11 -47.04
C LEU G 60 14.26 8.89 -47.43
N ASN G 61 13.84 7.62 -47.47
CA ASN G 61 12.46 7.29 -47.81
C ASN G 61 11.54 7.35 -46.61
N ILE G 62 12.08 7.22 -45.40
CA ILE G 62 11.35 7.47 -44.15
C ILE G 62 12.22 8.32 -43.23
N PRO G 63 11.62 9.19 -42.43
CA PRO G 63 12.40 10.14 -41.61
C PRO G 63 12.86 9.53 -40.28
N LEU G 64 13.64 8.45 -40.36
CA LEU G 64 14.09 7.71 -39.18
C LEU G 64 15.59 7.48 -39.23
N VAL G 65 16.26 7.77 -38.11
CA VAL G 65 17.69 7.58 -37.93
C VAL G 65 17.88 6.84 -36.61
N SER G 66 18.78 5.85 -36.59
CA SER G 66 19.12 5.19 -35.33
C SER G 66 20.33 5.87 -34.66
N ALA G 67 20.29 5.97 -33.34
CA ALA G 67 21.28 6.73 -32.59
C ALA G 67 22.62 6.00 -32.50
N ALA G 68 23.69 6.79 -32.40
CA ALA G 68 25.05 6.25 -32.26
C ALA G 68 25.31 5.81 -30.81
N MET G 69 24.51 4.87 -30.34
CA MET G 69 24.68 4.31 -29.01
C MET G 69 25.18 2.89 -29.10
N ASP G 70 25.99 2.47 -28.13
CA ASP G 70 26.57 1.14 -28.27
C ASP G 70 25.55 0.03 -27.98
N THR G 71 24.35 0.37 -27.53
CA THR G 71 23.25 -0.57 -27.39
C THR G 71 22.25 -0.48 -28.54
N VAL G 72 22.55 0.31 -29.57
CA VAL G 72 21.60 0.49 -30.65
C VAL G 72 22.23 0.17 -32.02
N THR G 73 23.20 0.96 -32.47
CA THR G 73 23.61 0.88 -33.87
C THR G 73 25.02 0.30 -34.00
N GLU G 74 25.09 -0.92 -34.50
CA GLU G 74 26.28 -1.44 -35.14
C GLU G 74 25.89 -1.92 -36.53
N ALA G 75 26.75 -2.69 -37.17
CA ALA G 75 26.52 -3.03 -38.58
C ALA G 75 25.16 -3.69 -38.79
N ARG G 76 24.77 -4.61 -37.90
CA ARG G 76 23.54 -5.36 -38.12
C ARG G 76 22.31 -4.45 -38.10
N LEU G 77 22.19 -3.58 -37.10
CA LEU G 77 21.02 -2.70 -37.08
C LEU G 77 21.15 -1.59 -38.12
N ALA G 78 22.36 -1.14 -38.41
CA ALA G 78 22.52 -0.13 -39.46
C ALA G 78 22.07 -0.66 -40.82
N ILE G 79 22.40 -1.92 -41.12
CA ILE G 79 21.87 -2.53 -42.35
C ILE G 79 20.35 -2.51 -42.33
N ALA G 80 19.76 -2.94 -41.22
CA ALA G 80 18.31 -3.01 -41.16
C ALA G 80 17.68 -1.63 -41.36
N MET G 81 18.27 -0.58 -40.76
CA MET G 81 17.72 0.76 -40.92
C MET G 81 17.76 1.20 -42.37
N ALA G 82 18.86 0.89 -43.06
CA ALA G 82 18.96 1.28 -44.46
C ALA G 82 17.88 0.59 -45.30
N GLN G 83 17.66 -0.69 -45.05
CA GLN G 83 16.67 -1.43 -45.83
C GLN G 83 15.27 -0.87 -45.62
N GLU G 84 14.95 -0.45 -44.39
CA GLU G 84 13.65 0.16 -44.14
C GLU G 84 13.48 1.48 -44.88
N GLY G 85 14.57 2.15 -45.23
CA GLY G 85 14.53 3.49 -45.79
C GLY G 85 15.11 4.58 -44.91
N GLY G 86 15.59 4.25 -43.73
CA GLY G 86 16.28 5.20 -42.85
C GLY G 86 17.78 5.09 -42.98
N ILE G 87 18.47 5.28 -41.85
CA ILE G 87 19.92 5.14 -41.79
C ILE G 87 20.34 4.94 -40.35
N GLY G 88 21.46 4.24 -40.15
CA GLY G 88 22.04 4.06 -38.84
C GLY G 88 23.33 4.86 -38.72
N ILE G 89 23.56 5.44 -37.54
CA ILE G 89 24.84 6.04 -37.20
C ILE G 89 25.59 5.06 -36.31
N ILE G 90 26.65 4.47 -36.83
CA ILE G 90 27.45 3.55 -36.04
C ILE G 90 28.14 4.29 -34.90
N HIS G 91 28.14 3.69 -33.71
CA HIS G 91 28.69 4.32 -32.52
C HIS G 91 30.22 4.23 -32.50
N LYS G 92 30.82 5.11 -31.72
CA LYS G 92 32.26 5.27 -31.67
C LYS G 92 32.89 4.72 -30.41
N ASN G 93 32.10 4.07 -29.54
CA ASN G 93 32.65 3.46 -28.33
C ASN G 93 33.36 2.16 -28.71
N MET G 94 34.38 2.30 -29.55
CA MET G 94 35.11 1.17 -30.10
C MET G 94 36.33 1.72 -30.82
N GLY G 95 37.17 0.81 -31.32
CA GLY G 95 38.38 1.22 -31.99
C GLY G 95 38.12 1.85 -33.34
N ILE G 96 39.16 2.50 -33.86
CA ILE G 96 39.08 3.07 -35.21
C ILE G 96 38.90 1.96 -36.23
N GLU G 97 39.79 0.97 -36.23
CA GLU G 97 39.63 -0.17 -37.13
C GLU G 97 38.29 -0.87 -36.89
N GLN G 98 37.92 -1.05 -35.63
CA GLN G 98 36.63 -1.66 -35.30
C GLN G 98 35.48 -0.91 -35.98
N GLN G 99 35.51 0.42 -35.88
CA GLN G 99 34.40 1.22 -36.42
C GLN G 99 34.44 1.27 -37.93
N ALA G 100 35.65 1.31 -38.52
CA ALA G 100 35.75 1.25 -39.98
C ALA G 100 35.23 -0.07 -40.52
N ALA G 101 35.57 -1.18 -39.85
CA ALA G 101 35.08 -2.48 -40.29
C ALA G 101 33.55 -2.51 -40.31
N GLU G 102 32.91 -1.89 -39.32
CA GLU G 102 31.46 -1.82 -39.31
C GLU G 102 30.95 -1.10 -40.54
N VAL G 103 31.52 0.06 -40.84
CA VAL G 103 31.08 0.80 -42.03
C VAL G 103 31.16 -0.10 -43.25
N ARG G 104 32.25 -0.87 -43.37
CA ARG G 104 32.43 -1.70 -44.56
C ARG G 104 31.45 -2.87 -44.60
N LYS G 105 31.04 -3.37 -43.43
CA LYS G 105 30.02 -4.41 -43.40
C LYS G 105 28.73 -3.92 -44.05
N VAL G 106 28.31 -2.70 -43.70
CA VAL G 106 27.08 -2.15 -44.27
C VAL G 106 27.27 -1.86 -45.75
N LYS G 107 28.40 -1.26 -46.11
CA LYS G 107 28.61 -0.87 -47.49
C LYS G 107 28.76 -2.07 -48.41
N LYS G 108 29.26 -3.19 -47.89
CA LYS G 108 29.49 -4.37 -48.70
C LYS G 108 28.36 -5.39 -48.60
N HIS G 109 27.51 -5.26 -47.60
CA HIS G 109 26.39 -6.20 -47.44
C HIS G 109 25.49 -6.17 -48.66
N GLU G 110 25.26 -7.34 -49.23
CA GLU G 110 24.32 -7.51 -50.32
C GLU G 110 23.49 -8.75 -50.03
N THR G 111 22.19 -8.66 -50.29
CA THR G 111 21.26 -9.67 -49.79
C THR G 111 21.44 -11.00 -50.52
N ALA G 112 21.64 -12.06 -49.74
CA ALA G 112 21.72 -13.44 -50.24
C ALA G 112 23.00 -13.69 -51.03
N ILE G 113 24.16 -13.44 -50.43
CA ILE G 113 25.45 -13.69 -51.07
C ILE G 113 26.36 -14.37 -50.05
N VAL G 114 26.84 -15.57 -50.37
CA VAL G 114 27.73 -16.31 -49.46
C VAL G 114 29.12 -15.70 -49.56
N ARG G 115 29.40 -14.75 -48.67
CA ARG G 115 30.71 -14.09 -48.61
C ARG G 115 31.70 -14.88 -47.76
N THR G 216 26.65 -17.23 -55.19
CA THR G 216 25.19 -17.17 -55.14
C THR G 216 24.52 -18.40 -55.78
N PHE G 217 23.67 -19.09 -55.01
CA PHE G 217 22.93 -20.25 -55.47
C PHE G 217 21.50 -19.82 -55.80
N ARG G 218 20.57 -20.78 -55.92
CA ARG G 218 19.15 -20.45 -56.06
C ARG G 218 18.60 -19.91 -54.74
N ASP G 219 19.40 -19.13 -54.02
CA ASP G 219 18.98 -18.39 -52.82
C ASP G 219 18.32 -17.06 -53.16
N ILE G 220 18.11 -16.80 -54.45
CA ILE G 220 17.46 -15.56 -54.85
C ILE G 220 15.97 -15.61 -54.56
N GLU G 221 15.35 -16.80 -54.72
CA GLU G 221 13.92 -16.95 -54.43
C GLU G 221 13.64 -16.94 -52.93
N LYS G 222 14.65 -17.21 -52.10
CA LYS G 222 14.50 -17.00 -50.67
C LYS G 222 14.74 -15.55 -50.29
N ALA G 223 15.84 -14.96 -50.79
CA ALA G 223 16.23 -13.62 -50.41
C ALA G 223 15.10 -12.63 -50.66
N LYS G 224 15.09 -11.56 -49.87
CA LYS G 224 14.01 -10.58 -49.91
C LYS G 224 14.48 -9.30 -50.58
N THR G 225 13.54 -8.63 -51.24
CA THR G 225 13.76 -7.35 -51.88
C THR G 225 13.30 -6.23 -50.96
N TYR G 226 14.06 -5.15 -50.95
CA TYR G 226 13.82 -4.02 -50.05
C TYR G 226 13.58 -2.76 -50.89
N PRO G 227 12.33 -2.49 -51.25
CA PRO G 227 12.07 -1.41 -52.22
C PRO G 227 12.50 -0.03 -51.76
N LEU G 228 12.38 0.29 -50.48
CA LEU G 228 12.66 1.65 -50.03
C LEU G 228 14.11 1.88 -49.61
N ALA G 229 14.98 0.89 -49.75
CA ALA G 229 16.28 0.93 -49.08
C ALA G 229 17.11 2.15 -49.48
N SER G 230 17.79 2.71 -48.48
CA SER G 230 18.67 3.87 -48.67
C SER G 230 19.96 3.44 -49.31
N LYS G 231 20.25 3.97 -50.49
CA LYS G 231 21.40 3.53 -51.26
C LYS G 231 22.12 4.72 -51.87
N ASP G 232 23.44 4.58 -52.01
CA ASP G 232 24.23 5.60 -52.67
C ASP G 232 24.13 5.43 -54.18
N GLU G 233 24.89 6.21 -54.93
CA GLU G 233 24.82 6.15 -56.39
C GLU G 233 25.53 4.94 -56.94
N GLN G 234 26.46 4.35 -56.19
CA GLN G 234 26.97 3.02 -56.54
C GLN G 234 25.97 1.92 -56.20
N GLY G 235 24.86 2.24 -55.54
CA GLY G 235 23.86 1.25 -55.22
C GLY G 235 24.03 0.51 -53.91
N ARG G 236 25.01 0.89 -53.09
CA ARG G 236 25.23 0.27 -51.78
C ARG G 236 24.35 0.93 -50.72
N LEU G 237 24.09 0.18 -49.65
CA LEU G 237 23.33 0.74 -48.53
C LEU G 237 24.10 1.89 -47.89
N ARG G 238 23.36 2.87 -47.39
CA ARG G 238 23.98 4.03 -46.78
C ARG G 238 24.22 3.78 -45.29
N VAL G 239 25.25 4.44 -44.75
CA VAL G 239 25.52 4.39 -43.32
C VAL G 239 26.26 5.65 -42.89
N GLY G 240 26.07 6.02 -41.63
CA GLY G 240 26.81 7.09 -41.02
C GLY G 240 27.62 6.54 -39.86
N ALA G 241 28.53 7.37 -39.35
CA ALA G 241 29.37 6.98 -38.23
C ALA G 241 29.70 8.22 -37.41
N ALA G 242 29.83 8.04 -36.11
CA ALA G 242 30.01 9.15 -35.18
C ALA G 242 31.48 9.30 -34.83
N VAL G 243 31.89 10.54 -34.61
CA VAL G 243 33.21 10.85 -34.07
C VAL G 243 33.03 11.91 -32.99
N GLY G 244 34.05 12.03 -32.14
CA GLY G 244 34.11 13.01 -31.07
C GLY G 244 34.93 14.23 -31.46
N THR G 245 35.50 14.88 -30.46
CA THR G 245 36.43 15.96 -30.72
C THR G 245 37.83 15.62 -30.28
N GLY G 246 38.05 14.42 -29.73
CA GLY G 246 39.31 14.03 -29.12
C GLY G 246 40.51 13.97 -30.04
N ALA G 247 41.67 13.58 -29.48
CA ALA G 247 42.94 13.67 -30.20
C ALA G 247 42.94 12.82 -31.47
N ASP G 248 42.44 11.59 -31.39
CA ASP G 248 42.49 10.66 -32.51
C ASP G 248 41.42 10.92 -33.57
N THR G 249 40.66 12.01 -33.44
CA THR G 249 39.51 12.23 -34.32
C THR G 249 39.93 12.23 -35.78
N GLY G 250 40.88 13.11 -36.13
CA GLY G 250 41.34 13.17 -37.51
C GLY G 250 41.61 11.78 -38.10
N GLU G 251 42.39 10.98 -37.38
CA GLU G 251 42.65 9.62 -37.84
C GLU G 251 41.35 8.84 -37.99
N ARG G 252 40.47 8.94 -37.00
CA ARG G 252 39.22 8.18 -37.06
C ARG G 252 38.37 8.62 -38.24
N VAL G 253 38.19 9.93 -38.41
CA VAL G 253 37.44 10.42 -39.56
C VAL G 253 38.02 9.85 -40.84
N ALA G 254 39.36 9.91 -40.99
CA ALA G 254 40.00 9.41 -42.18
C ALA G 254 39.64 7.95 -42.43
N ALA G 255 39.69 7.12 -41.39
CA ALA G 255 39.43 5.70 -41.58
C ALA G 255 37.98 5.45 -42.01
N LEU G 256 37.03 6.11 -41.35
CA LEU G 256 35.63 6.00 -41.75
C LEU G 256 35.43 6.41 -43.21
N VAL G 257 36.09 7.49 -43.64
CA VAL G 257 35.95 7.95 -45.02
C VAL G 257 36.52 6.91 -45.98
N ALA G 258 37.68 6.35 -45.66
CA ALA G 258 38.27 5.31 -46.51
C ALA G 258 37.35 4.10 -46.61
N ALA G 259 36.65 3.77 -45.53
CA ALA G 259 35.74 2.62 -45.54
C ALA G 259 34.48 2.88 -46.36
N GLY G 260 34.17 4.14 -46.66
CA GLY G 260 33.04 4.48 -47.49
C GLY G 260 31.84 5.07 -46.79
N VAL G 261 31.98 5.48 -45.52
CA VAL G 261 30.85 6.04 -44.80
C VAL G 261 30.24 7.22 -45.57
N ASP G 262 28.91 7.31 -45.55
CA ASP G 262 28.21 8.35 -46.30
C ASP G 262 28.13 9.66 -45.53
N VAL G 263 28.08 9.62 -44.21
CA VAL G 263 27.99 10.84 -43.42
C VAL G 263 28.78 10.65 -42.13
N VAL G 264 29.59 11.65 -41.79
CA VAL G 264 30.29 11.72 -40.52
C VAL G 264 29.46 12.57 -39.57
N VAL G 265 29.24 12.06 -38.36
CA VAL G 265 28.42 12.75 -37.38
C VAL G 265 29.35 13.19 -36.26
N VAL G 266 29.66 14.49 -36.22
CA VAL G 266 30.47 15.05 -35.15
C VAL G 266 29.55 15.30 -33.97
N ASP G 267 29.55 14.38 -33.01
CA ASP G 267 28.47 14.15 -32.07
C ASP G 267 28.95 14.40 -30.63
N THR G 268 28.46 15.48 -30.02
CA THR G 268 28.94 15.94 -28.73
C THR G 268 27.78 16.36 -27.83
N ALA G 269 28.04 16.36 -26.53
CA ALA G 269 27.02 16.85 -25.61
C ALA G 269 26.68 18.32 -25.86
N HIS G 270 27.59 19.08 -26.49
CA HIS G 270 27.46 20.53 -26.60
C HIS G 270 28.05 20.97 -27.95
N GLY G 271 27.22 20.87 -29.00
CA GLY G 271 27.66 21.25 -30.34
C GLY G 271 28.07 22.71 -30.46
N HIS G 272 27.43 23.60 -29.70
CA HIS G 272 27.72 25.04 -29.82
C HIS G 272 29.02 25.40 -29.10
N SER G 273 30.13 24.88 -29.62
CA SER G 273 31.42 25.08 -28.96
C SER G 273 32.55 25.13 -29.99
N LYS G 274 33.64 25.78 -29.59
CA LYS G 274 34.80 25.92 -30.48
C LYS G 274 35.26 24.56 -31.01
N GLY G 275 35.32 23.54 -30.15
CA GLY G 275 35.78 22.24 -30.59
C GLY G 275 34.95 21.65 -31.71
N VAL G 276 33.64 21.57 -31.51
CA VAL G 276 32.76 20.98 -32.52
C VAL G 276 32.73 21.83 -33.79
N ILE G 277 32.56 23.14 -33.63
CA ILE G 277 32.47 24.01 -34.80
C ILE G 277 33.70 23.85 -35.68
N GLU G 278 34.88 23.99 -35.08
CA GLU G 278 36.11 23.85 -35.85
C GLU G 278 36.28 22.42 -36.37
N ARG G 279 35.77 21.42 -35.64
CA ARG G 279 35.94 20.05 -36.09
C ARG G 279 35.11 19.75 -37.34
N VAL G 280 33.87 20.28 -37.42
CA VAL G 280 33.09 20.06 -38.63
C VAL G 280 33.71 20.84 -39.81
N ARG G 281 34.06 22.11 -39.58
CA ARG G 281 34.73 22.86 -40.63
C ARG G 281 35.92 22.08 -41.17
N TRP G 282 36.69 21.42 -40.29
CA TRP G 282 37.86 20.68 -40.73
C TRP G 282 37.46 19.54 -41.65
N VAL G 283 36.41 18.79 -41.25
CA VAL G 283 35.91 17.68 -42.07
C VAL G 283 35.44 18.19 -43.42
N LYS G 284 34.86 19.40 -43.45
CA LYS G 284 34.36 19.96 -44.70
C LYS G 284 35.49 20.38 -45.63
N GLN G 285 36.60 20.86 -45.07
CA GLN G 285 37.77 21.18 -45.89
C GLN G 285 38.45 19.90 -46.37
N THR G 286 38.77 19.01 -45.43
CA THR G 286 39.60 17.86 -45.75
C THR G 286 38.86 16.85 -46.60
N PHE G 287 37.58 16.62 -46.32
CA PHE G 287 36.80 15.58 -47.00
C PHE G 287 35.54 16.20 -47.58
N PRO G 288 35.68 17.04 -48.60
CA PRO G 288 34.51 17.71 -49.17
C PRO G 288 33.53 16.75 -49.79
N ASP G 289 33.98 15.57 -50.25
CA ASP G 289 33.11 14.59 -50.89
C ASP G 289 32.22 13.83 -49.91
N VAL G 290 32.43 13.98 -48.59
CA VAL G 290 31.62 13.29 -47.60
C VAL G 290 30.69 14.30 -46.91
N GLN G 291 29.52 13.81 -46.51
CA GLN G 291 28.56 14.61 -45.76
C GLN G 291 28.94 14.67 -44.29
N VAL G 292 28.63 15.78 -43.64
CA VAL G 292 29.02 15.96 -42.24
C VAL G 292 27.85 16.55 -41.45
N ILE G 293 27.57 15.96 -40.29
CA ILE G 293 26.53 16.42 -39.38
C ILE G 293 27.18 16.93 -38.11
N GLY G 294 26.65 18.02 -37.56
CA GLY G 294 27.15 18.58 -36.32
C GLY G 294 26.03 18.68 -35.28
N GLY G 295 26.40 18.48 -34.02
CA GLY G 295 25.43 18.50 -32.94
C GLY G 295 26.11 18.17 -31.63
N ASN G 296 25.32 18.16 -30.55
CA ASN G 296 23.91 18.51 -30.55
C ASN G 296 23.74 19.97 -30.16
N ILE G 297 22.67 20.60 -30.65
CA ILE G 297 22.36 21.98 -30.37
C ILE G 297 20.90 22.10 -29.95
N ALA G 298 20.54 23.30 -29.52
CA ALA G 298 19.17 23.58 -29.11
C ALA G 298 18.76 25.04 -29.31
N THR G 299 19.51 25.84 -30.06
CA THR G 299 19.20 27.25 -30.23
C THR G 299 19.44 27.69 -31.67
N ALA G 300 18.78 28.78 -32.04
CA ALA G 300 18.97 29.36 -33.35
C ALA G 300 20.43 29.74 -33.60
N GLU G 301 21.04 30.42 -32.64
CA GLU G 301 22.41 30.89 -32.79
C GLU G 301 23.34 29.73 -33.06
N ALA G 302 23.23 28.67 -32.24
CA ALA G 302 24.07 27.50 -32.44
C ALA G 302 23.89 26.91 -33.84
N ALA G 303 22.65 26.86 -34.32
CA ALA G 303 22.40 26.32 -35.66
C ALA G 303 23.07 27.16 -36.74
N LYS G 304 23.08 28.49 -36.58
CA LYS G 304 23.74 29.30 -37.60
C LYS G 304 25.25 29.07 -37.56
N ALA G 305 25.81 28.98 -36.34
CA ALA G 305 27.23 28.69 -36.20
C ALA G 305 27.63 27.41 -36.94
N LEU G 306 26.90 26.32 -36.71
CA LEU G 306 27.23 25.09 -37.42
C LEU G 306 27.03 25.24 -38.93
N ALA G 307 25.98 25.94 -39.36
CA ALA G 307 25.76 26.13 -40.79
C ALA G 307 26.88 26.93 -41.41
N GLU G 308 27.33 27.99 -40.74
CA GLU G 308 28.44 28.79 -41.23
C GLU G 308 29.70 27.95 -41.33
N ALA G 309 29.95 27.10 -40.33
CA ALA G 309 31.09 26.19 -40.36
C ALA G 309 31.03 25.14 -41.47
N GLY G 310 29.88 24.96 -42.14
CA GLY G 310 29.80 24.05 -43.26
C GLY G 310 28.90 22.82 -43.09
N ALA G 311 28.30 22.63 -41.92
CA ALA G 311 27.52 21.44 -41.65
C ALA G 311 26.49 21.17 -42.75
N ASP G 312 26.39 19.90 -43.15
CA ASP G 312 25.34 19.49 -44.08
C ASP G 312 24.03 19.16 -43.37
N ALA G 313 24.01 19.10 -42.03
CA ALA G 313 22.81 19.02 -41.22
C ALA G 313 23.22 19.25 -39.76
N VAL G 314 22.21 19.43 -38.89
CA VAL G 314 22.41 19.64 -37.46
C VAL G 314 21.53 18.67 -36.70
N LYS G 315 21.99 18.27 -35.51
CA LYS G 315 21.23 17.37 -34.64
C LYS G 315 20.76 18.14 -33.41
N VAL G 316 19.46 18.16 -33.17
CA VAL G 316 18.83 19.00 -32.15
C VAL G 316 18.48 18.15 -30.94
N GLY G 317 18.97 18.54 -29.76
CA GLY G 317 18.58 17.88 -28.52
C GLY G 317 19.54 18.02 -27.37
N ILE G 318 19.23 18.92 -26.42
CA ILE G 318 20.00 19.11 -25.19
C ILE G 318 19.03 19.05 -24.02
N GLY G 319 19.19 18.04 -23.17
CA GLY G 319 18.27 17.81 -22.08
C GLY G 319 16.82 17.88 -22.51
N PRO G 320 16.45 17.08 -23.54
CA PRO G 320 15.10 17.21 -24.12
C PRO G 320 13.99 16.62 -23.27
N GLY G 321 14.28 15.65 -22.40
CA GLY G 321 13.22 15.05 -21.62
C GLY G 321 13.28 15.39 -20.15
N SER G 322 12.14 15.25 -19.46
CA SER G 322 12.11 15.46 -18.02
C SER G 322 13.04 14.45 -17.34
N ILE G 323 13.73 14.89 -16.30
CA ILE G 323 14.61 14.01 -15.54
C ILE G 323 15.53 13.23 -16.46
N CYS G 324 16.54 13.90 -16.99
CA CYS G 324 17.68 13.29 -17.65
C CYS G 324 18.94 13.91 -17.07
N THR G 325 20.09 13.28 -17.31
CA THR G 325 21.31 13.68 -16.62
C THR G 325 21.63 15.16 -16.82
N THR G 326 21.56 15.65 -18.06
CA THR G 326 21.84 17.06 -18.30
C THR G 326 21.03 17.98 -17.38
N ARG G 327 19.75 17.68 -17.16
CA ARG G 327 18.95 18.55 -16.31
C ARG G 327 19.30 18.38 -14.84
N ILE G 328 19.42 17.14 -14.36
CA ILE G 328 19.68 16.88 -12.95
C ILE G 328 21.07 17.37 -12.54
N VAL G 329 22.08 17.11 -13.37
CA VAL G 329 23.46 17.39 -12.98
C VAL G 329 23.83 18.85 -13.24
N ALA G 330 23.45 19.38 -14.41
CA ALA G 330 23.88 20.71 -14.82
C ALA G 330 22.75 21.72 -14.91
N GLY G 331 21.51 21.32 -14.69
CA GLY G 331 20.40 22.27 -14.80
C GLY G 331 20.22 22.82 -16.18
N VAL G 332 20.70 22.12 -17.21
CA VAL G 332 20.70 22.62 -18.57
C VAL G 332 19.71 21.81 -19.40
N GLY G 333 18.98 22.49 -20.27
CA GLY G 333 18.07 21.81 -21.19
C GLY G 333 17.16 22.77 -21.92
N VAL G 334 16.64 22.34 -23.07
CA VAL G 334 15.64 23.13 -23.78
C VAL G 334 14.53 22.18 -24.23
N PRO G 335 13.30 22.37 -23.76
CA PRO G 335 12.20 21.52 -24.21
C PRO G 335 12.17 21.45 -25.73
N GLN G 336 11.90 20.22 -26.22
CA GLN G 336 12.28 19.81 -27.57
C GLN G 336 11.36 20.38 -28.66
N ILE G 337 10.07 20.61 -28.39
CA ILE G 337 9.24 21.27 -29.40
C ILE G 337 9.80 22.65 -29.71
N SER G 338 10.10 23.43 -28.67
CA SER G 338 10.65 24.76 -28.89
C SER G 338 12.04 24.69 -29.51
N ALA G 339 12.89 23.79 -29.01
CA ALA G 339 14.21 23.64 -29.60
C ALA G 339 14.12 23.42 -31.11
N ILE G 340 13.26 22.49 -31.53
CA ILE G 340 13.13 22.18 -32.96
C ILE G 340 12.63 23.40 -33.72
N ALA G 341 11.53 24.00 -33.26
CA ALA G 341 11.00 25.16 -33.99
C ALA G 341 12.02 26.29 -34.09
N ASN G 342 12.76 26.56 -33.01
CA ASN G 342 13.71 27.68 -33.04
C ASN G 342 14.82 27.42 -34.04
N VAL G 343 15.26 26.17 -34.14
CA VAL G 343 16.34 25.81 -35.04
C VAL G 343 15.85 25.80 -36.49
N ALA G 344 14.71 25.13 -36.74
CA ALA G 344 14.15 25.13 -38.09
C ALA G 344 13.96 26.55 -38.63
N ALA G 345 13.56 27.49 -37.77
CA ALA G 345 13.36 28.88 -38.22
C ALA G 345 14.69 29.54 -38.55
N ALA G 346 15.72 29.23 -37.77
CA ALA G 346 17.05 29.79 -38.03
C ALA G 346 17.61 29.27 -39.35
N LEU G 347 17.24 28.07 -39.75
CA LEU G 347 17.87 27.45 -40.91
C LEU G 347 17.05 27.59 -42.18
N GLU G 348 15.82 28.09 -42.09
CA GLU G 348 14.95 28.07 -43.26
C GLU G 348 15.52 28.97 -44.35
N GLY G 349 15.53 28.45 -45.58
CA GLY G 349 16.14 29.13 -46.69
C GLY G 349 17.63 28.88 -46.85
N THR G 350 18.23 28.04 -46.01
CA THR G 350 19.65 27.70 -46.14
C THR G 350 19.88 26.33 -46.74
N GLY G 351 18.85 25.48 -46.80
CA GLY G 351 19.01 24.15 -47.33
C GLY G 351 19.51 23.12 -46.34
N VAL G 352 19.80 23.51 -45.11
CA VAL G 352 20.41 22.61 -44.13
C VAL G 352 19.30 21.91 -43.37
N PRO G 353 19.18 20.57 -43.46
CA PRO G 353 18.17 19.86 -42.69
C PRO G 353 18.54 19.80 -41.22
N LEU G 354 17.56 19.43 -40.39
CA LEU G 354 17.79 19.27 -38.95
C LEU G 354 17.12 18.00 -38.45
N ILE G 355 17.84 17.29 -37.59
CA ILE G 355 17.46 15.98 -37.06
C ILE G 355 17.07 16.14 -35.60
N ALA G 356 15.89 15.67 -35.22
CA ALA G 356 15.43 15.77 -33.85
C ALA G 356 15.87 14.53 -33.08
N ASP G 357 16.64 14.72 -32.02
CA ASP G 357 17.26 13.64 -31.24
C ASP G 357 16.81 13.78 -29.79
N GLY G 358 15.93 12.91 -29.34
CA GLY G 358 15.59 12.81 -27.93
C GLY G 358 14.17 13.30 -27.62
N GLY G 359 13.54 12.64 -26.64
CA GLY G 359 12.24 13.02 -26.15
C GLY G 359 11.08 12.23 -26.73
N ILE G 360 11.32 11.44 -27.78
CA ILE G 360 10.27 10.75 -28.50
C ILE G 360 9.91 9.46 -27.77
N ARG G 361 8.75 9.44 -27.11
CA ARG G 361 8.26 8.21 -26.49
C ARG G 361 7.21 7.48 -27.32
N PHE G 362 6.55 8.16 -28.25
CA PHE G 362 5.40 7.61 -28.95
C PHE G 362 5.41 8.14 -30.37
N SER G 363 4.73 7.40 -31.26
CA SER G 363 4.60 7.85 -32.63
C SER G 363 3.94 9.23 -32.71
N GLY G 364 3.09 9.57 -31.74
CA GLY G 364 2.53 10.92 -31.69
C GLY G 364 3.60 12.00 -31.53
N ASP G 365 4.54 11.77 -30.62
CA ASP G 365 5.64 12.72 -30.45
C ASP G 365 6.44 12.86 -31.74
N LEU G 366 6.65 11.74 -32.45
CA LEU G 366 7.31 11.82 -33.74
C LEU G 366 6.56 12.76 -34.68
N ALA G 367 5.23 12.61 -34.75
CA ALA G 367 4.42 13.48 -35.61
C ALA G 367 4.60 14.93 -35.24
N LYS G 368 4.57 15.24 -33.94
CA LYS G 368 4.71 16.61 -33.50
C LYS G 368 6.09 17.18 -33.84
N ALA G 369 7.14 16.36 -33.76
CA ALA G 369 8.47 16.87 -34.07
C ALA G 369 8.57 17.28 -35.54
N MET G 370 7.88 16.57 -36.44
CA MET G 370 7.90 16.96 -37.86
C MET G 370 7.17 18.29 -38.07
N VAL G 371 5.99 18.44 -37.47
CA VAL G 371 5.23 19.68 -37.64
C VAL G 371 5.98 20.85 -37.00
N ALA G 372 6.77 20.57 -35.97
CA ALA G 372 7.58 21.64 -35.40
C ALA G 372 8.78 21.97 -36.27
N GLY G 373 9.08 21.16 -37.28
CA GLY G 373 10.10 21.54 -38.24
C GLY G 373 11.16 20.50 -38.52
N ALA G 374 11.16 19.41 -37.77
CA ALA G 374 12.19 18.40 -37.96
C ALA G 374 12.13 17.81 -39.37
N TYR G 375 13.29 17.47 -39.89
CA TYR G 375 13.35 16.77 -41.17
C TYR G 375 13.26 15.28 -40.97
N CYS G 376 13.85 14.77 -39.90
CA CYS G 376 13.66 13.39 -39.48
C CYS G 376 14.05 13.28 -38.01
N VAL G 377 13.84 12.09 -37.48
CA VAL G 377 13.90 11.85 -36.05
C VAL G 377 14.94 10.78 -35.78
N MET G 378 15.73 10.97 -34.73
CA MET G 378 16.69 9.97 -34.29
C MET G 378 16.12 9.25 -33.08
N MET G 379 16.03 7.92 -33.17
CA MET G 379 15.58 7.06 -32.08
C MET G 379 16.77 6.32 -31.49
N GLY G 380 16.84 6.29 -30.16
CA GLY G 380 17.86 5.53 -29.46
C GLY G 380 17.33 4.33 -28.69
N SER G 381 17.07 4.52 -27.39
CA SER G 381 16.72 3.41 -26.52
C SER G 381 15.48 2.66 -27.00
N MET G 382 14.61 3.31 -27.77
CA MET G 382 13.46 2.59 -28.30
C MET G 382 13.87 1.44 -29.21
N PHE G 383 15.03 1.58 -29.91
CA PHE G 383 15.56 0.52 -30.77
C PHE G 383 16.44 -0.46 -30.04
N ALA G 384 16.98 -0.05 -28.90
CA ALA G 384 17.73 -0.99 -28.07
C ALA G 384 16.83 -2.16 -27.69
N GLY G 385 17.43 -3.33 -27.57
CA GLY G 385 16.67 -4.53 -27.30
C GLY G 385 16.02 -5.18 -28.50
N THR G 386 16.17 -4.61 -29.69
CA THR G 386 15.67 -5.30 -30.87
C THR G 386 16.63 -6.42 -31.28
N GLU G 387 16.08 -7.38 -32.02
CA GLU G 387 16.89 -8.47 -32.56
C GLU G 387 18.16 -7.94 -33.23
N GLU G 388 18.03 -6.95 -34.13
CA GLU G 388 19.17 -6.42 -34.87
C GLU G 388 20.14 -5.62 -34.01
N ALA G 389 19.71 -5.16 -32.85
CA ALA G 389 20.58 -4.33 -32.02
C ALA G 389 21.66 -5.17 -31.35
N PRO G 390 22.71 -4.52 -30.84
CA PRO G 390 23.78 -5.27 -30.17
C PRO G 390 23.26 -6.07 -28.98
N GLY G 391 24.08 -7.02 -28.53
CA GLY G 391 23.75 -7.83 -27.37
C GLY G 391 23.18 -9.20 -27.76
N GLU G 392 23.24 -10.13 -26.81
CA GLU G 392 22.71 -11.48 -26.98
C GLU G 392 21.39 -11.63 -26.25
N ILE G 393 20.52 -12.51 -26.76
CA ILE G 393 19.27 -12.75 -26.07
C ILE G 393 19.52 -13.58 -24.81
N GLU G 394 18.60 -13.45 -23.86
CA GLU G 394 18.81 -13.99 -22.53
C GLU G 394 17.46 -14.18 -21.87
N LEU G 395 17.30 -15.32 -21.22
CA LEU G 395 16.08 -15.64 -20.48
C LEU G 395 16.39 -15.43 -19.00
N PHE G 396 15.60 -14.58 -18.34
CA PHE G 396 15.87 -14.23 -16.96
C PHE G 396 14.74 -14.77 -16.09
N GLN G 397 13.76 -13.95 -15.70
CA GLN G 397 12.66 -14.48 -14.91
C GLN G 397 11.84 -15.38 -15.81
N GLY G 398 10.69 -14.91 -16.26
CA GLY G 398 9.99 -15.59 -17.33
C GLY G 398 9.98 -14.72 -18.57
N ARG G 399 11.04 -13.93 -18.75
CA ARG G 399 11.08 -12.86 -19.74
C ARG G 399 12.36 -12.94 -20.56
N SER G 400 12.36 -12.23 -21.68
CA SER G 400 13.50 -12.16 -22.59
C SER G 400 14.19 -10.81 -22.48
N TYR G 401 15.51 -10.84 -22.32
CA TYR G 401 16.30 -9.63 -22.27
C TYR G 401 17.40 -9.69 -23.32
N LYS G 402 17.93 -8.52 -23.65
CA LYS G 402 19.20 -8.44 -24.36
C LYS G 402 20.29 -8.30 -23.32
N SER G 403 21.32 -9.12 -23.46
CA SER G 403 22.42 -9.17 -22.51
C SER G 403 23.64 -8.49 -23.11
N TYR G 404 24.30 -7.64 -22.32
CA TYR G 404 25.54 -6.96 -22.72
C TYR G 404 26.71 -7.34 -21.81
N ARG G 442 20.57 -5.03 -18.94
CA ARG G 442 19.28 -5.66 -18.64
C ARG G 442 18.14 -4.86 -19.27
N VAL G 443 18.00 -5.03 -20.57
CA VAL G 443 16.96 -4.34 -21.35
C VAL G 443 16.04 -5.39 -21.97
N PRO G 444 14.73 -5.14 -21.97
CA PRO G 444 13.80 -6.17 -22.47
C PRO G 444 13.91 -6.38 -23.97
N TYR G 445 13.69 -7.63 -24.38
CA TYR G 445 13.80 -8.01 -25.79
C TYR G 445 12.58 -7.56 -26.57
N LYS G 446 12.80 -6.86 -27.69
CA LYS G 446 11.75 -6.12 -28.39
C LYS G 446 11.40 -6.69 -29.75
N GLY G 447 11.93 -7.85 -30.11
CA GLY G 447 11.66 -8.41 -31.41
C GLY G 447 12.33 -7.63 -32.54
N ALA G 448 11.77 -7.80 -33.74
CA ALA G 448 12.37 -7.26 -34.94
C ALA G 448 12.20 -5.75 -35.03
N LEU G 449 13.27 -5.07 -35.47
CA LEU G 449 13.20 -3.62 -35.68
C LEU G 449 12.07 -3.24 -36.63
N SER G 450 11.76 -4.08 -37.62
CA SER G 450 10.75 -3.72 -38.61
C SER G 450 9.37 -3.49 -37.99
N ALA G 451 9.05 -4.16 -36.89
CA ALA G 451 7.74 -3.97 -36.30
C ALA G 451 7.64 -2.62 -35.60
N ILE G 452 8.73 -2.17 -34.98
CA ILE G 452 8.73 -0.85 -34.37
C ILE G 452 8.65 0.22 -35.45
N VAL G 453 9.50 0.12 -36.49
CA VAL G 453 9.46 1.08 -37.59
C VAL G 453 8.05 1.16 -38.18
N HIS G 454 7.40 0.00 -38.35
CA HIS G 454 6.06 -0.03 -38.91
C HIS G 454 5.07 0.74 -38.04
N GLN G 455 5.16 0.59 -36.72
CA GLN G 455 4.28 1.33 -35.83
C GLN G 455 4.59 2.82 -35.85
N LEU G 456 5.86 3.19 -35.79
CA LEU G 456 6.22 4.59 -35.81
C LEU G 456 5.71 5.27 -37.07
N MET G 457 5.97 4.66 -38.23
CA MET G 457 5.53 5.26 -39.49
C MET G 457 4.03 5.12 -39.70
N GLY G 458 3.40 4.12 -39.07
CA GLY G 458 1.95 4.07 -39.05
C GLY G 458 1.34 5.28 -38.37
N GLY G 459 1.83 5.60 -37.17
CA GLY G 459 1.33 6.79 -36.50
C GLY G 459 1.55 8.05 -37.32
N LEU G 460 2.76 8.21 -37.87
CA LEU G 460 3.05 9.43 -38.62
C LEU G 460 2.09 9.56 -39.80
N ARG G 461 1.83 8.46 -40.51
CA ARG G 461 0.85 8.48 -41.60
C ARG G 461 -0.53 8.89 -41.10
N ALA G 462 -0.91 8.43 -39.91
CA ALA G 462 -2.21 8.81 -39.36
C ALA G 462 -2.26 10.31 -39.12
N ALA G 463 -1.19 10.86 -38.49
CA ALA G 463 -1.13 12.30 -38.25
C ALA G 463 -1.23 13.09 -39.55
N MET G 464 -0.56 12.61 -40.60
CA MET G 464 -0.62 13.30 -41.89
C MET G 464 -2.02 13.26 -42.47
N GLY G 465 -2.73 12.14 -42.29
CA GLY G 465 -4.11 12.08 -42.72
C GLY G 465 -5.00 13.05 -41.97
N TYR G 466 -4.85 13.11 -40.64
CA TYR G 466 -5.63 14.03 -39.82
C TYR G 466 -5.36 15.48 -40.18
N THR G 467 -4.13 15.80 -40.52
CA THR G 467 -3.79 17.18 -40.82
C THR G 467 -3.94 17.53 -42.29
N GLY G 468 -4.19 16.55 -43.14
CA GLY G 468 -4.30 16.82 -44.55
C GLY G 468 -2.98 17.00 -45.27
N SER G 469 -1.89 16.52 -44.69
CA SER G 469 -0.56 16.69 -45.30
C SER G 469 -0.27 15.51 -46.21
N ALA G 470 0.02 15.80 -47.46
CA ALA G 470 0.27 14.74 -48.43
C ALA G 470 1.74 14.33 -48.47
N ASP G 471 2.64 15.12 -47.88
CA ASP G 471 4.07 14.80 -47.91
C ASP G 471 4.77 15.50 -46.75
N ILE G 472 6.04 15.15 -46.57
CA ILE G 472 6.79 15.66 -45.42
C ILE G 472 6.90 17.18 -45.48
N GLN G 473 7.15 17.71 -46.67
CA GLN G 473 7.21 19.15 -46.86
C GLN G 473 5.94 19.84 -46.37
N GLN G 474 4.78 19.30 -46.73
CA GLN G 474 3.53 19.87 -46.21
C GLN G 474 3.42 19.65 -44.70
N MET G 475 3.77 18.45 -44.23
CA MET G 475 3.67 18.17 -42.79
C MET G 475 4.50 19.15 -41.98
N ARG G 476 5.68 19.52 -42.47
CA ARG G 476 6.55 20.40 -41.69
C ARG G 476 6.11 21.87 -41.70
N THR G 477 5.32 22.30 -42.67
CA THR G 477 5.08 23.72 -42.85
C THR G 477 3.61 24.16 -42.75
N GLN G 478 2.65 23.23 -42.86
CA GLN G 478 1.25 23.68 -42.92
C GLN G 478 0.51 23.49 -41.60
N PRO G 479 0.54 22.29 -41.01
CA PRO G 479 -0.36 22.02 -39.88
C PRO G 479 -0.06 22.90 -38.68
N GLN G 480 -1.06 23.00 -37.80
CA GLN G 480 -0.97 23.84 -36.61
C GLN G 480 -1.16 23.01 -35.34
N PHE G 481 -0.63 23.55 -34.23
CA PHE G 481 -0.83 22.99 -32.89
C PHE G 481 -1.86 23.79 -32.12
N VAL G 482 -2.49 23.12 -31.18
CA VAL G 482 -3.04 23.80 -30.01
C VAL G 482 -2.09 23.53 -28.87
N ARG G 483 -2.00 24.49 -27.97
CA ARG G 483 -1.25 24.37 -26.75
C ARG G 483 -2.24 23.99 -25.66
N ILE G 484 -1.86 23.04 -24.83
CA ILE G 484 -2.80 22.55 -23.83
C ILE G 484 -2.26 22.72 -22.44
N THR G 485 -3.03 22.27 -21.47
CA THR G 485 -2.90 22.58 -20.06
C THR G 485 -2.45 21.35 -19.27
N GLY G 486 -1.94 21.58 -18.06
CA GLY G 486 -1.72 20.47 -17.17
C GLY G 486 -3.04 19.79 -16.80
N HIS H 20 -10.89 46.69 -2.08
CA HIS H 20 -9.50 46.49 -2.50
C HIS H 20 -9.40 45.68 -3.79
N MET H 21 -8.53 44.69 -3.77
CA MET H 21 -8.28 43.75 -4.86
C MET H 21 -7.42 42.65 -4.29
N LEU H 22 -7.31 41.54 -5.00
CA LEU H 22 -6.38 40.51 -4.57
C LEU H 22 -4.96 41.02 -4.79
N ARG H 23 -4.19 41.16 -3.71
CA ARG H 23 -2.92 41.87 -3.77
C ARG H 23 -1.80 40.88 -4.10
N ILE H 24 -1.70 40.57 -5.39
CA ILE H 24 -0.66 39.69 -5.93
C ILE H 24 0.51 40.53 -6.42
N SER H 25 1.64 40.43 -5.72
CA SER H 25 2.80 41.24 -6.09
C SER H 25 3.40 40.79 -7.41
N GLN H 26 3.47 39.48 -7.65
CA GLN H 26 4.13 39.00 -8.85
C GLN H 26 3.96 37.50 -8.93
N GLU H 27 4.39 36.93 -10.06
CA GLU H 27 4.58 35.49 -10.17
C GLU H 27 6.02 35.13 -9.83
N ALA H 28 6.20 34.15 -8.97
CA ALA H 28 7.51 33.77 -8.47
C ALA H 28 7.84 32.34 -8.92
N LEU H 29 9.08 32.13 -9.38
CA LEU H 29 9.54 30.86 -9.91
C LEU H 29 10.50 30.16 -8.96
N THR H 30 10.43 28.84 -8.94
CA THR H 30 11.36 27.98 -8.24
C THR H 30 12.22 27.24 -9.27
N PHE H 31 13.14 26.41 -8.77
CA PHE H 31 14.12 25.75 -9.62
C PHE H 31 13.46 24.94 -10.74
N ASP H 32 12.38 24.24 -10.44
CA ASP H 32 11.78 23.37 -11.45
C ASP H 32 11.07 24.13 -12.56
N ASP H 33 10.88 25.44 -12.42
CA ASP H 33 10.26 26.25 -13.45
C ASP H 33 11.22 26.67 -14.56
N VAL H 34 12.55 26.50 -14.40
CA VAL H 34 13.50 27.07 -15.35
C VAL H 34 14.58 26.08 -15.73
N LEU H 35 15.20 26.33 -16.88
CA LEU H 35 16.37 25.59 -17.32
C LEU H 35 17.37 26.56 -17.93
N LEU H 36 18.65 26.26 -17.76
CA LEU H 36 19.71 27.06 -18.36
C LEU H 36 19.84 26.76 -19.84
N ILE H 37 19.93 27.80 -20.65
CA ILE H 37 20.07 27.67 -22.09
C ILE H 37 21.55 27.52 -22.45
N PRO H 38 21.92 26.54 -23.28
CA PRO H 38 23.32 26.46 -23.73
C PRO H 38 23.73 27.67 -24.55
N GLY H 39 25.00 28.08 -24.40
CA GLY H 39 25.56 29.16 -25.17
C GLY H 39 26.94 28.82 -25.69
N TYR H 40 27.45 29.67 -26.59
CA TYR H 40 28.74 29.39 -27.20
C TYR H 40 29.81 29.26 -26.11
N SER H 41 30.57 28.18 -26.17
CA SER H 41 31.49 27.87 -25.09
C SER H 41 32.88 27.61 -25.65
N GLU H 42 33.89 28.19 -24.98
CA GLU H 42 35.27 27.93 -25.34
C GLU H 42 36.10 27.33 -24.21
N VAL H 43 35.59 27.31 -22.98
CA VAL H 43 36.38 26.85 -21.85
C VAL H 43 35.81 25.53 -21.37
N LEU H 44 36.68 24.54 -21.23
CA LEU H 44 36.30 23.23 -20.74
C LEU H 44 35.96 23.29 -19.24
N PRO H 45 34.94 22.54 -18.79
CA PRO H 45 34.56 22.52 -17.37
C PRO H 45 35.70 22.44 -16.36
N LYS H 46 36.68 21.57 -16.64
CA LYS H 46 37.82 21.43 -15.72
C LYS H 46 38.67 22.70 -15.64
N ASP H 47 38.53 23.63 -16.59
CA ASP H 47 39.35 24.84 -16.61
C ASP H 47 38.63 26.08 -16.10
N VAL H 48 37.32 26.03 -15.82
CA VAL H 48 36.64 27.24 -15.38
C VAL H 48 37.04 27.55 -13.93
N SER H 49 36.80 28.79 -13.51
CA SER H 49 37.14 29.27 -12.18
C SER H 49 35.90 29.37 -11.29
N LEU H 50 36.04 28.95 -10.03
CA LEU H 50 34.91 28.92 -9.10
C LEU H 50 35.04 29.92 -7.97
N LYS H 51 36.08 30.75 -7.98
CA LYS H 51 36.29 31.76 -6.96
C LYS H 51 35.10 32.70 -6.88
N THR H 52 34.72 33.04 -5.64
CA THR H 52 33.59 33.91 -5.38
C THR H 52 33.81 34.62 -4.06
N ARG H 53 32.83 35.40 -3.64
CA ARG H 53 32.88 36.10 -2.36
C ARG H 53 31.75 35.58 -1.48
N LEU H 54 32.08 35.26 -0.23
CA LEU H 54 31.06 35.04 0.79
C LEU H 54 30.54 36.34 1.35
N THR H 55 31.43 37.32 1.54
CA THR H 55 31.06 38.59 2.15
C THR H 55 31.89 39.68 1.52
N ARG H 56 31.64 40.92 1.94
CA ARG H 56 32.44 42.04 1.45
C ARG H 56 33.93 41.73 1.51
N GLY H 57 34.39 41.14 2.62
CA GLY H 57 35.80 40.93 2.87
C GLY H 57 36.33 39.51 2.85
N ILE H 58 35.53 38.51 2.46
CA ILE H 58 35.98 37.12 2.48
C ILE H 58 35.74 36.49 1.12
N GLU H 59 36.78 35.91 0.55
CA GLU H 59 36.72 35.22 -0.73
C GLU H 59 36.80 33.71 -0.48
N LEU H 60 36.20 32.94 -1.39
CA LEU H 60 36.18 31.49 -1.30
C LEU H 60 36.52 30.92 -2.66
N ASN H 61 37.18 29.77 -2.67
CA ASN H 61 37.54 29.11 -3.93
C ASN H 61 36.43 28.22 -4.47
N ILE H 62 35.41 27.90 -3.68
CA ILE H 62 34.19 27.31 -4.24
C ILE H 62 32.99 27.89 -3.53
N PRO H 63 31.88 28.02 -4.26
CA PRO H 63 30.73 28.77 -3.72
C PRO H 63 29.80 27.88 -2.89
N LEU H 64 30.36 27.28 -1.83
CA LEU H 64 29.69 26.29 -1.01
C LEU H 64 29.84 26.65 0.46
N VAL H 65 28.74 26.62 1.19
CA VAL H 65 28.72 26.91 2.62
C VAL H 65 27.88 25.85 3.31
N SER H 66 28.34 25.36 4.46
CA SER H 66 27.58 24.37 5.23
C SER H 66 26.75 25.06 6.32
N ALA H 67 25.50 24.65 6.43
CA ALA H 67 24.49 25.29 7.27
C ALA H 67 24.81 25.14 8.76
N ALA H 68 24.31 26.09 9.54
CA ALA H 68 24.47 26.08 10.99
C ALA H 68 23.39 25.22 11.64
N MET H 69 23.38 23.95 11.26
CA MET H 69 22.46 22.95 11.80
C MET H 69 23.24 21.96 12.66
N ASP H 70 22.63 21.51 13.75
CA ASP H 70 23.38 20.69 14.69
C ASP H 70 23.58 19.27 14.20
N THR H 71 22.99 18.91 13.07
CA THR H 71 23.30 17.66 12.38
C THR H 71 24.33 17.85 11.27
N VAL H 72 24.84 19.07 11.08
CA VAL H 72 25.72 19.36 9.97
C VAL H 72 27.07 19.94 10.42
N THR H 73 27.09 21.18 10.91
CA THR H 73 28.35 21.92 11.06
C THR H 73 28.76 22.05 12.53
N GLU H 74 29.70 21.20 12.94
CA GLU H 74 30.53 21.48 14.11
C GLU H 74 31.99 21.58 13.64
N ALA H 75 32.91 21.62 14.59
CA ALA H 75 34.31 21.87 14.26
C ALA H 75 34.81 20.93 13.17
N ARG H 76 34.54 19.63 13.30
CA ARG H 76 35.13 18.67 12.37
C ARG H 76 34.73 18.94 10.92
N LEU H 77 33.43 19.18 10.66
CA LEU H 77 33.01 19.42 9.29
C LEU H 77 33.35 20.83 8.82
N ALA H 78 33.30 21.81 9.72
CA ALA H 78 33.80 23.14 9.38
C ALA H 78 35.23 23.07 8.84
N ILE H 79 36.11 22.35 9.53
CA ILE H 79 37.49 22.23 9.06
C ILE H 79 37.51 21.68 7.62
N ALA H 80 36.75 20.61 7.38
CA ALA H 80 36.72 19.99 6.06
C ALA H 80 36.17 20.96 5.00
N MET H 81 35.09 21.67 5.31
CA MET H 81 34.54 22.62 4.35
C MET H 81 35.58 23.66 3.95
N ALA H 82 36.37 24.13 4.93
CA ALA H 82 37.38 25.14 4.65
C ALA H 82 38.52 24.59 3.79
N GLN H 83 38.93 23.35 4.05
CA GLN H 83 39.96 22.73 3.24
C GLN H 83 39.49 22.52 1.81
N GLU H 84 38.21 22.21 1.62
CA GLU H 84 37.65 22.04 0.29
C GLU H 84 37.58 23.35 -0.47
N GLY H 85 37.64 24.48 0.23
CA GLY H 85 37.56 25.80 -0.36
C GLY H 85 36.28 26.56 -0.02
N GLY H 86 35.40 26.00 0.79
CA GLY H 86 34.20 26.67 1.26
C GLY H 86 34.36 27.15 2.69
N ILE H 87 33.28 27.04 3.46
CA ILE H 87 33.30 27.45 4.86
C ILE H 87 32.08 26.86 5.54
N GLY H 88 32.20 26.63 6.84
CA GLY H 88 31.11 26.10 7.64
C GLY H 88 30.73 27.08 8.73
N ILE H 89 29.44 27.16 9.02
CA ILE H 89 28.89 28.03 10.06
C ILE H 89 28.51 27.14 11.25
N ILE H 90 29.27 27.25 12.34
CA ILE H 90 28.98 26.44 13.52
C ILE H 90 27.61 26.81 14.08
N HIS H 91 26.82 25.80 14.42
CA HIS H 91 25.48 26.01 14.89
C HIS H 91 25.50 26.56 16.33
N LYS H 92 24.42 27.26 16.70
CA LYS H 92 24.33 27.91 18.00
C LYS H 92 23.48 27.12 18.99
N ASN H 93 23.24 25.85 18.73
CA ASN H 93 22.49 25.02 19.67
C ASN H 93 23.44 24.39 20.69
N MET H 94 24.10 25.25 21.46
CA MET H 94 25.03 24.82 22.49
C MET H 94 25.40 26.03 23.33
N GLY H 95 26.04 25.77 24.47
CA GLY H 95 26.48 26.86 25.31
C GLY H 95 27.39 27.83 24.57
N ILE H 96 27.49 29.04 25.13
CA ILE H 96 28.37 30.06 24.56
C ILE H 96 29.82 29.59 24.58
N GLU H 97 30.27 28.99 25.66
CA GLU H 97 31.67 28.54 25.68
C GLU H 97 31.88 27.31 24.81
N GLN H 98 30.86 26.45 24.68
CA GLN H 98 31.02 25.27 23.84
C GLN H 98 31.11 25.65 22.36
N GLN H 99 30.32 26.64 21.94
CA GLN H 99 30.41 27.13 20.56
C GLN H 99 31.73 27.87 20.35
N ALA H 100 32.12 28.70 21.31
CA ALA H 100 33.43 29.35 21.26
C ALA H 100 34.56 28.32 21.18
N ALA H 101 34.42 27.19 21.89
CA ALA H 101 35.45 26.16 21.77
C ALA H 101 35.47 25.55 20.38
N GLU H 102 34.33 25.51 19.68
CA GLU H 102 34.35 24.95 18.34
C GLU H 102 35.04 25.88 17.35
N VAL H 103 34.83 27.20 17.46
CA VAL H 103 35.59 28.13 16.62
C VAL H 103 37.07 27.99 16.90
N ARG H 104 37.43 27.94 18.18
CA ARG H 104 38.82 27.75 18.60
C ARG H 104 39.42 26.52 17.92
N LYS H 105 38.70 25.39 17.91
CA LYS H 105 39.22 24.17 17.29
C LYS H 105 39.55 24.40 15.81
N VAL H 106 38.70 25.12 15.09
CA VAL H 106 38.93 25.32 13.66
C VAL H 106 40.10 26.29 13.44
N LYS H 107 40.17 27.38 14.22
CA LYS H 107 41.23 28.36 14.00
C LYS H 107 42.62 27.76 14.24
N LYS H 108 42.74 26.84 15.19
CA LYS H 108 44.04 26.32 15.62
C LYS H 108 44.42 25.01 14.94
N HIS H 109 43.51 24.37 14.22
CA HIS H 109 43.81 23.14 13.52
C HIS H 109 45.05 23.29 12.66
N GLU H 110 45.92 22.28 12.67
CA GLU H 110 47.20 22.39 12.00
C GLU H 110 47.39 21.27 10.97
N THR H 111 48.05 21.63 9.86
CA THR H 111 48.48 20.62 8.90
C THR H 111 49.57 19.74 9.49
N ALA H 112 50.66 20.34 9.97
CA ALA H 112 51.78 19.55 10.41
C ALA H 112 52.27 19.95 11.78
N ILE H 113 52.27 21.26 12.07
CA ILE H 113 52.85 21.75 13.31
C ILE H 113 52.04 21.26 14.50
N VAL H 114 52.73 20.74 15.51
CA VAL H 114 52.10 20.27 16.73
C VAL H 114 52.19 21.39 17.74
N ARG H 115 51.05 22.06 17.98
CA ARG H 115 51.00 23.12 18.97
C ARG H 115 50.84 22.51 20.35
N ASP H 116 51.46 23.15 21.33
CA ASP H 116 51.40 22.61 22.68
C ASP H 116 52.00 21.21 22.74
N PRO H 117 53.32 21.09 22.60
CA PRO H 117 53.98 19.82 22.93
C PRO H 117 54.18 19.71 24.44
N VAL H 118 54.38 18.47 24.88
CA VAL H 118 54.66 18.22 26.28
C VAL H 118 56.05 18.77 26.60
N THR H 119 56.12 19.70 27.56
CA THR H 119 57.34 20.41 27.86
C THR H 119 57.74 20.22 29.33
N VAL H 120 58.89 20.79 29.68
CA VAL H 120 59.43 20.76 31.03
C VAL H 120 60.04 22.14 31.31
N THR H 121 60.31 22.39 32.58
CA THR H 121 61.02 23.61 32.94
C THR H 121 62.48 23.31 33.18
N PRO H 122 63.37 24.30 33.03
CA PRO H 122 64.77 24.07 33.41
C PRO H 122 64.93 23.68 34.88
N SER H 123 63.88 23.82 35.68
CA SER H 123 63.89 23.52 37.11
C SER H 123 63.38 22.12 37.43
N THR H 124 62.38 21.64 36.67
CA THR H 124 61.80 20.32 36.91
C THR H 124 62.89 19.29 37.16
N LYS H 125 62.64 18.42 38.13
CA LYS H 125 63.65 17.47 38.58
C LYS H 125 63.82 16.36 37.55
N ILE H 126 65.04 15.81 37.50
CA ILE H 126 65.35 14.79 36.50
C ILE H 126 64.56 13.50 36.75
N ILE H 127 64.20 13.23 38.00
CA ILE H 127 63.42 12.01 38.26
C ILE H 127 62.02 12.14 37.69
N GLU H 128 61.47 13.37 37.67
CA GLU H 128 60.15 13.58 37.08
C GLU H 128 60.20 13.45 35.57
N LEU H 129 61.22 14.01 34.94
CA LEU H 129 61.36 13.92 33.49
C LEU H 129 61.41 12.47 33.05
N LEU H 130 62.12 11.63 33.81
CA LEU H 130 62.11 10.19 33.55
C LEU H 130 60.70 9.63 33.65
N GLN H 131 60.02 9.90 34.77
CA GLN H 131 58.65 9.45 34.90
C GLN H 131 57.81 9.91 33.71
N MET H 132 58.07 11.11 33.20
CA MET H 132 57.33 11.61 32.05
C MET H 132 57.62 10.77 30.80
N ALA H 133 58.90 10.48 30.56
CA ALA H 133 59.31 9.71 29.38
C ALA H 133 58.69 8.31 29.35
N ARG H 134 58.25 7.78 30.49
CA ARG H 134 57.60 6.47 30.50
C ARG H 134 56.37 6.44 29.61
N GLU H 135 55.76 7.60 29.36
CA GLU H 135 54.59 7.71 28.49
C GLU H 135 54.90 8.36 27.15
N TYR H 136 55.87 9.28 27.11
CA TYR H 136 56.16 10.09 25.94
C TYR H 136 57.44 9.70 25.20
N GLY H 137 58.33 8.92 25.83
CA GLY H 137 59.58 8.57 25.21
C GLY H 137 60.62 9.67 25.35
N PHE H 138 61.72 9.49 24.63
CA PHE H 138 62.89 10.35 24.75
C PHE H 138 63.17 11.14 23.47
N SER H 139 62.20 11.22 22.56
CA SER H 139 62.43 11.93 21.31
C SER H 139 62.69 13.42 21.53
N GLY H 140 62.22 14.00 22.64
CA GLY H 140 62.58 15.38 22.93
C GLY H 140 61.53 16.27 23.57
N PHE H 141 61.81 16.70 24.81
CA PHE H 141 60.97 17.62 25.56
C PHE H 141 61.52 19.03 25.39
N PRO H 142 60.82 19.95 24.72
CA PRO H 142 61.26 21.35 24.75
C PRO H 142 61.09 21.91 26.16
N VAL H 143 62.10 22.64 26.62
CA VAL H 143 62.14 23.17 27.97
C VAL H 143 61.92 24.68 27.92
N VAL H 144 60.90 25.16 28.65
CA VAL H 144 60.57 26.58 28.70
C VAL H 144 60.66 27.08 30.13
N GLU H 145 60.74 28.40 30.27
CA GLU H 145 60.71 29.04 31.58
C GLU H 145 59.41 29.85 31.76
N GLN H 146 59.29 30.97 31.05
CA GLN H 146 58.03 31.71 31.05
C GLN H 146 57.47 31.74 29.64
N GLY H 147 57.19 30.55 29.09
CA GLY H 147 56.68 30.46 27.74
C GLY H 147 57.73 30.85 26.71
N GLU H 148 58.96 31.07 27.16
CA GLU H 148 60.07 31.37 26.26
C GLU H 148 60.91 30.12 26.06
N LEU H 149 61.30 29.86 24.80
CA LEU H 149 62.09 28.70 24.45
C LEU H 149 63.53 28.93 24.90
N VAL H 150 63.96 28.18 25.92
CA VAL H 150 65.34 28.26 26.41
C VAL H 150 66.21 27.09 25.95
N GLY H 151 65.61 26.01 25.46
CA GLY H 151 66.38 24.88 24.98
C GLY H 151 65.51 23.64 24.88
N ILE H 152 66.18 22.51 24.62
CA ILE H 152 65.51 21.22 24.55
C ILE H 152 66.43 20.18 25.20
N VAL H 153 65.82 19.21 25.87
CA VAL H 153 66.54 18.12 26.51
C VAL H 153 66.14 16.82 25.84
N THR H 154 67.10 16.16 25.21
CA THR H 154 66.87 14.93 24.47
C THR H 154 67.24 13.73 25.34
N GLY H 155 66.89 12.54 24.86
CA GLY H 155 67.34 11.33 25.53
C GLY H 155 68.84 11.14 25.39
N ARG H 156 69.37 11.47 24.21
CA ARG H 156 70.82 11.51 24.04
C ARG H 156 71.47 12.45 25.05
N ASP H 157 70.82 13.59 25.32
CA ASP H 157 71.31 14.57 26.28
C ASP H 157 71.26 14.03 27.69
N LEU H 158 71.03 12.73 27.86
CA LEU H 158 70.85 12.17 29.18
C LEU H 158 71.84 11.06 29.50
N ARG H 159 72.70 10.66 28.56
CA ARG H 159 73.62 9.56 28.80
C ARG H 159 75.02 9.81 28.20
N ASP H 166 71.41 17.89 38.56
CA ASP H 166 70.26 17.72 39.43
C ASP H 166 68.93 18.01 38.70
N THR H 167 68.84 19.17 38.04
CA THR H 167 67.65 19.58 37.32
C THR H 167 67.87 19.42 35.82
N VAL H 168 66.88 19.88 35.03
CA VAL H 168 67.03 19.83 33.57
C VAL H 168 68.05 20.87 33.10
N ALA H 169 68.19 21.98 33.83
CA ALA H 169 69.06 23.06 33.41
C ALA H 169 70.53 22.64 33.28
N ALA H 170 70.92 21.52 33.90
CA ALA H 170 72.30 21.06 33.86
C ALA H 170 72.62 20.21 32.63
N ILE H 171 71.66 19.42 32.14
CA ILE H 171 71.86 18.57 30.98
C ILE H 171 71.27 19.17 29.71
N MET H 172 70.19 19.95 29.81
CA MET H 172 69.60 20.72 28.72
C MET H 172 70.57 21.09 27.59
N THR H 173 70.06 21.17 26.37
CA THR H 173 70.89 21.68 25.27
C THR H 173 70.79 23.20 25.21
N PRO H 174 71.93 23.91 25.13
CA PRO H 174 71.89 25.38 25.15
C PRO H 174 70.94 25.97 24.12
N LYS H 175 70.48 27.20 24.38
CA LYS H 175 69.65 27.91 23.41
C LYS H 175 70.39 28.13 22.09
N ASP H 176 71.73 28.24 22.15
CA ASP H 176 72.55 28.52 20.97
C ASP H 176 72.62 27.36 20.00
N LYS H 177 72.15 26.18 20.37
CA LYS H 177 72.20 25.01 19.50
C LYS H 177 70.83 24.63 18.94
N LEU H 178 69.79 25.42 19.20
CA LEU H 178 68.45 25.11 18.70
C LEU H 178 68.25 25.67 17.31
N VAL H 179 67.63 24.87 16.44
CA VAL H 179 67.23 25.31 15.10
C VAL H 179 65.74 25.59 15.10
N THR H 180 65.35 26.74 14.55
CA THR H 180 63.96 27.19 14.67
C THR H 180 63.57 28.05 13.48
N ALA H 181 62.26 28.05 13.20
CA ALA H 181 61.59 29.09 12.43
C ALA H 181 60.34 29.47 13.22
N ARG H 182 59.74 30.61 12.87
CA ARG H 182 58.68 31.12 13.73
C ARG H 182 57.50 31.61 12.91
N GLU H 183 56.48 32.06 13.63
CA GLU H 183 55.24 32.65 13.07
C GLU H 183 54.64 31.64 12.12
N GLY H 184 54.56 31.91 10.82
CA GLY H 184 53.82 31.05 9.93
C GLY H 184 54.65 30.62 8.75
N THR H 185 55.97 30.60 8.94
CA THR H 185 56.88 30.12 7.91
C THR H 185 56.23 28.98 7.13
N PRO H 186 56.26 29.02 5.79
CA PRO H 186 55.63 27.96 5.01
C PRO H 186 56.27 26.61 5.31
N LEU H 187 55.46 25.56 5.26
CA LEU H 187 55.97 24.23 5.56
C LEU H 187 57.18 23.91 4.71
N GLU H 188 57.13 24.24 3.42
CA GLU H 188 58.21 23.87 2.51
C GLU H 188 59.48 24.67 2.75
N GLU H 189 59.38 25.85 3.37
CA GLU H 189 60.59 26.53 3.83
C GLU H 189 61.16 25.82 5.07
N MET H 190 60.30 25.47 6.03
CA MET H 190 60.73 24.74 7.21
C MET H 190 61.31 23.37 6.84
N LYS H 191 60.67 22.66 5.90
CA LYS H 191 61.14 21.34 5.52
C LYS H 191 62.59 21.40 5.01
N ALA H 192 62.92 22.41 4.20
CA ALA H 192 64.27 22.55 3.70
C ALA H 192 65.23 23.06 4.75
N LYS H 193 64.73 23.78 5.77
CA LYS H 193 65.57 24.12 6.90
C LYS H 193 65.92 22.87 7.69
N LEU H 194 64.97 21.92 7.78
CA LEU H 194 65.26 20.63 8.38
C LEU H 194 66.32 19.87 7.57
N TYR H 195 66.11 19.79 6.24
CA TYR H 195 67.09 19.12 5.40
C TYR H 195 68.44 19.82 5.46
N GLU H 196 68.44 21.16 5.52
CA GLU H 196 69.70 21.90 5.54
C GLU H 196 70.52 21.57 6.79
N ASN H 197 69.85 21.33 7.93
CA ASN H 197 70.52 21.09 9.19
C ASN H 197 70.64 19.61 9.56
N ARG H 198 70.27 18.69 8.66
CA ARG H 198 70.43 17.27 8.91
C ARG H 198 69.73 16.84 10.20
N ILE H 199 68.47 17.29 10.36
CA ILE H 199 67.69 17.07 11.57
C ILE H 199 66.28 16.62 11.21
N GLU H 200 65.56 16.17 12.23
CA GLU H 200 64.21 15.63 12.09
C GLU H 200 63.16 16.50 12.77
N LYS H 201 63.39 16.90 14.02
CA LYS H 201 62.53 17.84 14.73
C LYS H 201 63.05 19.27 14.58
N MET H 202 62.15 20.22 14.76
CA MET H 202 62.50 21.63 14.73
C MET H 202 61.41 22.40 15.44
N LEU H 203 61.80 23.41 16.23
CA LEU H 203 60.86 24.16 17.06
C LEU H 203 60.36 25.42 16.35
N VAL H 204 59.14 25.83 16.69
CA VAL H 204 58.52 27.05 16.17
C VAL H 204 58.47 28.07 17.30
N VAL H 205 58.96 29.28 17.04
CA VAL H 205 59.05 30.31 18.08
C VAL H 205 58.63 31.68 17.57
N LEU H 211 57.46 29.80 23.02
CA LEU H 211 57.34 28.61 22.19
C LEU H 211 55.95 28.52 21.59
N ARG H 212 55.88 28.15 20.31
CA ARG H 212 54.60 28.06 19.62
C ARG H 212 54.29 26.67 19.08
N GLY H 213 55.21 25.72 19.19
CA GLY H 213 54.96 24.36 18.73
C GLY H 213 56.13 23.75 17.99
N LEU H 214 56.08 22.44 17.74
CA LEU H 214 57.19 21.74 17.09
C LEU H 214 56.68 20.93 15.89
N VAL H 215 57.54 20.82 14.89
CA VAL H 215 57.18 20.18 13.62
C VAL H 215 58.26 19.18 13.24
N THR H 216 57.85 18.15 12.52
CA THR H 216 58.70 17.04 12.16
C THR H 216 58.82 16.95 10.64
N PHE H 217 59.98 16.53 10.16
CA PHE H 217 60.16 16.32 8.73
C PHE H 217 59.18 15.29 8.21
N ARG H 218 59.03 14.16 8.91
CA ARG H 218 58.09 13.13 8.48
C ARG H 218 56.67 13.64 8.45
N ASP H 219 56.30 14.46 9.44
CA ASP H 219 54.96 15.05 9.47
C ASP H 219 54.72 15.95 8.26
N ILE H 220 55.70 16.77 7.90
CA ILE H 220 55.54 17.66 6.76
C ILE H 220 55.43 16.86 5.46
N GLU H 221 56.29 15.85 5.30
CA GLU H 221 56.37 15.15 4.03
C GLU H 221 55.15 14.27 3.79
N LYS H 222 54.47 13.83 4.85
CA LYS H 222 53.30 12.98 4.70
C LYS H 222 51.99 13.72 4.89
N ALA H 223 52.02 14.98 5.35
CA ALA H 223 50.79 15.72 5.57
C ALA H 223 50.16 16.13 4.25
N LYS H 224 48.82 16.15 4.22
CA LYS H 224 48.09 16.52 3.02
C LYS H 224 48.03 18.02 2.84
N THR H 225 48.25 18.47 1.61
CA THR H 225 48.15 19.88 1.28
C THR H 225 46.78 20.15 0.65
N TYR H 226 46.20 21.29 1.02
CA TYR H 226 44.89 21.72 0.54
C TYR H 226 45.09 23.06 -0.15
N PRO H 227 45.46 23.07 -1.43
CA PRO H 227 45.75 24.34 -2.10
C PRO H 227 44.55 25.27 -2.19
N LEU H 228 43.34 24.76 -2.13
CA LEU H 228 42.17 25.62 -2.21
C LEU H 228 41.72 26.16 -0.86
N ALA H 229 42.31 25.70 0.24
CA ALA H 229 41.84 26.02 1.58
C ALA H 229 41.50 27.50 1.75
N SER H 230 40.36 27.78 2.37
CA SER H 230 39.97 29.15 2.70
C SER H 230 40.71 29.57 3.97
N LYS H 231 41.57 30.57 3.86
CA LYS H 231 42.46 30.93 4.97
C LYS H 231 42.38 32.42 5.24
N ASP H 232 42.58 32.80 6.51
CA ASP H 232 42.68 34.21 6.86
C ASP H 232 44.13 34.69 6.67
N GLU H 233 44.36 35.98 6.89
CA GLU H 233 45.68 36.55 6.67
C GLU H 233 46.75 35.88 7.53
N GLN H 234 46.40 35.40 8.72
CA GLN H 234 47.37 34.66 9.53
C GLN H 234 47.59 33.24 9.02
N GLY H 235 46.94 32.84 7.93
CA GLY H 235 47.04 31.50 7.42
C GLY H 235 46.22 30.46 8.17
N ARG H 236 45.23 30.88 8.94
CA ARG H 236 44.39 29.92 9.65
C ARG H 236 43.13 29.63 8.85
N LEU H 237 42.60 28.43 9.04
CA LEU H 237 41.36 28.06 8.36
C LEU H 237 40.23 29.00 8.79
N ARG H 238 39.40 29.41 7.81
CA ARG H 238 38.29 30.32 8.08
C ARG H 238 37.08 29.57 8.61
N VAL H 239 36.22 30.28 9.34
CA VAL H 239 35.04 29.67 9.95
C VAL H 239 34.07 30.76 10.37
N GLY H 240 32.78 30.47 10.29
CA GLY H 240 31.75 31.35 10.80
C GLY H 240 31.01 30.68 11.95
N ALA H 241 30.13 31.46 12.56
CA ALA H 241 29.31 30.94 13.64
C ALA H 241 28.01 31.72 13.69
N ALA H 242 26.93 31.02 14.05
CA ALA H 242 25.59 31.58 14.05
C ALA H 242 25.23 32.14 15.44
N VAL H 243 24.48 33.24 15.45
CA VAL H 243 23.83 33.73 16.66
C VAL H 243 22.39 34.12 16.36
N GLY H 244 21.60 34.22 17.41
CA GLY H 244 20.22 34.63 17.32
C GLY H 244 20.03 36.09 17.73
N THR H 245 18.81 36.40 18.17
CA THR H 245 18.48 37.71 18.71
C THR H 245 18.17 37.68 20.19
N GLY H 246 18.17 36.50 20.82
CA GLY H 246 17.86 36.36 22.24
C GLY H 246 18.66 37.24 23.20
N ALA H 247 18.50 37.00 24.50
CA ALA H 247 19.07 37.91 25.47
C ALA H 247 20.59 37.75 25.59
N ASP H 248 21.10 36.54 25.38
CA ASP H 248 22.53 36.27 25.55
C ASP H 248 23.36 36.60 24.32
N THR H 249 22.74 37.10 23.24
CA THR H 249 23.43 37.26 21.97
C THR H 249 24.71 38.10 22.10
N GLY H 250 24.60 39.26 22.75
CA GLY H 250 25.78 40.09 22.93
C GLY H 250 26.96 39.32 23.51
N GLU H 251 26.71 38.60 24.61
CA GLU H 251 27.75 37.77 25.19
C GLU H 251 28.25 36.74 24.18
N ARG H 252 27.35 36.10 23.45
CA ARG H 252 27.78 35.05 22.53
C ARG H 252 28.66 35.63 21.42
N VAL H 253 28.25 36.75 20.83
CA VAL H 253 29.08 37.39 19.81
C VAL H 253 30.48 37.69 20.38
N ALA H 254 30.53 38.33 21.54
CA ALA H 254 31.83 38.65 22.14
C ALA H 254 32.70 37.40 22.25
N ALA H 255 32.13 36.28 22.65
CA ALA H 255 32.91 35.06 22.84
C ALA H 255 33.35 34.47 21.51
N LEU H 256 32.49 34.60 20.50
CA LEU H 256 32.85 34.12 19.16
C LEU H 256 33.94 34.99 18.54
N VAL H 257 33.74 36.32 18.56
CA VAL H 257 34.77 37.23 18.07
C VAL H 257 36.10 36.96 18.76
N ALA H 258 36.08 36.89 20.10
CA ALA H 258 37.34 36.67 20.82
C ALA H 258 37.99 35.35 20.44
N ALA H 259 37.19 34.33 20.09
CA ALA H 259 37.74 33.05 19.67
C ALA H 259 38.35 33.10 18.28
N GLY H 260 38.26 34.23 17.58
CA GLY H 260 38.85 34.36 16.27
C GLY H 260 37.93 34.08 15.11
N VAL H 261 36.62 33.98 15.36
CA VAL H 261 35.67 33.64 14.30
C VAL H 261 35.80 34.64 13.17
N ASP H 262 35.59 34.19 11.93
CA ASP H 262 35.76 35.06 10.79
C ASP H 262 34.48 35.84 10.45
N VAL H 263 33.31 35.27 10.74
CA VAL H 263 32.04 35.90 10.36
C VAL H 263 30.97 35.47 11.37
N VAL H 264 30.20 36.43 11.83
CA VAL H 264 29.09 36.20 12.73
C VAL H 264 27.82 36.23 11.89
N VAL H 265 27.07 35.13 11.88
CA VAL H 265 25.85 35.01 11.09
C VAL H 265 24.67 35.23 12.02
N VAL H 266 24.04 36.40 11.89
CA VAL H 266 22.81 36.70 12.62
C VAL H 266 21.68 36.05 11.84
N ASP H 267 21.22 34.92 12.36
CA ASP H 267 20.52 33.90 11.59
C ASP H 267 19.17 33.67 12.26
N THR H 268 18.09 34.11 11.62
CA THR H 268 16.74 33.86 12.13
C THR H 268 15.80 33.55 10.98
N ALA H 269 14.60 33.10 11.34
CA ALA H 269 13.57 32.84 10.34
C ALA H 269 13.07 34.11 9.67
N HIS H 270 13.18 35.28 10.31
CA HIS H 270 12.66 36.52 9.72
C HIS H 270 13.69 37.65 9.83
N GLY H 271 14.64 37.70 8.90
CA GLY H 271 15.66 38.74 8.91
C GLY H 271 15.11 40.15 8.80
N HIS H 272 14.04 40.35 8.03
CA HIS H 272 13.47 41.67 7.82
C HIS H 272 12.65 42.12 9.02
N SER H 273 13.32 42.19 10.18
CA SER H 273 12.66 42.52 11.44
C SER H 273 13.53 43.48 12.24
N LYS H 274 12.86 44.29 13.06
CA LYS H 274 13.59 45.22 13.92
C LYS H 274 14.74 44.52 14.65
N GLY H 275 14.52 43.29 15.12
CA GLY H 275 15.52 42.64 15.96
C GLY H 275 16.78 42.27 15.19
N VAL H 276 16.63 41.74 13.99
CA VAL H 276 17.81 41.34 13.23
C VAL H 276 18.53 42.56 12.71
N ILE H 277 17.79 43.53 12.18
CA ILE H 277 18.42 44.74 11.65
C ILE H 277 19.26 45.40 12.72
N GLU H 278 18.69 45.59 13.91
CA GLU H 278 19.41 46.26 14.98
C GLU H 278 20.60 45.45 15.43
N ARG H 279 20.43 44.11 15.52
CA ARG H 279 21.53 43.27 15.97
C ARG H 279 22.69 43.30 14.99
N VAL H 280 22.40 43.17 13.69
CA VAL H 280 23.42 43.35 12.66
C VAL H 280 24.14 44.67 12.86
N ARG H 281 23.36 45.74 13.06
CA ARG H 281 23.93 47.05 13.29
C ARG H 281 24.83 47.03 14.53
N TRP H 282 24.37 46.40 15.60
CA TRP H 282 25.14 46.37 16.84
C TRP H 282 26.41 45.53 16.68
N VAL H 283 26.37 44.45 15.89
CA VAL H 283 27.58 43.69 15.63
C VAL H 283 28.56 44.53 14.81
N LYS H 284 28.05 45.31 13.86
CA LYS H 284 28.92 46.07 12.98
C LYS H 284 29.52 47.29 13.66
N GLN H 285 28.81 47.86 14.63
CA GLN H 285 29.35 49.01 15.35
C GLN H 285 30.29 48.56 16.47
N THR H 286 29.97 47.46 17.13
CA THR H 286 30.71 47.01 18.31
C THR H 286 31.92 46.17 17.96
N PHE H 287 31.88 45.45 16.84
CA PHE H 287 33.00 44.61 16.41
C PHE H 287 33.32 44.91 14.96
N PRO H 288 33.73 46.15 14.69
CA PRO H 288 34.05 46.56 13.31
C PRO H 288 34.98 45.62 12.57
N ASP H 289 35.77 44.83 13.30
CA ASP H 289 36.78 43.97 12.69
C ASP H 289 36.25 42.59 12.28
N VAL H 290 34.99 42.25 12.57
CA VAL H 290 34.44 40.98 12.12
C VAL H 290 33.40 41.23 11.02
N GLN H 291 33.34 40.31 10.07
CA GLN H 291 32.31 40.32 9.06
C GLN H 291 30.99 39.82 9.64
N VAL H 292 29.88 40.44 9.24
CA VAL H 292 28.56 40.11 9.76
C VAL H 292 27.62 39.83 8.60
N ILE H 293 26.91 38.70 8.68
CA ILE H 293 25.93 38.26 7.69
C ILE H 293 24.56 38.29 8.33
N GLY H 294 23.56 38.71 7.58
CA GLY H 294 22.19 38.80 8.10
C GLY H 294 21.22 37.99 7.26
N GLY H 295 20.27 37.34 7.95
CA GLY H 295 19.19 36.66 7.26
C GLY H 295 18.16 36.19 8.26
N ASN H 296 17.16 35.46 7.76
CA ASN H 296 17.02 35.19 6.34
C ASN H 296 15.99 36.11 5.73
N ILE H 297 16.16 36.43 4.45
CA ILE H 297 15.28 37.37 3.75
C ILE H 297 14.88 36.77 2.42
N ALA H 298 13.95 37.44 1.74
CA ALA H 298 13.51 36.98 0.43
C ALA H 298 12.97 38.08 -0.48
N THR H 299 13.17 39.36 -0.14
CA THR H 299 12.71 40.48 -0.96
C THR H 299 13.80 41.54 -1.09
N ALA H 300 13.61 42.39 -2.10
CA ALA H 300 14.51 43.52 -2.33
C ALA H 300 14.51 44.47 -1.14
N GLU H 301 13.32 44.84 -0.66
CA GLU H 301 13.26 45.77 0.46
C GLU H 301 14.02 45.22 1.67
N ALA H 302 13.90 43.92 1.92
CA ALA H 302 14.65 43.33 3.03
C ALA H 302 16.16 43.42 2.80
N ALA H 303 16.62 43.19 1.57
CA ALA H 303 18.06 43.26 1.30
C ALA H 303 18.58 44.68 1.49
N LYS H 304 17.83 45.68 1.02
CA LYS H 304 18.24 47.07 1.23
C LYS H 304 18.34 47.39 2.73
N ALA H 305 17.39 46.89 3.52
CA ALA H 305 17.43 47.14 4.96
C ALA H 305 18.68 46.54 5.60
N LEU H 306 19.00 45.27 5.29
CA LEU H 306 20.18 44.67 5.90
C LEU H 306 21.45 45.39 5.44
N ALA H 307 21.54 45.70 4.15
CA ALA H 307 22.67 46.46 3.65
C ALA H 307 22.81 47.78 4.40
N GLU H 308 21.76 48.60 4.38
CA GLU H 308 21.82 49.89 5.07
C GLU H 308 22.15 49.72 6.54
N ALA H 309 21.78 48.59 7.14
CA ALA H 309 22.13 48.34 8.53
C ALA H 309 23.59 47.95 8.73
N GLY H 310 24.36 47.81 7.64
CA GLY H 310 25.76 47.48 7.72
C GLY H 310 26.16 46.05 7.37
N ALA H 311 25.22 45.22 6.91
CA ALA H 311 25.54 43.82 6.69
C ALA H 311 26.60 43.64 5.58
N ASP H 312 27.55 42.74 5.82
CA ASP H 312 28.54 42.42 4.79
C ASP H 312 28.05 41.39 3.78
N ALA H 313 26.90 40.76 4.04
CA ALA H 313 26.23 39.83 3.10
C ALA H 313 24.89 39.48 3.70
N VAL H 314 24.01 38.95 2.85
CA VAL H 314 22.68 38.55 3.29
C VAL H 314 22.43 37.12 2.86
N LYS H 315 21.54 36.44 3.59
CA LYS H 315 21.17 35.04 3.31
C LYS H 315 19.73 35.00 2.83
N VAL H 316 19.54 34.47 1.63
CA VAL H 316 18.24 34.44 0.97
C VAL H 316 17.59 33.08 1.19
N GLY H 317 16.40 33.07 1.78
CA GLY H 317 15.65 31.82 1.86
C GLY H 317 14.52 31.81 2.87
N ILE H 318 13.29 32.07 2.43
CA ILE H 318 12.12 31.97 3.29
C ILE H 318 11.12 31.06 2.60
N GLY H 319 10.82 29.92 3.24
CA GLY H 319 9.89 28.96 2.69
C GLY H 319 10.18 28.60 1.25
N PRO H 320 11.44 28.27 0.93
CA PRO H 320 11.80 28.02 -0.48
C PRO H 320 11.31 26.67 -1.02
N GLY H 321 11.09 25.67 -0.16
CA GLY H 321 10.65 24.35 -0.58
C GLY H 321 9.15 24.11 -0.42
N SER H 322 8.64 23.16 -1.22
CA SER H 322 7.19 22.94 -1.29
C SER H 322 6.61 22.53 0.06
N ILE H 323 7.35 21.80 0.87
CA ILE H 323 6.79 21.19 2.07
C ILE H 323 7.24 21.90 3.35
N CYS H 324 7.76 23.12 3.24
CA CYS H 324 8.27 23.82 4.41
C CYS H 324 7.22 23.90 5.51
N THR H 325 7.68 23.82 6.75
CA THR H 325 6.82 24.20 7.87
C THR H 325 6.29 25.62 7.70
N THR H 326 7.13 26.53 7.22
CA THR H 326 6.74 27.92 6.99
C THR H 326 5.54 28.02 6.06
N ARG H 327 5.53 27.22 4.98
CA ARG H 327 4.41 27.28 4.05
C ARG H 327 3.16 26.67 4.66
N ILE H 328 3.29 25.54 5.34
CA ILE H 328 2.10 24.83 5.80
C ILE H 328 1.53 25.49 7.03
N VAL H 329 2.39 25.88 7.98
CA VAL H 329 1.94 26.46 9.23
C VAL H 329 1.53 27.91 9.03
N ALA H 330 2.29 28.67 8.26
CA ALA H 330 2.10 30.10 8.21
C ALA H 330 1.61 30.60 6.86
N GLY H 331 1.67 29.78 5.82
CA GLY H 331 1.29 30.21 4.50
C GLY H 331 2.26 31.20 3.88
N VAL H 332 3.51 31.21 4.35
CA VAL H 332 4.52 32.21 3.99
C VAL H 332 5.65 31.55 3.20
N GLY H 333 6.13 32.25 2.18
CA GLY H 333 7.27 31.78 1.41
C GLY H 333 7.42 32.54 0.11
N VAL H 334 8.64 32.52 -0.43
CA VAL H 334 8.92 33.04 -1.76
C VAL H 334 9.72 31.99 -2.54
N PRO H 335 9.21 31.49 -3.67
CA PRO H 335 10.00 30.58 -4.51
C PRO H 335 11.41 31.12 -4.75
N GLN H 336 12.38 30.20 -4.70
CA GLN H 336 13.76 30.60 -4.44
C GLN H 336 14.42 31.27 -5.65
N ILE H 337 14.06 30.91 -6.89
CA ILE H 337 14.67 31.55 -8.05
C ILE H 337 14.32 33.04 -8.08
N SER H 338 13.02 33.38 -7.90
CA SER H 338 12.64 34.78 -7.93
C SER H 338 13.23 35.54 -6.74
N ALA H 339 13.23 34.92 -5.56
CA ALA H 339 13.82 35.55 -4.38
C ALA H 339 15.28 35.89 -4.60
N ILE H 340 16.07 34.92 -5.07
CA ILE H 340 17.48 35.19 -5.36
C ILE H 340 17.60 36.35 -6.33
N ALA H 341 16.81 36.33 -7.41
CA ALA H 341 16.97 37.37 -8.44
C ALA H 341 16.52 38.73 -7.95
N ASN H 342 15.52 38.76 -7.07
CA ASN H 342 15.06 40.02 -6.51
C ASN H 342 16.10 40.62 -5.58
N VAL H 343 16.65 39.80 -4.69
CA VAL H 343 17.69 40.30 -3.78
C VAL H 343 18.90 40.75 -4.58
N ALA H 344 19.30 39.97 -5.58
CA ALA H 344 20.46 40.34 -6.39
C ALA H 344 20.24 41.71 -7.02
N ALA H 345 19.08 41.91 -7.64
CA ALA H 345 18.83 43.22 -8.24
C ALA H 345 18.91 44.33 -7.20
N ALA H 346 18.32 44.11 -6.02
CA ALA H 346 18.35 45.13 -4.99
C ALA H 346 19.76 45.46 -4.54
N LEU H 347 20.68 44.49 -4.56
CA LEU H 347 22.02 44.71 -4.04
C LEU H 347 23.05 45.04 -5.10
N GLU H 348 22.67 44.98 -6.38
CA GLU H 348 23.60 45.29 -7.47
C GLU H 348 24.27 46.64 -7.23
N GLY H 349 25.59 46.65 -7.36
CA GLY H 349 26.34 47.87 -7.19
C GLY H 349 26.66 48.24 -5.75
N THR H 350 26.20 47.47 -4.78
CA THR H 350 26.53 47.75 -3.39
C THR H 350 27.76 46.99 -2.89
N GLY H 351 28.17 45.95 -3.60
CA GLY H 351 29.25 45.10 -3.13
C GLY H 351 28.88 44.11 -2.06
N VAL H 352 27.59 43.99 -1.73
CA VAL H 352 27.13 43.07 -0.69
C VAL H 352 26.77 41.74 -1.35
N PRO H 353 27.48 40.65 -1.07
CA PRO H 353 27.10 39.35 -1.63
C PRO H 353 25.80 38.84 -1.03
N LEU H 354 25.24 37.82 -1.69
CA LEU H 354 24.07 37.11 -1.20
C LEU H 354 24.29 35.61 -1.27
N ILE H 355 23.94 34.92 -0.17
CA ILE H 355 24.04 33.48 -0.05
C ILE H 355 22.66 32.87 -0.23
N ALA H 356 22.56 31.90 -1.14
CA ALA H 356 21.31 31.17 -1.37
C ALA H 356 21.18 30.03 -0.37
N ASP H 357 20.13 30.04 0.46
CA ASP H 357 19.96 29.07 1.53
C ASP H 357 18.63 28.31 1.40
N GLY H 358 18.70 27.05 0.99
CA GLY H 358 17.54 26.18 0.98
C GLY H 358 16.96 25.98 -0.41
N GLY H 359 16.38 24.80 -0.62
CA GLY H 359 15.76 24.46 -1.89
C GLY H 359 16.61 23.62 -2.83
N ILE H 360 17.93 23.59 -2.62
CA ILE H 360 18.86 22.92 -3.53
C ILE H 360 18.85 21.43 -3.23
N ARG H 361 18.36 20.62 -4.17
CA ARG H 361 18.48 19.19 -3.96
C ARG H 361 19.39 18.49 -4.98
N PHE H 362 19.77 19.18 -6.06
CA PHE H 362 20.70 18.61 -7.02
C PHE H 362 21.68 19.68 -7.42
N SER H 363 22.85 19.24 -7.91
CA SER H 363 23.82 20.19 -8.44
C SER H 363 23.21 21.06 -9.54
N GLY H 364 22.25 20.52 -10.30
CA GLY H 364 21.58 21.35 -11.28
C GLY H 364 20.91 22.56 -10.66
N ASP H 365 20.25 22.37 -9.51
CA ASP H 365 19.62 23.50 -8.83
C ASP H 365 20.66 24.49 -8.38
N LEU H 366 21.85 24.00 -7.99
CA LEU H 366 22.89 24.89 -7.52
C LEU H 366 23.37 25.80 -8.65
N ALA H 367 23.54 25.23 -9.85
CA ALA H 367 23.88 26.04 -11.01
C ALA H 367 22.77 27.06 -11.31
N LYS H 368 21.51 26.65 -11.18
CA LYS H 368 20.43 27.60 -11.38
C LYS H 368 20.54 28.78 -10.40
N ALA H 369 20.80 28.49 -9.12
CA ALA H 369 20.91 29.56 -8.13
C ALA H 369 22.01 30.54 -8.48
N MET H 370 23.16 30.04 -8.94
CA MET H 370 24.24 30.93 -9.36
C MET H 370 23.77 31.85 -10.49
N VAL H 371 23.07 31.30 -11.48
CA VAL H 371 22.66 32.14 -12.60
C VAL H 371 21.57 33.12 -12.19
N ALA H 372 20.78 32.78 -11.18
CA ALA H 372 19.83 33.75 -10.68
C ALA H 372 20.50 34.88 -9.91
N GLY H 373 21.79 34.75 -9.58
CA GLY H 373 22.56 35.84 -8.98
C GLY H 373 23.15 35.56 -7.60
N ALA H 374 22.99 34.38 -7.02
CA ALA H 374 23.65 34.08 -5.76
C ALA H 374 25.17 34.16 -5.93
N TYR H 375 25.86 34.51 -4.85
CA TYR H 375 27.32 34.43 -4.80
C TYR H 375 27.80 33.07 -4.36
N CYS H 376 27.06 32.41 -3.48
CA CYS H 376 27.32 31.01 -3.20
C CYS H 376 26.05 30.42 -2.61
N VAL H 377 26.15 29.16 -2.20
CA VAL H 377 24.99 28.37 -1.83
C VAL H 377 25.27 27.72 -0.49
N MET H 378 24.24 27.66 0.35
CA MET H 378 24.35 27.00 1.64
C MET H 378 23.58 25.68 1.60
N MET H 379 24.29 24.58 1.84
CA MET H 379 23.71 23.25 1.94
C MET H 379 23.65 22.83 3.39
N GLY H 380 22.61 22.06 3.72
CA GLY H 380 22.45 21.52 5.06
C GLY H 380 22.30 20.01 5.06
N SER H 381 21.06 19.53 5.01
CA SER H 381 20.83 18.10 5.24
C SER H 381 21.59 17.22 4.26
N MET H 382 21.92 17.74 3.07
CA MET H 382 22.74 16.96 2.15
C MET H 382 24.09 16.60 2.76
N PHE H 383 24.61 17.41 3.68
CA PHE H 383 25.87 17.11 4.37
C PHE H 383 25.66 16.32 5.65
N ALA H 384 24.45 16.34 6.19
CA ALA H 384 24.10 15.49 7.32
C ALA H 384 24.37 14.05 6.98
N GLY H 385 25.02 13.33 7.89
CA GLY H 385 25.34 11.94 7.65
C GLY H 385 26.71 11.67 7.05
N THR H 386 27.45 12.70 6.65
CA THR H 386 28.83 12.45 6.24
C THR H 386 29.69 12.11 7.46
N GLU H 387 30.81 11.45 7.18
CA GLU H 387 31.77 11.11 8.22
C GLU H 387 32.12 12.32 9.08
N GLU H 388 32.26 13.50 8.47
CA GLU H 388 32.72 14.69 9.20
C GLU H 388 31.59 15.42 9.92
N ALA H 389 30.34 15.17 9.53
CA ALA H 389 29.22 15.76 10.24
C ALA H 389 29.14 15.20 11.66
N PRO H 390 28.47 15.92 12.58
CA PRO H 390 28.22 15.37 13.92
C PRO H 390 27.58 14.00 13.87
N GLY H 391 27.59 13.30 14.99
CA GLY H 391 26.97 12.00 15.05
C GLY H 391 27.98 10.86 15.00
N GLU H 392 27.55 9.70 15.46
CA GLU H 392 28.38 8.52 15.42
C GLU H 392 27.70 7.45 14.58
N ILE H 393 28.53 6.66 13.90
CA ILE H 393 28.00 5.69 12.95
C ILE H 393 27.33 4.55 13.72
N GLU H 394 26.08 4.30 13.42
CA GLU H 394 25.29 3.18 13.89
C GLU H 394 25.08 2.17 12.77
N LEU H 395 24.88 0.91 13.13
CA LEU H 395 24.46 -0.12 12.19
C LEU H 395 23.02 -0.50 12.52
N PHE H 396 22.12 -0.33 11.56
CA PHE H 396 20.71 -0.64 11.79
C PHE H 396 20.39 -2.07 11.39
N GLN H 397 19.76 -2.25 10.24
CA GLN H 397 19.43 -3.59 9.75
C GLN H 397 20.12 -3.75 8.41
N GLY H 398 21.42 -4.06 8.47
CA GLY H 398 22.21 -4.21 7.27
C GLY H 398 22.61 -2.90 6.61
N ARG H 399 22.26 -1.76 7.21
CA ARG H 399 22.58 -0.45 6.64
C ARG H 399 23.21 0.42 7.73
N SER H 400 23.87 1.49 7.28
CA SER H 400 24.62 2.36 8.17
C SER H 400 23.91 3.70 8.33
N TYR H 401 23.87 4.18 9.57
CA TYR H 401 23.17 5.41 9.90
C TYR H 401 24.03 6.21 10.86
N LYS H 402 23.73 7.50 10.96
CA LYS H 402 24.37 8.36 11.95
C LYS H 402 23.41 8.55 13.11
N SER H 403 23.92 8.36 14.31
CA SER H 403 23.11 8.45 15.51
C SER H 403 23.59 9.60 16.38
N TYR H 404 22.63 10.33 16.96
CA TYR H 404 22.91 11.49 17.79
C TYR H 404 22.50 11.30 19.26
N VAL H 443 19.76 9.43 10.33
CA VAL H 443 20.06 9.67 8.91
C VAL H 443 21.09 8.69 8.35
N PRO H 444 20.97 8.39 7.06
CA PRO H 444 21.87 7.40 6.45
C PRO H 444 23.31 7.89 6.39
N TYR H 445 24.23 6.96 6.60
CA TYR H 445 25.65 7.28 6.49
C TYR H 445 26.01 7.54 5.03
N LYS H 446 26.66 8.68 4.78
CA LYS H 446 26.96 9.15 3.44
C LYS H 446 28.45 9.13 3.12
N GLY H 447 29.30 8.71 4.06
CA GLY H 447 30.71 8.64 3.74
C GLY H 447 31.36 10.02 3.70
N ALA H 448 32.44 10.11 2.93
CA ALA H 448 33.30 11.30 3.00
C ALA H 448 32.60 12.51 2.39
N LEU H 449 32.68 13.64 3.11
CA LEU H 449 32.11 14.89 2.59
C LEU H 449 32.64 15.22 1.20
N SER H 450 33.94 14.98 0.96
CA SER H 450 34.56 15.42 -0.28
C SER H 450 33.90 14.83 -1.52
N ALA H 451 33.38 13.60 -1.43
CA ALA H 451 32.71 13.03 -2.60
C ALA H 451 31.46 13.82 -2.93
N ILE H 452 30.76 14.31 -1.90
CA ILE H 452 29.60 15.16 -2.13
C ILE H 452 30.03 16.48 -2.74
N VAL H 453 31.03 17.14 -2.14
CA VAL H 453 31.50 18.43 -2.64
C VAL H 453 31.99 18.30 -4.07
N HIS H 454 32.67 17.20 -4.39
CA HIS H 454 33.18 16.99 -5.73
C HIS H 454 32.04 16.82 -6.75
N GLN H 455 30.98 16.12 -6.39
CA GLN H 455 29.87 15.99 -7.33
C GLN H 455 29.19 17.34 -7.53
N LEU H 456 28.84 18.04 -6.44
CA LEU H 456 28.23 19.35 -6.58
C LEU H 456 29.08 20.27 -7.46
N MET H 457 30.37 20.36 -7.16
CA MET H 457 31.20 21.26 -7.97
C MET H 457 31.38 20.72 -9.39
N GLY H 458 31.35 19.39 -9.56
CA GLY H 458 31.35 18.84 -10.91
C GLY H 458 30.16 19.30 -11.72
N GLY H 459 28.98 19.30 -11.13
CA GLY H 459 27.78 19.73 -11.84
C GLY H 459 27.83 21.21 -12.21
N LEU H 460 28.24 22.05 -11.25
CA LEU H 460 28.36 23.47 -11.53
C LEU H 460 29.35 23.73 -12.65
N ARG H 461 30.46 22.98 -12.68
CA ARG H 461 31.41 23.10 -13.79
C ARG H 461 30.78 22.74 -15.13
N ALA H 462 30.01 21.63 -15.15
CA ALA H 462 29.31 21.25 -16.39
C ALA H 462 28.40 22.37 -16.87
N ALA H 463 27.53 22.87 -15.98
CA ALA H 463 26.68 24.01 -16.35
C ALA H 463 27.51 25.16 -16.89
N MET H 464 28.65 25.46 -16.24
CA MET H 464 29.42 26.61 -16.71
C MET H 464 29.99 26.36 -18.08
N GLY H 465 30.29 25.11 -18.41
CA GLY H 465 30.72 24.78 -19.75
C GLY H 465 29.59 24.79 -20.77
N TYR H 466 28.38 24.40 -20.36
CA TYR H 466 27.24 24.46 -21.26
C TYR H 466 26.87 25.89 -21.60
N THR H 467 26.98 26.79 -20.63
CA THR H 467 26.61 28.18 -20.84
C THR H 467 27.76 29.02 -21.37
N GLY H 468 28.98 28.48 -21.36
CA GLY H 468 30.14 29.23 -21.80
C GLY H 468 30.67 30.22 -20.77
N SER H 469 30.56 29.93 -19.47
CA SER H 469 30.94 30.84 -18.40
C SER H 469 32.31 30.45 -17.83
N ALA H 470 33.28 31.38 -17.92
CA ALA H 470 34.65 31.07 -17.49
C ALA H 470 34.87 31.25 -15.99
N ASP H 471 34.01 32.02 -15.32
CA ASP H 471 34.19 32.33 -13.91
C ASP H 471 32.82 32.66 -13.31
N ILE H 472 32.78 32.76 -11.98
CA ILE H 472 31.51 32.95 -11.28
C ILE H 472 30.86 34.25 -11.71
N GLN H 473 31.66 35.30 -11.90
CA GLN H 473 31.09 36.58 -12.27
C GLN H 473 30.32 36.49 -13.60
N GLN H 474 30.87 35.74 -14.56
CA GLN H 474 30.16 35.53 -15.82
C GLN H 474 28.93 34.64 -15.62
N MET H 475 29.08 33.55 -14.86
CA MET H 475 27.96 32.65 -14.62
C MET H 475 26.79 33.35 -13.94
N ARG H 476 27.07 34.38 -13.15
CA ARG H 476 26.01 35.10 -12.43
C ARG H 476 25.29 36.14 -13.29
N THR H 477 25.88 36.58 -14.41
CA THR H 477 25.35 37.74 -15.13
C THR H 477 25.14 37.54 -16.64
N GLN H 478 25.55 36.42 -17.23
CA GLN H 478 25.44 36.24 -18.69
C GLN H 478 24.40 35.21 -19.11
N PRO H 479 24.43 33.98 -18.58
CA PRO H 479 23.53 32.93 -19.08
C PRO H 479 22.07 33.29 -18.89
N GLN H 480 21.22 32.64 -19.68
CA GLN H 480 19.79 32.88 -19.65
C GLN H 480 19.02 31.61 -19.37
N PHE H 481 17.81 31.75 -18.82
CA PHE H 481 16.88 30.64 -18.61
C PHE H 481 15.82 30.61 -19.70
N VAL H 482 15.31 29.40 -19.99
CA VAL H 482 13.96 29.23 -20.55
C VAL H 482 13.05 28.88 -19.39
N ARG H 483 11.85 29.42 -19.41
CA ARG H 483 10.84 28.99 -18.47
C ARG H 483 10.09 27.80 -19.07
N ILE H 484 9.83 26.79 -18.25
CA ILE H 484 9.16 25.60 -18.74
C ILE H 484 7.86 25.33 -18.00
N THR H 485 7.23 24.24 -18.39
CA THR H 485 5.87 23.84 -18.10
C THR H 485 5.89 22.62 -17.17
N GLY H 486 4.78 22.41 -16.46
CA GLY H 486 4.56 21.15 -15.75
C GLY H 486 4.97 19.92 -16.55
N ALA H 487 4.31 19.67 -17.67
CA ALA H 487 4.74 18.63 -18.59
C ALA H 487 6.21 18.82 -18.96
#